data_6BOM
#
_entry.id   6BOM
#
_cell.length_a   82.021
_cell.length_b   128.860
_cell.length_c   258.462
_cell.angle_alpha   90.00
_cell.angle_beta   90.00
_cell.angle_gamma   90.00
#
_symmetry.space_group_name_H-M   'P 21 21 21'
#
loop_
_entity.id
_entity.type
_entity.pdbx_description
1 polymer '2-methylcitrate synthase, mitochondrial'
2 non-polymer 2-AMINO-2-HYDROXYMETHYL-PROPANE-1,3-DIOL
3 water water
#
_entity_poly.entity_id   1
_entity_poly.type   'polypeptide(L)'
_entity_poly.pdbx_seq_one_letter_code
;SGSGSTAEPDLKTALKAVIPAKRELFKQVKERSDEVIGEVKVANVIGGMRGLKSMLWEGSVLDPEEGIRFHGKTIKDCQK
ELPKGTSGTEMLPEAMFWLLLTGQVPSTNQVRAFSRELAEQSHLPQHILDLIKSFPRSMHPMTQLSIAVAALNTESKFAK
AYEKGLSKADYWEPTFDDSISLLAKIPRVAALVFRPDEVDQVGTQALDASQDWSYNFAELLGKGGKENQDFHDLLRLYLA
LHGDHEGGNVSAHATHLVGSALSDPFLSYSAGLLGLAGPLHALAAQEVLRWILAMQDKIGTKFTDDDVRNYLWDTLKSGR
VVPGYGHGVLRKPDPRFQALMDFAATRPDVLANPVFQLVKKNSEIAPAVLTEHGKTKNPHPNVDAASGVLFYHYGFQQPL
YYTVTFGVSRALGPLVQLIWDRALGLPIERPKSINLLGLKK
;
_entity_poly.pdbx_strand_id   A,B,C,D,E,F
#
loop_
_chem_comp.id
_chem_comp.type
_chem_comp.name
_chem_comp.formula
TRS non-polymer 2-AMINO-2-HYDROXYMETHYL-PROPANE-1,3-DIOL 'C4 H12 N O3 1'
#
# COMPACT_ATOMS: atom_id res chain seq x y z
N GLY A 2 23.26 -9.02 60.83
CA GLY A 2 22.20 -8.70 61.82
C GLY A 2 20.85 -9.22 61.41
N SER A 3 20.15 -9.84 62.37
CA SER A 3 18.81 -10.40 62.15
C SER A 3 17.87 -10.02 63.30
N GLY A 4 17.98 -8.79 63.80
CA GLY A 4 17.20 -8.32 64.96
C GLY A 4 15.79 -7.80 64.70
N SER A 5 15.23 -7.14 65.72
CA SER A 5 13.93 -6.44 65.62
C SER A 5 14.00 -5.23 64.68
N THR A 6 15.17 -4.58 64.65
CA THR A 6 15.38 -3.38 63.82
C THR A 6 16.38 -3.50 62.64
N ALA A 7 16.69 -4.72 62.22
CA ALA A 7 17.65 -5.01 61.15
C ALA A 7 17.45 -4.22 59.83
N GLU A 8 18.54 -3.69 59.28
CA GLU A 8 18.38 -2.79 58.14
C GLU A 8 17.74 -3.42 56.84
N PRO A 9 16.67 -2.79 56.39
CA PRO A 9 15.95 -3.27 55.24
C PRO A 9 16.82 -3.44 53.98
N ASP A 10 16.54 -4.46 53.19
CA ASP A 10 17.12 -4.59 51.85
C ASP A 10 16.34 -3.71 50.89
N LEU A 11 16.82 -3.63 49.66
CA LEU A 11 16.25 -2.69 48.71
C LEU A 11 14.76 -2.95 48.42
N LYS A 12 14.42 -4.23 48.26
CA LYS A 12 13.05 -4.60 47.97
C LYS A 12 12.07 -4.20 49.12
N THR A 13 12.49 -4.38 50.37
CA THR A 13 11.75 -3.96 51.54
C THR A 13 11.64 -2.43 51.60
N ALA A 14 12.73 -1.73 51.36
CA ALA A 14 12.71 -0.27 51.37
C ALA A 14 11.78 0.27 50.26
N LEU A 15 11.77 -0.39 49.09
CA LEU A 15 10.83 -0.01 48.06
C LEU A 15 9.41 -0.28 48.51
N LYS A 16 9.15 -1.47 49.04
CA LYS A 16 7.80 -1.78 49.49
C LYS A 16 7.25 -0.75 50.47
N ALA A 17 8.09 -0.25 51.37
CA ALA A 17 7.69 0.76 52.35
C ALA A 17 7.25 2.07 51.73
N VAL A 18 7.77 2.44 50.56
CA VAL A 18 7.40 3.72 49.95
C VAL A 18 6.33 3.61 48.84
N ILE A 19 5.94 2.39 48.46
CA ILE A 19 4.91 2.21 47.47
C ILE A 19 3.55 2.83 47.92
N PRO A 20 3.10 2.58 49.18
CA PRO A 20 1.78 3.14 49.50
C PRO A 20 1.68 4.64 49.36
N ALA A 21 2.69 5.38 49.80
CA ALA A 21 2.62 6.85 49.65
C ALA A 21 2.60 7.28 48.17
N LYS A 22 3.32 6.59 47.30
CA LYS A 22 3.28 6.94 45.88
C LYS A 22 1.91 6.64 45.28
N ARG A 23 1.30 5.53 45.67
CA ARG A 23 -0.03 5.20 45.16
C ARG A 23 -1.06 6.22 45.64
N GLU A 24 -0.88 6.75 46.85
CA GLU A 24 -1.78 7.77 47.40
C GLU A 24 -1.58 9.10 46.62
N LEU A 25 -0.33 9.51 46.40
CA LEU A 25 -0.06 10.67 45.58
C LEU A 25 -0.63 10.51 44.18
N PHE A 26 -0.50 9.33 43.59
CA PHE A 26 -1.09 9.06 42.27
C PHE A 26 -2.61 9.25 42.30
N LYS A 27 -3.26 8.76 43.35
CA LYS A 27 -4.69 8.92 43.50
C LYS A 27 -5.09 10.43 43.52
N GLN A 28 -4.35 11.23 44.26
CA GLN A 28 -4.58 12.66 44.30
C GLN A 28 -4.39 13.31 42.93
N VAL A 29 -3.34 12.94 42.21
CA VAL A 29 -3.12 13.47 40.87
C VAL A 29 -4.25 13.09 39.92
N LYS A 30 -4.75 11.88 40.05
CA LYS A 30 -5.82 11.40 39.21
C LYS A 30 -7.13 12.19 39.37
N GLU A 31 -7.37 12.72 40.57
CA GLU A 31 -8.53 13.59 40.79
C GLU A 31 -8.47 14.88 39.99
N ARG A 32 -7.27 15.27 39.59
CA ARG A 32 -7.04 16.45 38.77
C ARG A 32 -6.95 16.11 37.28
N SER A 33 -7.45 14.93 36.89
CA SER A 33 -7.27 14.46 35.49
C SER A 33 -7.70 15.41 34.40
N ASP A 34 -8.77 16.14 34.67
CA ASP A 34 -9.33 17.07 33.70
C ASP A 34 -8.58 18.39 33.58
N GLU A 35 -7.66 18.68 34.48
CA GLU A 35 -6.94 19.93 34.45
C GLU A 35 -6.03 20.02 33.22
N VAL A 36 -6.11 21.19 32.54
CA VAL A 36 -5.32 21.42 31.35
C VAL A 36 -3.94 21.94 31.76
N ILE A 37 -2.88 21.37 31.19
CA ILE A 37 -1.50 21.74 31.54
C ILE A 37 -0.67 22.24 30.36
N GLY A 38 -1.22 22.21 29.15
CA GLY A 38 -0.51 22.72 27.99
C GLY A 38 -1.37 22.68 26.75
N GLU A 39 -0.73 23.11 25.65
CA GLU A 39 -1.32 23.01 24.34
C GLU A 39 -0.56 22.03 23.43
N VAL A 40 -1.27 21.44 22.50
CA VAL A 40 -0.67 20.69 21.39
C VAL A 40 -0.77 21.58 20.16
N LYS A 41 0.36 21.78 19.50
CA LYS A 41 0.45 22.47 18.23
C LYS A 41 0.90 21.56 17.10
N VAL A 42 0.66 21.98 15.87
CA VAL A 42 1.17 21.32 14.67
C VAL A 42 2.67 21.07 14.85
N ALA A 43 3.43 22.05 15.37
CA ALA A 43 4.90 21.88 15.66
C ALA A 43 5.24 20.61 16.42
N ASN A 44 4.43 20.29 17.40
CA ASN A 44 4.62 19.12 18.22
C ASN A 44 4.40 17.84 17.44
N VAL A 45 3.46 17.82 16.50
CA VAL A 45 3.17 16.60 15.75
C VAL A 45 4.29 16.32 14.75
N ILE A 46 4.70 17.36 14.04
CA ILE A 46 5.73 17.16 13.00
C ILE A 46 7.13 17.19 13.58
N GLY A 47 7.27 17.70 14.81
CA GLY A 47 8.56 17.88 15.45
C GLY A 47 8.91 16.87 16.52
N GLY A 48 8.44 15.61 16.37
CA GLY A 48 8.80 14.55 17.35
C GLY A 48 8.39 14.85 18.79
N MET A 49 7.25 15.45 18.95
CA MET A 49 6.69 15.78 20.26
C MET A 49 7.56 16.75 21.10
N ARG A 50 8.44 17.50 20.45
CA ARG A 50 9.34 18.36 21.21
C ARG A 50 8.56 19.31 22.09
N GLY A 51 8.94 19.37 23.38
CA GLY A 51 8.30 20.25 24.35
C GLY A 51 6.92 19.85 24.80
N LEU A 52 6.42 18.69 24.37
CA LEU A 52 5.10 18.26 24.77
C LEU A 52 5.24 17.46 26.05
N LYS A 53 4.66 18.01 27.11
CA LYS A 53 4.74 17.40 28.43
C LYS A 53 3.66 16.33 28.45
N SER A 54 4.08 15.08 28.20
CA SER A 54 3.15 14.00 27.96
C SER A 54 3.53 12.63 28.51
N MET A 55 4.53 12.56 29.38
CA MET A 55 4.82 11.31 30.05
C MET A 55 5.32 11.53 31.46
N LEU A 56 5.18 10.50 32.26
CA LEU A 56 5.55 10.51 33.66
C LEU A 56 6.90 9.97 33.86
N TRP A 57 7.73 10.64 34.71
CA TRP A 57 9.03 10.12 35.06
C TRP A 57 9.31 10.65 36.45
N GLU A 58 9.48 9.70 37.40
CA GLU A 58 9.51 10.04 38.81
C GLU A 58 10.86 10.48 39.36
N GLY A 59 11.90 9.79 38.93
CA GLY A 59 13.15 9.81 39.61
C GLY A 59 14.06 11.02 39.42
N SER A 60 13.90 11.72 38.30
CA SER A 60 14.78 12.79 37.93
C SER A 60 13.96 13.87 37.21
N VAL A 61 14.29 15.11 37.55
CA VAL A 61 13.65 16.29 36.98
C VAL A 61 14.74 17.30 36.74
N LEU A 62 14.70 17.88 35.53
CA LEU A 62 15.68 18.87 35.13
C LEU A 62 15.25 20.26 35.69
N ASP A 63 16.09 20.80 36.52
CA ASP A 63 15.89 22.11 37.09
C ASP A 63 16.63 23.11 36.21
N PRO A 64 15.93 24.10 35.65
CA PRO A 64 16.60 25.10 34.81
C PRO A 64 17.81 25.84 35.45
N GLU A 65 17.86 25.94 36.77
CA GLU A 65 19.01 26.54 37.46
C GLU A 65 20.02 25.55 37.96
N GLU A 66 19.58 24.48 38.59
CA GLU A 66 20.50 23.55 39.28
C GLU A 66 20.87 22.33 38.44
N GLY A 67 20.26 22.19 37.24
CA GLY A 67 20.41 20.99 36.45
C GLY A 67 19.63 19.78 36.88
N ILE A 68 20.09 18.59 36.49
CA ILE A 68 19.30 17.40 36.77
C ILE A 68 19.33 17.15 38.28
N ARG A 69 18.16 16.87 38.85
CA ARG A 69 18.05 16.55 40.27
C ARG A 69 17.33 15.22 40.43
N PHE A 70 17.77 14.47 41.45
CA PHE A 70 17.21 13.14 41.74
C PHE A 70 16.45 13.24 43.05
N HIS A 71 15.12 13.16 42.97
CA HIS A 71 14.23 13.39 44.10
C HIS A 71 14.57 14.68 44.80
N GLY A 72 14.77 15.73 44.00
CA GLY A 72 15.10 17.07 44.57
C GLY A 72 16.59 17.26 44.93
N LYS A 73 17.41 16.20 44.90
CA LYS A 73 18.79 16.31 45.28
C LYS A 73 19.69 16.67 44.10
N THR A 74 20.57 17.65 44.30
CA THR A 74 21.50 18.06 43.29
C THR A 74 22.61 17.02 43.18
N ILE A 75 23.38 17.11 42.09
CA ILE A 75 24.57 16.28 41.96
C ILE A 75 25.52 16.49 43.15
N LYS A 76 25.74 17.72 43.55
CA LYS A 76 26.56 17.98 44.76
C LYS A 76 26.03 17.32 46.01
N ASP A 77 24.71 17.39 46.23
CA ASP A 77 24.09 16.67 47.38
C ASP A 77 24.37 15.17 47.29
N CYS A 78 24.22 14.59 46.08
CA CYS A 78 24.48 13.17 45.93
C CYS A 78 25.95 12.82 46.21
N GLN A 79 26.88 13.63 45.73
CA GLN A 79 28.28 13.39 45.97
C GLN A 79 28.62 13.43 47.48
N LYS A 80 27.99 14.32 48.21
CA LYS A 80 28.19 14.34 49.63
C LYS A 80 27.52 13.20 50.38
N GLU A 81 26.24 12.94 50.06
CA GLU A 81 25.42 11.99 50.85
C GLU A 81 25.52 10.51 50.48
N LEU A 82 25.70 10.18 49.20
CA LEU A 82 25.68 8.77 48.81
C LEU A 82 26.95 8.04 49.21
N PRO A 83 26.81 6.81 49.70
CA PRO A 83 27.92 5.97 50.11
C PRO A 83 28.86 5.68 48.98
N LYS A 84 30.15 5.54 49.34
CA LYS A 84 31.22 5.29 48.42
C LYS A 84 31.63 3.84 48.51
N GLY A 85 32.60 3.44 47.67
CA GLY A 85 33.20 2.11 47.77
C GLY A 85 34.02 1.94 49.03
N THR A 86 34.55 0.75 49.27
CA THR A 86 35.39 0.46 50.44
C THR A 86 36.72 1.24 50.39
N SER A 87 37.21 1.45 49.17
CA SER A 87 38.24 2.45 48.86
C SER A 87 37.65 3.42 47.84
N GLY A 88 38.22 4.60 47.76
CA GLY A 88 37.78 5.51 46.69
C GLY A 88 36.92 6.62 47.25
N THR A 89 36.86 7.68 46.47
CA THR A 89 36.25 8.93 46.84
C THR A 89 34.90 9.15 46.14
N GLU A 90 34.45 8.30 45.22
CA GLU A 90 33.28 8.65 44.44
C GLU A 90 32.05 7.84 44.81
N MET A 91 30.90 8.51 44.71
CA MET A 91 29.62 7.86 44.94
C MET A 91 29.41 6.62 44.05
N LEU A 92 28.74 5.62 44.59
CA LEU A 92 28.46 4.38 43.91
C LEU A 92 27.18 4.42 43.09
N PRO A 93 27.23 3.89 41.87
CA PRO A 93 26.02 3.76 41.07
C PRO A 93 24.96 2.93 41.75
N GLU A 94 25.31 1.94 42.54
CA GLU A 94 24.35 1.18 43.35
C GLU A 94 23.60 2.06 44.31
N ALA A 95 24.29 3.00 44.93
CA ALA A 95 23.66 3.94 45.83
C ALA A 95 22.73 4.89 45.09
N MET A 96 23.16 5.36 43.90
CA MET A 96 22.29 6.15 43.01
C MET A 96 21.04 5.39 42.65
N PHE A 97 21.18 4.08 42.32
CA PHE A 97 20.00 3.28 42.01
C PHE A 97 19.04 3.21 43.21
N TRP A 98 19.58 3.00 44.41
CA TRP A 98 18.80 2.97 45.66
C TRP A 98 17.99 4.28 45.78
N LEU A 99 18.66 5.41 45.64
CA LEU A 99 18.03 6.70 45.73
C LEU A 99 16.96 6.92 44.66
N LEU A 100 17.28 6.61 43.41
CA LEU A 100 16.28 6.78 42.37
C LEU A 100 15.04 5.97 42.65
N LEU A 101 15.22 4.74 43.15
CA LEU A 101 14.11 3.82 43.35
C LEU A 101 13.24 4.18 44.54
N THR A 102 13.89 4.45 45.65
CA THR A 102 13.19 4.63 46.92
C THR A 102 12.92 6.08 47.33
N GLY A 103 13.63 7.01 46.72
CA GLY A 103 13.57 8.41 47.16
C GLY A 103 14.47 8.68 48.37
N GLN A 104 15.23 7.69 48.83
CA GLN A 104 15.98 7.77 50.10
C GLN A 104 17.45 7.44 49.89
N VAL A 105 18.30 8.05 50.72
CA VAL A 105 19.70 7.78 50.79
C VAL A 105 19.93 6.51 51.59
N PRO A 106 20.56 5.49 51.00
CA PRO A 106 20.86 4.29 51.76
C PRO A 106 22.01 4.48 52.74
N SER A 107 22.09 3.64 53.78
CA SER A 107 23.28 3.59 54.64
C SER A 107 24.36 2.84 53.87
N THR A 108 25.60 3.02 54.31
CA THR A 108 26.73 2.32 53.72
C THR A 108 26.48 0.80 53.78
N ASN A 109 25.98 0.32 54.92
CA ASN A 109 25.72 -1.11 55.07
C ASN A 109 24.67 -1.62 54.11
N GLN A 110 23.63 -0.85 53.84
CA GLN A 110 22.60 -1.26 52.84
C GLN A 110 23.21 -1.37 51.43
N VAL A 111 24.07 -0.41 51.09
CA VAL A 111 24.77 -0.43 49.82
C VAL A 111 25.67 -1.65 49.71
N ARG A 112 26.41 -1.97 50.77
CA ARG A 112 27.30 -3.15 50.73
C ARG A 112 26.52 -4.43 50.48
N ALA A 113 25.36 -4.55 51.12
CA ALA A 113 24.51 -5.73 50.92
C ALA A 113 23.94 -5.75 49.52
N PHE A 114 23.54 -4.60 48.99
CA PHE A 114 23.07 -4.55 47.59
C PHE A 114 24.18 -4.89 46.57
N SER A 115 25.37 -4.35 46.77
CA SER A 115 26.52 -4.71 45.91
C SER A 115 26.77 -6.24 45.91
N ARG A 116 26.65 -6.88 47.07
CA ARG A 116 26.84 -8.32 47.17
C ARG A 116 25.77 -9.04 46.37
N GLU A 117 24.54 -8.59 46.43
CA GLU A 117 23.46 -9.19 45.60
C GLU A 117 23.79 -9.08 44.13
N LEU A 118 24.30 -7.90 43.71
CA LEU A 118 24.62 -7.75 42.33
C LEU A 118 25.76 -8.68 41.91
N ALA A 119 26.77 -8.80 42.73
CA ALA A 119 27.90 -9.68 42.42
C ALA A 119 27.47 -11.14 42.34
N GLU A 120 26.61 -11.57 43.23
CA GLU A 120 26.10 -12.95 43.26
C GLU A 120 25.26 -13.32 42.01
N GLN A 121 24.61 -12.35 41.38
CA GLN A 121 23.80 -12.59 40.20
C GLN A 121 24.51 -12.28 38.89
N SER A 122 25.80 -12.07 38.92
CA SER A 122 26.53 -11.60 37.73
C SER A 122 26.81 -12.63 36.66
N HIS A 123 26.62 -13.87 36.92
CA HIS A 123 26.87 -14.96 35.99
C HIS A 123 25.84 -15.00 34.88
N LEU A 124 26.27 -15.54 33.74
CA LEU A 124 25.43 -15.67 32.57
C LEU A 124 25.13 -17.10 32.22
N PRO A 125 23.95 -17.37 31.70
CA PRO A 125 23.63 -18.68 31.16
C PRO A 125 24.52 -18.99 29.97
N GLN A 126 24.76 -20.27 29.73
CA GLN A 126 25.63 -20.68 28.66
C GLN A 126 25.15 -20.19 27.30
N HIS A 127 23.85 -20.19 27.06
CA HIS A 127 23.33 -19.78 25.76
C HIS A 127 23.64 -18.31 25.43
N ILE A 128 23.80 -17.47 26.44
CA ILE A 128 24.21 -16.10 26.19
C ILE A 128 25.65 -16.05 25.69
N LEU A 129 26.51 -16.86 26.26
CA LEU A 129 27.90 -16.94 25.78
C LEU A 129 27.99 -17.47 24.37
N ASP A 130 27.21 -18.50 24.07
CA ASP A 130 27.13 -19.04 22.72
C ASP A 130 26.59 -18.01 21.73
N LEU A 131 25.59 -17.25 22.15
CA LEU A 131 25.03 -16.24 21.28
C LEU A 131 26.09 -15.21 20.94
N ILE A 132 26.82 -14.74 21.94
CA ILE A 132 27.83 -13.72 21.74
C ILE A 132 28.94 -14.21 20.83
N LYS A 133 29.30 -15.49 20.95
CA LYS A 133 30.31 -16.08 20.06
C LYS A 133 29.87 -16.22 18.63
N SER A 134 28.57 -16.22 18.37
CA SER A 134 28.06 -16.22 17.01
C SER A 134 28.19 -14.84 16.31
N PHE A 135 28.35 -13.75 17.05
CA PHE A 135 28.41 -12.43 16.42
C PHE A 135 29.63 -12.22 15.54
N PRO A 136 29.44 -11.70 14.32
CA PRO A 136 30.62 -11.41 13.50
C PRO A 136 31.38 -10.28 14.18
N ARG A 137 32.68 -10.27 13.97
CA ARG A 137 33.55 -9.32 14.63
C ARG A 137 33.23 -7.88 14.27
N SER A 138 32.76 -7.65 13.07
CA SER A 138 32.34 -6.34 12.63
C SER A 138 30.93 -5.92 13.11
N MET A 139 30.17 -6.76 13.81
CA MET A 139 28.83 -6.34 14.27
C MET A 139 29.00 -5.17 15.23
N HIS A 140 28.19 -4.12 15.03
CA HIS A 140 28.33 -2.93 15.84
C HIS A 140 28.14 -3.25 17.33
N PRO A 141 28.99 -2.68 18.20
CA PRO A 141 28.92 -3.04 19.64
C PRO A 141 27.56 -2.83 20.29
N MET A 142 26.83 -1.76 19.94
CA MET A 142 25.52 -1.53 20.48
C MET A 142 24.46 -2.52 19.93
N THR A 143 24.65 -3.04 18.73
CA THR A 143 23.77 -4.10 18.27
C THR A 143 24.02 -5.36 19.14
N GLN A 144 25.29 -5.65 19.42
CA GLN A 144 25.66 -6.79 20.24
C GLN A 144 25.03 -6.67 21.62
N LEU A 145 25.17 -5.50 22.23
CA LEU A 145 24.68 -5.28 23.55
C LEU A 145 23.15 -5.41 23.63
N SER A 146 22.45 -4.81 22.69
CA SER A 146 21.00 -4.90 22.67
C SER A 146 20.50 -6.32 22.58
N ILE A 147 21.10 -7.07 21.66
CA ILE A 147 20.71 -8.45 21.43
C ILE A 147 20.94 -9.33 22.64
N ALA A 148 22.11 -9.22 23.23
CA ALA A 148 22.42 -10.05 24.39
C ALA A 148 21.48 -9.75 25.57
N VAL A 149 21.14 -8.48 25.77
CA VAL A 149 20.23 -8.11 26.82
C VAL A 149 18.84 -8.69 26.55
N ALA A 150 18.37 -8.61 25.31
CA ALA A 150 17.07 -9.22 24.98
C ALA A 150 17.09 -10.70 25.21
N ALA A 151 18.21 -11.34 24.86
CA ALA A 151 18.29 -12.79 25.00
C ALA A 151 18.19 -13.26 26.44
N LEU A 152 18.55 -12.40 27.41
CA LEU A 152 18.40 -12.71 28.82
C LEU A 152 16.94 -12.84 29.29
N ASN A 153 15.98 -12.49 28.43
CA ASN A 153 14.54 -12.71 28.77
C ASN A 153 14.15 -14.16 29.04
N THR A 154 14.98 -15.12 28.63
CA THR A 154 14.83 -16.52 29.00
C THR A 154 14.83 -16.68 30.52
N GLU A 155 15.48 -15.78 31.23
CA GLU A 155 15.58 -15.79 32.69
C GLU A 155 14.51 -14.91 33.35
N SER A 156 13.53 -14.40 32.61
CA SER A 156 12.61 -13.44 33.19
C SER A 156 11.61 -14.02 34.12
N LYS A 157 11.65 -13.56 35.37
CA LYS A 157 10.56 -13.89 36.30
C LYS A 157 9.25 -13.21 36.01
N PHE A 158 9.28 -11.99 35.50
CA PHE A 158 8.04 -11.32 35.18
C PHE A 158 7.29 -12.05 34.09
N ALA A 159 7.99 -12.41 33.01
CA ALA A 159 7.30 -13.06 31.89
C ALA A 159 6.63 -14.33 32.35
N LYS A 160 7.34 -15.12 33.13
CA LYS A 160 6.78 -16.39 33.62
C LYS A 160 5.66 -16.17 34.62
N ALA A 161 5.83 -15.24 35.54
CA ALA A 161 4.76 -14.98 36.52
C ALA A 161 3.50 -14.42 35.86
N TYR A 162 3.66 -13.53 34.87
CA TYR A 162 2.48 -12.97 34.18
C TYR A 162 1.71 -14.06 33.46
N GLU A 163 2.43 -14.97 32.81
CA GLU A 163 1.80 -16.05 32.06
C GLU A 163 1.03 -16.98 33.01
N LYS A 164 1.61 -17.25 34.18
CA LYS A 164 1.01 -18.11 35.19
C LYS A 164 -0.23 -17.50 35.82
N GLY A 165 -0.23 -16.19 35.96
CA GLY A 165 -1.33 -15.47 36.60
C GLY A 165 -0.75 -14.77 37.80
N LEU A 166 -0.94 -13.47 37.85
CA LEU A 166 -0.31 -12.65 38.86
C LEU A 166 -1.23 -11.47 39.10
N SER A 167 -1.42 -11.07 40.34
CA SER A 167 -2.29 -9.86 40.62
C SER A 167 -1.63 -8.60 40.10
N LYS A 168 -2.42 -7.67 39.61
CA LYS A 168 -1.93 -6.37 39.12
C LYS A 168 -1.13 -5.66 40.20
N ALA A 169 -1.62 -5.72 41.44
CA ALA A 169 -0.96 -5.05 42.56
C ALA A 169 0.46 -5.60 42.82
N ASP A 170 0.72 -6.79 42.34
CA ASP A 170 2.01 -7.48 42.50
C ASP A 170 2.92 -7.44 41.26
N TYR A 171 2.51 -6.79 40.16
CA TYR A 171 3.37 -6.74 38.98
C TYR A 171 4.74 -6.18 39.28
N TRP A 172 4.85 -5.24 40.19
CA TRP A 172 6.14 -4.65 40.51
C TRP A 172 7.22 -5.60 41.05
N GLU A 173 6.84 -6.66 41.77
CA GLU A 173 7.82 -7.53 42.40
C GLU A 173 8.72 -8.31 41.44
N PRO A 174 8.13 -9.06 40.52
CA PRO A 174 8.93 -9.77 39.50
C PRO A 174 9.64 -8.76 38.58
N THR A 175 9.05 -7.57 38.37
CA THR A 175 9.70 -6.54 37.62
C THR A 175 10.96 -6.08 38.32
N PHE A 176 10.87 -5.90 39.62
CA PHE A 176 12.03 -5.56 40.41
C PHE A 176 13.08 -6.68 40.34
N ASP A 177 12.65 -7.94 40.52
CA ASP A 177 13.63 -9.05 40.52
C ASP A 177 14.36 -9.12 39.16
N ASP A 178 13.61 -9.01 38.06
CA ASP A 178 14.22 -8.96 36.73
C ASP A 178 15.17 -7.76 36.53
N SER A 179 14.79 -6.60 37.04
CA SER A 179 15.62 -5.43 36.93
C SER A 179 16.98 -5.60 37.68
N ILE A 180 16.95 -6.18 38.87
CA ILE A 180 18.18 -6.39 39.58
C ILE A 180 19.06 -7.41 38.85
N SER A 181 18.41 -8.43 38.30
CA SER A 181 19.10 -9.45 37.57
C SER A 181 19.77 -8.84 36.35
N LEU A 182 19.06 -7.98 35.64
CA LEU A 182 19.61 -7.33 34.50
C LEU A 182 20.79 -6.43 34.87
N LEU A 183 20.62 -5.65 35.92
CA LEU A 183 21.72 -4.83 36.39
C LEU A 183 22.98 -5.63 36.74
N ALA A 184 22.81 -6.75 37.42
CA ALA A 184 23.95 -7.57 37.82
C ALA A 184 24.73 -8.13 36.62
N LYS A 185 23.97 -8.46 35.55
CA LYS A 185 24.50 -9.11 34.39
C LYS A 185 25.06 -8.21 33.33
N ILE A 186 24.51 -7.00 33.21
CA ILE A 186 24.88 -6.15 32.13
C ILE A 186 26.35 -5.76 32.01
N PRO A 187 27.06 -5.57 33.11
CA PRO A 187 28.50 -5.28 32.96
C PRO A 187 29.27 -6.43 32.37
N ARG A 188 28.90 -7.66 32.74
CA ARG A 188 29.53 -8.80 32.14
C ARG A 188 29.24 -8.89 30.63
N VAL A 189 28.01 -8.65 30.22
CA VAL A 189 27.67 -8.64 28.81
C VAL A 189 28.48 -7.55 28.07
N ALA A 190 28.54 -6.36 28.65
CA ALA A 190 29.30 -5.28 28.04
C ALA A 190 30.79 -5.63 27.92
N ALA A 191 31.35 -6.31 28.90
CA ALA A 191 32.74 -6.72 28.83
C ALA A 191 32.99 -7.76 27.73
N LEU A 192 32.01 -8.64 27.51
CA LEU A 192 32.10 -9.57 26.40
C LEU A 192 32.06 -8.87 25.03
N VAL A 193 31.30 -7.79 24.93
CA VAL A 193 31.30 -6.96 23.76
C VAL A 193 32.69 -6.33 23.56
N PHE A 194 33.29 -5.86 24.63
N PHE A 194 33.30 -5.86 24.64
CA PHE A 194 34.61 -5.23 24.61
CA PHE A 194 34.63 -5.22 24.61
C PHE A 194 35.72 -6.23 24.29
C PHE A 194 35.72 -6.23 24.30
N ARG A 195 35.56 -7.50 24.67
CA ARG A 195 36.62 -8.51 24.52
C ARG A 195 36.19 -9.76 23.80
N PRO A 196 35.90 -9.65 22.50
CA PRO A 196 35.29 -10.76 21.75
C PRO A 196 36.19 -11.97 21.61
N ASP A 197 37.49 -11.85 21.78
CA ASP A 197 38.38 -13.00 21.77
C ASP A 197 38.50 -13.78 23.09
N GLU A 198 37.83 -13.30 24.13
CA GLU A 198 37.98 -13.89 25.47
C GLU A 198 36.64 -14.22 26.10
N VAL A 199 35.67 -14.60 25.27
CA VAL A 199 34.34 -14.82 25.73
C VAL A 199 34.30 -15.92 26.78
N ASP A 200 34.99 -17.03 26.53
CA ASP A 200 34.94 -18.15 27.46
C ASP A 200 35.48 -17.78 28.84
N GLN A 201 36.60 -17.06 28.88
CA GLN A 201 37.20 -16.64 30.13
C GLN A 201 36.39 -15.52 30.86
N VAL A 202 36.17 -14.39 30.20
CA VAL A 202 35.43 -13.25 30.79
C VAL A 202 34.00 -13.67 31.13
N GLY A 203 33.45 -14.53 30.29
CA GLY A 203 32.10 -14.97 30.45
C GLY A 203 31.82 -15.82 31.68
N THR A 204 32.86 -16.48 32.22
CA THR A 204 32.71 -17.36 33.37
C THR A 204 33.55 -16.93 34.55
N GLN A 205 34.37 -15.91 34.44
CA GLN A 205 35.25 -15.51 35.51
C GLN A 205 34.46 -15.18 36.81
N ALA A 206 34.92 -15.73 37.94
CA ALA A 206 34.27 -15.49 39.22
C ALA A 206 34.56 -14.07 39.73
N LEU A 207 33.58 -13.32 40.19
CA LEU A 207 33.80 -12.00 40.68
C LEU A 207 33.89 -12.02 42.19
N ASP A 208 34.63 -11.08 42.73
CA ASP A 208 34.71 -10.84 44.15
C ASP A 208 33.40 -10.23 44.60
N ALA A 209 32.65 -11.02 45.38
CA ALA A 209 31.33 -10.61 45.84
C ALA A 209 31.32 -9.49 46.86
N SER A 210 32.47 -9.11 47.39
CA SER A 210 32.56 -7.99 48.33
C SER A 210 32.96 -6.71 47.63
N GLN A 211 33.13 -6.73 46.32
CA GLN A 211 33.46 -5.51 45.59
C GLN A 211 32.20 -4.93 44.97
N ASP A 212 32.30 -3.65 44.64
CA ASP A 212 31.15 -2.91 44.14
C ASP A 212 30.98 -3.14 42.63
N TRP A 213 29.84 -2.71 42.11
CA TRP A 213 29.45 -3.01 40.75
C TRP A 213 30.43 -2.46 39.70
N SER A 214 30.89 -1.24 39.90
CA SER A 214 31.84 -0.63 39.01
C SER A 214 33.19 -1.32 39.03
N TYR A 215 33.65 -1.69 40.22
CA TYR A 215 34.93 -2.38 40.34
C TYR A 215 34.86 -3.65 39.56
N ASN A 216 33.77 -4.41 39.73
CA ASN A 216 33.66 -5.70 39.04
C ASN A 216 33.56 -5.54 37.53
N PHE A 217 32.86 -4.50 37.09
CA PHE A 217 32.85 -4.16 35.69
C PHE A 217 34.29 -3.88 35.16
N ALA A 218 35.04 -3.05 35.89
CA ALA A 218 36.42 -2.73 35.52
C ALA A 218 37.30 -4.00 35.45
N GLU A 219 37.12 -4.90 36.41
CA GLU A 219 37.83 -6.15 36.42
C GLU A 219 37.53 -6.96 35.15
N LEU A 220 36.25 -7.06 34.78
CA LEU A 220 35.88 -7.77 33.57
C LEU A 220 36.39 -7.11 32.30
N LEU A 221 36.58 -5.79 32.33
CA LEU A 221 37.18 -5.06 31.24
C LEU A 221 38.69 -5.22 31.15
N GLY A 222 39.34 -5.86 32.11
CA GLY A 222 40.79 -5.97 32.12
C GLY A 222 41.46 -4.83 32.83
N LYS A 223 40.71 -4.06 33.62
CA LYS A 223 41.24 -2.92 34.34
C LYS A 223 41.02 -2.99 35.85
N GLY A 224 41.19 -4.19 36.40
CA GLY A 224 41.08 -4.42 37.82
C GLY A 224 42.36 -4.15 38.58
N GLY A 225 42.33 -4.31 39.87
CA GLY A 225 43.50 -4.29 40.74
C GLY A 225 43.77 -2.87 41.26
N LYS A 226 44.63 -2.75 42.24
CA LYS A 226 44.91 -1.48 42.90
C LYS A 226 45.56 -0.42 42.03
N GLU A 227 46.32 -0.83 41.06
CA GLU A 227 46.91 0.05 40.07
C GLU A 227 45.86 0.85 39.24
N ASN A 228 44.62 0.38 39.17
CA ASN A 228 43.58 1.06 38.42
C ASN A 228 42.56 1.74 39.32
N GLN A 229 42.93 2.02 40.58
CA GLN A 229 41.93 2.54 41.52
C GLN A 229 41.36 3.89 41.13
N ASP A 230 42.16 4.74 40.49
CA ASP A 230 41.62 6.01 40.03
C ASP A 230 40.58 5.79 38.92
N PHE A 231 40.87 4.88 37.99
CA PHE A 231 39.89 4.55 36.98
C PHE A 231 38.58 3.99 37.60
N HIS A 232 38.70 3.21 38.67
CA HIS A 232 37.51 2.71 39.34
C HIS A 232 36.63 3.81 39.84
N ASP A 233 37.24 4.83 40.41
CA ASP A 233 36.46 5.99 40.88
C ASP A 233 35.85 6.80 39.73
N LEU A 234 36.57 6.96 38.64
CA LEU A 234 36.00 7.59 37.45
C LEU A 234 34.80 6.81 36.97
N LEU A 235 34.95 5.51 36.88
CA LEU A 235 33.87 4.65 36.35
C LEU A 235 32.66 4.68 37.28
N ARG A 236 32.89 4.65 38.58
CA ARG A 236 31.81 4.78 39.54
C ARG A 236 31.02 6.07 39.30
N LEU A 237 31.75 7.17 39.18
CA LEU A 237 31.14 8.47 39.02
C LEU A 237 30.41 8.56 37.70
N TYR A 238 31.08 8.11 36.63
CA TYR A 238 30.45 8.10 35.33
C TYR A 238 29.14 7.36 35.33
N LEU A 239 29.14 6.15 35.88
CA LEU A 239 27.95 5.29 35.85
C LEU A 239 26.87 5.91 36.71
N ALA A 240 27.22 6.51 37.85
CA ALA A 240 26.23 7.16 38.72
C ALA A 240 25.63 8.42 38.03
N LEU A 241 26.49 9.20 37.38
CA LEU A 241 26.03 10.43 36.79
C LEU A 241 25.12 10.26 35.58
N HIS A 242 25.30 9.18 34.82
CA HIS A 242 24.56 9.02 33.58
C HIS A 242 23.35 8.13 33.76
N GLY A 243 23.04 7.71 34.99
CA GLY A 243 22.00 6.76 35.26
C GLY A 243 20.61 7.15 34.82
N ASP A 244 20.27 8.44 34.96
CA ASP A 244 18.95 8.89 34.63
C ASP A 244 18.98 10.37 34.27
N HIS A 245 18.17 10.73 33.31
CA HIS A 245 18.00 12.13 32.92
C HIS A 245 16.62 12.34 32.26
N GLU A 246 15.60 12.26 33.11
CA GLU A 246 14.18 12.43 32.71
C GLU A 246 13.78 11.32 31.72
N GLY A 247 12.55 11.34 31.25
CA GLY A 247 11.97 10.26 30.50
C GLY A 247 11.98 10.47 29.01
N GLY A 248 12.30 11.67 28.55
CA GLY A 248 12.18 12.05 27.17
C GLY A 248 13.21 11.50 26.20
N ASN A 249 14.42 11.25 26.70
CA ASN A 249 15.50 10.78 25.88
C ASN A 249 15.11 9.39 25.32
N VAL A 250 15.67 8.99 24.18
CA VAL A 250 15.17 7.84 23.46
C VAL A 250 15.34 6.54 24.24
N SER A 251 16.46 6.35 24.95
CA SER A 251 16.67 5.12 25.69
C SER A 251 15.65 4.95 26.83
N ALA A 252 15.41 5.99 27.59
CA ALA A 252 14.44 5.98 28.67
C ALA A 252 13.03 5.76 28.13
N HIS A 253 12.69 6.50 27.08
CA HIS A 253 11.36 6.48 26.55
C HIS A 253 11.06 5.13 25.91
N ALA A 254 11.99 4.62 25.11
CA ALA A 254 11.72 3.34 24.43
C ALA A 254 11.56 2.21 25.45
N THR A 255 12.33 2.25 26.53
CA THR A 255 12.19 1.30 27.65
C THR A 255 10.78 1.34 28.25
N HIS A 256 10.33 2.53 28.57
CA HIS A 256 9.02 2.72 29.11
C HIS A 256 7.91 2.27 28.13
N LEU A 257 8.06 2.62 26.85
CA LEU A 257 7.07 2.30 25.83
C LEU A 257 6.89 0.79 25.68
N VAL A 258 8.00 0.10 25.48
CA VAL A 258 7.94 -1.35 25.35
C VAL A 258 7.49 -2.03 26.64
N GLY A 259 8.01 -1.53 27.77
CA GLY A 259 7.58 -1.96 29.08
C GLY A 259 6.07 -1.80 29.33
N SER A 260 5.46 -0.79 28.70
CA SER A 260 4.06 -0.48 28.96
C SER A 260 3.14 -1.50 28.33
N ALA A 261 3.63 -2.27 27.37
CA ALA A 261 2.88 -3.41 26.82
C ALA A 261 3.08 -4.69 27.64
N LEU A 262 3.80 -4.57 28.76
CA LEU A 262 4.11 -5.64 29.76
C LEU A 262 5.16 -6.61 29.29
N SER A 263 5.99 -6.16 28.35
CA SER A 263 7.21 -6.87 28.02
C SER A 263 8.09 -6.70 29.28
N ASP A 264 8.90 -7.72 29.58
CA ASP A 264 9.66 -7.73 30.82
C ASP A 264 10.82 -6.78 30.72
N PRO A 265 11.55 -6.55 31.81
CA PRO A 265 12.65 -5.57 31.73
C PRO A 265 13.78 -5.90 30.77
N PHE A 266 14.02 -7.17 30.50
CA PHE A 266 15.08 -7.52 29.55
C PHE A 266 14.71 -7.06 28.14
N LEU A 267 13.50 -7.41 27.69
CA LEU A 267 13.04 -6.94 26.41
C LEU A 267 12.91 -5.42 26.36
N SER A 268 12.47 -4.81 27.45
CA SER A 268 12.22 -3.36 27.45
C SER A 268 13.51 -2.57 27.40
N TYR A 269 14.51 -2.94 28.19
CA TYR A 269 15.76 -2.20 28.12
C TYR A 269 16.54 -2.52 26.82
N SER A 270 16.33 -3.71 26.25
CA SER A 270 16.87 -3.95 24.93
C SER A 270 16.38 -2.93 23.93
N ALA A 271 15.08 -2.61 23.98
CA ALA A 271 14.54 -1.59 23.11
C ALA A 271 15.17 -0.23 23.38
N GLY A 272 15.36 0.08 24.64
CA GLY A 272 16.13 1.25 25.03
C GLY A 272 17.52 1.35 24.38
N LEU A 273 18.22 0.22 24.40
CA LEU A 273 19.53 0.13 23.80
C LEU A 273 19.53 0.25 22.27
N LEU A 274 18.49 -0.29 21.62
CA LEU A 274 18.30 -0.12 20.19
C LEU A 274 18.14 1.35 19.82
N GLY A 275 17.45 2.10 20.69
CA GLY A 275 17.35 3.52 20.51
C GLY A 275 18.66 4.23 20.79
N LEU A 276 19.36 3.78 21.82
CA LEU A 276 20.68 4.33 22.15
C LEU A 276 21.67 4.11 21.01
N ALA A 277 21.49 3.03 20.23
CA ALA A 277 22.33 2.76 19.10
C ALA A 277 22.18 3.79 17.97
N GLY A 278 21.12 4.59 17.98
CA GLY A 278 20.96 5.61 16.94
C GLY A 278 22.08 6.62 16.99
N PRO A 279 22.76 6.86 15.88
CA PRO A 279 23.93 7.75 15.92
C PRO A 279 23.60 9.19 16.12
N LEU A 280 22.32 9.60 15.99
CA LEU A 280 22.09 11.03 15.85
C LEU A 280 22.49 11.81 17.09
N HIS A 281 22.10 11.33 18.25
CA HIS A 281 22.48 12.00 19.49
C HIS A 281 23.30 11.15 20.45
N ALA A 282 23.61 9.89 20.07
CA ALA A 282 24.38 9.00 20.92
C ALA A 282 25.89 9.34 21.03
N LEU A 283 26.43 10.06 20.02
CA LEU A 283 27.88 10.03 19.75
C LEU A 283 28.60 11.32 20.22
N ALA A 284 27.89 12.15 21.01
CA ALA A 284 28.39 13.38 21.45
C ALA A 284 29.71 13.24 22.22
N ALA A 285 29.84 12.27 23.14
CA ALA A 285 31.06 12.14 23.92
C ALA A 285 32.28 11.87 23.01
N GLN A 286 32.06 11.06 21.99
CA GLN A 286 33.05 10.75 20.97
C GLN A 286 33.39 11.98 20.14
N GLU A 287 32.37 12.73 19.69
CA GLU A 287 32.62 13.95 18.93
C GLU A 287 33.49 14.95 19.72
N VAL A 288 33.15 15.14 20.99
CA VAL A 288 33.91 16.07 21.82
C VAL A 288 35.37 15.64 21.91
N LEU A 289 35.61 14.35 22.14
CA LEU A 289 36.97 13.88 22.21
C LEU A 289 37.73 14.20 20.89
N ARG A 290 37.15 13.83 19.74
CA ARG A 290 37.78 14.14 18.46
C ARG A 290 38.08 15.66 18.31
N TRP A 291 37.14 16.48 18.71
CA TRP A 291 37.23 17.93 18.57
C TRP A 291 38.36 18.51 19.44
N ILE A 292 38.44 18.05 20.69
CA ILE A 292 39.48 18.44 21.61
C ILE A 292 40.83 18.04 21.08
N LEU A 293 40.96 16.81 20.60
CA LEU A 293 42.22 16.35 20.06
C LEU A 293 42.64 17.12 18.81
N ALA A 294 41.68 17.42 17.93
CA ALA A 294 41.97 18.28 16.76
C ALA A 294 42.40 19.69 17.17
N MET A 295 41.74 20.25 18.18
CA MET A 295 42.11 21.56 18.68
C MET A 295 43.51 21.54 19.23
N GLN A 296 43.86 20.51 20.01
CA GLN A 296 45.19 20.39 20.56
C GLN A 296 46.22 20.30 19.45
N ASP A 297 45.91 19.53 18.41
CA ASP A 297 46.77 19.44 17.23
C ASP A 297 47.07 20.80 16.63
N LYS A 298 46.05 21.63 16.48
CA LYS A 298 46.23 22.96 15.90
C LYS A 298 46.94 23.96 16.82
N ILE A 299 46.54 24.04 18.07
CA ILE A 299 47.04 25.09 18.95
C ILE A 299 48.16 24.66 19.88
N GLY A 300 48.46 23.38 19.92
CA GLY A 300 49.56 22.90 20.71
C GLY A 300 49.22 22.78 22.17
N THR A 301 50.24 22.73 22.99
CA THR A 301 50.09 22.62 24.42
C THR A 301 50.53 23.94 25.16
N LYS A 302 51.24 24.83 24.52
CA LYS A 302 51.69 26.10 25.13
C LYS A 302 51.06 27.18 24.28
N PHE A 303 49.91 27.67 24.69
CA PHE A 303 48.98 28.54 23.90
C PHE A 303 48.46 29.63 24.85
N THR A 304 48.07 30.79 24.29
CA THR A 304 47.50 31.86 25.07
C THR A 304 45.95 31.75 25.10
N ASP A 305 45.34 32.52 26.01
CA ASP A 305 43.87 32.59 26.04
C ASP A 305 43.34 33.09 24.71
N ASP A 306 44.05 34.06 24.14
CA ASP A 306 43.70 34.53 22.79
C ASP A 306 43.73 33.45 21.69
N ASP A 307 44.70 32.57 21.75
CA ASP A 307 44.80 31.46 20.78
C ASP A 307 43.56 30.58 20.85
N VAL A 308 43.12 30.29 22.06
CA VAL A 308 41.88 29.53 22.27
C VAL A 308 40.68 30.30 21.69
N ARG A 309 40.60 31.59 22.00
CA ARG A 309 39.50 32.40 21.50
C ARG A 309 39.48 32.42 19.97
N ASN A 310 40.65 32.59 19.37
CA ASN A 310 40.79 32.62 17.92
C ASN A 310 40.38 31.31 17.31
N TYR A 311 40.75 30.20 17.95
CA TYR A 311 40.37 28.90 17.43
C TYR A 311 38.84 28.73 17.42
N LEU A 312 38.20 29.17 18.53
CA LEU A 312 36.75 29.06 18.64
C LEU A 312 36.03 29.93 17.61
N TRP A 313 36.46 31.16 17.47
CA TRP A 313 35.89 32.08 16.44
C TRP A 313 36.04 31.50 15.03
N ASP A 314 37.20 30.94 14.68
CA ASP A 314 37.39 30.30 13.38
C ASP A 314 36.44 29.14 13.17
N THR A 315 36.27 28.32 14.20
CA THR A 315 35.33 27.18 14.12
C THR A 315 33.93 27.73 13.77
N LEU A 316 33.51 28.73 14.53
CA LEU A 316 32.16 29.29 14.40
C LEU A 316 31.97 29.99 13.05
N LYS A 317 32.95 30.76 12.61
CA LYS A 317 32.87 31.46 11.30
C LYS A 317 32.80 30.46 10.17
N SER A 318 33.46 29.33 10.32
CA SER A 318 33.30 28.20 9.37
C SER A 318 31.92 27.53 9.33
N GLY A 319 31.01 27.89 10.22
CA GLY A 319 29.68 27.27 10.30
C GLY A 319 29.65 26.01 11.13
N ARG A 320 30.73 25.67 11.84
CA ARG A 320 30.78 24.47 12.68
C ARG A 320 30.44 24.79 14.14
N VAL A 321 30.06 23.75 14.87
CA VAL A 321 29.62 23.84 16.28
C VAL A 321 30.76 23.52 17.24
N VAL A 322 30.63 23.98 18.48
CA VAL A 322 31.49 23.55 19.56
C VAL A 322 30.77 22.44 20.25
N PRO A 323 31.21 21.19 20.10
CA PRO A 323 30.36 20.12 20.64
C PRO A 323 30.50 20.09 22.18
N GLY A 324 29.46 19.61 22.81
CA GLY A 324 29.43 19.51 24.24
C GLY A 324 28.98 20.80 24.94
N TYR A 325 28.52 21.79 24.17
CA TYR A 325 28.06 23.05 24.69
C TYR A 325 26.68 23.37 24.23
N GLY A 326 25.82 23.91 25.09
CA GLY A 326 24.50 24.39 24.67
C GLY A 326 23.47 23.57 25.35
N HIS A 327 22.35 24.20 25.68
CA HIS A 327 21.17 23.49 26.19
C HIS A 327 19.93 24.34 25.97
N GLY A 328 18.82 23.69 25.72
CA GLY A 328 17.55 24.38 25.56
C GLY A 328 17.02 25.07 26.80
N VAL A 329 17.28 24.47 27.96
CA VAL A 329 16.67 24.90 29.22
C VAL A 329 17.69 25.30 30.28
N LEU A 330 18.74 24.50 30.48
CA LEU A 330 19.69 24.72 31.55
C LEU A 330 20.53 25.98 31.35
N ARG A 331 20.55 26.83 32.39
CA ARG A 331 21.16 28.15 32.28
C ARG A 331 22.55 28.24 32.85
N LYS A 332 23.12 27.12 33.24
CA LYS A 332 24.48 27.06 33.86
C LYS A 332 25.20 25.79 33.41
N PRO A 333 26.49 25.67 33.71
CA PRO A 333 27.14 24.39 33.41
C PRO A 333 26.37 23.20 33.98
N ASP A 334 26.34 22.12 33.21
CA ASP A 334 25.75 20.86 33.66
C ASP A 334 26.46 20.48 34.96
N PRO A 335 25.69 20.27 36.05
CA PRO A 335 26.32 19.82 37.31
C PRO A 335 27.05 18.47 37.20
N ARG A 336 26.67 17.64 36.21
CA ARG A 336 27.38 16.42 35.91
C ARG A 336 28.75 16.73 35.36
N PHE A 337 28.85 17.76 34.55
CA PHE A 337 30.14 18.23 34.05
C PHE A 337 31.01 18.66 35.22
N GLN A 338 30.42 19.44 36.13
CA GLN A 338 31.22 20.01 37.24
C GLN A 338 31.73 18.83 38.13
N ALA A 339 30.91 17.80 38.29
CA ALA A 339 31.29 16.66 39.13
C ALA A 339 32.49 15.90 38.51
N LEU A 340 32.54 15.83 37.19
CA LEU A 340 33.73 15.30 36.51
C LEU A 340 34.98 16.19 36.72
N MET A 341 34.79 17.51 36.68
CA MET A 341 35.88 18.43 36.98
C MET A 341 36.34 18.30 38.43
N ASP A 342 35.42 18.10 39.38
CA ASP A 342 35.80 17.90 40.78
C ASP A 342 36.58 16.61 40.97
N PHE A 343 36.23 15.58 40.20
CA PHE A 343 36.96 14.32 40.24
C PHE A 343 38.42 14.58 39.86
N ALA A 344 38.59 15.33 38.75
CA ALA A 344 39.89 15.61 38.19
C ALA A 344 40.73 16.40 39.14
N ALA A 345 40.11 17.33 39.89
CA ALA A 345 40.80 18.27 40.75
C ALA A 345 41.65 17.62 41.83
N THR A 346 41.31 16.41 42.24
CA THR A 346 42.15 15.73 43.27
C THR A 346 43.19 14.76 42.67
N ARG A 347 43.32 14.69 41.34
CA ARG A 347 44.24 13.73 40.69
C ARG A 347 45.31 14.49 39.94
N PRO A 348 46.49 14.67 40.55
CA PRO A 348 47.48 15.52 39.86
C PRO A 348 47.84 15.05 38.44
N ASP A 349 47.85 13.75 38.16
CA ASP A 349 48.20 13.30 36.80
C ASP A 349 47.12 13.70 35.76
N VAL A 350 45.86 13.78 36.18
CA VAL A 350 44.79 14.24 35.28
C VAL A 350 45.01 15.74 35.02
N LEU A 351 45.22 16.51 36.07
CA LEU A 351 45.40 17.95 35.91
C LEU A 351 46.66 18.28 35.09
N ALA A 352 47.68 17.44 35.15
CA ALA A 352 48.87 17.57 34.29
C ALA A 352 48.65 17.17 32.82
N ASN A 353 47.58 16.48 32.50
CA ASN A 353 47.32 16.05 31.11
C ASN A 353 46.87 17.25 30.25
N PRO A 354 47.66 17.62 29.22
CA PRO A 354 47.28 18.74 28.35
C PRO A 354 45.89 18.64 27.73
N VAL A 355 45.43 17.44 27.46
CA VAL A 355 44.10 17.22 26.84
C VAL A 355 43.01 17.63 27.85
N PHE A 356 43.20 17.30 29.12
CA PHE A 356 42.30 17.74 30.16
C PHE A 356 42.37 19.24 30.38
N GLN A 357 43.59 19.78 30.37
CA GLN A 357 43.77 21.23 30.55
C GLN A 357 42.98 21.99 29.46
N LEU A 358 42.98 21.45 28.25
CA LEU A 358 42.24 22.02 27.17
C LEU A 358 40.73 21.98 27.39
N VAL A 359 40.21 20.90 27.93
CA VAL A 359 38.81 20.86 28.34
C VAL A 359 38.50 21.94 29.36
N LYS A 360 39.36 22.07 30.36
CA LYS A 360 39.15 23.06 31.38
C LYS A 360 39.20 24.50 30.79
N LYS A 361 40.19 24.78 29.97
CA LYS A 361 40.33 26.11 29.38
C LYS A 361 39.15 26.48 28.49
N ASN A 362 38.71 25.53 27.66
CA ASN A 362 37.53 25.75 26.86
C ASN A 362 36.31 26.10 27.68
N SER A 363 36.11 25.43 28.82
CA SER A 363 34.97 25.71 29.68
C SER A 363 35.02 27.13 30.26
N GLU A 364 36.21 27.70 30.42
CA GLU A 364 36.40 29.08 30.89
C GLU A 364 36.25 30.17 29.81
N ILE A 365 36.43 29.80 28.54
CA ILE A 365 36.53 30.75 27.41
C ILE A 365 35.35 30.60 26.43
N ALA A 366 34.98 29.34 26.11
CA ALA A 366 33.96 29.09 25.10
C ALA A 366 32.57 29.72 25.38
N PRO A 367 32.09 29.69 26.64
CA PRO A 367 30.76 30.27 26.90
C PRO A 367 30.62 31.72 26.49
N ALA A 368 31.63 32.56 26.82
CA ALA A 368 31.60 34.00 26.44
C ALA A 368 31.66 34.17 24.91
N VAL A 369 32.57 33.42 24.26
CA VAL A 369 32.65 33.41 22.81
C VAL A 369 31.31 33.00 22.14
N LEU A 370 30.71 31.92 22.62
CA LEU A 370 29.46 31.44 22.04
C LEU A 370 28.29 32.40 22.24
N THR A 371 28.25 33.07 23.38
CA THR A 371 27.24 34.07 23.68
C THR A 371 27.35 35.25 22.71
N GLU A 372 28.54 35.83 22.64
CA GLU A 372 28.83 36.88 21.66
C GLU A 372 28.48 36.47 20.23
N HIS A 373 28.82 35.25 19.83
CA HIS A 373 28.42 34.74 18.49
C HIS A 373 26.92 34.67 18.33
N GLY A 374 26.23 34.32 19.41
CA GLY A 374 24.77 34.49 19.49
C GLY A 374 23.90 33.41 18.95
N LYS A 375 24.47 32.38 18.32
CA LYS A 375 23.68 31.31 17.68
C LYS A 375 23.35 30.15 18.57
N THR A 376 24.13 29.91 19.64
CA THR A 376 23.88 28.74 20.52
C THR A 376 23.20 29.17 21.82
N LYS A 377 22.01 28.63 22.10
CA LYS A 377 21.31 29.01 23.33
C LYS A 377 22.02 28.35 24.55
N ASN A 378 22.09 29.08 25.64
CA ASN A 378 22.68 28.63 26.93
C ASN A 378 24.00 27.83 26.76
N PRO A 379 25.04 28.52 26.34
CA PRO A 379 26.28 27.94 25.82
C PRO A 379 27.27 27.47 26.88
N HIS A 380 26.80 26.59 27.75
CA HIS A 380 27.58 26.08 28.84
C HIS A 380 27.93 24.63 28.62
N PRO A 381 28.99 24.16 29.25
CA PRO A 381 29.38 22.79 29.00
C PRO A 381 28.38 21.81 29.56
N ASN A 382 28.14 20.72 28.86
CA ASN A 382 27.43 19.60 29.43
C ASN A 382 28.43 18.47 29.78
N VAL A 383 27.93 17.39 30.35
CA VAL A 383 28.76 16.31 30.84
C VAL A 383 29.66 15.71 29.74
N ASP A 384 29.15 15.66 28.51
CA ASP A 384 29.91 15.17 27.34
C ASP A 384 31.17 15.99 27.04
N ALA A 385 31.24 17.23 27.52
CA ALA A 385 32.45 18.01 27.37
C ALA A 385 33.67 17.38 28.02
N ALA A 386 33.47 16.59 29.07
CA ALA A 386 34.60 16.04 29.86
C ALA A 386 34.73 14.53 29.90
N SER A 387 33.64 13.78 29.70
CA SER A 387 33.65 12.33 29.99
C SER A 387 34.64 11.56 29.09
N GLY A 388 34.63 11.84 27.80
CA GLY A 388 35.50 11.13 26.83
C GLY A 388 36.99 11.39 27.14
N VAL A 389 37.35 12.64 27.41
CA VAL A 389 38.72 12.95 27.74
C VAL A 389 39.20 12.25 28.99
N LEU A 390 38.34 12.18 30.01
CA LEU A 390 38.71 11.48 31.22
C LEU A 390 38.92 10.00 30.97
N PHE A 391 38.01 9.34 30.21
CA PHE A 391 38.28 7.95 29.86
C PHE A 391 39.57 7.78 29.06
N TYR A 392 39.78 8.68 28.09
CA TYR A 392 40.96 8.67 27.26
C TYR A 392 42.23 8.76 28.14
N HIS A 393 42.22 9.60 29.16
CA HIS A 393 43.36 9.72 30.04
C HIS A 393 43.71 8.40 30.70
N TYR A 394 42.73 7.59 31.04
CA TYR A 394 42.98 6.31 31.72
C TYR A 394 43.24 5.15 30.80
N GLY A 395 43.44 5.42 29.51
CA GLY A 395 43.82 4.36 28.58
C GLY A 395 42.62 3.70 27.92
N PHE A 396 41.41 4.19 28.23
CA PHE A 396 40.19 3.68 27.61
C PHE A 396 40.01 4.55 26.38
N GLN A 397 40.71 4.19 25.32
CA GLN A 397 40.88 5.03 24.17
C GLN A 397 40.23 4.45 22.94
N GLN A 398 39.23 3.61 23.09
CA GLN A 398 38.41 3.22 21.92
C GLN A 398 37.04 3.89 22.12
N PRO A 399 36.85 5.10 21.58
CA PRO A 399 35.66 5.93 21.79
C PRO A 399 34.38 5.28 21.31
N LEU A 400 34.49 4.40 20.30
CA LEU A 400 33.32 3.65 19.82
C LEU A 400 32.60 2.94 21.02
N TYR A 401 33.38 2.47 21.98
CA TYR A 401 32.86 1.77 23.12
C TYR A 401 32.36 2.66 24.24
N TYR A 402 32.47 3.98 24.10
CA TYR A 402 31.93 4.89 25.12
C TYR A 402 30.44 4.79 25.19
N THR A 403 29.78 4.48 24.06
CA THR A 403 28.36 4.28 24.07
C THR A 403 27.95 3.03 24.85
N VAL A 404 28.78 2.03 24.82
CA VAL A 404 28.51 0.81 25.55
C VAL A 404 28.51 1.09 27.06
N THR A 405 29.50 1.82 27.55
CA THR A 405 29.53 2.18 28.93
C THR A 405 28.32 3.05 29.32
N PHE A 406 27.88 3.92 28.41
CA PHE A 406 26.65 4.71 28.63
C PHE A 406 25.46 3.79 28.72
N GLY A 407 25.40 2.76 27.86
CA GLY A 407 24.34 1.78 27.94
C GLY A 407 24.27 1.03 29.28
N VAL A 408 25.43 0.75 29.86
CA VAL A 408 25.45 0.14 31.17
C VAL A 408 24.85 1.13 32.22
N SER A 409 25.31 2.37 32.19
CA SER A 409 24.85 3.40 33.13
C SER A 409 23.35 3.61 32.99
N ARG A 410 22.89 3.68 31.76
CA ARG A 410 21.52 4.10 31.51
C ARG A 410 20.51 2.98 31.71
N ALA A 411 20.96 1.80 32.13
CA ALA A 411 20.06 0.82 32.68
C ALA A 411 19.41 1.32 33.98
N LEU A 412 20.13 2.11 34.77
CA LEU A 412 19.70 2.41 36.14
C LEU A 412 18.35 3.12 36.20
N GLY A 413 18.26 4.28 35.57
CA GLY A 413 17.02 5.09 35.68
C GLY A 413 15.80 4.51 35.00
N PRO A 414 15.93 4.02 33.78
CA PRO A 414 14.78 3.43 33.12
C PRO A 414 14.22 2.20 33.80
N LEU A 415 15.10 1.38 34.38
CA LEU A 415 14.64 0.23 35.15
C LEU A 415 13.88 0.65 36.38
N VAL A 416 14.35 1.67 37.08
CA VAL A 416 13.60 2.22 38.19
C VAL A 416 12.23 2.64 37.77
N GLN A 417 12.12 3.40 36.68
CA GLN A 417 10.81 3.88 36.20
C GLN A 417 9.93 2.70 35.78
N LEU A 418 10.50 1.66 35.19
CA LEU A 418 9.71 0.51 34.86
C LEU A 418 9.08 -0.17 36.11
N ILE A 419 9.84 -0.24 37.16
CA ILE A 419 9.36 -0.75 38.43
C ILE A 419 8.20 0.10 38.97
N TRP A 420 8.36 1.42 38.93
CA TRP A 420 7.29 2.35 39.31
C TRP A 420 6.10 2.31 38.37
N ASP A 421 6.32 2.12 37.07
CA ASP A 421 5.20 2.01 36.14
C ASP A 421 4.33 0.84 36.57
N ARG A 422 4.97 -0.29 36.87
CA ARG A 422 4.22 -1.46 37.31
C ARG A 422 3.61 -1.30 38.71
N ALA A 423 4.35 -0.69 39.66
CA ALA A 423 3.78 -0.43 40.97
C ALA A 423 2.52 0.45 40.90
N LEU A 424 2.52 1.47 40.05
CA LEU A 424 1.39 2.36 39.88
C LEU A 424 0.31 1.85 38.98
N GLY A 425 0.59 0.85 38.16
CA GLY A 425 -0.42 0.31 37.23
C GLY A 425 -0.61 1.19 36.02
N LEU A 426 0.45 1.86 35.54
CA LEU A 426 0.33 2.73 34.40
C LEU A 426 -0.03 1.90 33.15
N PRO A 427 -0.86 2.50 32.29
CA PRO A 427 -1.38 1.73 31.14
C PRO A 427 -0.34 1.74 29.97
N ILE A 428 -0.70 1.06 28.92
CA ILE A 428 0.05 1.03 27.69
C ILE A 428 0.22 2.47 27.15
N GLU A 429 1.40 2.80 26.65
CA GLU A 429 1.58 4.09 26.03
C GLU A 429 1.05 3.97 24.61
N ARG A 430 0.07 4.81 24.29
CA ARG A 430 -0.63 4.76 23.03
C ARG A 430 -1.18 6.14 22.65
N PRO A 431 -0.32 6.97 22.05
CA PRO A 431 -0.77 8.20 21.52
C PRO A 431 -1.58 7.98 20.25
N LYS A 432 -2.12 9.05 19.71
CA LYS A 432 -2.95 8.99 18.51
C LYS A 432 -2.16 9.66 17.38
N SER A 433 -2.12 9.02 16.23
CA SER A 433 -1.45 9.58 15.07
C SER A 433 -2.38 10.36 14.16
N ILE A 434 -1.78 11.14 13.27
CA ILE A 434 -2.53 11.83 12.21
C ILE A 434 -1.64 11.92 10.99
N ASN A 435 -2.23 12.01 9.81
CA ASN A 435 -1.50 12.23 8.55
C ASN A 435 -1.37 13.67 8.21
N LEU A 436 -0.46 14.03 7.30
CA LEU A 436 -0.27 15.45 6.94
C LEU A 436 -1.55 16.05 6.38
N LEU A 437 -2.27 15.33 5.55
CA LEU A 437 -3.56 15.76 5.06
C LEU A 437 -4.54 16.15 6.14
N GLY A 438 -4.48 15.44 7.25
CA GLY A 438 -5.32 15.76 8.41
C GLY A 438 -4.88 16.99 9.15
N LEU A 439 -3.63 17.42 8.99
CA LEU A 439 -3.20 18.71 9.57
C LEU A 439 -3.39 19.91 8.64
N LYS A 440 -3.40 19.65 7.34
CA LYS A 440 -3.71 20.64 6.34
C LYS A 440 -5.18 21.01 6.39
N LYS A 441 -6.07 20.03 6.59
CA LYS A 441 -7.55 20.22 6.71
C LYS A 441 -8.20 20.93 5.53
N THR B 6 8.42 1.70 -22.22
CA THR B 6 7.55 0.48 -22.14
C THR B 6 7.58 -0.23 -20.78
N ALA B 7 8.75 -0.38 -20.19
CA ALA B 7 8.87 -1.02 -18.86
C ALA B 7 8.18 -0.17 -17.79
N GLU B 8 7.42 -0.81 -16.90
CA GLU B 8 6.72 -0.05 -15.86
C GLU B 8 7.67 0.27 -14.72
N PRO B 9 7.54 1.43 -14.09
CA PRO B 9 8.39 1.78 -12.96
C PRO B 9 8.43 0.67 -11.88
N ASP B 10 9.61 0.42 -11.32
CA ASP B 10 9.74 -0.44 -10.14
C ASP B 10 9.39 0.40 -8.91
N LEU B 11 9.34 -0.24 -7.74
CA LEU B 11 8.84 0.43 -6.56
C LEU B 11 9.69 1.63 -6.16
N LYS B 12 11.00 1.51 -6.26
CA LYS B 12 11.89 2.62 -5.92
C LYS B 12 11.68 3.85 -6.82
N THR B 13 11.49 3.63 -8.13
CA THR B 13 11.16 4.68 -9.07
C THR B 13 9.80 5.31 -8.73
N ALA B 14 8.80 4.48 -8.45
CA ALA B 14 7.47 5.01 -8.13
C ALA B 14 7.49 5.81 -6.86
N LEU B 15 8.26 5.36 -5.86
CA LEU B 15 8.41 6.15 -4.63
C LEU B 15 9.09 7.47 -4.96
N LYS B 16 10.18 7.42 -5.71
CA LYS B 16 10.90 8.66 -5.97
C LYS B 16 10.01 9.71 -6.65
N ALA B 17 9.12 9.26 -7.56
CA ALA B 17 8.19 10.16 -8.23
C ALA B 17 7.21 10.87 -7.28
N VAL B 18 6.86 10.26 -6.14
CA VAL B 18 5.88 10.91 -5.25
C VAL B 18 6.53 11.62 -4.05
N ILE B 19 7.85 11.52 -3.88
CA ILE B 19 8.52 12.25 -2.83
C ILE B 19 8.34 13.79 -2.96
N PRO B 20 8.52 14.38 -4.16
CA PRO B 20 8.40 15.85 -4.19
C PRO B 20 7.04 16.36 -3.74
N ALA B 21 5.96 15.74 -4.15
CA ALA B 21 4.63 16.20 -3.67
C ALA B 21 4.48 16.09 -2.14
N LYS B 22 5.00 15.04 -1.53
CA LYS B 22 4.90 14.91 -0.08
C LYS B 22 5.75 15.95 0.62
N ARG B 23 6.93 16.26 0.08
CA ARG B 23 7.75 17.29 0.69
C ARG B 23 7.09 18.65 0.58
N GLU B 24 6.36 18.89 -0.51
CA GLU B 24 5.63 20.16 -0.69
C GLU B 24 4.47 20.25 0.31
N LEU B 25 3.68 19.18 0.44
CA LEU B 25 2.62 19.14 1.45
C LEU B 25 3.19 19.33 2.86
N PHE B 26 4.34 18.70 3.14
CA PHE B 26 4.99 18.88 4.45
C PHE B 26 5.38 20.33 4.67
N LYS B 27 5.90 20.99 3.64
CA LYS B 27 6.29 22.40 3.71
C LYS B 27 5.08 23.27 4.05
N GLN B 28 3.94 23.01 3.41
CA GLN B 28 2.72 23.77 3.71
C GLN B 28 2.29 23.55 5.16
N VAL B 29 2.32 22.29 5.64
CA VAL B 29 1.94 22.04 7.02
C VAL B 29 2.90 22.73 8.01
N LYS B 30 4.19 22.74 7.68
CA LYS B 30 5.19 23.34 8.52
C LYS B 30 4.99 24.86 8.67
N GLU B 31 4.43 25.52 7.67
CA GLU B 31 4.14 26.95 7.78
C GLU B 31 3.08 27.25 8.83
N ARG B 32 2.29 26.24 9.16
CA ARG B 32 1.25 26.35 10.18
C ARG B 32 1.71 25.77 11.49
N SER B 33 3.02 25.66 11.70
CA SER B 33 3.59 25.03 12.93
C SER B 33 3.03 25.57 14.22
N ASP B 34 2.78 26.88 14.25
CA ASP B 34 2.32 27.53 15.45
C ASP B 34 0.83 27.32 15.77
N GLU B 35 0.07 26.80 14.82
CA GLU B 35 -1.35 26.58 15.03
C GLU B 35 -1.64 25.53 16.08
N VAL B 36 -2.55 25.85 16.97
CA VAL B 36 -2.94 24.98 18.07
C VAL B 36 -4.01 24.01 17.61
N ILE B 37 -3.87 22.72 17.90
CA ILE B 37 -4.85 21.70 17.50
C ILE B 37 -5.47 20.90 18.65
N GLY B 38 -5.01 21.10 19.87
CA GLY B 38 -5.42 20.23 20.98
C GLY B 38 -5.00 20.82 22.30
N GLU B 39 -5.52 20.17 23.34
CA GLU B 39 -5.08 20.40 24.71
C GLU B 39 -4.41 19.16 25.30
N VAL B 40 -3.46 19.41 26.18
CA VAL B 40 -2.88 18.35 27.01
C VAL B 40 -3.47 18.52 28.39
N LYS B 41 -3.99 17.42 28.91
CA LYS B 41 -4.52 17.34 30.27
C LYS B 41 -3.69 16.37 31.12
N VAL B 42 -3.80 16.50 32.44
CA VAL B 42 -3.23 15.57 33.39
C VAL B 42 -3.55 14.14 32.96
N ALA B 43 -4.83 13.88 32.57
CA ALA B 43 -5.26 12.52 32.10
C ALA B 43 -4.33 11.92 31.03
N ASN B 44 -3.89 12.76 30.10
CA ASN B 44 -3.05 12.34 29.03
C ASN B 44 -1.65 11.95 29.52
N VAL B 45 -1.13 12.64 30.54
CA VAL B 45 0.20 12.35 31.02
C VAL B 45 0.21 11.04 31.81
N ILE B 46 -0.76 10.87 32.68
CA ILE B 46 -0.82 9.64 33.49
C ILE B 46 -1.43 8.47 32.76
N GLY B 47 -2.14 8.74 31.66
CA GLY B 47 -2.89 7.73 30.89
C GLY B 47 -2.23 7.29 29.61
N GLY B 48 -0.88 7.27 29.56
CA GLY B 48 -0.15 6.76 28.39
C GLY B 48 -0.44 7.52 27.10
N MET B 49 -0.63 8.84 27.19
CA MET B 49 -0.94 9.67 26.06
C MET B 49 -2.23 9.31 25.32
N ARG B 50 -3.12 8.56 25.93
CA ARG B 50 -4.35 8.14 25.28
C ARG B 50 -5.12 9.40 24.79
N GLY B 51 -5.52 9.34 23.52
CA GLY B 51 -6.22 10.41 22.86
C GLY B 51 -5.39 11.61 22.49
N LEU B 52 -4.09 11.63 22.77
CA LEU B 52 -3.28 12.78 22.46
C LEU B 52 -2.73 12.62 21.04
N LYS B 53 -3.20 13.46 20.15
CA LYS B 53 -2.89 13.47 18.76
C LYS B 53 -1.55 14.14 18.59
N SER B 54 -0.49 13.35 18.51
CA SER B 54 0.88 13.89 18.71
C SER B 54 2.00 13.26 17.86
N MET B 55 1.66 12.47 16.87
CA MET B 55 2.63 11.93 15.95
C MET B 55 2.02 11.79 14.56
N LEU B 56 2.93 11.73 13.58
CA LEU B 56 2.63 11.65 12.19
C LEU B 56 2.59 10.22 11.75
N TRP B 57 1.57 9.84 10.94
CA TRP B 57 1.55 8.55 10.33
C TRP B 57 0.76 8.70 9.05
N GLU B 58 1.40 8.37 7.91
CA GLU B 58 0.87 8.73 6.61
C GLU B 58 -0.12 7.78 5.99
N GLY B 59 0.17 6.51 6.13
CA GLY B 59 -0.45 5.52 5.29
C GLY B 59 -1.81 5.02 5.69
N SER B 60 -2.21 5.22 6.97
CA SER B 60 -3.45 4.66 7.44
C SER B 60 -4.05 5.57 8.49
N VAL B 61 -5.37 5.70 8.44
CA VAL B 61 -6.16 6.53 9.34
C VAL B 61 -7.42 5.76 9.65
N LEU B 62 -7.76 5.70 10.93
CA LEU B 62 -8.93 4.99 11.39
C LEU B 62 -10.16 5.84 11.25
N ASP B 63 -11.11 5.38 10.46
CA ASP B 63 -12.41 6.00 10.31
C ASP B 63 -13.35 5.34 11.33
N PRO B 64 -13.92 6.15 12.23
CA PRO B 64 -14.82 5.59 13.26
C PRO B 64 -16.01 4.81 12.73
N GLU B 65 -16.45 5.03 11.47
CA GLU B 65 -17.56 4.27 10.90
C GLU B 65 -17.03 3.08 10.05
N GLU B 66 -16.11 3.34 9.15
CA GLU B 66 -15.73 2.38 8.14
C GLU B 66 -14.44 1.62 8.47
N GLY B 67 -13.83 1.92 9.61
CA GLY B 67 -12.58 1.32 10.05
C GLY B 67 -11.34 1.85 9.37
N ILE B 68 -10.29 1.09 9.38
CA ILE B 68 -9.01 1.52 8.92
C ILE B 68 -9.08 1.79 7.40
N ARG B 69 -8.57 2.95 7.00
CA ARG B 69 -8.47 3.30 5.61
C ARG B 69 -6.99 3.52 5.25
N PHE B 70 -6.61 3.03 4.07
CA PHE B 70 -5.26 3.17 3.57
C PHE B 70 -5.28 4.15 2.39
N HIS B 71 -4.70 5.33 2.61
CA HIS B 71 -4.82 6.43 1.68
C HIS B 71 -6.26 6.66 1.25
N GLY B 72 -7.15 6.67 2.21
CA GLY B 72 -8.60 6.89 1.92
C GLY B 72 -9.36 5.65 1.48
N LYS B 73 -8.67 4.54 1.18
CA LYS B 73 -9.37 3.35 0.72
C LYS B 73 -9.79 2.41 1.83
N THR B 74 -11.01 1.93 1.79
CA THR B 74 -11.49 0.94 2.75
C THR B 74 -10.88 -0.42 2.42
N ILE B 75 -11.00 -1.33 3.36
CA ILE B 75 -10.65 -2.72 3.13
C ILE B 75 -11.32 -3.28 1.86
N LYS B 76 -12.61 -3.05 1.72
CA LYS B 76 -13.34 -3.48 0.52
C LYS B 76 -12.78 -2.89 -0.76
N ASP B 77 -12.43 -1.60 -0.76
CA ASP B 77 -11.79 -0.97 -1.93
C ASP B 77 -10.46 -1.68 -2.25
N CYS B 78 -9.67 -1.98 -1.21
CA CYS B 78 -8.41 -2.67 -1.42
C CYS B 78 -8.61 -4.08 -1.99
N GLN B 79 -9.59 -4.80 -1.49
CA GLN B 79 -9.87 -6.13 -1.99
C GLN B 79 -10.29 -6.12 -3.46
N LYS B 80 -11.02 -5.10 -3.87
CA LYS B 80 -11.38 -4.97 -5.26
C LYS B 80 -10.18 -4.52 -6.14
N GLU B 81 -9.45 -3.51 -5.70
CA GLU B 81 -8.38 -2.88 -6.50
C GLU B 81 -6.99 -3.53 -6.51
N LEU B 82 -6.55 -4.12 -5.41
CA LEU B 82 -5.19 -4.66 -5.35
C LEU B 82 -5.04 -5.94 -6.13
N PRO B 83 -3.91 -6.07 -6.84
CA PRO B 83 -3.56 -7.32 -7.56
C PRO B 83 -3.52 -8.54 -6.67
N LYS B 84 -3.87 -9.67 -7.24
CA LYS B 84 -3.89 -10.94 -6.54
C LYS B 84 -2.72 -11.77 -6.98
N GLY B 85 -2.56 -12.95 -6.39
CA GLY B 85 -1.54 -13.91 -6.83
C GLY B 85 -1.96 -14.51 -8.21
N THR B 86 -1.12 -15.33 -8.80
CA THR B 86 -1.40 -16.00 -10.07
C THR B 86 -2.51 -17.04 -9.92
N SER B 87 -2.59 -17.63 -8.73
CA SER B 87 -3.75 -18.37 -8.22
C SER B 87 -4.31 -17.65 -7.01
N GLY B 88 -5.56 -17.92 -6.71
CA GLY B 88 -6.19 -17.38 -5.54
C GLY B 88 -7.03 -16.17 -5.73
N THR B 89 -7.85 -15.90 -4.72
CA THR B 89 -8.81 -14.83 -4.70
C THR B 89 -8.38 -13.64 -3.85
N GLU B 90 -7.27 -13.68 -3.13
CA GLU B 90 -7.04 -12.61 -2.12
C GLU B 90 -5.93 -11.66 -2.53
N MET B 91 -6.13 -10.40 -2.15
CA MET B 91 -5.15 -9.35 -2.33
C MET B 91 -3.78 -9.70 -1.73
N LEU B 92 -2.73 -9.24 -2.39
CA LEU B 92 -1.36 -9.50 -1.97
C LEU B 92 -0.82 -8.48 -1.01
N PRO B 93 -0.17 -8.92 0.05
CA PRO B 93 0.47 -8.01 0.98
C PRO B 93 1.52 -7.13 0.30
N GLU B 94 2.22 -7.65 -0.72
CA GLU B 94 3.17 -6.82 -1.46
C GLU B 94 2.47 -5.69 -2.19
N ALA B 95 1.28 -5.91 -2.69
CA ALA B 95 0.48 -4.86 -3.28
C ALA B 95 0.03 -3.82 -2.25
N MET B 96 -0.36 -4.29 -1.10
CA MET B 96 -0.68 -3.38 0.04
C MET B 96 0.52 -2.54 0.43
N PHE B 97 1.72 -3.15 0.45
CA PHE B 97 2.94 -2.38 0.74
C PHE B 97 3.15 -1.26 -0.32
N TRP B 98 2.97 -1.62 -1.60
CA TRP B 98 3.07 -0.66 -2.69
C TRP B 98 2.13 0.53 -2.44
N LEU B 99 0.87 0.23 -2.16
CA LEU B 99 -0.13 1.26 -1.86
C LEU B 99 0.22 2.10 -0.67
N LEU B 100 0.57 1.47 0.44
CA LEU B 100 0.97 2.23 1.65
C LEU B 100 2.09 3.21 1.34
N LEU B 101 3.08 2.76 0.57
CA LEU B 101 4.29 3.52 0.35
C LEU B 101 4.08 4.66 -0.61
N THR B 102 3.43 4.37 -1.74
CA THR B 102 3.32 5.34 -2.80
C THR B 102 2.01 6.10 -2.86
N GLY B 103 1.00 5.62 -2.16
CA GLY B 103 -0.35 6.21 -2.27
C GLY B 103 -1.09 5.72 -3.53
N GLN B 104 -0.50 4.79 -4.29
CA GLN B 104 -1.03 4.37 -5.60
C GLN B 104 -1.21 2.87 -5.67
N VAL B 105 -2.20 2.43 -6.44
CA VAL B 105 -2.45 1.03 -6.68
C VAL B 105 -1.49 0.56 -7.79
N PRO B 106 -0.67 -0.45 -7.52
CA PRO B 106 0.22 -0.96 -8.56
C PRO B 106 -0.53 -1.77 -9.62
N SER B 107 0.07 -1.89 -10.82
CA SER B 107 -0.42 -2.85 -11.82
C SER B 107 -0.03 -4.24 -11.39
N THR B 108 -0.72 -5.24 -11.91
CA THR B 108 -0.37 -6.63 -11.63
C THR B 108 1.09 -6.90 -11.97
N ASN B 109 1.54 -6.37 -13.11
CA ASN B 109 2.93 -6.57 -13.53
C ASN B 109 3.93 -5.95 -12.59
N GLN B 110 3.63 -4.78 -12.04
CA GLN B 110 4.53 -4.16 -11.01
C GLN B 110 4.65 -5.02 -9.76
N VAL B 111 3.52 -5.58 -9.33
CA VAL B 111 3.47 -6.50 -8.19
C VAL B 111 4.30 -7.75 -8.48
N ARG B 112 4.15 -8.32 -9.65
CA ARG B 112 4.93 -9.53 -10.02
C ARG B 112 6.42 -9.27 -9.97
N ALA B 113 6.85 -8.11 -10.45
CA ALA B 113 8.27 -7.75 -10.41
C ALA B 113 8.71 -7.51 -9.00
N PHE B 114 7.88 -6.89 -8.16
CA PHE B 114 8.25 -6.72 -6.75
C PHE B 114 8.32 -8.07 -6.00
N SER B 115 7.38 -8.96 -6.23
CA SER B 115 7.44 -10.31 -5.65
C SER B 115 8.76 -11.04 -6.00
N ARG B 116 9.20 -10.89 -7.24
CA ARG B 116 10.46 -11.51 -7.70
C ARG B 116 11.64 -10.90 -6.89
N GLU B 117 11.61 -9.58 -6.67
CA GLU B 117 12.65 -8.97 -5.83
C GLU B 117 12.64 -9.51 -4.42
N LEU B 118 11.45 -9.70 -3.86
CA LEU B 118 11.37 -10.19 -2.51
C LEU B 118 11.91 -11.61 -2.41
N ALA B 119 11.58 -12.46 -3.40
CA ALA B 119 12.10 -13.79 -3.38
C ALA B 119 13.63 -13.87 -3.45
N GLU B 120 14.17 -13.05 -4.32
CA GLU B 120 15.63 -13.03 -4.58
C GLU B 120 16.43 -12.47 -3.41
N GLN B 121 15.83 -11.63 -2.58
CA GLN B 121 16.58 -10.99 -1.47
C GLN B 121 16.37 -11.69 -0.13
N SER B 122 15.75 -12.87 -0.17
CA SER B 122 15.35 -13.57 1.03
C SER B 122 16.42 -14.28 1.79
N HIS B 123 17.63 -14.43 1.25
CA HIS B 123 18.62 -15.28 1.88
C HIS B 123 19.26 -14.63 3.08
N LEU B 124 19.74 -15.47 4.00
CA LEU B 124 20.37 -14.98 5.22
C LEU B 124 21.84 -15.26 5.28
N PRO B 125 22.62 -14.35 5.80
CA PRO B 125 24.02 -14.59 6.08
C PRO B 125 24.23 -15.71 7.07
N GLN B 126 25.36 -16.38 6.97
CA GLN B 126 25.64 -17.51 7.84
C GLN B 126 25.59 -17.17 9.31
N HIS B 127 26.02 -15.99 9.71
CA HIS B 127 26.03 -15.66 11.14
C HIS B 127 24.60 -15.58 11.70
N ILE B 128 23.61 -15.26 10.88
CA ILE B 128 22.23 -15.27 11.34
C ILE B 128 21.76 -16.67 11.60
N LEU B 129 22.14 -17.62 10.73
CA LEU B 129 21.80 -19.02 10.95
C LEU B 129 22.45 -19.55 12.23
N ASP B 130 23.72 -19.21 12.44
CA ASP B 130 24.42 -19.59 13.66
C ASP B 130 23.79 -18.94 14.90
N LEU B 131 23.37 -17.71 14.79
CA LEU B 131 22.75 -17.00 15.91
C LEU B 131 21.49 -17.75 16.31
N ILE B 132 20.66 -18.07 15.32
CA ILE B 132 19.41 -18.75 15.57
C ILE B 132 19.61 -20.10 16.21
N LYS B 133 20.65 -20.83 15.78
CA LYS B 133 20.97 -22.12 16.36
C LYS B 133 21.44 -22.07 17.79
N SER B 134 21.94 -20.92 18.23
CA SER B 134 22.32 -20.75 19.64
C SER B 134 21.09 -20.57 20.59
N PHE B 135 19.92 -20.21 20.06
CA PHE B 135 18.76 -19.99 20.93
C PHE B 135 18.28 -21.26 21.62
N PRO B 136 18.02 -21.23 22.94
CA PRO B 136 17.48 -22.46 23.54
C PRO B 136 16.09 -22.70 22.98
N ARG B 137 15.70 -23.96 22.95
CA ARG B 137 14.42 -24.37 22.40
C ARG B 137 13.23 -23.70 23.06
N SER B 138 13.34 -23.49 24.36
CA SER B 138 12.34 -22.80 25.13
C SER B 138 12.42 -21.27 25.07
N MET B 139 13.36 -20.64 24.36
CA MET B 139 13.32 -19.16 24.22
C MET B 139 11.99 -18.76 23.54
N HIS B 140 11.32 -17.76 24.05
CA HIS B 140 10.06 -17.34 23.52
C HIS B 140 10.19 -16.94 22.03
N PRO B 141 9.24 -17.40 21.17
CA PRO B 141 9.38 -17.15 19.75
C PRO B 141 9.53 -15.69 19.32
N MET B 142 8.83 -14.78 19.98
CA MET B 142 8.97 -13.35 19.72
C MET B 142 10.30 -12.79 20.19
N THR B 143 10.92 -13.35 21.20
CA THR B 143 12.25 -12.93 21.58
C THR B 143 13.22 -13.35 20.45
N GLN B 144 13.04 -14.57 19.93
CA GLN B 144 13.88 -15.07 18.86
C GLN B 144 13.77 -14.17 17.64
N LEU B 145 12.53 -13.84 17.27
CA LEU B 145 12.28 -13.05 16.08
C LEU B 145 12.86 -11.64 16.23
N SER B 146 12.67 -11.00 17.37
CA SER B 146 13.23 -9.67 17.59
C SER B 146 14.73 -9.63 17.45
N ILE B 147 15.39 -10.59 18.08
CA ILE B 147 16.83 -10.67 18.08
C ILE B 147 17.39 -10.91 16.70
N ALA B 148 16.83 -11.87 15.98
CA ALA B 148 17.30 -12.15 14.66
C ALA B 148 17.17 -10.97 13.74
N VAL B 149 16.06 -10.23 13.84
CA VAL B 149 15.86 -9.07 12.99
C VAL B 149 16.92 -8.00 13.35
N ALA B 150 17.18 -7.78 14.63
CA ALA B 150 18.21 -6.82 15.02
C ALA B 150 19.57 -7.23 14.49
N ALA B 151 19.86 -8.52 14.54
CA ALA B 151 21.18 -9.01 14.11
C ALA B 151 21.44 -8.78 12.64
N LEU B 152 20.37 -8.70 11.83
CA LEU B 152 20.51 -8.36 10.41
C LEU B 152 20.97 -6.94 10.14
N ASN B 153 21.08 -6.12 11.16
CA ASN B 153 21.71 -4.79 11.02
C ASN B 153 23.17 -4.82 10.54
N THR B 154 23.85 -5.96 10.63
CA THR B 154 25.14 -6.14 9.97
C THR B 154 25.05 -5.89 8.46
N GLU B 155 23.86 -6.12 7.89
CA GLU B 155 23.60 -5.93 6.47
C GLU B 155 22.99 -4.58 6.15
N SER B 156 23.01 -3.62 7.10
CA SER B 156 22.28 -2.38 6.88
C SER B 156 23.06 -1.47 5.92
N LYS B 157 22.42 -1.12 4.82
CA LYS B 157 22.95 -0.06 3.99
C LYS B 157 22.85 1.33 4.60
N PHE B 158 21.79 1.59 5.37
CA PHE B 158 21.67 2.86 5.97
C PHE B 158 22.77 3.12 6.98
N ALA B 159 23.01 2.15 7.86
CA ALA B 159 24.03 2.34 8.91
C ALA B 159 25.37 2.65 8.27
N LYS B 160 25.73 1.91 7.24
CA LYS B 160 27.01 2.11 6.58
C LYS B 160 27.06 3.42 5.80
N ALA B 161 25.99 3.76 5.10
CA ALA B 161 25.97 5.03 4.35
C ALA B 161 26.01 6.22 5.29
N TYR B 162 25.28 6.17 6.41
CA TYR B 162 25.31 7.27 7.38
C TYR B 162 26.69 7.49 7.95
N GLU B 163 27.38 6.41 8.26
CA GLU B 163 28.72 6.48 8.84
C GLU B 163 29.70 7.12 7.83
N LYS B 164 29.56 6.74 6.56
CA LYS B 164 30.41 7.25 5.48
C LYS B 164 30.16 8.71 5.18
N GLY B 165 28.93 9.14 5.36
CA GLY B 165 28.52 10.51 5.08
C GLY B 165 27.52 10.42 3.93
N LEU B 166 26.36 10.95 4.16
CA LEU B 166 25.25 10.84 3.24
C LEU B 166 24.43 12.09 3.46
N SER B 167 23.95 12.71 2.37
CA SER B 167 23.09 13.91 2.51
C SER B 167 21.77 13.54 3.17
N LYS B 168 21.24 14.43 4.01
CA LYS B 168 19.92 14.31 4.58
C LYS B 168 18.84 14.00 3.54
N ALA B 169 18.90 14.69 2.42
CA ALA B 169 17.94 14.53 1.34
C ALA B 169 17.93 13.12 0.75
N ASP B 170 19.03 12.40 0.93
CA ASP B 170 19.19 11.02 0.44
C ASP B 170 18.96 9.93 1.51
N TYR B 171 18.69 10.28 2.77
CA TYR B 171 18.50 9.26 3.81
C TYR B 171 17.45 8.24 3.44
N TRP B 172 16.42 8.63 2.71
CA TRP B 172 15.39 7.69 2.32
C TRP B 172 15.85 6.49 1.46
N GLU B 173 16.88 6.65 0.62
CA GLU B 173 17.25 5.57 -0.33
C GLU B 173 17.77 4.32 0.35
N PRO B 174 18.83 4.45 1.22
CA PRO B 174 19.32 3.33 1.96
C PRO B 174 18.22 2.79 2.93
N THR B 175 17.37 3.68 3.45
CA THR B 175 16.28 3.24 4.30
C THR B 175 15.32 2.35 3.54
N PHE B 176 15.00 2.75 2.32
CA PHE B 176 14.16 1.96 1.47
C PHE B 176 14.83 0.62 1.16
N ASP B 177 16.13 0.66 0.79
CA ASP B 177 16.82 -0.61 0.44
C ASP B 177 16.83 -1.56 1.63
N ASP B 178 17.13 -1.06 2.82
CA ASP B 178 17.07 -1.88 4.03
C ASP B 178 15.67 -2.40 4.34
N SER B 179 14.63 -1.61 4.12
CA SER B 179 13.29 -2.04 4.35
C SER B 179 12.89 -3.21 3.43
N ILE B 180 13.26 -3.13 2.15
CA ILE B 180 12.94 -4.20 1.23
C ILE B 180 13.71 -5.46 1.62
N SER B 181 14.95 -5.27 2.03
CA SER B 181 15.79 -6.35 2.47
C SER B 181 15.18 -7.05 3.68
N LEU B 182 14.71 -6.27 4.63
CA LEU B 182 14.09 -6.81 5.81
C LEU B 182 12.81 -7.54 5.46
N LEU B 183 11.97 -6.95 4.62
CA LEU B 183 10.77 -7.61 4.19
C LEU B 183 11.01 -8.94 3.51
N ALA B 184 12.02 -8.99 2.64
CA ALA B 184 12.35 -10.24 1.97
C ALA B 184 12.77 -11.34 2.89
N LYS B 185 13.51 -10.95 3.93
CA LYS B 185 14.13 -11.88 4.87
C LYS B 185 13.26 -12.34 6.02
N ILE B 186 12.34 -11.48 6.47
CA ILE B 186 11.63 -11.78 7.67
C ILE B 186 10.75 -13.03 7.66
N PRO B 187 10.14 -13.41 6.53
CA PRO B 187 9.42 -14.66 6.53
C PRO B 187 10.31 -15.86 6.73
N ARG B 188 11.50 -15.81 6.18
CA ARG B 188 12.44 -16.90 6.38
C ARG B 188 12.89 -16.95 7.86
N VAL B 189 13.16 -15.80 8.49
CA VAL B 189 13.49 -15.78 9.93
C VAL B 189 12.34 -16.36 10.74
N ALA B 190 11.12 -15.94 10.44
CA ALA B 190 9.96 -16.47 11.14
C ALA B 190 9.82 -17.98 11.00
N ALA B 191 10.10 -18.48 9.80
CA ALA B 191 10.01 -19.93 9.58
C ALA B 191 11.09 -20.69 10.35
N LEU B 192 12.27 -20.09 10.50
CA LEU B 192 13.30 -20.69 11.33
C LEU B 192 12.92 -20.74 12.82
N VAL B 193 12.20 -19.72 13.30
CA VAL B 193 11.64 -19.72 14.63
C VAL B 193 10.63 -20.88 14.76
N PHE B 194 9.79 -21.08 13.74
N PHE B 194 9.79 -21.07 13.74
CA PHE B 194 8.77 -22.10 13.74
CA PHE B 194 8.78 -22.11 13.73
C PHE B 194 9.38 -23.50 13.64
C PHE B 194 9.38 -23.51 13.64
N ARG B 195 10.53 -23.64 12.97
CA ARG B 195 11.12 -24.97 12.72
C ARG B 195 12.57 -25.06 13.11
N PRO B 196 12.82 -25.04 14.43
CA PRO B 196 14.19 -24.93 14.95
C PRO B 196 15.10 -26.08 14.61
N ASP B 197 14.54 -27.22 14.27
CA ASP B 197 15.36 -28.38 13.88
C ASP B 197 15.78 -28.41 12.41
N GLU B 198 15.36 -27.41 11.63
CA GLU B 198 15.60 -27.39 10.19
C GLU B 198 16.24 -26.09 9.74
N VAL B 199 17.07 -25.52 10.59
CA VAL B 199 17.77 -24.32 10.31
C VAL B 199 18.58 -24.38 9.03
N ASP B 200 19.35 -25.44 8.87
CA ASP B 200 20.23 -25.53 7.68
C ASP B 200 19.43 -25.58 6.37
N GLN B 201 18.36 -26.36 6.36
CA GLN B 201 17.56 -26.54 5.16
C GLN B 201 16.65 -25.31 4.86
N VAL B 202 15.78 -24.94 5.80
CA VAL B 202 14.84 -23.80 5.60
C VAL B 202 15.64 -22.52 5.48
N GLY B 203 16.77 -22.46 6.17
CA GLY B 203 17.59 -21.26 6.17
C GLY B 203 18.27 -20.98 4.85
N THR B 204 18.45 -21.96 4.00
CA THR B 204 19.13 -21.79 2.72
C THR B 204 18.26 -22.12 1.51
N GLN B 205 17.07 -22.66 1.71
CA GLN B 205 16.25 -23.11 0.57
C GLN B 205 15.92 -21.95 -0.39
N ALA B 206 16.10 -22.14 -1.68
CA ALA B 206 15.81 -21.10 -2.69
C ALA B 206 14.31 -20.93 -2.87
N LEU B 207 13.81 -19.71 -2.98
CA LEU B 207 12.40 -19.46 -3.14
C LEU B 207 12.04 -19.36 -4.63
N ASP B 208 10.80 -19.72 -4.94
CA ASP B 208 10.30 -19.64 -6.29
C ASP B 208 10.07 -18.18 -6.63
N ALA B 209 10.87 -17.63 -7.53
CA ALA B 209 10.80 -16.21 -7.85
C ALA B 209 9.58 -15.80 -8.62
N SER B 210 8.79 -16.76 -9.11
CA SER B 210 7.53 -16.42 -9.79
C SER B 210 6.35 -16.42 -8.84
N GLN B 211 6.55 -16.78 -7.58
CA GLN B 211 5.45 -16.83 -6.63
C GLN B 211 5.51 -15.66 -5.72
N ASP B 212 4.42 -15.41 -5.04
CA ASP B 212 4.25 -14.25 -4.18
C ASP B 212 4.83 -14.46 -2.78
N TRP B 213 4.99 -13.36 -2.06
CA TRP B 213 5.66 -13.36 -0.73
C TRP B 213 4.97 -14.35 0.28
N SER B 214 3.65 -14.35 0.31
CA SER B 214 2.92 -15.18 1.21
C SER B 214 3.04 -16.68 0.83
N TYR B 215 2.97 -16.98 -0.45
CA TYR B 215 3.13 -18.33 -0.92
C TYR B 215 4.48 -18.87 -0.48
N ASN B 216 5.51 -18.07 -0.66
CA ASN B 216 6.85 -18.51 -0.32
C ASN B 216 7.05 -18.63 1.20
N PHE B 217 6.42 -17.75 1.96
CA PHE B 217 6.37 -17.91 3.41
C PHE B 217 5.69 -19.23 3.79
N ALA B 218 4.57 -19.55 3.19
CA ALA B 218 3.89 -20.83 3.45
C ALA B 218 4.77 -22.03 3.14
N GLU B 219 5.48 -21.95 2.02
CA GLU B 219 6.44 -22.97 1.64
C GLU B 219 7.53 -23.15 2.71
N LEU B 220 8.09 -22.07 3.21
CA LEU B 220 9.08 -22.15 4.27
C LEU B 220 8.50 -22.69 5.59
N LEU B 221 7.19 -22.48 5.82
CA LEU B 221 6.51 -23.04 6.96
C LEU B 221 6.18 -24.52 6.81
N GLY B 222 6.40 -25.13 5.65
CA GLY B 222 6.04 -26.52 5.39
C GLY B 222 4.61 -26.66 4.90
N LYS B 223 4.02 -25.59 4.39
CA LYS B 223 2.66 -25.62 3.86
C LYS B 223 2.58 -25.12 2.42
N GLY B 224 3.51 -25.55 1.61
CA GLY B 224 3.56 -25.20 0.20
C GLY B 224 2.75 -26.12 -0.66
N GLY B 225 2.71 -25.82 -1.97
CA GLY B 225 2.12 -26.77 -2.94
C GLY B 225 0.61 -26.54 -3.11
N LYS B 226 0.06 -27.18 -4.11
CA LYS B 226 -1.33 -27.00 -4.48
C LYS B 226 -2.35 -27.43 -3.48
N GLU B 227 -2.04 -28.42 -2.67
CA GLU B 227 -2.94 -28.87 -1.60
C GLU B 227 -3.21 -27.79 -0.53
N ASN B 228 -2.31 -26.78 -0.42
CA ASN B 228 -2.47 -25.76 0.61
C ASN B 228 -2.91 -24.43 0.03
N GLN B 229 -3.52 -24.45 -1.16
CA GLN B 229 -3.86 -23.20 -1.82
C GLN B 229 -4.84 -22.32 -1.02
N ASP B 230 -5.76 -22.93 -0.29
CA ASP B 230 -6.68 -22.14 0.50
C ASP B 230 -5.92 -21.44 1.64
N PHE B 231 -5.01 -22.16 2.28
CA PHE B 231 -4.17 -21.53 3.28
C PHE B 231 -3.34 -20.36 2.73
N HIS B 232 -2.87 -20.50 1.50
CA HIS B 232 -2.13 -19.40 0.85
C HIS B 232 -2.95 -18.15 0.76
N ASP B 233 -4.21 -18.30 0.40
CA ASP B 233 -5.11 -17.16 0.32
C ASP B 233 -5.41 -16.54 1.69
N LEU B 234 -5.60 -17.40 2.71
CA LEU B 234 -5.77 -16.91 4.05
C LEU B 234 -4.55 -16.11 4.47
N LEU B 235 -3.37 -16.64 4.23
CA LEU B 235 -2.16 -15.99 4.67
C LEU B 235 -1.94 -14.67 3.95
N ARG B 236 -2.25 -14.64 2.65
CA ARG B 236 -2.16 -13.40 1.92
C ARG B 236 -3.04 -12.33 2.54
N LEU B 237 -4.29 -12.70 2.83
CA LEU B 237 -5.24 -11.77 3.36
C LEU B 237 -4.85 -11.33 4.74
N TYR B 238 -4.49 -12.29 5.57
CA TYR B 238 -4.05 -11.98 6.91
C TYR B 238 -2.89 -10.97 6.92
N LEU B 239 -1.88 -11.23 6.11
CA LEU B 239 -0.69 -10.41 6.11
C LEU B 239 -1.03 -9.02 5.55
N ALA B 240 -1.90 -8.93 4.54
CA ALA B 240 -2.32 -7.64 4.00
C ALA B 240 -3.14 -6.86 5.01
N LEU B 241 -4.05 -7.53 5.71
CA LEU B 241 -4.93 -6.84 6.61
C LEU B 241 -4.25 -6.29 7.84
N HIS B 242 -3.19 -6.93 8.31
CA HIS B 242 -2.57 -6.54 9.56
C HIS B 242 -1.37 -5.66 9.36
N GLY B 243 -1.08 -5.26 8.12
CA GLY B 243 0.12 -4.54 7.78
C GLY B 243 0.31 -3.21 8.45
N ASP B 244 -0.78 -2.47 8.64
CA ASP B 244 -0.70 -1.15 9.22
C ASP B 244 -2.04 -0.79 9.89
N HIS B 245 -1.93 -0.10 11.00
CA HIS B 245 -3.11 0.40 11.71
C HIS B 245 -2.79 1.62 12.55
N GLU B 246 -2.46 2.72 11.85
CA GLU B 246 -2.05 3.98 12.46
C GLU B 246 -0.75 3.82 13.22
N GLY B 247 -0.28 4.90 13.82
CA GLY B 247 1.04 4.94 14.41
C GLY B 247 1.06 4.71 15.91
N GLY B 248 -0.10 4.72 16.54
CA GLY B 248 -0.20 4.69 17.97
C GLY B 248 0.08 3.38 18.68
N ASN B 249 -0.18 2.27 18.00
CA ASN B 249 0.02 0.96 18.59
C ASN B 249 1.53 0.79 18.86
N VAL B 250 1.88 -0.06 19.83
CA VAL B 250 3.24 -0.11 20.32
C VAL B 250 4.26 -0.55 19.23
N SER B 251 3.92 -1.49 18.37
CA SER B 251 4.90 -1.95 17.38
C SER B 251 5.24 -0.84 16.36
N ALA B 252 4.22 -0.12 15.89
CA ALA B 252 4.42 0.97 14.97
C ALA B 252 5.19 2.10 15.64
N HIS B 253 4.78 2.45 16.82
CA HIS B 253 5.34 3.59 17.52
C HIS B 253 6.79 3.32 17.92
N ALA B 254 7.05 2.14 18.46
CA ALA B 254 8.45 1.82 18.89
C ALA B 254 9.40 1.83 17.68
N THR B 255 8.92 1.35 16.54
CA THR B 255 9.68 1.41 15.28
C THR B 255 10.03 2.84 14.89
N HIS B 256 9.03 3.68 14.90
CA HIS B 256 9.23 5.10 14.63
C HIS B 256 10.16 5.78 15.61
N LEU B 257 10.00 5.49 16.90
CA LEU B 257 10.79 6.10 17.96
C LEU B 257 12.26 5.77 17.80
N VAL B 258 12.55 4.48 17.70
CA VAL B 258 13.96 4.06 17.54
C VAL B 258 14.52 4.53 16.21
N GLY B 259 13.71 4.42 15.16
CA GLY B 259 14.05 4.98 13.85
C GLY B 259 14.41 6.45 13.87
N SER B 260 13.77 7.22 14.75
CA SER B 260 13.92 8.65 14.76
C SER B 260 15.29 9.08 15.30
N ALA B 261 15.97 8.20 16.02
CA ALA B 261 17.36 8.44 16.42
C ALA B 261 18.37 8.03 15.33
N LEU B 262 17.85 7.61 14.18
CA LEU B 262 18.59 7.21 12.95
C LEU B 262 19.22 5.83 13.08
N SER B 263 18.67 5.03 13.96
CA SER B 263 18.92 3.59 13.94
C SER B 263 18.23 3.09 12.64
N ASP B 264 18.84 2.09 12.01
CA ASP B 264 18.41 1.65 10.71
C ASP B 264 17.14 0.84 10.83
N PRO B 265 16.52 0.43 9.74
CA PRO B 265 15.28 -0.31 9.85
C PRO B 265 15.33 -1.66 10.57
N PHE B 266 16.48 -2.32 10.54
CA PHE B 266 16.60 -3.60 11.26
C PHE B 266 16.52 -3.39 12.75
N LEU B 267 17.30 -2.46 13.29
CA LEU B 267 17.20 -2.16 14.70
C LEU B 267 15.84 -1.57 15.06
N SER B 268 15.26 -0.77 14.18
CA SER B 268 14.01 -0.08 14.51
C SER B 268 12.83 -1.07 14.54
N TYR B 269 12.74 -1.96 13.56
CA TYR B 269 11.66 -2.91 13.62
C TYR B 269 11.89 -3.99 14.69
N SER B 270 13.13 -4.26 15.03
CA SER B 270 13.41 -5.12 16.18
C SER B 270 12.73 -4.54 17.43
N ALA B 271 12.87 -3.23 17.63
CA ALA B 271 12.22 -2.59 18.76
C ALA B 271 10.70 -2.72 18.68
N GLY B 272 10.16 -2.54 17.49
CA GLY B 272 8.77 -2.82 17.23
C GLY B 272 8.30 -4.20 17.65
N LEU B 273 9.11 -5.21 17.33
CA LEU B 273 8.84 -6.56 17.70
C LEU B 273 8.94 -6.82 19.19
N LEU B 274 9.87 -6.15 19.86
CA LEU B 274 9.97 -6.21 21.32
C LEU B 274 8.68 -5.65 21.97
N GLY B 275 8.11 -4.62 21.38
CA GLY B 275 6.85 -4.09 21.83
C GLY B 275 5.70 -5.04 21.50
N LEU B 276 5.75 -5.62 20.32
CA LEU B 276 4.76 -6.64 19.94
C LEU B 276 4.79 -7.85 20.84
N ALA B 277 5.94 -8.17 21.42
CA ALA B 277 6.09 -9.25 22.37
C ALA B 277 5.32 -9.01 23.67
N GLY B 278 4.93 -7.77 23.95
CA GLY B 278 4.20 -7.45 25.18
C GLY B 278 2.88 -8.19 25.21
N PRO B 279 2.64 -8.96 26.29
CA PRO B 279 1.47 -9.78 26.45
C PRO B 279 0.18 -9.03 26.54
N LEU B 280 0.22 -7.74 26.88
CA LEU B 280 -1.02 -7.06 27.27
C LEU B 280 -2.03 -7.03 26.13
N HIS B 281 -1.60 -6.72 24.92
CA HIS B 281 -2.56 -6.75 23.80
C HIS B 281 -2.20 -7.69 22.68
N ALA B 282 -1.00 -8.28 22.72
CA ALA B 282 -0.51 -9.15 21.63
C ALA B 282 -1.16 -10.54 21.59
N LEU B 283 -1.77 -10.97 22.69
CA LEU B 283 -2.37 -12.29 22.82
C LEU B 283 -3.86 -12.38 22.57
N ALA B 284 -4.46 -11.31 22.05
CA ALA B 284 -5.88 -11.31 21.82
C ALA B 284 -6.33 -12.45 20.89
N ALA B 285 -5.63 -12.68 19.78
CA ALA B 285 -6.02 -13.73 18.84
C ALA B 285 -5.99 -15.10 19.50
N GLN B 286 -4.99 -15.32 20.33
CA GLN B 286 -4.85 -16.54 21.14
C GLN B 286 -5.98 -16.67 22.15
N GLU B 287 -6.28 -15.60 22.86
CA GLU B 287 -7.35 -15.62 23.86
C GLU B 287 -8.71 -15.96 23.21
N VAL B 288 -8.99 -15.37 22.04
CA VAL B 288 -10.22 -15.65 21.35
C VAL B 288 -10.33 -17.12 21.01
N LEU B 289 -9.24 -17.67 20.46
CA LEU B 289 -9.25 -19.08 20.14
C LEU B 289 -9.55 -19.94 21.37
N ARG B 290 -8.85 -19.72 22.49
CA ARG B 290 -9.11 -20.48 23.71
C ARG B 290 -10.59 -20.37 24.14
N TRP B 291 -11.13 -19.17 24.06
CA TRP B 291 -12.51 -18.90 24.49
C TRP B 291 -13.54 -19.67 23.60
N ILE B 292 -13.32 -19.61 22.30
CA ILE B 292 -14.16 -20.32 21.34
C ILE B 292 -14.11 -21.82 21.57
N LEU B 293 -12.91 -22.36 21.76
CA LEU B 293 -12.79 -23.79 22.03
C LEU B 293 -13.43 -24.19 23.35
N ALA B 294 -13.29 -23.38 24.38
CA ALA B 294 -14.01 -23.64 25.67
C ALA B 294 -15.54 -23.58 25.50
N MET B 295 -16.02 -22.62 24.72
CA MET B 295 -17.45 -22.53 24.41
C MET B 295 -17.93 -23.78 23.69
N GLN B 296 -17.16 -24.25 22.69
CA GLN B 296 -17.52 -25.48 21.96
C GLN B 296 -17.59 -26.66 22.94
N ASP B 297 -16.62 -26.73 23.84
CA ASP B 297 -16.60 -27.74 24.89
C ASP B 297 -17.92 -27.76 25.71
N LYS B 298 -18.38 -26.60 26.11
CA LYS B 298 -19.60 -26.48 26.89
C LYS B 298 -20.90 -26.73 26.12
N ILE B 299 -21.05 -26.12 24.96
CA ILE B 299 -22.34 -26.14 24.25
C ILE B 299 -22.40 -27.15 23.13
N GLY B 300 -21.30 -27.81 22.87
CA GLY B 300 -21.28 -28.93 21.94
C GLY B 300 -21.13 -28.40 20.53
N THR B 301 -21.38 -29.31 19.60
CA THR B 301 -21.14 -29.06 18.20
C THR B 301 -22.44 -28.90 17.38
N LYS B 302 -23.59 -29.29 17.93
CA LYS B 302 -24.91 -28.97 17.42
C LYS B 302 -25.50 -28.04 18.49
N PHE B 303 -25.45 -26.75 18.21
CA PHE B 303 -25.90 -25.68 19.11
C PHE B 303 -26.84 -24.74 18.36
N THR B 304 -27.82 -24.23 19.08
CA THR B 304 -28.80 -23.30 18.54
C THR B 304 -28.35 -21.83 18.81
N ASP B 305 -29.01 -20.89 18.18
CA ASP B 305 -28.86 -19.47 18.47
C ASP B 305 -29.08 -19.21 19.96
N ASP B 306 -30.12 -19.81 20.51
CA ASP B 306 -30.39 -19.69 21.92
C ASP B 306 -29.26 -20.18 22.84
N ASP B 307 -28.63 -21.31 22.46
CA ASP B 307 -27.53 -21.85 23.25
C ASP B 307 -26.39 -20.83 23.33
N VAL B 308 -26.08 -20.23 22.18
CA VAL B 308 -25.05 -19.22 22.07
C VAL B 308 -25.39 -18.01 22.91
N ARG B 309 -26.64 -17.53 22.79
CA ARG B 309 -27.06 -16.37 23.53
C ARG B 309 -26.95 -16.62 25.03
N ASN B 310 -27.41 -17.79 25.47
CA ASN B 310 -27.34 -18.16 26.88
C ASN B 310 -25.91 -18.21 27.37
N TYR B 311 -25.03 -18.74 26.54
CA TYR B 311 -23.63 -18.82 26.91
C TYR B 311 -23.02 -17.44 27.09
N LEU B 312 -23.33 -16.51 26.20
CA LEU B 312 -22.80 -15.15 26.29
C LEU B 312 -23.31 -14.42 27.51
N TRP B 313 -24.62 -14.51 27.78
CA TRP B 313 -25.15 -13.93 29.02
C TRP B 313 -24.48 -14.46 30.28
N ASP B 314 -24.31 -15.79 30.34
CA ASP B 314 -23.66 -16.43 31.50
C ASP B 314 -22.23 -15.93 31.65
N THR B 315 -21.49 -15.80 30.54
CA THR B 315 -20.11 -15.30 30.59
C THR B 315 -20.13 -13.93 31.25
N LEU B 316 -20.98 -13.05 30.74
CA LEU B 316 -21.02 -11.68 31.20
C LEU B 316 -21.48 -11.56 32.64
N LYS B 317 -22.53 -12.31 33.03
CA LYS B 317 -23.01 -12.27 34.42
C LYS B 317 -21.97 -12.77 35.38
N SER B 318 -21.16 -13.73 34.96
CA SER B 318 -19.99 -14.17 35.74
C SER B 318 -18.86 -13.16 35.92
N GLY B 319 -18.92 -12.01 35.26
CA GLY B 319 -17.84 -11.02 35.33
C GLY B 319 -16.68 -11.28 34.38
N ARG B 320 -16.88 -12.18 33.41
CA ARG B 320 -15.87 -12.40 32.35
C ARG B 320 -16.18 -11.62 31.08
N VAL B 321 -15.17 -11.45 30.24
CA VAL B 321 -15.29 -10.67 28.96
C VAL B 321 -15.55 -11.61 27.78
N VAL B 322 -16.12 -11.07 26.71
CA VAL B 322 -16.19 -11.76 25.45
C VAL B 322 -14.99 -11.23 24.66
N PRO B 323 -13.94 -12.04 24.49
CA PRO B 323 -12.75 -11.45 23.86
C PRO B 323 -12.98 -11.24 22.35
N GLY B 324 -12.29 -10.25 21.82
CA GLY B 324 -12.38 -9.97 20.40
C GLY B 324 -13.52 -9.01 20.06
N TYR B 325 -14.19 -8.45 21.10
CA TYR B 325 -15.28 -7.53 20.92
C TYR B 325 -15.02 -6.26 21.69
N GLY B 326 -15.33 -5.08 21.17
CA GLY B 326 -15.28 -3.83 21.93
C GLY B 326 -14.19 -2.96 21.36
N HIS B 327 -14.42 -1.66 21.33
CA HIS B 327 -13.44 -0.71 20.80
C HIS B 327 -13.76 0.66 21.32
N GLY B 328 -12.71 1.45 21.55
CA GLY B 328 -12.85 2.80 22.02
C GLY B 328 -13.53 3.74 21.08
N VAL B 329 -13.26 3.60 19.78
CA VAL B 329 -13.78 4.58 18.81
C VAL B 329 -14.57 3.99 17.68
N LEU B 330 -14.26 2.75 17.23
CA LEU B 330 -14.89 2.20 16.05
C LEU B 330 -16.33 1.80 16.32
N ARG B 331 -17.26 2.33 15.52
CA ARG B 331 -18.68 2.18 15.80
C ARG B 331 -19.33 1.05 15.04
N LYS B 332 -18.57 0.25 14.30
CA LYS B 332 -19.08 -0.88 13.54
C LYS B 332 -18.13 -2.04 13.53
N PRO B 333 -18.55 -3.20 13.05
CA PRO B 333 -17.58 -4.31 12.97
C PRO B 333 -16.31 -3.91 12.23
N ASP B 334 -15.17 -4.37 12.72
CA ASP B 334 -13.89 -4.14 12.10
C ASP B 334 -13.99 -4.66 10.67
N PRO B 335 -13.71 -3.79 9.68
CA PRO B 335 -13.75 -4.30 8.27
C PRO B 335 -12.70 -5.39 7.98
N ARG B 336 -11.64 -5.48 8.80
CA ARG B 336 -10.68 -6.56 8.71
C ARG B 336 -11.33 -7.87 9.11
N PHE B 337 -12.18 -7.81 10.15
CA PHE B 337 -12.97 -8.96 10.55
C PHE B 337 -13.85 -9.40 9.39
N GLN B 338 -14.53 -8.45 8.77
CA GLN B 338 -15.51 -8.79 7.72
C GLN B 338 -14.78 -9.42 6.54
N ALA B 339 -13.59 -8.95 6.24
CA ALA B 339 -12.80 -9.47 5.11
C ALA B 339 -12.44 -10.93 5.36
N LEU B 340 -12.12 -11.27 6.61
CA LEU B 340 -11.91 -12.69 6.95
C LEU B 340 -13.18 -13.53 6.83
N MET B 341 -14.32 -12.96 7.22
CA MET B 341 -15.61 -13.63 7.02
C MET B 341 -15.94 -13.81 5.55
N ASP B 342 -15.63 -12.84 4.70
CA ASP B 342 -15.85 -13.00 3.25
C ASP B 342 -14.95 -14.08 2.67
N PHE B 343 -13.74 -14.19 3.17
CA PHE B 343 -12.84 -15.26 2.76
C PHE B 343 -13.49 -16.63 3.07
N ALA B 344 -13.99 -16.74 4.30
CA ALA B 344 -14.57 -17.98 4.77
C ALA B 344 -15.82 -18.37 3.98
N ALA B 345 -16.59 -17.37 3.57
CA ALA B 345 -17.88 -17.60 2.90
C ALA B 345 -17.77 -18.36 1.60
N THR B 346 -16.63 -18.33 0.94
CA THR B 346 -16.45 -19.09 -0.31
C THR B 346 -15.82 -20.47 -0.12
N ARG B 347 -15.54 -20.89 1.13
CA ARG B 347 -14.83 -22.14 1.39
C ARG B 347 -15.76 -23.10 2.16
N PRO B 348 -16.38 -24.05 1.45
CA PRO B 348 -17.35 -24.87 2.15
C PRO B 348 -16.81 -25.61 3.39
N ASP B 349 -15.57 -26.05 3.35
CA ASP B 349 -15.00 -26.79 4.50
C ASP B 349 -14.82 -25.88 5.74
N VAL B 350 -14.57 -24.59 5.53
CA VAL B 350 -14.48 -23.65 6.65
C VAL B 350 -15.88 -23.47 7.23
N LEU B 351 -16.86 -23.24 6.38
CA LEU B 351 -18.24 -23.04 6.86
C LEU B 351 -18.80 -24.28 7.56
N ALA B 352 -18.35 -25.47 7.15
CA ALA B 352 -18.72 -26.72 7.85
C ALA B 352 -18.01 -26.93 9.19
N ASN B 353 -16.93 -26.19 9.48
CA ASN B 353 -16.22 -26.34 10.74
C ASN B 353 -17.02 -25.73 11.92
N PRO B 354 -17.44 -26.53 12.90
CA PRO B 354 -18.20 -26.01 14.06
C PRO B 354 -17.51 -24.86 14.79
N VAL B 355 -16.17 -24.87 14.81
CA VAL B 355 -15.42 -23.78 15.47
C VAL B 355 -15.65 -22.46 14.75
N PHE B 356 -15.64 -22.51 13.43
CA PHE B 356 -15.96 -21.34 12.63
C PHE B 356 -17.43 -20.92 12.77
N GLN B 357 -18.33 -21.90 12.73
CA GLN B 357 -19.76 -21.61 12.92
C GLN B 357 -20.01 -20.84 14.23
N LEU B 358 -19.28 -21.22 15.27
CA LEU B 358 -19.35 -20.52 16.54
C LEU B 358 -18.86 -19.07 16.47
N VAL B 359 -17.78 -18.83 15.74
CA VAL B 359 -17.34 -17.45 15.51
C VAL B 359 -18.42 -16.66 14.77
N LYS B 360 -18.99 -17.28 13.73
CA LYS B 360 -20.00 -16.62 12.95
C LYS B 360 -21.24 -16.31 13.77
N LYS B 361 -21.71 -17.29 14.54
CA LYS B 361 -22.95 -17.10 15.33
C LYS B 361 -22.75 -16.04 16.39
N ASN B 362 -21.62 -16.09 17.05
CA ASN B 362 -21.27 -15.10 18.03
C ASN B 362 -21.27 -13.70 17.45
N SER B 363 -20.73 -13.52 16.24
CA SER B 363 -20.73 -12.22 15.60
C SER B 363 -22.14 -11.71 15.27
N GLU B 364 -23.11 -12.61 15.08
CA GLU B 364 -24.51 -12.24 14.81
C GLU B 364 -25.32 -11.92 16.09
N ILE B 365 -24.87 -12.44 17.25
CA ILE B 365 -25.64 -12.44 18.50
C ILE B 365 -24.96 -11.63 19.60
N ALA B 366 -23.64 -11.71 19.73
CA ALA B 366 -22.91 -11.06 20.81
C ALA B 366 -23.04 -9.54 20.87
N PRO B 367 -23.02 -8.82 19.74
CA PRO B 367 -23.18 -7.35 19.84
C PRO B 367 -24.44 -6.89 20.52
N ALA B 368 -25.57 -7.49 20.19
CA ALA B 368 -26.89 -7.16 20.86
C ALA B 368 -26.86 -7.52 22.35
N VAL B 369 -26.35 -8.73 22.67
CA VAL B 369 -26.18 -9.16 24.07
C VAL B 369 -25.27 -8.19 24.85
N LEU B 370 -24.12 -7.81 24.29
CA LEU B 370 -23.20 -6.92 24.96
C LEU B 370 -23.76 -5.53 25.18
N THR B 371 -24.52 -5.02 24.20
CA THR B 371 -25.20 -3.74 24.31
C THR B 371 -26.20 -3.74 25.45
N GLU B 372 -27.12 -4.71 25.43
CA GLU B 372 -28.08 -4.89 26.51
C GLU B 372 -27.41 -5.02 27.88
N HIS B 373 -26.33 -5.78 27.97
CA HIS B 373 -25.56 -5.89 29.23
C HIS B 373 -24.97 -4.55 29.65
N GLY B 374 -24.56 -3.75 28.68
CA GLY B 374 -24.24 -2.34 28.91
C GLY B 374 -22.85 -2.00 29.43
N LYS B 375 -21.99 -2.98 29.61
CA LYS B 375 -20.63 -2.72 30.15
C LYS B 375 -19.57 -2.42 29.10
N THR B 376 -19.77 -2.88 27.86
CA THR B 376 -18.69 -2.85 26.84
C THR B 376 -18.94 -1.75 25.82
N LYS B 377 -18.01 -0.81 25.68
CA LYS B 377 -18.21 0.28 24.68
C LYS B 377 -18.06 -0.28 23.24
N ASN B 378 -18.91 0.15 22.33
CA ASN B 378 -18.88 -0.27 20.91
C ASN B 378 -18.57 -1.79 20.69
N PRO B 379 -19.52 -2.63 21.06
CA PRO B 379 -19.33 -4.07 21.21
C PRO B 379 -19.41 -4.88 19.91
N HIS B 380 -18.56 -4.52 19.00
CA HIS B 380 -18.54 -5.15 17.68
C HIS B 380 -17.27 -5.99 17.51
N PRO B 381 -17.30 -6.95 16.62
CA PRO B 381 -16.13 -7.80 16.52
C PRO B 381 -14.95 -7.09 15.91
N ASN B 382 -13.76 -7.35 16.41
CA ASN B 382 -12.57 -6.95 15.72
C ASN B 382 -11.92 -8.16 15.00
N VAL B 383 -10.85 -7.90 14.28
CA VAL B 383 -10.22 -8.92 13.45
C VAL B 383 -9.79 -10.15 14.23
N ASP B 384 -9.37 -9.95 15.47
CA ASP B 384 -8.99 -11.05 16.40
C ASP B 384 -10.11 -12.03 16.68
N ALA B 385 -11.36 -11.62 16.47
CA ALA B 385 -12.48 -12.57 16.64
C ALA B 385 -12.41 -13.74 15.68
N ALA B 386 -11.77 -13.57 14.52
CA ALA B 386 -11.79 -14.61 13.48
C ALA B 386 -10.42 -15.18 13.08
N SER B 387 -9.34 -14.44 13.26
CA SER B 387 -8.06 -14.81 12.68
C SER B 387 -7.50 -16.15 13.24
N GLY B 388 -7.55 -16.30 14.55
CA GLY B 388 -7.05 -17.50 15.20
C GLY B 388 -7.78 -18.78 14.77
N VAL B 389 -9.10 -18.70 14.74
CA VAL B 389 -9.90 -19.83 14.32
C VAL B 389 -9.62 -20.22 12.89
N LEU B 390 -9.45 -19.25 12.00
CA LEU B 390 -9.13 -19.56 10.62
C LEU B 390 -7.78 -20.24 10.49
N PHE B 391 -6.75 -19.74 11.19
CA PHE B 391 -5.48 -20.45 11.18
C PHE B 391 -5.61 -21.89 11.76
N TYR B 392 -6.34 -21.99 12.86
CA TYR B 392 -6.58 -23.26 13.50
C TYR B 392 -7.24 -24.25 12.52
N HIS B 393 -8.19 -23.79 11.74
CA HIS B 393 -8.86 -24.65 10.78
C HIS B 393 -7.87 -25.26 9.79
N TYR B 394 -6.85 -24.50 9.39
CA TYR B 394 -5.89 -25.01 8.41
C TYR B 394 -4.72 -25.77 9.01
N GLY B 395 -4.81 -26.14 10.28
CA GLY B 395 -3.79 -26.96 10.91
C GLY B 395 -2.70 -26.19 11.61
N PHE B 396 -2.79 -24.85 11.61
CA PHE B 396 -1.79 -24.00 12.29
C PHE B 396 -2.34 -23.82 13.70
N GLN B 397 -2.07 -24.79 14.55
CA GLN B 397 -2.75 -24.89 15.83
C GLN B 397 -1.90 -24.62 17.04
N GLN B 398 -0.75 -24.00 16.85
CA GLN B 398 0.04 -23.53 17.99
C GLN B 398 -0.13 -22.01 18.05
N PRO B 399 -1.08 -21.55 18.90
CA PRO B 399 -1.50 -20.16 19.01
C PRO B 399 -0.34 -19.24 19.43
N LEU B 400 0.61 -19.80 20.16
CA LEU B 400 1.79 -19.08 20.57
C LEU B 400 2.51 -18.42 19.36
N TYR B 401 2.48 -19.09 18.21
CA TYR B 401 3.11 -18.61 17.03
C TYR B 401 2.25 -17.67 16.23
N TYR B 402 1.02 -17.37 16.64
CA TYR B 402 0.19 -16.41 15.94
C TYR B 402 0.78 -15.02 16.02
N THR B 403 1.50 -14.70 17.09
CA THR B 403 2.16 -13.42 17.16
C THR B 403 3.30 -13.32 16.17
N VAL B 404 3.96 -14.43 15.86
CA VAL B 404 5.05 -14.40 14.92
C VAL B 404 4.54 -13.98 13.53
N THR B 405 3.45 -14.59 13.09
N THR B 405 3.45 -14.59 13.09
CA THR B 405 2.86 -14.26 11.83
CA THR B 405 2.86 -14.25 11.82
C THR B 405 2.39 -12.79 11.83
C THR B 405 2.39 -12.79 11.83
N PHE B 406 1.88 -12.30 12.95
CA PHE B 406 1.52 -10.89 13.06
C PHE B 406 2.76 -10.01 12.91
N GLY B 407 3.87 -10.42 13.51
CA GLY B 407 5.13 -9.71 13.36
C GLY B 407 5.62 -9.62 11.92
N VAL B 408 5.39 -10.67 11.13
CA VAL B 408 5.73 -10.59 9.75
C VAL B 408 4.87 -9.53 9.04
N SER B 409 3.57 -9.59 9.28
CA SER B 409 2.62 -8.65 8.65
C SER B 409 2.95 -7.24 9.04
N ARG B 410 3.23 -7.02 10.30
CA ARG B 410 3.34 -5.66 10.83
C ARG B 410 4.68 -5.01 10.52
N ALA B 411 5.57 -5.71 9.81
CA ALA B 411 6.69 -5.04 9.20
C ALA B 411 6.25 -4.03 8.14
N LEU B 412 5.15 -4.33 7.43
CA LEU B 412 4.79 -3.56 6.25
C LEU B 412 4.59 -2.06 6.54
N GLY B 413 3.65 -1.75 7.42
CA GLY B 413 3.30 -0.35 7.64
C GLY B 413 4.38 0.50 8.33
N PRO B 414 4.99 -0.01 9.40
CA PRO B 414 6.01 0.74 10.06
C PRO B 414 7.24 1.02 9.21
N LEU B 415 7.60 0.06 8.34
CA LEU B 415 8.70 0.30 7.43
C LEU B 415 8.38 1.36 6.41
N VAL B 416 7.15 1.38 5.89
CA VAL B 416 6.72 2.45 5.02
C VAL B 416 6.88 3.81 5.75
N GLN B 417 6.39 3.90 6.97
CA GLN B 417 6.51 5.15 7.69
C GLN B 417 7.94 5.54 8.00
N LEU B 418 8.78 4.59 8.25
CA LEU B 418 10.21 4.88 8.44
C LEU B 418 10.84 5.49 7.20
N ILE B 419 10.48 4.97 6.04
CA ILE B 419 10.94 5.52 4.78
C ILE B 419 10.49 6.98 4.63
N TRP B 420 9.20 7.24 4.92
CA TRP B 420 8.69 8.60 4.86
C TRP B 420 9.29 9.50 5.94
N ASP B 421 9.55 8.96 7.14
CA ASP B 421 10.17 9.78 8.17
C ASP B 421 11.51 10.30 7.65
N ARG B 422 12.31 9.41 7.02
CA ARG B 422 13.58 9.81 6.50
C ARG B 422 13.46 10.70 5.24
N ALA B 423 12.53 10.40 4.35
CA ALA B 423 12.30 11.28 3.21
C ALA B 423 11.97 12.72 3.63
N LEU B 424 11.13 12.88 4.66
CA LEU B 424 10.73 14.20 5.10
C LEU B 424 11.72 14.85 6.07
N GLY B 425 12.64 14.08 6.64
CA GLY B 425 13.61 14.63 7.58
C GLY B 425 13.04 14.87 8.95
N LEU B 426 12.11 14.01 9.40
CA LEU B 426 11.54 14.16 10.72
C LEU B 426 12.61 14.01 11.81
N PRO B 427 12.49 14.78 12.89
CA PRO B 427 13.54 14.78 13.91
C PRO B 427 13.35 13.62 14.91
N ILE B 428 14.24 13.57 15.89
CA ILE B 428 14.15 12.58 16.94
C ILE B 428 12.85 12.75 17.72
N GLU B 429 12.19 11.66 18.09
CA GLU B 429 11.02 11.77 18.97
C GLU B 429 11.53 11.92 20.40
N ARG B 430 11.14 12.98 21.05
CA ARG B 430 11.61 13.39 22.35
C ARG B 430 10.58 14.23 23.10
N PRO B 431 9.60 13.56 23.71
CA PRO B 431 8.64 14.33 24.50
C PRO B 431 9.29 14.81 25.76
N LYS B 432 8.54 15.52 26.57
CA LYS B 432 8.98 16.08 27.84
C LYS B 432 8.25 15.27 28.96
N SER B 433 8.99 14.81 29.96
CA SER B 433 8.40 14.14 31.08
C SER B 433 8.17 15.04 32.26
N ILE B 434 7.38 14.57 33.23
CA ILE B 434 7.15 15.28 34.50
C ILE B 434 6.92 14.24 35.57
N ASN B 435 7.21 14.58 36.83
CA ASN B 435 6.92 13.69 37.97
C ASN B 435 5.52 13.99 38.55
N LEU B 436 4.96 13.07 39.32
CA LEU B 436 3.64 13.25 39.90
C LEU B 436 3.58 14.48 40.77
N LEU B 437 4.62 14.72 41.58
CA LEU B 437 4.66 15.92 42.41
C LEU B 437 4.53 17.19 41.58
N GLY B 438 5.07 17.17 40.38
CA GLY B 438 4.96 18.27 39.42
C GLY B 438 3.58 18.47 38.86
N LEU B 439 2.74 17.44 38.89
CA LEU B 439 1.34 17.58 38.47
C LEU B 439 0.37 17.97 39.62
N LYS B 440 0.83 17.86 40.86
CA LYS B 440 0.03 18.14 42.05
C LYS B 440 0.19 19.59 42.47
N THR C 6 3.36 -47.33 -13.99
CA THR C 6 4.50 -46.72 -13.25
C THR C 6 5.13 -45.55 -14.04
N ALA C 7 5.98 -44.78 -13.37
CA ALA C 7 6.75 -43.70 -14.03
C ALA C 7 8.20 -44.13 -14.21
N GLU C 8 8.69 -43.98 -15.43
CA GLU C 8 10.08 -44.31 -15.74
C GLU C 8 10.97 -43.16 -15.33
N PRO C 9 12.26 -43.37 -15.21
CA PRO C 9 13.18 -42.27 -14.81
C PRO C 9 13.04 -41.01 -15.69
N ASP C 10 13.08 -39.84 -15.05
CA ASP C 10 13.10 -38.58 -15.76
C ASP C 10 14.51 -38.30 -16.24
N LEU C 11 14.67 -37.22 -17.01
CA LEU C 11 15.94 -36.99 -17.67
C LEU C 11 17.09 -36.77 -16.69
N LYS C 12 16.81 -36.01 -15.63
CA LYS C 12 17.82 -35.74 -14.61
C LYS C 12 18.31 -37.03 -13.91
N THR C 13 17.40 -37.93 -13.60
CA THR C 13 17.72 -39.25 -13.03
C THR C 13 18.52 -40.10 -14.02
N ALA C 14 18.11 -40.12 -15.28
CA ALA C 14 18.84 -40.89 -16.30
C ALA C 14 20.26 -40.32 -16.48
N LEU C 15 20.41 -39.00 -16.42
CA LEU C 15 21.72 -38.38 -16.46
C LEU C 15 22.51 -38.79 -15.25
N LYS C 16 21.93 -38.68 -14.07
CA LYS C 16 22.66 -39.02 -12.84
C LYS C 16 23.22 -40.45 -12.89
N ALA C 17 22.44 -41.39 -13.45
CA ALA C 17 22.89 -42.77 -13.57
C ALA C 17 24.13 -42.95 -14.45
N VAL C 18 24.34 -42.09 -15.45
CA VAL C 18 25.49 -42.24 -16.33
C VAL C 18 26.68 -41.36 -15.99
N ILE C 19 26.53 -40.44 -15.03
CA ILE C 19 27.64 -39.58 -14.61
C ILE C 19 28.83 -40.44 -14.05
N PRO C 20 28.57 -41.41 -13.15
CA PRO C 20 29.74 -42.11 -12.59
C PRO C 20 30.63 -42.79 -13.64
N ALA C 21 30.04 -43.45 -14.63
CA ALA C 21 30.85 -44.10 -15.65
C ALA C 21 31.68 -43.08 -16.46
N LYS C 22 31.12 -41.91 -16.75
CA LYS C 22 31.88 -40.91 -17.46
C LYS C 22 33.02 -40.35 -16.62
N ARG C 23 32.78 -40.15 -15.34
CA ARG C 23 33.84 -39.66 -14.46
C ARG C 23 34.97 -40.68 -14.36
N GLU C 24 34.62 -41.97 -14.38
CA GLU C 24 35.63 -43.04 -14.31
C GLU C 24 36.46 -43.07 -15.60
N LEU C 25 35.78 -43.02 -16.75
CA LEU C 25 36.49 -42.93 -18.01
C LEU C 25 37.37 -41.67 -18.09
N PHE C 26 36.89 -40.54 -17.58
CA PHE C 26 37.71 -39.33 -17.52
C PHE C 26 38.96 -39.53 -16.69
N LYS C 27 38.81 -40.20 -15.55
CA LYS C 27 39.94 -40.47 -14.69
C LYS C 27 41.01 -41.31 -15.40
N GLN C 28 40.57 -42.33 -16.13
CA GLN C 28 41.50 -43.15 -16.92
C GLN C 28 42.21 -42.34 -18.00
N VAL C 29 41.48 -41.49 -18.69
CA VAL C 29 42.09 -40.63 -19.72
C VAL C 29 43.12 -39.68 -19.11
N LYS C 30 42.81 -39.15 -17.94
CA LYS C 30 43.73 -38.26 -17.26
C LYS C 30 45.08 -38.92 -16.88
N GLU C 31 45.07 -40.22 -16.63
CA GLU C 31 46.31 -40.95 -16.38
C GLU C 31 47.24 -40.99 -17.60
N ARG C 32 46.68 -40.79 -18.79
CA ARG C 32 47.43 -40.72 -20.02
C ARG C 32 47.77 -39.28 -20.41
N SER C 33 47.72 -38.34 -19.46
CA SER C 33 47.90 -36.91 -19.74
C SER C 33 49.14 -36.54 -20.53
N ASP C 34 50.24 -37.23 -20.23
CA ASP C 34 51.50 -36.87 -20.87
C ASP C 34 51.67 -37.42 -22.29
N GLU C 35 50.78 -38.33 -22.71
CA GLU C 35 50.94 -38.93 -24.03
C GLU C 35 50.72 -37.95 -25.16
N VAL C 36 51.57 -38.00 -26.16
CA VAL C 36 51.48 -37.18 -27.34
C VAL C 36 50.50 -37.75 -28.36
N ILE C 37 49.62 -36.91 -28.88
CA ILE C 37 48.61 -37.33 -29.88
C ILE C 37 48.72 -36.57 -31.21
N GLY C 38 49.57 -35.55 -31.29
CA GLY C 38 49.76 -34.81 -32.53
C GLY C 38 50.86 -33.80 -32.41
N GLU C 39 50.96 -33.00 -33.47
CA GLU C 39 51.88 -31.88 -33.57
C GLU C 39 51.12 -30.57 -33.77
N VAL C 40 51.75 -29.50 -33.32
CA VAL C 40 51.35 -28.13 -33.64
C VAL C 40 52.32 -27.62 -34.67
N LYS C 41 51.75 -27.06 -35.74
CA LYS C 41 52.52 -26.38 -36.80
C LYS C 41 52.18 -24.89 -36.84
N VAL C 42 53.05 -24.11 -37.44
CA VAL C 42 52.80 -22.69 -37.71
C VAL C 42 51.43 -22.54 -38.37
N ALA C 43 51.08 -23.41 -39.35
CA ALA C 43 49.77 -23.42 -40.03
C ALA C 43 48.58 -23.38 -39.07
N ASN C 44 48.68 -24.14 -37.99
CA ASN C 44 47.63 -24.19 -37.00
C ASN C 44 47.48 -22.88 -36.24
N VAL C 45 48.59 -22.17 -35.98
CA VAL C 45 48.52 -20.94 -35.21
C VAL C 45 47.93 -19.83 -36.06
N ILE C 46 48.39 -19.71 -37.30
CA ILE C 46 47.92 -18.63 -38.16
C ILE C 46 46.63 -18.97 -38.85
N GLY C 47 46.25 -20.26 -38.86
CA GLY C 47 45.06 -20.72 -39.58
C GLY C 47 43.88 -21.04 -38.67
N GLY C 48 43.70 -20.32 -37.55
CA GLY C 48 42.55 -20.50 -36.68
C GLY C 48 42.40 -21.91 -36.11
N MET C 49 43.52 -22.52 -35.77
CA MET C 49 43.56 -23.86 -35.18
C MET C 49 43.03 -24.94 -36.11
N ARG C 50 42.91 -24.70 -37.41
CA ARG C 50 42.34 -25.69 -38.31
C ARG C 50 43.11 -27.01 -38.17
N GLY C 51 42.35 -28.09 -38.03
CA GLY C 51 42.91 -29.43 -37.85
C GLY C 51 43.57 -29.73 -36.52
N LEU C 52 43.58 -28.79 -35.57
CA LEU C 52 44.25 -29.03 -34.30
C LEU C 52 43.28 -29.68 -33.36
N LYS C 53 43.55 -30.93 -33.01
CA LYS C 53 42.64 -31.74 -32.21
C LYS C 53 42.88 -31.39 -30.77
N SER C 54 42.08 -30.48 -30.21
CA SER C 54 42.43 -29.83 -28.95
C SER C 54 41.28 -29.48 -28.01
N MET C 55 40.11 -30.04 -28.23
CA MET C 55 39.01 -29.85 -27.26
C MET C 55 38.13 -31.08 -27.20
N LEU C 56 37.41 -31.19 -26.11
CA LEU C 56 36.55 -32.32 -25.82
C LEU C 56 35.15 -32.03 -26.23
N TRP C 57 34.48 -33.02 -26.85
CA TRP C 57 33.07 -32.91 -27.15
C TRP C 57 32.52 -34.30 -27.19
N GLU C 58 31.53 -34.58 -26.34
CA GLU C 58 31.11 -35.97 -26.08
C GLU C 58 30.06 -36.53 -27.05
N GLY C 59 29.09 -35.70 -27.38
CA GLY C 59 27.89 -36.19 -27.97
C GLY C 59 27.84 -36.54 -29.45
N SER C 60 28.77 -35.98 -30.21
CA SER C 60 28.73 -36.10 -31.68
C SER C 60 30.15 -36.15 -32.20
N VAL C 61 30.35 -37.03 -33.18
CA VAL C 61 31.64 -37.27 -33.81
C VAL C 61 31.35 -37.44 -35.28
N LEU C 62 32.16 -36.75 -36.09
CA LEU C 62 32.01 -36.80 -37.54
C LEU C 62 32.70 -38.03 -38.13
N ASP C 63 31.93 -38.88 -38.78
CA ASP C 63 32.47 -40.05 -39.47
C ASP C 63 32.63 -39.66 -40.95
N PRO C 64 33.84 -39.73 -41.48
CA PRO C 64 34.07 -39.42 -42.92
C PRO C 64 33.24 -40.20 -43.92
N GLU C 65 32.85 -41.40 -43.56
CA GLU C 65 32.02 -42.29 -44.39
C GLU C 65 30.54 -42.16 -44.11
N GLU C 66 30.11 -42.11 -42.88
CA GLU C 66 28.70 -42.06 -42.53
C GLU C 66 28.15 -40.70 -42.15
N GLY C 67 28.98 -39.68 -42.09
CA GLY C 67 28.51 -38.31 -41.63
C GLY C 67 28.50 -38.20 -40.08
N ILE C 68 27.77 -37.22 -39.60
CA ILE C 68 27.74 -36.96 -38.18
C ILE C 68 27.03 -38.11 -37.46
N ARG C 69 27.62 -38.57 -36.35
CA ARG C 69 27.00 -39.58 -35.51
C ARG C 69 26.85 -39.10 -34.09
N PHE C 70 25.75 -39.51 -33.47
CA PHE C 70 25.43 -39.14 -32.09
C PHE C 70 25.53 -40.39 -31.23
N HIS C 71 26.55 -40.44 -30.38
CA HIS C 71 26.88 -41.63 -29.62
C HIS C 71 26.93 -42.86 -30.52
N GLY C 72 27.59 -42.71 -31.65
CA GLY C 72 27.71 -43.82 -32.62
C GLY C 72 26.48 -44.03 -33.53
N LYS C 73 25.38 -43.35 -33.29
CA LYS C 73 24.19 -43.51 -34.10
C LYS C 73 24.17 -42.59 -35.33
N THR C 74 23.87 -43.14 -36.49
CA THR C 74 23.73 -42.36 -37.70
C THR C 74 22.38 -41.65 -37.67
N ILE C 75 22.23 -40.72 -38.59
CA ILE C 75 20.92 -40.08 -38.79
C ILE C 75 19.82 -41.10 -39.04
N LYS C 76 20.08 -42.06 -39.91
CA LYS C 76 19.10 -43.14 -40.15
C LYS C 76 18.76 -43.93 -38.90
N ASP C 77 19.77 -44.28 -38.09
CA ASP C 77 19.50 -44.97 -36.79
C ASP C 77 18.60 -44.11 -35.90
N CYS C 78 18.89 -42.79 -35.85
CA CYS C 78 18.08 -41.91 -35.04
C CYS C 78 16.64 -41.83 -35.54
N GLN C 79 16.46 -41.75 -36.84
CA GLN C 79 15.13 -41.71 -37.42
C GLN C 79 14.33 -42.97 -37.11
N LYS C 80 14.97 -44.12 -37.09
CA LYS C 80 14.29 -45.32 -36.70
C LYS C 80 13.99 -45.41 -35.21
N GLU C 81 15.01 -45.12 -34.38
CA GLU C 81 14.92 -45.36 -32.92
C GLU C 81 14.29 -44.27 -32.07
N LEU C 82 14.45 -43.00 -32.41
CA LEU C 82 13.93 -41.93 -31.55
C LEU C 82 12.41 -41.83 -31.64
N PRO C 83 11.76 -41.63 -30.50
CA PRO C 83 10.32 -41.41 -30.41
C PRO C 83 9.85 -40.22 -31.22
N LYS C 84 8.62 -40.32 -31.70
CA LYS C 84 8.00 -39.29 -32.50
C LYS C 84 6.98 -38.54 -31.61
N GLY C 85 6.36 -37.54 -32.19
CA GLY C 85 5.27 -36.80 -31.57
C GLY C 85 3.98 -37.63 -31.56
N THR C 86 2.93 -37.12 -30.94
CA THR C 86 1.63 -37.80 -30.88
C THR C 86 0.97 -37.89 -32.26
N SER C 87 1.23 -36.89 -33.10
CA SER C 87 1.06 -36.96 -34.56
C SER C 87 2.43 -36.82 -35.24
N GLY C 88 2.53 -37.24 -36.45
CA GLY C 88 3.71 -37.03 -37.25
C GLY C 88 4.65 -38.20 -37.35
N THR C 89 5.50 -38.13 -38.37
CA THR C 89 6.40 -39.18 -38.75
C THR C 89 7.85 -38.86 -38.40
N GLU C 90 8.19 -37.69 -37.84
CA GLU C 90 9.60 -37.36 -37.67
C GLU C 90 10.01 -37.43 -36.20
N MET C 91 11.24 -37.83 -35.99
CA MET C 91 11.89 -37.85 -34.71
C MET C 91 11.86 -36.48 -34.00
N LEU C 92 11.74 -36.52 -32.70
CA LEU C 92 11.66 -35.33 -31.88
C LEU C 92 12.99 -34.80 -31.42
N PRO C 93 13.18 -33.48 -31.54
CA PRO C 93 14.38 -32.86 -31.01
C PRO C 93 14.56 -33.10 -29.51
N GLU C 94 13.48 -33.20 -28.75
CA GLU C 94 13.57 -33.54 -27.32
C GLU C 94 14.18 -34.92 -27.12
N ALA C 95 13.84 -35.86 -27.97
CA ALA C 95 14.42 -37.18 -27.94
C ALA C 95 15.90 -37.17 -28.29
N MET C 96 16.26 -36.39 -29.31
CA MET C 96 17.67 -36.16 -29.66
C MET C 96 18.44 -35.57 -28.49
N PHE C 97 17.83 -34.60 -27.78
CA PHE C 97 18.49 -34.04 -26.59
C PHE C 97 18.74 -35.10 -25.52
N TRP C 98 17.74 -35.94 -25.27
CA TRP C 98 17.85 -37.05 -24.31
C TRP C 98 19.06 -37.95 -24.70
N LEU C 99 19.10 -38.34 -25.98
CA LEU C 99 20.19 -39.15 -26.50
C LEU C 99 21.55 -38.48 -26.36
N LEU C 100 21.66 -37.22 -26.77
CA LEU C 100 22.92 -36.51 -26.65
C LEU C 100 23.41 -36.48 -25.20
N LEU C 101 22.48 -36.26 -24.27
CA LEU C 101 22.85 -36.05 -22.88
C LEU C 101 23.23 -37.34 -22.18
N THR C 102 22.41 -38.38 -22.37
CA THR C 102 22.56 -39.60 -21.60
C THR C 102 23.29 -40.72 -22.35
N GLY C 103 23.42 -40.60 -23.67
CA GLY C 103 23.97 -41.70 -24.46
C GLY C 103 22.93 -42.78 -24.75
N GLN C 104 21.67 -42.60 -24.34
CA GLN C 104 20.63 -43.64 -24.41
C GLN C 104 19.40 -43.11 -25.14
N VAL C 105 18.71 -44.00 -25.83
CA VAL C 105 17.48 -43.72 -26.53
C VAL C 105 16.34 -43.78 -25.46
N PRO C 106 15.58 -42.70 -25.30
CA PRO C 106 14.49 -42.69 -24.37
C PRO C 106 13.29 -43.50 -24.87
N SER C 107 12.44 -43.96 -23.94
CA SER C 107 11.17 -44.58 -24.31
C SER C 107 10.22 -43.42 -24.72
N THR C 108 9.17 -43.75 -25.45
CA THR C 108 8.19 -42.78 -25.82
C THR C 108 7.61 -42.09 -24.59
N ASN C 109 7.33 -42.88 -23.55
CA ASN C 109 6.79 -42.32 -22.31
C ASN C 109 7.73 -41.33 -21.65
N GLN C 110 9.05 -41.59 -21.67
CA GLN C 110 10.01 -40.64 -21.09
C GLN C 110 10.03 -39.31 -21.86
N VAL C 111 9.93 -39.40 -23.19
CA VAL C 111 9.88 -38.24 -24.05
C VAL C 111 8.60 -37.41 -23.77
N ARG C 112 7.46 -38.09 -23.63
CA ARG C 112 6.22 -37.39 -23.33
C ARG C 112 6.31 -36.58 -22.01
N ALA C 113 6.92 -37.19 -21.01
CA ALA C 113 7.10 -36.50 -19.74
C ALA C 113 8.09 -35.34 -19.87
N PHE C 114 9.15 -35.52 -20.64
CA PHE C 114 10.08 -34.42 -20.87
C PHE C 114 9.44 -33.24 -21.65
N SER C 115 8.66 -33.55 -22.69
CA SER C 115 7.95 -32.52 -23.42
C SER C 115 7.02 -31.70 -22.49
N ARG C 116 6.37 -32.35 -21.55
CA ARG C 116 5.51 -31.68 -20.61
C ARG C 116 6.34 -30.70 -19.74
N GLU C 117 7.52 -31.12 -19.32
CA GLU C 117 8.41 -30.21 -18.57
C GLU C 117 8.78 -29.00 -19.40
N LEU C 118 9.09 -29.22 -20.66
CA LEU C 118 9.46 -28.12 -21.51
C LEU C 118 8.31 -27.13 -21.70
N ALA C 119 7.10 -27.66 -21.89
CA ALA C 119 5.95 -26.78 -22.05
C ALA C 119 5.68 -25.93 -20.80
N GLU C 120 5.80 -26.57 -19.64
CA GLU C 120 5.56 -25.89 -18.36
C GLU C 120 6.58 -24.79 -18.03
N GLN C 121 7.79 -24.91 -18.54
CA GLN C 121 8.89 -23.96 -18.21
C GLN C 121 9.07 -22.91 -19.28
N SER C 122 8.13 -22.80 -20.22
CA SER C 122 8.33 -21.94 -21.36
C SER C 122 8.04 -20.46 -21.11
N HIS C 123 7.46 -20.07 -19.93
CA HIS C 123 7.07 -18.68 -19.80
C HIS C 123 8.24 -17.77 -19.49
N LEU C 124 8.07 -16.50 -19.85
CA LEU C 124 9.13 -15.50 -19.70
C LEU C 124 8.77 -14.45 -18.68
N PRO C 125 9.76 -14.00 -17.93
CA PRO C 125 9.58 -12.83 -17.05
C PRO C 125 9.26 -11.59 -17.87
N GLN C 126 8.54 -10.67 -17.27
CA GLN C 126 8.10 -9.47 -17.95
C GLN C 126 9.21 -8.66 -18.52
N HIS C 127 10.33 -8.57 -17.83
CA HIS C 127 11.43 -7.72 -18.32
C HIS C 127 12.00 -8.21 -19.64
N ILE C 128 11.85 -9.51 -19.94
CA ILE C 128 12.27 -10.00 -21.26
C ILE C 128 11.39 -9.43 -22.35
N LEU C 129 10.09 -9.37 -22.09
CA LEU C 129 9.16 -8.79 -23.06
C LEU C 129 9.40 -7.31 -23.26
N ASP C 130 9.66 -6.59 -22.18
CA ASP C 130 10.01 -5.16 -22.26
C ASP C 130 11.31 -4.95 -23.04
N LEU C 131 12.28 -5.82 -22.82
CA LEU C 131 13.54 -5.70 -23.51
C LEU C 131 13.32 -5.86 -25.02
N ILE C 132 12.57 -6.87 -25.39
CA ILE C 132 12.30 -7.15 -26.78
C ILE C 132 11.56 -6.04 -27.46
N LYS C 133 10.64 -5.42 -26.74
CA LYS C 133 9.90 -4.25 -27.28
C LYS C 133 10.74 -3.04 -27.49
N SER C 134 11.88 -2.93 -26.82
CA SER C 134 12.81 -1.83 -27.04
C SER C 134 13.62 -1.98 -28.36
N PHE C 135 13.71 -3.18 -28.92
CA PHE C 135 14.51 -3.38 -30.13
C PHE C 135 13.99 -2.65 -31.35
N PRO C 136 14.87 -1.93 -32.07
CA PRO C 136 14.43 -1.26 -33.29
C PRO C 136 14.06 -2.31 -34.30
N ARG C 137 13.15 -1.96 -35.18
CA ARG C 137 12.69 -2.85 -36.24
C ARG C 137 13.83 -3.31 -37.15
N SER C 138 14.82 -2.47 -37.37
CA SER C 138 15.97 -2.81 -38.14
C SER C 138 17.04 -3.66 -37.40
N MET C 139 16.89 -3.92 -36.09
CA MET C 139 17.95 -4.70 -35.40
C MET C 139 17.99 -6.11 -36.02
N HIS C 140 19.18 -6.60 -36.30
CA HIS C 140 19.31 -7.90 -36.91
C HIS C 140 18.69 -9.01 -36.01
N PRO C 141 17.94 -9.94 -36.60
CA PRO C 141 17.27 -10.97 -35.75
C PRO C 141 18.18 -11.79 -34.85
N MET C 142 19.39 -12.11 -35.28
CA MET C 142 20.35 -12.81 -34.43
C MET C 142 20.91 -11.96 -33.32
N THR C 143 20.99 -10.63 -33.52
CA THR C 143 21.38 -9.77 -32.41
C THR C 143 20.25 -9.82 -31.36
N GLN C 144 19.00 -9.76 -31.82
CA GLN C 144 17.85 -9.81 -30.91
C GLN C 144 17.87 -11.10 -30.10
N LEU C 145 18.06 -12.22 -30.79
CA LEU C 145 18.01 -13.52 -30.14
C LEU C 145 19.14 -13.66 -29.13
N SER C 146 20.36 -13.26 -29.48
CA SER C 146 21.48 -13.36 -28.54
C SER C 146 21.24 -12.57 -27.27
N ILE C 147 20.78 -11.35 -27.44
CA ILE C 147 20.54 -10.45 -26.33
C ILE C 147 19.47 -10.97 -25.40
N ALA C 148 18.36 -11.40 -25.96
CA ALA C 148 17.28 -11.90 -25.14
C ALA C 148 17.70 -13.14 -24.33
N VAL C 149 18.50 -14.02 -24.93
CA VAL C 149 18.97 -15.19 -24.25
C VAL C 149 19.89 -14.79 -23.09
N ALA C 150 20.80 -13.84 -23.34
CA ALA C 150 21.67 -13.36 -22.27
C ALA C 150 20.84 -12.76 -21.12
N ALA C 151 19.79 -12.02 -21.49
CA ALA C 151 18.99 -11.35 -20.47
C ALA C 151 18.28 -12.32 -19.54
N LEU C 152 18.01 -13.56 -20.00
CA LEU C 152 17.43 -14.60 -19.17
C LEU C 152 18.36 -15.09 -18.05
N ASN C 153 19.62 -14.65 -18.03
CA ASN C 153 20.49 -14.95 -16.88
C ASN C 153 19.99 -14.41 -15.54
N THR C 154 19.03 -13.48 -15.54
CA THR C 154 18.34 -13.10 -14.30
C THR C 154 17.65 -14.30 -13.67
N GLU C 155 17.31 -15.33 -14.46
CA GLU C 155 16.69 -16.55 -13.99
C GLU C 155 17.69 -17.67 -13.75
N SER C 156 18.98 -17.39 -13.72
CA SER C 156 19.97 -18.47 -13.61
C SER C 156 20.02 -19.03 -12.21
N LYS C 157 19.74 -20.31 -12.07
CA LYS C 157 20.03 -20.99 -10.82
C LYS C 157 21.50 -21.22 -10.57
N PHE C 158 22.27 -21.48 -11.65
CA PHE C 158 23.68 -21.68 -11.45
C PHE C 158 24.35 -20.42 -10.92
N ALA C 159 24.07 -19.28 -11.53
CA ALA C 159 24.78 -18.05 -11.12
C ALA C 159 24.52 -17.78 -9.66
N LYS C 160 23.27 -17.91 -9.23
CA LYS C 160 22.95 -17.64 -7.84
C LYS C 160 23.53 -18.68 -6.90
N ALA C 161 23.44 -19.95 -7.26
CA ALA C 161 23.99 -21.00 -6.39
C ALA C 161 25.52 -20.89 -6.28
N TYR C 162 26.22 -20.59 -7.39
CA TYR C 162 27.67 -20.43 -7.34
C TYR C 162 28.09 -19.29 -6.43
N GLU C 163 27.36 -18.19 -6.48
CA GLU C 163 27.67 -17.02 -5.67
C GLU C 163 27.49 -17.33 -4.19
N LYS C 164 26.47 -18.10 -3.86
CA LYS C 164 26.21 -18.52 -2.46
C LYS C 164 27.22 -19.48 -1.94
N GLY C 165 27.77 -20.31 -2.80
CA GLY C 165 28.76 -21.32 -2.43
C GLY C 165 28.19 -22.64 -2.82
N LEU C 166 28.92 -23.38 -3.63
CA LEU C 166 28.39 -24.63 -4.19
C LEU C 166 29.57 -25.55 -4.39
N SER C 167 29.44 -26.81 -4.04
CA SER C 167 30.52 -27.80 -4.27
C SER C 167 30.76 -28.01 -5.77
N LYS C 168 32.04 -28.16 -6.15
CA LYS C 168 32.37 -28.51 -7.52
C LYS C 168 31.63 -29.70 -8.06
N ALA C 169 31.50 -30.74 -7.24
CA ALA C 169 30.87 -31.99 -7.65
C ALA C 169 29.38 -31.78 -8.02
N ASP C 170 28.78 -30.70 -7.47
CA ASP C 170 27.39 -30.37 -7.70
C ASP C 170 27.14 -29.28 -8.76
N TYR C 171 28.19 -28.74 -9.39
CA TYR C 171 27.99 -27.74 -10.43
C TYR C 171 27.05 -28.19 -11.52
N TRP C 172 27.08 -29.49 -11.87
CA TRP C 172 26.23 -29.95 -12.96
C TRP C 172 24.71 -29.78 -12.75
N GLU C 173 24.22 -29.87 -11.51
CA GLU C 173 22.78 -29.85 -11.29
C GLU C 173 22.08 -28.54 -11.64
N PRO C 174 22.55 -27.39 -11.11
CA PRO C 174 22.00 -26.11 -11.49
C PRO C 174 22.29 -25.83 -12.98
N THR C 175 23.40 -26.32 -13.51
CA THR C 175 23.69 -26.17 -14.93
C THR C 175 22.63 -26.91 -15.75
N PHE C 176 22.28 -28.09 -15.34
CA PHE C 176 21.23 -28.85 -16.00
C PHE C 176 19.89 -28.09 -15.88
N ASP C 177 19.57 -27.61 -14.69
CA ASP C 177 18.27 -26.91 -14.50
C ASP C 177 18.19 -25.67 -15.40
N ASP C 178 19.27 -24.88 -15.43
CA ASP C 178 19.33 -23.74 -16.34
C ASP C 178 19.27 -24.13 -17.81
N SER C 179 19.91 -25.21 -18.20
CA SER C 179 19.84 -25.67 -19.58
C SER C 179 18.41 -26.06 -20.00
N ILE C 180 17.70 -26.76 -19.16
CA ILE C 180 16.32 -27.13 -19.47
C ILE C 180 15.46 -25.87 -19.53
N SER C 181 15.70 -24.92 -18.63
CA SER C 181 14.98 -23.69 -18.62
C SER C 181 15.20 -22.92 -19.90
N LEU C 182 16.46 -22.86 -20.33
CA LEU C 182 16.77 -22.18 -21.56
C LEU C 182 16.13 -22.87 -22.76
N LEU C 183 16.22 -24.16 -22.81
CA LEU C 183 15.59 -24.94 -23.89
C LEU C 183 14.08 -24.69 -23.95
N ALA C 184 13.41 -24.69 -22.82
CA ALA C 184 11.98 -24.47 -22.78
C ALA C 184 11.58 -23.11 -23.28
N LYS C 185 12.41 -22.10 -22.98
CA LYS C 185 12.13 -20.72 -23.29
C LYS C 185 12.55 -20.26 -24.66
N ILE C 186 13.59 -20.85 -25.22
CA ILE C 186 14.16 -20.33 -26.43
C ILE C 186 13.23 -20.30 -27.66
N PRO C 187 12.33 -21.28 -27.82
CA PRO C 187 11.40 -21.15 -28.95
C PRO C 187 10.46 -19.95 -28.80
N ARG C 188 10.06 -19.66 -27.59
CA ARG C 188 9.25 -18.49 -27.36
C ARG C 188 10.03 -17.19 -27.66
N VAL C 189 11.28 -17.11 -27.24
CA VAL C 189 12.13 -15.95 -27.58
C VAL C 189 12.28 -15.81 -29.09
N ALA C 190 12.55 -16.91 -29.76
CA ALA C 190 12.65 -16.90 -31.21
C ALA C 190 11.37 -16.45 -31.90
N ALA C 191 10.23 -16.85 -31.36
CA ALA C 191 8.95 -16.41 -31.93
C ALA C 191 8.73 -14.93 -31.74
N LEU C 192 9.19 -14.39 -30.61
CA LEU C 192 9.13 -12.95 -30.41
C LEU C 192 10.03 -12.15 -31.36
N VAL C 193 11.16 -12.73 -31.73
CA VAL C 193 12.00 -12.19 -32.77
C VAL C 193 11.26 -12.18 -34.10
N PHE C 194 10.55 -13.26 -34.40
CA PHE C 194 9.78 -13.39 -35.65
C PHE C 194 8.58 -12.49 -35.67
N ARG C 195 7.99 -12.16 -34.53
CA ARG C 195 6.75 -11.39 -34.46
C ARG C 195 6.83 -10.18 -33.56
N PRO C 196 7.61 -9.17 -33.96
CA PRO C 196 7.85 -8.01 -33.13
C PRO C 196 6.62 -7.17 -32.83
N ASP C 197 5.57 -7.29 -33.62
CA ASP C 197 4.33 -6.57 -33.38
C ASP C 197 3.37 -7.24 -32.40
N GLU C 198 3.70 -8.43 -31.92
CA GLU C 198 2.79 -9.23 -31.11
C GLU C 198 3.42 -9.73 -29.83
N VAL C 199 4.36 -8.94 -29.30
CA VAL C 199 5.16 -9.38 -28.19
C VAL C 199 4.30 -9.69 -26.97
N ASP C 200 3.32 -8.84 -26.66
CA ASP C 200 2.51 -9.06 -25.47
C ASP C 200 1.71 -10.37 -25.53
N GLN C 201 1.14 -10.68 -26.70
CA GLN C 201 0.36 -11.87 -26.89
C GLN C 201 1.23 -13.15 -26.99
N VAL C 202 2.19 -13.20 -27.92
CA VAL C 202 3.07 -14.37 -28.10
C VAL C 202 3.89 -14.59 -26.84
N GLY C 203 4.28 -13.50 -26.19
CA GLY C 203 5.08 -13.54 -25.02
C GLY C 203 4.45 -14.23 -23.81
N THR C 204 3.11 -14.21 -23.75
CA THR C 204 2.40 -14.77 -22.62
C THR C 204 1.47 -15.93 -22.99
N GLN C 205 1.31 -16.24 -24.25
CA GLN C 205 0.37 -17.27 -24.70
C GLN C 205 0.70 -18.63 -24.04
N ALA C 206 -0.34 -19.30 -23.53
CA ALA C 206 -0.24 -20.61 -22.94
C ALA C 206 0.04 -21.66 -24.02
N LEU C 207 0.92 -22.61 -23.73
CA LEU C 207 1.20 -23.70 -24.62
C LEU C 207 0.31 -24.88 -24.31
N ASP C 208 0.05 -25.69 -25.31
CA ASP C 208 -0.57 -27.01 -25.13
C ASP C 208 0.44 -27.91 -24.43
N ALA C 209 0.12 -28.26 -23.17
CA ALA C 209 1.01 -29.02 -22.34
C ALA C 209 1.23 -30.46 -22.79
N SER C 210 0.39 -30.96 -23.71
CA SER C 210 0.54 -32.32 -24.17
C SER C 210 1.34 -32.38 -25.48
N GLN C 211 1.76 -31.24 -26.02
CA GLN C 211 2.39 -31.23 -27.32
C GLN C 211 3.87 -31.13 -27.19
N ASP C 212 4.54 -31.44 -28.28
CA ASP C 212 6.00 -31.48 -28.28
C ASP C 212 6.60 -30.08 -28.51
N TRP C 213 7.89 -29.97 -28.28
CA TRP C 213 8.62 -28.70 -28.29
C TRP C 213 8.49 -27.95 -29.67
N SER C 214 8.63 -28.71 -30.75
CA SER C 214 8.55 -28.14 -32.07
C SER C 214 7.13 -27.70 -32.41
N TYR C 215 6.14 -28.50 -32.04
CA TYR C 215 4.76 -28.15 -32.30
C TYR C 215 4.46 -26.83 -31.60
N ASN C 216 4.89 -26.69 -30.35
CA ASN C 216 4.60 -25.48 -29.59
C ASN C 216 5.38 -24.28 -30.14
N PHE C 217 6.57 -24.48 -30.62
CA PHE C 217 7.29 -23.45 -31.36
C PHE C 217 6.50 -23.00 -32.59
N ALA C 218 6.00 -23.95 -33.37
CA ALA C 218 5.19 -23.62 -34.56
C ALA C 218 3.95 -22.83 -34.18
N GLU C 219 3.30 -23.23 -33.11
CA GLU C 219 2.15 -22.51 -32.57
C GLU C 219 2.50 -21.07 -32.23
N LEU C 220 3.62 -20.85 -31.55
CA LEU C 220 4.08 -19.47 -31.24
C LEU C 220 4.42 -18.68 -32.50
N LEU C 221 4.85 -19.37 -33.56
CA LEU C 221 5.10 -18.73 -34.85
C LEU C 221 3.84 -18.43 -35.63
N GLY C 222 2.65 -18.84 -35.17
CA GLY C 222 1.41 -18.64 -35.89
C GLY C 222 1.11 -19.77 -36.86
N LYS C 223 1.75 -20.92 -36.69
CA LYS C 223 1.62 -22.05 -37.59
C LYS C 223 1.23 -23.31 -36.87
N GLY C 224 0.31 -23.19 -35.91
CA GLY C 224 -0.21 -24.33 -35.15
C GLY C 224 -1.38 -25.01 -35.86
N GLY C 225 -1.90 -26.05 -35.27
CA GLY C 225 -3.13 -26.73 -35.71
C GLY C 225 -2.88 -27.79 -36.75
N LYS C 226 -3.88 -28.63 -37.02
CA LYS C 226 -3.71 -29.74 -37.94
C LYS C 226 -3.43 -29.39 -39.38
N GLU C 227 -3.89 -28.23 -39.83
CA GLU C 227 -3.56 -27.74 -41.16
C GLU C 227 -2.02 -27.54 -41.42
N ASN C 228 -1.23 -27.40 -40.36
CA ASN C 228 0.21 -27.20 -40.49
C ASN C 228 1.00 -28.43 -40.09
N GLN C 229 0.37 -29.61 -40.11
CA GLN C 229 1.05 -30.79 -39.58
C GLN C 229 2.31 -31.19 -40.32
N ASP C 230 2.36 -30.95 -41.62
CA ASP C 230 3.57 -31.23 -42.37
C ASP C 230 4.70 -30.30 -41.95
N PHE C 231 4.37 -29.01 -41.76
CA PHE C 231 5.39 -28.08 -41.27
C PHE C 231 5.92 -28.51 -39.89
N HIS C 232 5.05 -29.04 -39.04
CA HIS C 232 5.48 -29.51 -37.72
C HIS C 232 6.52 -30.58 -37.82
N ASP C 233 6.32 -31.50 -38.73
CA ASP C 233 7.29 -32.57 -38.94
C ASP C 233 8.61 -32.08 -39.55
N LEU C 234 8.53 -31.11 -40.48
CA LEU C 234 9.75 -30.49 -41.02
C LEU C 234 10.50 -29.85 -39.88
N LEU C 235 9.80 -29.10 -39.03
CA LEU C 235 10.47 -28.36 -37.98
C LEU C 235 11.09 -29.30 -36.96
N ARG C 236 10.38 -30.37 -36.64
CA ARG C 236 10.93 -31.38 -35.73
C ARG C 236 12.23 -31.94 -36.28
N LEU C 237 12.22 -32.30 -37.54
CA LEU C 237 13.38 -32.92 -38.16
C LEU C 237 14.50 -31.95 -38.26
N TYR C 238 14.20 -30.74 -38.72
CA TYR C 238 15.22 -29.71 -38.82
C TYR C 238 15.90 -29.47 -37.49
N LEU C 239 15.10 -29.30 -36.43
CA LEU C 239 15.64 -28.98 -35.13
C LEU C 239 16.47 -30.15 -34.59
N ALA C 240 16.03 -31.38 -34.83
CA ALA C 240 16.77 -32.56 -34.38
C ALA C 240 18.09 -32.71 -35.14
N LEU C 241 18.04 -32.48 -36.47
CA LEU C 241 19.23 -32.70 -37.28
C LEU C 241 20.35 -31.70 -37.00
N HIS C 242 20.02 -30.45 -36.61
CA HIS C 242 21.00 -29.42 -36.50
C HIS C 242 21.46 -29.22 -35.08
N GLY C 243 21.01 -30.06 -34.16
CA GLY C 243 21.26 -29.89 -32.75
C GLY C 243 22.70 -29.87 -32.32
N ASP C 244 23.52 -30.70 -32.96
CA ASP C 244 24.91 -30.82 -32.60
C ASP C 244 25.75 -31.26 -33.79
N HIS C 245 26.93 -30.73 -33.88
CA HIS C 245 27.90 -31.18 -34.92
C HIS C 245 29.32 -30.90 -34.47
N GLU C 246 29.75 -31.66 -33.46
CA GLU C 246 31.08 -31.59 -32.84
C GLU C 246 31.28 -30.23 -32.18
N GLY C 247 32.44 -29.99 -31.60
CA GLY C 247 32.69 -28.84 -30.76
C GLY C 247 33.39 -27.72 -31.44
N GLY C 248 33.91 -27.95 -32.62
CA GLY C 248 34.77 -26.99 -33.32
C GLY C 248 34.07 -25.82 -33.96
N ASN C 249 32.80 -25.99 -34.35
CA ASN C 249 32.07 -24.90 -35.01
C ASN C 249 31.94 -23.74 -33.98
N VAL C 250 31.78 -22.50 -34.45
CA VAL C 250 31.93 -21.35 -33.60
C VAL C 250 30.83 -21.28 -32.53
N SER C 251 29.59 -21.65 -32.83
CA SER C 251 28.54 -21.59 -31.82
C SER C 251 28.76 -22.57 -30.67
N ALA C 252 29.16 -23.78 -30.97
CA ALA C 252 29.44 -24.78 -29.95
C ALA C 252 30.66 -24.37 -29.14
N HIS C 253 31.70 -23.94 -29.83
CA HIS C 253 32.97 -23.62 -29.18
C HIS C 253 32.80 -22.40 -28.30
N ALA C 254 32.16 -21.35 -28.81
CA ALA C 254 32.01 -20.13 -27.98
C ALA C 254 31.19 -20.41 -26.73
N THR C 255 30.17 -21.25 -26.83
CA THR C 255 29.39 -21.70 -25.67
C THR C 255 30.27 -22.38 -24.62
N HIS C 256 31.05 -23.33 -25.05
CA HIS C 256 31.99 -24.01 -24.19
C HIS C 256 33.01 -23.09 -23.57
N LEU C 257 33.58 -22.18 -24.38
CA LEU C 257 34.63 -21.27 -23.92
C LEU C 257 34.10 -20.37 -22.82
N VAL C 258 33.00 -19.70 -23.09
CA VAL C 258 32.41 -18.80 -22.08
C VAL C 258 31.91 -19.57 -20.87
N GLY C 259 31.30 -20.72 -21.12
CA GLY C 259 30.90 -21.65 -20.05
C GLY C 259 32.04 -22.09 -19.16
N SER C 260 33.23 -22.19 -19.70
CA SER C 260 34.37 -22.73 -18.97
C SER C 260 34.87 -21.74 -17.91
N ALA C 261 34.52 -20.45 -18.06
CA ALA C 261 34.81 -19.46 -17.02
C ALA C 261 33.70 -19.45 -15.92
N LEU C 262 32.74 -20.36 -16.04
CA LEU C 262 31.61 -20.60 -15.12
C LEU C 262 30.54 -19.54 -15.25
N SER C 263 30.48 -18.89 -16.42
CA SER C 263 29.31 -18.16 -16.81
C SER C 263 28.19 -19.19 -17.00
N ASP C 264 26.97 -18.81 -16.67
CA ASP C 264 25.88 -19.81 -16.64
C ASP C 264 25.46 -20.13 -18.05
N PRO C 265 24.57 -21.08 -18.25
CA PRO C 265 24.18 -21.42 -19.63
C PRO C 265 23.52 -20.34 -20.45
N PHE C 266 22.83 -19.40 -19.81
CA PHE C 266 22.23 -18.28 -20.55
C PHE C 266 23.29 -17.40 -21.16
N LEU C 267 24.25 -16.96 -20.36
CA LEU C 267 25.33 -16.17 -20.87
C LEU C 267 26.18 -16.96 -21.88
N SER C 268 26.37 -18.24 -21.65
CA SER C 268 27.24 -19.03 -22.50
C SER C 268 26.62 -19.28 -23.87
N TYR C 269 25.34 -19.64 -23.91
CA TYR C 269 24.73 -19.86 -25.22
C TYR C 269 24.46 -18.53 -25.94
N SER C 270 24.31 -17.44 -25.20
CA SER C 270 24.29 -16.13 -25.83
C SER C 270 25.56 -15.91 -26.64
N ALA C 271 26.71 -16.23 -26.07
CA ALA C 271 27.97 -16.12 -26.78
C ALA C 271 27.97 -17.02 -28.02
N GLY C 272 27.48 -18.23 -27.88
CA GLY C 272 27.25 -19.11 -29.01
C GLY C 272 26.45 -18.51 -30.13
N LEU C 273 25.36 -17.83 -29.79
CA LEU C 273 24.52 -17.17 -30.75
C LEU C 273 25.20 -15.97 -31.40
N LEU C 274 26.01 -15.23 -30.65
CA LEU C 274 26.81 -14.15 -31.20
C LEU C 274 27.80 -14.67 -32.26
N GLY C 275 28.33 -15.85 -32.02
CA GLY C 275 29.18 -16.51 -33.00
C GLY C 275 28.36 -17.01 -34.18
N LEU C 276 27.19 -17.55 -33.90
CA LEU C 276 26.28 -17.98 -34.96
C LEU C 276 25.84 -16.84 -35.86
N ALA C 277 25.79 -15.63 -35.30
CA ALA C 277 25.44 -14.43 -36.06
C ALA C 277 26.52 -14.07 -37.10
N GLY C 278 27.74 -14.60 -36.97
CA GLY C 278 28.82 -14.26 -37.89
C GLY C 278 28.45 -14.76 -39.27
N PRO C 279 28.53 -13.88 -40.28
CA PRO C 279 28.08 -14.22 -41.62
C PRO C 279 28.94 -15.25 -42.32
N LEU C 280 30.18 -15.45 -41.85
CA LEU C 280 31.17 -16.10 -42.70
C LEU C 280 30.80 -17.48 -43.11
N HIS C 281 30.36 -18.32 -42.18
CA HIS C 281 29.90 -19.67 -42.61
C HIS C 281 28.45 -19.97 -42.32
N ALA C 282 27.71 -19.02 -41.76
CA ALA C 282 26.31 -19.19 -41.38
C ALA C 282 25.28 -18.92 -42.48
N LEU C 283 25.70 -18.41 -43.63
CA LEU C 283 24.77 -17.97 -44.69
C LEU C 283 24.62 -18.90 -45.86
N ALA C 284 25.14 -20.11 -45.73
CA ALA C 284 25.08 -21.07 -46.82
C ALA C 284 23.62 -21.40 -47.20
N ALA C 285 22.73 -21.59 -46.23
CA ALA C 285 21.33 -21.92 -46.55
C ALA C 285 20.68 -20.79 -47.38
N GLN C 286 21.00 -19.56 -47.01
CA GLN C 286 20.55 -18.35 -47.73
C GLN C 286 21.13 -18.28 -49.13
N GLU C 287 22.43 -18.53 -49.26
CA GLU C 287 23.06 -18.51 -50.59
C GLU C 287 22.42 -19.56 -51.53
N VAL C 288 22.18 -20.75 -51.01
CA VAL C 288 21.57 -21.81 -51.82
C VAL C 288 20.20 -21.37 -52.30
N LEU C 289 19.39 -20.82 -51.39
CA LEU C 289 18.09 -20.36 -51.78
C LEU C 289 18.17 -19.30 -52.88
N ARG C 290 19.02 -18.29 -52.74
CA ARG C 290 19.18 -17.27 -53.80
C ARG C 290 19.57 -17.92 -55.15
N TRP C 291 20.48 -18.88 -55.10
CA TRP C 291 20.98 -19.55 -56.31
C TRP C 291 19.86 -20.35 -57.02
N ILE C 292 19.09 -21.08 -56.23
CA ILE C 292 17.96 -21.86 -56.73
C ILE C 292 16.91 -20.93 -57.35
N LEU C 293 16.58 -19.85 -56.66
CA LEU C 293 15.61 -18.88 -57.20
C LEU C 293 16.14 -18.23 -58.48
N ALA C 294 17.42 -17.88 -58.54
CA ALA C 294 18.02 -17.34 -59.81
C ALA C 294 17.97 -18.39 -60.95
N MET C 295 18.25 -19.63 -60.63
CA MET C 295 18.12 -20.70 -61.62
C MET C 295 16.67 -20.83 -62.13
N GLN C 296 15.71 -20.79 -61.23
CA GLN C 296 14.28 -20.80 -61.61
C GLN C 296 13.95 -19.62 -62.54
N ASP C 297 14.46 -18.46 -62.19
CA ASP C 297 14.34 -17.24 -63.03
C ASP C 297 14.84 -17.51 -64.48
N LYS C 298 15.98 -18.14 -64.63
CA LYS C 298 16.56 -18.43 -65.93
C LYS C 298 15.86 -19.53 -66.70
N ILE C 299 15.61 -20.67 -66.07
CA ILE C 299 15.16 -21.86 -66.79
C ILE C 299 13.66 -22.09 -66.68
N GLY C 300 12.98 -21.27 -65.90
CA GLY C 300 11.54 -21.33 -65.82
C GLY C 300 11.09 -22.40 -64.86
N THR C 301 9.81 -22.67 -64.92
CA THR C 301 9.13 -23.47 -63.90
C THR C 301 8.66 -24.84 -64.45
N LYS C 302 8.63 -25.03 -65.78
CA LYS C 302 8.54 -26.32 -66.44
C LYS C 302 9.92 -26.48 -67.09
N PHE C 303 10.79 -27.27 -66.44
CA PHE C 303 12.18 -27.48 -66.86
C PHE C 303 12.50 -28.96 -66.87
N THR C 304 13.33 -29.38 -67.80
CA THR C 304 13.74 -30.77 -67.97
C THR C 304 15.05 -31.02 -67.23
N ASP C 305 15.41 -32.30 -67.10
CA ASP C 305 16.74 -32.69 -66.59
C ASP C 305 17.82 -32.07 -67.44
N ASP C 306 17.61 -32.09 -68.75
CA ASP C 306 18.54 -31.46 -69.68
C ASP C 306 18.73 -29.96 -69.44
N ASP C 307 17.64 -29.25 -69.13
CA ASP C 307 17.73 -27.81 -68.85
C ASP C 307 18.64 -27.56 -67.66
N VAL C 308 18.46 -28.37 -66.61
CA VAL C 308 19.26 -28.28 -65.40
C VAL C 308 20.72 -28.60 -65.69
N ARG C 309 20.96 -29.66 -66.43
CA ARG C 309 22.32 -30.06 -66.73
C ARG C 309 23.04 -28.95 -67.52
N ASN C 310 22.33 -28.40 -68.51
CA ASN C 310 22.88 -27.31 -69.31
C ASN C 310 23.20 -26.09 -68.45
N TYR C 311 22.32 -25.79 -67.52
CA TYR C 311 22.54 -24.67 -66.63
C TYR C 311 23.78 -24.88 -65.77
N LEU C 312 23.98 -26.08 -65.25
CA LEU C 312 25.13 -26.39 -64.41
C LEU C 312 26.44 -26.27 -65.18
N TRP C 313 26.48 -26.82 -66.38
CA TRP C 313 27.66 -26.68 -67.23
C TRP C 313 28.04 -25.20 -67.50
N ASP C 314 27.03 -24.40 -67.84
CA ASP C 314 27.24 -22.97 -68.08
C ASP C 314 27.78 -22.26 -66.82
N THR C 315 27.22 -22.60 -65.67
CA THR C 315 27.69 -22.01 -64.40
C THR C 315 29.17 -22.30 -64.23
N LEU C 316 29.53 -23.55 -64.40
CA LEU C 316 30.91 -23.99 -64.18
C LEU C 316 31.87 -23.41 -65.21
N LYS C 317 31.48 -23.37 -66.49
CA LYS C 317 32.34 -22.77 -67.52
C LYS C 317 32.57 -21.28 -67.24
N SER C 318 31.56 -20.60 -66.68
CA SER C 318 31.71 -19.23 -66.19
C SER C 318 32.64 -19.02 -64.97
N GLY C 319 33.16 -20.10 -64.38
CA GLY C 319 34.01 -20.02 -63.20
C GLY C 319 33.25 -20.00 -61.89
N ARG C 320 31.94 -20.14 -61.89
CA ARG C 320 31.14 -20.04 -60.67
C ARG C 320 30.79 -21.38 -60.03
N VAL C 321 30.57 -21.34 -58.72
CA VAL C 321 30.37 -22.56 -57.88
C VAL C 321 28.89 -22.86 -57.64
N VAL C 322 28.60 -24.11 -57.32
CA VAL C 322 27.27 -24.55 -56.98
C VAL C 322 27.21 -24.54 -55.45
N PRO C 323 26.49 -23.63 -54.84
CA PRO C 323 26.50 -23.58 -53.36
C PRO C 323 25.75 -24.78 -52.77
N GLY C 324 26.16 -25.17 -51.59
CA GLY C 324 25.58 -26.29 -50.86
C GLY C 324 26.18 -27.64 -51.28
N TYR C 325 27.21 -27.61 -52.16
CA TYR C 325 27.85 -28.82 -52.65
C TYR C 325 29.33 -28.72 -52.41
N GLY C 326 29.95 -29.83 -52.03
CA GLY C 326 31.40 -29.87 -51.83
C GLY C 326 31.84 -29.72 -50.38
N HIS C 327 31.76 -30.83 -49.64
CA HIS C 327 32.23 -30.88 -48.29
C HIS C 327 33.66 -31.36 -48.30
N GLY C 328 34.42 -30.95 -47.29
CA GLY C 328 35.81 -31.33 -47.19
C GLY C 328 36.06 -32.82 -47.03
N VAL C 329 35.19 -33.50 -46.27
CA VAL C 329 35.45 -34.90 -45.94
C VAL C 329 34.52 -35.93 -46.59
N LEU C 330 33.21 -35.67 -46.58
CA LEU C 330 32.23 -36.69 -46.94
C LEU C 330 32.25 -37.08 -48.38
N ARG C 331 32.22 -38.39 -48.63
CA ARG C 331 32.24 -38.94 -50.01
C ARG C 331 30.84 -39.23 -50.54
N LYS C 332 29.81 -38.91 -49.75
CA LYS C 332 28.42 -39.12 -50.14
C LYS C 332 27.58 -37.95 -49.62
N PRO C 333 26.32 -37.85 -50.09
CA PRO C 333 25.48 -36.82 -49.54
C PRO C 333 25.49 -36.80 -48.00
N ASP C 334 25.46 -35.58 -47.44
CA ASP C 334 25.27 -35.37 -46.03
C ASP C 334 24.00 -36.14 -45.63
N PRO C 335 24.10 -37.04 -44.64
CA PRO C 335 22.89 -37.78 -44.22
C PRO C 335 21.76 -36.87 -43.66
N ARG C 336 22.12 -35.65 -43.22
CA ARG C 336 21.12 -34.64 -42.84
C ARG C 336 20.37 -34.18 -44.06
N PHE C 337 21.08 -34.02 -45.19
CA PHE C 337 20.45 -33.65 -46.44
C PHE C 337 19.47 -34.76 -46.83
N GLN C 338 19.92 -36.01 -46.74
CA GLN C 338 19.10 -37.12 -47.22
C GLN C 338 17.80 -37.20 -46.37
N ALA C 339 17.92 -36.92 -45.06
CA ALA C 339 16.78 -37.04 -44.19
C ALA C 339 15.71 -35.99 -44.57
N LEU C 340 16.17 -34.78 -44.95
CA LEU C 340 15.25 -33.77 -45.44
C LEU C 340 14.57 -34.18 -46.78
N MET C 341 15.34 -34.80 -47.67
CA MET C 341 14.77 -35.35 -48.90
C MET C 341 13.77 -36.45 -48.65
N ASP C 342 14.02 -37.31 -47.67
CA ASP C 342 13.05 -38.36 -47.34
C ASP C 342 11.75 -37.76 -46.79
N PHE C 343 11.89 -36.68 -46.01
CA PHE C 343 10.72 -36.01 -45.49
C PHE C 343 9.84 -35.51 -46.68
N ALA C 344 10.53 -34.85 -47.63
CA ALA C 344 9.87 -34.22 -48.75
C ALA C 344 9.16 -35.23 -49.64
N ALA C 345 9.77 -36.43 -49.75
CA ALA C 345 9.25 -37.44 -50.68
C ALA C 345 7.83 -37.92 -50.36
N THR C 346 7.38 -37.78 -49.12
CA THR C 346 6.00 -38.17 -48.79
C THR C 346 4.99 -37.01 -48.80
N ARG C 347 5.41 -35.81 -49.22
CA ARG C 347 4.53 -34.61 -49.18
C ARG C 347 4.24 -34.08 -50.55
N PRO C 348 3.09 -34.47 -51.13
CA PRO C 348 2.90 -34.12 -52.54
C PRO C 348 2.98 -32.62 -52.84
N ASP C 349 2.54 -31.75 -51.94
CA ASP C 349 2.62 -30.29 -52.23
C ASP C 349 4.08 -29.79 -52.30
N VAL C 350 4.98 -30.40 -51.53
CA VAL C 350 6.41 -30.06 -51.59
C VAL C 350 6.97 -30.52 -52.93
N LEU C 351 6.68 -31.77 -53.29
CA LEU C 351 7.17 -32.30 -54.58
C LEU C 351 6.63 -31.54 -55.78
N ALA C 352 5.42 -31.01 -55.67
CA ALA C 352 4.82 -30.14 -56.73
C ALA C 352 5.43 -28.74 -56.78
N ASN C 353 6.17 -28.30 -55.76
CA ASN C 353 6.79 -26.99 -55.78
C ASN C 353 8.02 -26.97 -56.72
N PRO C 354 7.98 -26.16 -57.82
CA PRO C 354 9.11 -26.09 -58.73
C PRO C 354 10.46 -25.76 -58.06
N VAL C 355 10.43 -24.98 -56.99
CA VAL C 355 11.68 -24.63 -56.27
C VAL C 355 12.27 -25.88 -55.63
N PHE C 356 11.43 -26.73 -55.03
CA PHE C 356 11.91 -27.99 -54.50
C PHE C 356 12.36 -28.94 -55.60
N GLN C 357 11.62 -29.00 -56.69
CA GLN C 357 12.01 -29.87 -57.82
C GLN C 357 13.40 -29.52 -58.32
N LEU C 358 13.72 -28.23 -58.33
CA LEU C 358 15.05 -27.80 -58.71
C LEU C 358 16.13 -28.30 -57.76
N VAL C 359 15.85 -28.27 -56.46
CA VAL C 359 16.79 -28.85 -55.50
C VAL C 359 16.95 -30.35 -55.74
N LYS C 360 15.84 -31.03 -55.95
CA LYS C 360 15.88 -32.46 -56.16
C LYS C 360 16.62 -32.83 -57.41
N LYS C 361 16.32 -32.14 -58.51
CA LYS C 361 16.97 -32.46 -59.80
C LYS C 361 18.45 -32.18 -59.73
N ASN C 362 18.80 -31.07 -59.14
CA ASN C 362 20.21 -30.70 -58.97
C ASN C 362 20.95 -31.78 -58.17
N SER C 363 20.34 -32.32 -57.10
CA SER C 363 20.96 -33.36 -56.33
C SER C 363 21.16 -34.67 -57.12
N GLU C 364 20.34 -34.91 -58.15
CA GLU C 364 20.46 -36.07 -59.02
C GLU C 364 21.51 -35.90 -60.15
N ILE C 365 21.82 -34.66 -60.51
CA ILE C 365 22.60 -34.31 -61.70
C ILE C 365 23.90 -33.63 -61.37
N ALA C 366 23.89 -32.70 -60.42
CA ALA C 366 25.10 -31.91 -60.10
C ALA C 366 26.34 -32.71 -59.67
N PRO C 367 26.18 -33.78 -58.84
CA PRO C 367 27.39 -34.50 -58.41
C PRO C 367 28.19 -35.10 -59.58
N ALA C 368 27.51 -35.70 -60.56
CA ALA C 368 28.18 -36.27 -61.74
C ALA C 368 28.86 -35.16 -62.58
N VAL C 369 28.12 -34.08 -62.82
CA VAL C 369 28.66 -32.91 -63.51
C VAL C 369 29.89 -32.33 -62.81
N LEU C 370 29.82 -32.14 -61.50
CA LEU C 370 30.92 -31.55 -60.75
C LEU C 370 32.16 -32.42 -60.74
N THR C 371 31.95 -33.75 -60.66
CA THR C 371 33.05 -34.70 -60.69
C THR C 371 33.79 -34.64 -62.03
N GLU C 372 33.03 -34.78 -63.12
CA GLU C 372 33.57 -34.64 -64.46
C GLU C 372 34.30 -33.30 -64.65
N HIS C 373 33.73 -32.20 -64.18
CA HIS C 373 34.40 -30.90 -64.25
C HIS C 373 35.70 -30.88 -63.45
N GLY C 374 35.73 -31.58 -62.33
CA GLY C 374 36.98 -31.91 -61.64
C GLY C 374 37.56 -30.87 -60.70
N LYS C 375 36.89 -29.73 -60.53
CA LYS C 375 37.40 -28.67 -59.63
C LYS C 375 36.99 -28.82 -58.17
N THR C 376 35.85 -29.47 -57.89
CA THR C 376 35.30 -29.48 -56.50
C THR C 376 35.52 -30.82 -55.84
N LYS C 377 36.22 -30.86 -54.70
CA LYS C 377 36.40 -32.13 -53.98
C LYS C 377 35.06 -32.59 -53.36
N ASN C 378 34.80 -33.89 -53.44
CA ASN C 378 33.58 -34.53 -52.87
C ASN C 378 32.29 -33.73 -53.09
N PRO C 379 31.83 -33.67 -54.33
CA PRO C 379 30.81 -32.76 -54.82
C PRO C 379 29.36 -33.22 -54.55
N HIS C 380 29.09 -33.49 -53.29
CA HIS C 380 27.82 -33.97 -52.86
C HIS C 380 27.09 -32.90 -52.08
N PRO C 381 25.75 -33.02 -52.03
CA PRO C 381 25.02 -32.00 -51.34
C PRO C 381 25.25 -32.10 -49.84
N ASN C 382 25.31 -30.96 -49.16
CA ASN C 382 25.18 -30.94 -47.71
C ASN C 382 23.76 -30.46 -47.30
N VAL C 383 23.48 -30.44 -46.01
CA VAL C 383 22.16 -30.16 -45.52
C VAL C 383 21.61 -28.81 -45.99
N ASP C 384 22.50 -27.82 -46.10
CA ASP C 384 22.16 -26.48 -46.60
C ASP C 384 21.59 -26.44 -48.03
N ALA C 385 21.85 -27.49 -48.81
CA ALA C 385 21.24 -27.57 -50.13
C ALA C 385 19.72 -27.62 -50.10
N ALA C 386 19.14 -28.14 -49.02
CA ALA C 386 17.68 -28.35 -48.95
C ALA C 386 16.93 -27.57 -47.88
N SER C 387 17.58 -27.21 -46.77
CA SER C 387 16.82 -26.69 -45.60
C SER C 387 16.12 -25.36 -45.90
N GLY C 388 16.81 -24.42 -46.54
CA GLY C 388 16.22 -23.11 -46.86
C GLY C 388 15.03 -23.23 -47.81
N VAL C 389 15.16 -24.03 -48.86
CA VAL C 389 14.06 -24.22 -49.79
C VAL C 389 12.84 -24.82 -49.09
N LEU C 390 13.05 -25.79 -48.20
CA LEU C 390 11.93 -26.37 -47.47
C LEU C 390 11.24 -25.34 -46.59
N PHE C 391 12.00 -24.53 -45.86
CA PHE C 391 11.39 -23.42 -45.11
C PHE C 391 10.66 -22.45 -46.00
N TYR C 392 11.27 -22.10 -47.13
CA TYR C 392 10.67 -21.23 -48.12
C TYR C 392 9.32 -21.76 -48.57
N HIS C 393 9.24 -23.05 -48.83
CA HIS C 393 7.99 -23.63 -49.22
C HIS C 393 6.88 -23.42 -48.21
N TYR C 394 7.23 -23.45 -46.93
CA TYR C 394 6.23 -23.29 -45.86
C TYR C 394 6.02 -21.84 -45.42
N GLY C 395 6.43 -20.90 -46.24
CA GLY C 395 6.15 -19.49 -46.01
C GLY C 395 7.22 -18.70 -45.31
N PHE C 396 8.33 -19.30 -44.96
CA PHE C 396 9.44 -18.60 -44.30
C PHE C 396 10.32 -18.04 -45.37
N GLN C 397 9.98 -16.84 -45.82
CA GLN C 397 10.62 -16.24 -46.98
C GLN C 397 11.46 -15.06 -46.71
N GLN C 398 11.78 -14.82 -45.46
CA GLN C 398 12.76 -13.76 -45.09
C GLN C 398 13.98 -14.52 -44.55
N PRO C 399 14.94 -14.83 -45.43
CA PRO C 399 16.06 -15.78 -45.19
C PRO C 399 16.95 -15.32 -44.05
N LEU C 400 17.00 -14.04 -43.77
CA LEU C 400 17.65 -13.47 -42.61
C LEU C 400 17.28 -14.25 -41.30
N TYR C 401 16.01 -14.63 -41.19
CA TYR C 401 15.52 -15.32 -40.05
C TYR C 401 15.79 -16.84 -40.06
N TYR C 402 16.38 -17.39 -41.14
CA TYR C 402 16.76 -18.80 -41.14
C TYR C 402 17.75 -19.18 -40.09
N THR C 403 18.63 -18.21 -39.77
CA THR C 403 19.57 -18.42 -38.71
C THR C 403 18.91 -18.52 -37.36
N VAL C 404 17.79 -17.84 -37.16
CA VAL C 404 17.09 -17.88 -35.89
C VAL C 404 16.62 -19.30 -35.60
N THR C 405 16.01 -19.95 -36.57
CA THR C 405 15.61 -21.33 -36.39
C THR C 405 16.83 -22.24 -36.11
N PHE C 406 17.95 -21.97 -36.77
CA PHE C 406 19.16 -22.71 -36.52
C PHE C 406 19.66 -22.48 -35.08
N GLY C 407 19.54 -21.23 -34.60
CA GLY C 407 19.84 -20.92 -33.21
C GLY C 407 19.03 -21.67 -32.20
N VAL C 408 17.76 -21.89 -32.49
CA VAL C 408 16.94 -22.69 -31.61
C VAL C 408 17.48 -24.14 -31.57
N SER C 409 17.72 -24.71 -32.76
CA SER C 409 18.23 -26.07 -32.87
C SER C 409 19.55 -26.23 -32.13
N ARG C 410 20.42 -25.28 -32.34
CA ARG C 410 21.80 -25.43 -31.90
C ARG C 410 21.98 -25.14 -30.41
N ALA C 411 20.91 -24.85 -29.70
CA ALA C 411 20.94 -24.90 -28.25
C ALA C 411 21.17 -26.31 -27.74
N LEU C 412 20.67 -27.32 -28.45
CA LEU C 412 20.62 -28.67 -27.92
C LEU C 412 21.99 -29.22 -27.58
N GLY C 413 22.88 -29.31 -28.58
CA GLY C 413 24.16 -29.96 -28.34
C GLY C 413 25.12 -29.20 -27.41
N PRO C 414 25.27 -27.89 -27.58
CA PRO C 414 26.16 -27.18 -26.71
C PRO C 414 25.72 -27.15 -25.25
N LEU C 415 24.41 -27.13 -25.00
CA LEU C 415 23.92 -27.22 -23.62
C LEU C 415 24.22 -28.56 -23.01
N VAL C 416 24.07 -29.63 -23.76
CA VAL C 416 24.49 -30.95 -23.31
C VAL C 416 25.95 -30.93 -22.92
N GLN C 417 26.80 -30.42 -23.78
CA GLN C 417 28.23 -30.37 -23.48
C GLN C 417 28.57 -29.50 -22.29
N LEU C 418 27.85 -28.41 -22.11
CA LEU C 418 28.05 -27.60 -20.93
C LEU C 418 27.74 -28.36 -19.63
N ILE C 419 26.68 -29.15 -19.66
CA ILE C 419 26.32 -29.98 -18.53
C ILE C 419 27.45 -30.99 -18.22
N TRP C 420 27.95 -31.65 -19.28
CA TRP C 420 29.07 -32.56 -19.12
C TRP C 420 30.37 -31.88 -18.71
N ASP C 421 30.62 -30.68 -19.21
CA ASP C 421 31.82 -29.96 -18.80
C ASP C 421 31.79 -29.77 -17.27
N ARG C 422 30.65 -29.36 -16.75
CA ARG C 422 30.49 -29.16 -15.32
C ARG C 422 30.48 -30.48 -14.53
N ALA C 423 29.83 -31.51 -15.04
CA ALA C 423 29.87 -32.83 -14.38
C ALA C 423 31.29 -33.34 -14.24
N LEU C 424 32.12 -33.16 -15.28
CA LEU C 424 33.50 -33.63 -15.24
C LEU C 424 34.44 -32.72 -14.54
N GLY C 425 34.08 -31.44 -14.36
CA GLY C 425 34.98 -30.48 -13.73
C GLY C 425 36.06 -30.01 -14.68
N LEU C 426 35.74 -29.88 -15.98
CA LEU C 426 36.70 -29.35 -16.93
C LEU C 426 37.08 -27.90 -16.55
N PRO C 427 38.35 -27.53 -16.77
CA PRO C 427 38.81 -26.21 -16.35
C PRO C 427 38.48 -25.13 -17.38
N ILE C 428 38.92 -23.92 -17.08
CA ILE C 428 38.75 -22.81 -18.01
C ILE C 428 39.51 -23.12 -19.31
N GLU C 429 38.93 -22.78 -20.46
CA GLU C 429 39.63 -22.92 -21.71
C GLU C 429 40.54 -21.68 -21.85
N ARG C 430 41.83 -21.93 -22.00
CA ARG C 430 42.85 -20.90 -21.98
C ARG C 430 44.08 -21.38 -22.79
N PRO C 431 44.01 -21.26 -24.11
CA PRO C 431 45.20 -21.54 -24.90
C PRO C 431 46.21 -20.42 -24.70
N LYS C 432 47.36 -20.61 -25.33
CA LYS C 432 48.51 -19.71 -25.22
C LYS C 432 48.66 -18.99 -26.56
N SER C 433 48.78 -17.66 -26.53
CA SER C 433 49.01 -16.91 -27.77
C SER C 433 50.47 -16.64 -28.03
N ILE C 434 50.75 -16.27 -29.28
CA ILE C 434 52.07 -15.81 -29.68
C ILE C 434 51.90 -14.77 -30.74
N ASN C 435 52.87 -13.88 -30.86
CA ASN C 435 52.89 -12.85 -31.94
C ASN C 435 53.67 -13.38 -33.15
N LEU C 436 53.46 -12.76 -34.30
CA LEU C 436 54.16 -13.19 -35.54
C LEU C 436 55.66 -13.15 -35.37
N LEU C 437 56.17 -12.11 -34.70
CA LEU C 437 57.61 -12.03 -34.43
C LEU C 437 58.14 -13.23 -33.65
N GLY C 438 57.33 -13.76 -32.75
CA GLY C 438 57.68 -14.94 -31.99
C GLY C 438 57.69 -16.22 -32.79
N LEU C 439 56.97 -16.24 -33.92
CA LEU C 439 57.04 -17.39 -34.84
C LEU C 439 58.25 -17.33 -35.79
N LYS C 440 58.75 -16.14 -36.10
CA LYS C 440 59.89 -15.98 -37.01
C LYS C 440 61.23 -16.56 -36.50
N THR D 6 49.67 23.02 -37.84
CA THR D 6 49.46 21.87 -38.78
C THR D 6 49.03 20.60 -38.01
N ALA D 7 48.43 19.66 -38.72
CA ALA D 7 47.89 18.44 -38.08
C ALA D 7 48.74 17.21 -38.39
N GLU D 8 49.09 16.47 -37.35
CA GLU D 8 49.84 15.23 -37.48
C GLU D 8 48.87 14.11 -37.89
N PRO D 9 49.39 13.00 -38.41
CA PRO D 9 48.50 11.93 -38.86
C PRO D 9 47.57 11.40 -37.73
N ASP D 10 46.33 11.11 -38.09
CA ASP D 10 45.36 10.56 -37.15
C ASP D 10 45.62 9.05 -37.00
N LEU D 11 44.91 8.42 -36.10
CA LEU D 11 45.16 7.04 -35.79
C LEU D 11 44.95 6.09 -36.98
N LYS D 12 43.91 6.33 -37.75
CA LYS D 12 43.64 5.53 -38.93
C LYS D 12 44.77 5.60 -39.99
N THR D 13 45.30 6.80 -40.21
CA THR D 13 46.46 7.02 -41.11
C THR D 13 47.70 6.31 -40.55
N ALA D 14 47.95 6.45 -39.25
CA ALA D 14 49.10 5.79 -38.65
C ALA D 14 48.99 4.27 -38.75
N LEU D 15 47.77 3.74 -38.58
CA LEU D 15 47.57 2.30 -38.77
C LEU D 15 47.82 1.93 -40.22
N LYS D 16 47.24 2.69 -41.15
CA LYS D 16 47.40 2.34 -42.56
C LYS D 16 48.88 2.27 -42.96
N ALA D 17 49.71 3.17 -42.43
CA ALA D 17 51.13 3.19 -42.70
C ALA D 17 51.87 1.92 -42.22
N VAL D 18 51.40 1.25 -41.18
CA VAL D 18 52.09 0.05 -40.70
C VAL D 18 51.47 -1.28 -41.16
N ILE D 19 50.32 -1.23 -41.83
CA ILE D 19 49.71 -2.43 -42.36
C ILE D 19 50.65 -3.16 -43.37
N PRO D 20 51.29 -2.44 -44.34
CA PRO D 20 52.09 -3.20 -45.28
C PRO D 20 53.20 -4.04 -44.67
N ALA D 21 53.93 -3.49 -43.70
CA ALA D 21 55.00 -4.29 -43.06
C ALA D 21 54.44 -5.51 -42.34
N LYS D 22 53.28 -5.40 -41.70
CA LYS D 22 52.71 -6.55 -41.02
C LYS D 22 52.27 -7.62 -42.01
N ARG D 23 51.69 -7.19 -43.14
CA ARG D 23 51.27 -8.17 -44.13
C ARG D 23 52.47 -8.87 -44.74
N GLU D 24 53.60 -8.17 -44.86
CA GLU D 24 54.83 -8.79 -45.39
C GLU D 24 55.39 -9.80 -44.37
N LEU D 25 55.45 -9.42 -43.11
CA LEU D 25 55.85 -10.37 -42.06
C LEU D 25 54.93 -11.58 -42.02
N PHE D 26 53.62 -11.36 -42.17
CA PHE D 26 52.67 -12.47 -42.23
C PHE D 26 52.98 -13.41 -43.39
N LYS D 27 53.28 -12.83 -44.54
CA LYS D 27 53.63 -13.62 -45.72
C LYS D 27 54.86 -14.51 -45.46
N GLN D 28 55.88 -13.94 -44.83
CA GLN D 28 57.07 -14.72 -44.48
C GLN D 28 56.75 -15.85 -43.51
N VAL D 29 55.94 -15.58 -42.50
CA VAL D 29 55.56 -16.64 -41.56
C VAL D 29 54.76 -17.75 -42.25
N LYS D 30 53.89 -17.37 -43.17
CA LYS D 30 53.08 -18.33 -43.90
C LYS D 30 53.93 -19.28 -44.76
N GLU D 31 55.08 -18.86 -45.24
CA GLU D 31 55.99 -19.75 -45.96
C GLU D 31 56.54 -20.86 -45.10
N ARG D 32 56.54 -20.66 -43.78
CA ARG D 32 56.94 -21.68 -42.83
C ARG D 32 55.76 -22.42 -42.25
N SER D 33 54.62 -22.41 -42.94
CA SER D 33 53.38 -23.08 -42.45
C SER D 33 53.56 -24.50 -41.96
N ASP D 34 54.43 -25.21 -42.65
CA ASP D 34 54.65 -26.62 -42.38
C ASP D 34 55.57 -26.90 -41.21
N GLU D 35 56.25 -25.89 -40.70
CA GLU D 35 57.19 -26.06 -39.60
C GLU D 35 56.48 -26.44 -38.31
N VAL D 36 57.02 -27.45 -37.64
CA VAL D 36 56.46 -27.95 -36.37
C VAL D 36 57.01 -27.12 -35.22
N ILE D 37 56.14 -26.65 -34.33
CA ILE D 37 56.59 -25.82 -33.19
C ILE D 37 56.27 -26.42 -31.80
N GLY D 38 55.54 -27.54 -31.77
CA GLY D 38 55.10 -28.11 -30.52
C GLY D 38 54.42 -29.43 -30.72
N GLU D 39 54.04 -29.99 -29.57
CA GLU D 39 53.28 -31.23 -29.50
C GLU D 39 51.90 -30.93 -28.84
N VAL D 40 50.93 -31.75 -29.22
CA VAL D 40 49.66 -31.82 -28.52
C VAL D 40 49.69 -33.10 -27.69
N LYS D 41 49.35 -32.94 -26.42
CA LYS D 41 49.17 -34.05 -25.50
C LYS D 41 47.70 -34.18 -25.06
N VAL D 42 47.36 -35.37 -24.57
CA VAL D 42 46.08 -35.61 -23.93
C VAL D 42 45.76 -34.49 -22.93
N ALA D 43 46.75 -34.08 -22.12
CA ALA D 43 46.62 -32.99 -21.12
C ALA D 43 46.01 -31.71 -21.70
N ASN D 44 46.44 -31.35 -22.90
CA ASN D 44 45.98 -30.17 -23.57
C ASN D 44 44.50 -30.30 -23.98
N VAL D 45 44.06 -31.49 -24.37
CA VAL D 45 42.69 -31.66 -24.82
C VAL D 45 41.72 -31.63 -23.65
N ILE D 46 42.07 -32.33 -22.57
CA ILE D 46 41.17 -32.37 -21.42
C ILE D 46 41.35 -31.18 -20.50
N GLY D 47 42.46 -30.44 -20.66
CA GLY D 47 42.82 -29.35 -19.74
C GLY D 47 42.61 -27.97 -20.33
N GLY D 48 41.60 -27.78 -21.17
CA GLY D 48 41.28 -26.43 -21.68
C GLY D 48 42.38 -25.79 -22.49
N MET D 49 43.11 -26.60 -23.27
CA MET D 49 44.21 -26.12 -24.09
C MET D 49 45.35 -25.47 -23.29
N ARG D 50 45.45 -25.74 -22.01
CA ARG D 50 46.49 -25.08 -21.20
C ARG D 50 47.88 -25.38 -21.81
N GLY D 51 48.66 -24.32 -21.97
CA GLY D 51 49.99 -24.40 -22.56
C GLY D 51 50.06 -24.66 -24.05
N LEU D 52 48.93 -24.73 -24.74
CA LEU D 52 48.94 -25.06 -26.15
C LEU D 52 49.05 -23.74 -26.92
N LYS D 53 50.18 -23.56 -27.58
CA LYS D 53 50.50 -22.35 -28.29
C LYS D 53 49.81 -22.46 -29.64
N SER D 54 48.64 -21.84 -29.77
CA SER D 54 47.74 -22.12 -30.88
C SER D 54 46.92 -20.94 -31.41
N MET D 55 47.24 -19.72 -31.02
CA MET D 55 46.62 -18.55 -31.61
C MET D 55 47.57 -17.39 -31.64
N LEU D 56 47.25 -16.43 -32.48
CA LEU D 56 48.07 -15.27 -32.74
C LEU D 56 47.54 -14.12 -31.92
N TRP D 57 48.46 -13.32 -31.36
CA TRP D 57 48.07 -12.09 -30.66
C TRP D 57 49.25 -11.17 -30.75
N GLU D 58 49.06 -9.99 -31.37
CA GLU D 58 50.17 -9.15 -31.78
C GLU D 58 50.66 -8.18 -30.74
N GLY D 59 49.75 -7.59 -30.01
CA GLY D 59 50.11 -6.41 -29.23
C GLY D 59 50.75 -6.60 -27.88
N SER D 60 50.63 -7.80 -27.31
CA SER D 60 51.12 -8.02 -25.94
C SER D 60 51.66 -9.45 -25.86
N VAL D 61 52.78 -9.57 -25.16
CA VAL D 61 53.49 -10.83 -24.96
C VAL D 61 53.95 -10.83 -23.52
N LEU D 62 53.70 -11.95 -22.85
CA LEU D 62 54.12 -12.13 -21.48
C LEU D 62 55.56 -12.55 -21.40
N ASP D 63 56.38 -11.74 -20.77
CA ASP D 63 57.77 -12.08 -20.50
C ASP D 63 57.80 -12.73 -19.09
N PRO D 64 58.29 -13.97 -19.00
CA PRO D 64 58.32 -14.64 -17.69
C PRO D 64 59.07 -13.89 -16.56
N GLU D 65 60.01 -13.00 -16.92
CA GLU D 65 60.73 -12.21 -15.92
C GLU D 65 60.16 -10.82 -15.73
N GLU D 66 59.85 -10.12 -16.82
CA GLU D 66 59.48 -8.71 -16.72
C GLU D 66 57.95 -8.49 -16.76
N GLY D 67 57.17 -9.57 -16.94
CA GLY D 67 55.72 -9.48 -17.05
C GLY D 67 55.25 -9.06 -18.46
N ILE D 68 54.02 -8.53 -18.50
CA ILE D 68 53.42 -8.24 -19.76
C ILE D 68 54.15 -7.08 -20.43
N ARG D 69 54.44 -7.23 -21.73
CA ARG D 69 55.04 -6.17 -22.52
C ARG D 69 54.18 -5.88 -23.74
N PHE D 70 54.15 -4.60 -24.11
CA PHE D 70 53.38 -4.13 -25.24
C PHE D 70 54.34 -3.69 -26.34
N HIS D 71 54.37 -4.45 -27.45
CA HIS D 71 55.35 -4.30 -28.49
C HIS D 71 56.76 -4.20 -27.91
N GLY D 72 57.07 -5.10 -26.98
CA GLY D 72 58.39 -5.11 -26.38
C GLY D 72 58.60 -4.13 -25.22
N LYS D 73 57.66 -3.20 -25.01
CA LYS D 73 57.83 -2.20 -23.96
C LYS D 73 57.28 -2.68 -22.61
N THR D 74 58.06 -2.45 -21.56
CA THR D 74 57.62 -2.79 -20.22
C THR D 74 56.59 -1.75 -19.76
N ILE D 75 55.90 -2.08 -18.68
CA ILE D 75 55.03 -1.10 -18.03
C ILE D 75 55.77 0.18 -17.69
N LYS D 76 56.95 0.07 -17.11
CA LYS D 76 57.75 1.27 -16.81
C LYS D 76 58.09 2.08 -18.04
N ASP D 77 58.46 1.43 -19.16
CA ASP D 77 58.70 2.16 -20.43
C ASP D 77 57.43 2.91 -20.86
N CYS D 78 56.28 2.25 -20.76
CA CYS D 78 55.02 2.90 -21.15
C CYS D 78 54.71 4.10 -20.26
N GLN D 79 54.91 3.95 -18.94
CA GLN D 79 54.65 5.05 -18.03
C GLN D 79 55.55 6.26 -18.31
N LYS D 80 56.78 6.02 -18.71
CA LYS D 80 57.63 7.12 -19.08
C LYS D 80 57.30 7.73 -20.43
N GLU D 81 57.08 6.88 -21.44
CA GLU D 81 56.92 7.33 -22.84
C GLU D 81 55.52 7.80 -23.27
N LEU D 82 54.47 7.18 -22.78
CA LEU D 82 53.13 7.53 -23.22
C LEU D 82 52.66 8.85 -22.67
N PRO D 83 52.02 9.66 -23.51
CA PRO D 83 51.44 10.93 -23.15
C PRO D 83 50.45 10.85 -22.03
N LYS D 84 50.39 11.92 -21.24
CA LYS D 84 49.51 12.05 -20.11
C LYS D 84 48.36 12.97 -20.45
N GLY D 85 47.44 13.10 -19.49
CA GLY D 85 46.32 14.05 -19.63
C GLY D 85 46.81 15.49 -19.52
N THR D 86 45.92 16.48 -19.70
CA THR D 86 46.29 17.89 -19.57
C THR D 86 46.70 18.27 -18.15
N SER D 87 46.08 17.59 -17.19
CA SER D 87 46.49 17.53 -15.79
C SER D 87 46.82 16.09 -15.45
N GLY D 88 47.64 15.89 -14.44
CA GLY D 88 47.85 14.54 -13.98
C GLY D 88 49.18 13.94 -14.46
N THR D 89 49.55 12.88 -13.75
CA THR D 89 50.81 12.23 -13.88
C THR D 89 50.74 10.89 -14.60
N GLU D 90 49.57 10.37 -14.96
CA GLU D 90 49.52 8.97 -15.42
C GLU D 90 49.27 8.84 -16.91
N MET D 91 49.89 7.83 -17.51
CA MET D 91 49.68 7.50 -18.90
C MET D 91 48.18 7.28 -19.25
N LEU D 92 47.83 7.68 -20.47
CA LEU D 92 46.47 7.61 -20.94
C LEU D 92 46.16 6.32 -21.64
N PRO D 93 44.98 5.73 -21.33
CA PRO D 93 44.54 4.54 -22.02
C PRO D 93 44.43 4.76 -23.52
N GLU D 94 44.05 5.94 -23.98
CA GLU D 94 44.02 6.25 -25.41
C GLU D 94 45.39 6.13 -26.04
N ALA D 95 46.42 6.58 -25.33
CA ALA D 95 47.78 6.45 -25.78
C ALA D 95 48.24 4.97 -25.84
N MET D 96 47.86 4.21 -24.83
CA MET D 96 48.10 2.76 -24.82
C MET D 96 47.41 2.07 -26.01
N PHE D 97 46.18 2.48 -26.33
CA PHE D 97 45.50 1.92 -27.50
C PHE D 97 46.25 2.23 -28.79
N TRP D 98 46.73 3.48 -28.92
CA TRP D 98 47.53 3.91 -30.07
C TRP D 98 48.75 2.97 -30.21
N LEU D 99 49.48 2.79 -29.12
CA LEU D 99 50.64 1.93 -29.11
C LEU D 99 50.30 0.48 -29.45
N LEU D 100 49.28 -0.09 -28.83
CA LEU D 100 48.88 -1.45 -29.15
C LEU D 100 48.58 -1.62 -30.62
N LEU D 101 47.89 -0.65 -31.21
CA LEU D 101 47.41 -0.76 -32.57
C LEU D 101 48.53 -0.58 -33.59
N THR D 102 49.33 0.46 -33.41
CA THR D 102 50.30 0.86 -34.40
C THR D 102 51.73 0.38 -34.15
N GLY D 103 52.02 -0.05 -32.93
CA GLY D 103 53.39 -0.39 -32.54
C GLY D 103 54.22 0.86 -32.21
N GLN D 104 53.61 2.06 -32.21
CA GLN D 104 54.34 3.33 -32.08
C GLN D 104 53.77 4.20 -30.97
N VAL D 105 54.64 5.00 -30.35
CA VAL D 105 54.25 5.93 -29.32
C VAL D 105 53.70 7.20 -30.00
N PRO D 106 52.47 7.59 -29.71
CA PRO D 106 51.93 8.80 -30.28
C PRO D 106 52.51 10.07 -29.63
N SER D 107 52.46 11.17 -30.35
CA SER D 107 52.79 12.49 -29.76
C SER D 107 51.60 12.91 -28.91
N THR D 108 51.85 13.83 -27.98
CA THR D 108 50.79 14.37 -27.14
C THR D 108 49.67 14.96 -28.01
N ASN D 109 50.05 15.68 -29.06
CA ASN D 109 49.06 16.25 -29.98
C ASN D 109 48.19 15.20 -30.68
N GLN D 110 48.77 14.08 -31.09
CA GLN D 110 47.99 13.00 -31.69
C GLN D 110 46.96 12.40 -30.69
N VAL D 111 47.40 12.24 -29.44
CA VAL D 111 46.54 11.78 -28.37
C VAL D 111 45.41 12.76 -28.11
N ARG D 112 45.69 14.04 -28.07
CA ARG D 112 44.63 15.06 -27.85
C ARG D 112 43.58 15.01 -28.92
N ALA D 113 44.00 14.83 -30.18
CA ALA D 113 43.05 14.71 -31.27
C ALA D 113 42.26 13.44 -31.18
N PHE D 114 42.90 12.34 -30.78
CA PHE D 114 42.17 11.07 -30.58
C PHE D 114 41.15 11.17 -29.42
N SER D 115 41.53 11.78 -28.30
CA SER D 115 40.63 12.00 -27.18
C SER D 115 39.38 12.79 -27.61
N ARG D 116 39.57 13.79 -28.46
CA ARG D 116 38.45 14.58 -28.98
C ARG D 116 37.51 13.69 -29.79
N GLU D 117 38.08 12.82 -30.62
CA GLU D 117 37.26 11.86 -31.39
C GLU D 117 36.47 10.96 -30.48
N LEU D 118 37.08 10.49 -29.40
CA LEU D 118 36.39 9.62 -28.49
C LEU D 118 35.24 10.32 -27.82
N ALA D 119 35.45 11.56 -27.38
CA ALA D 119 34.39 12.30 -26.74
C ALA D 119 33.21 12.55 -27.69
N GLU D 120 33.52 12.90 -28.92
CA GLU D 120 32.52 13.22 -29.93
C GLU D 120 31.71 12.00 -30.38
N GLN D 121 32.28 10.81 -30.31
CA GLN D 121 31.62 9.59 -30.80
C GLN D 121 30.92 8.81 -29.68
N SER D 122 30.83 9.41 -28.49
CA SER D 122 30.30 8.75 -27.33
C SER D 122 28.81 8.62 -27.24
N HIS D 123 28.05 9.26 -28.11
CA HIS D 123 26.59 9.30 -27.95
C HIS D 123 25.92 8.04 -28.36
N LEU D 124 24.76 7.80 -27.77
CA LEU D 124 24.00 6.56 -27.97
C LEU D 124 22.68 6.83 -28.63
N PRO D 125 22.26 5.94 -29.52
CA PRO D 125 20.93 5.99 -30.07
C PRO D 125 19.87 5.80 -28.99
N GLN D 126 18.68 6.29 -29.24
CA GLN D 126 17.60 6.21 -28.33
C GLN D 126 17.25 4.79 -27.92
N HIS D 127 17.31 3.85 -28.86
CA HIS D 127 16.93 2.48 -28.52
C HIS D 127 17.86 1.84 -27.48
N ILE D 128 19.11 2.30 -27.38
CA ILE D 128 19.98 1.78 -26.35
C ILE D 128 19.55 2.26 -24.98
N LEU D 129 19.11 3.51 -24.89
CA LEU D 129 18.60 4.04 -23.62
C LEU D 129 17.32 3.31 -23.20
N ASP D 130 16.43 3.06 -24.16
CA ASP D 130 15.22 2.29 -23.90
C ASP D 130 15.53 0.85 -23.48
N LEU D 131 16.54 0.24 -24.10
CA LEU D 131 16.91 -1.09 -23.76
C LEU D 131 17.37 -1.14 -22.31
N ILE D 132 18.23 -0.19 -21.94
CA ILE D 132 18.79 -0.17 -20.61
C ILE D 132 17.72 0.04 -19.55
N LYS D 133 16.71 0.85 -19.87
CA LYS D 133 15.59 1.06 -18.95
C LYS D 133 14.72 -0.15 -18.75
N SER D 134 14.76 -1.10 -19.68
CA SER D 134 14.05 -2.37 -19.47
C SER D 134 14.75 -3.33 -18.48
N PHE D 135 16.04 -3.16 -18.23
CA PHE D 135 16.77 -4.08 -17.32
C PHE D 135 16.29 -3.95 -15.87
N PRO D 136 16.03 -5.09 -15.20
CA PRO D 136 15.61 -4.97 -13.80
C PRO D 136 16.77 -4.43 -13.01
N ARG D 137 16.45 -3.69 -11.94
CA ARG D 137 17.45 -3.08 -11.10
C ARG D 137 18.51 -4.08 -10.57
N SER D 138 18.09 -5.28 -10.27
CA SER D 138 18.97 -6.32 -9.78
C SER D 138 19.67 -7.10 -10.89
N MET D 139 19.47 -6.84 -12.18
CA MET D 139 20.18 -7.66 -13.23
C MET D 139 21.68 -7.45 -13.04
N HIS D 140 22.45 -8.51 -13.12
CA HIS D 140 23.87 -8.44 -12.89
C HIS D 140 24.56 -7.41 -13.80
N PRO D 141 25.44 -6.57 -13.25
CA PRO D 141 26.00 -5.49 -14.08
C PRO D 141 26.70 -5.90 -15.34
N MET D 142 27.44 -7.01 -15.30
CA MET D 142 28.07 -7.54 -16.50
C MET D 142 27.10 -8.10 -17.49
N THR D 143 25.94 -8.59 -17.09
CA THR D 143 24.91 -9.00 -18.05
C THR D 143 24.41 -7.75 -18.77
N GLN D 144 24.18 -6.67 -18.01
CA GLN D 144 23.71 -5.42 -18.58
C GLN D 144 24.71 -4.92 -19.61
N LEU D 145 25.99 -4.89 -19.23
CA LEU D 145 27.02 -4.33 -20.10
C LEU D 145 27.17 -5.16 -21.36
N SER D 146 27.17 -6.49 -21.25
CA SER D 146 27.28 -7.34 -22.44
C SER D 146 26.16 -7.09 -23.43
N ILE D 147 24.95 -7.04 -22.93
CA ILE D 147 23.77 -6.87 -23.74
C ILE D 147 23.75 -5.53 -24.45
N ALA D 148 24.04 -4.47 -23.71
CA ALA D 148 24.05 -3.16 -24.30
C ALA D 148 25.09 -3.01 -25.39
N VAL D 149 26.25 -3.61 -25.20
CA VAL D 149 27.31 -3.59 -26.21
C VAL D 149 26.86 -4.32 -27.44
N ALA D 150 26.25 -5.50 -27.27
CA ALA D 150 25.74 -6.24 -28.44
C ALA D 150 24.69 -5.42 -29.17
N ALA D 151 23.83 -4.74 -28.43
CA ALA D 151 22.77 -3.97 -29.06
C ALA D 151 23.26 -2.82 -29.93
N LEU D 152 24.46 -2.30 -29.64
CA LEU D 152 25.09 -1.28 -30.48
C LEU D 152 25.49 -1.76 -31.85
N ASN D 153 25.40 -3.07 -32.11
CA ASN D 153 25.59 -3.58 -33.47
C ASN D 153 24.63 -3.02 -34.51
N THR D 154 23.51 -2.40 -34.10
CA THR D 154 22.67 -1.66 -35.01
C THR D 154 23.46 -0.53 -35.71
N GLU D 155 24.51 -0.04 -35.06
CA GLU D 155 25.39 1.02 -35.56
C GLU D 155 26.62 0.50 -36.27
N SER D 156 26.69 -0.81 -36.57
CA SER D 156 27.93 -1.35 -37.10
C SER D 156 28.13 -0.97 -38.58
N LYS D 157 29.23 -0.29 -38.84
CA LYS D 157 29.66 -0.10 -40.22
C LYS D 157 30.17 -1.37 -40.88
N PHE D 158 30.83 -2.23 -40.13
CA PHE D 158 31.31 -3.46 -40.72
C PHE D 158 30.17 -4.34 -41.17
N ALA D 159 29.17 -4.53 -40.33
CA ALA D 159 28.05 -5.44 -40.70
C ALA D 159 27.40 -4.95 -41.96
N LYS D 160 27.15 -3.64 -42.05
CA LYS D 160 26.52 -3.08 -43.23
C LYS D 160 27.41 -3.15 -44.45
N ALA D 161 28.68 -2.81 -44.31
CA ALA D 161 29.60 -2.88 -45.46
C ALA D 161 29.79 -4.30 -45.96
N TYR D 162 29.93 -5.26 -45.04
CA TYR D 162 30.13 -6.66 -45.43
C TYR D 162 28.91 -7.19 -46.20
N GLU D 163 27.72 -6.85 -45.74
CA GLU D 163 26.50 -7.29 -46.40
C GLU D 163 26.40 -6.70 -47.81
N LYS D 164 26.78 -5.45 -47.95
CA LYS D 164 26.76 -4.72 -49.23
C LYS D 164 27.79 -5.26 -50.21
N GLY D 165 28.91 -5.75 -49.70
CA GLY D 165 29.98 -6.27 -50.53
C GLY D 165 31.20 -5.40 -50.27
N LEU D 166 32.27 -6.02 -49.80
CA LEU D 166 33.43 -5.27 -49.40
C LEU D 166 34.64 -6.15 -49.71
N SER D 167 35.72 -5.55 -50.23
CA SER D 167 36.96 -6.29 -50.48
C SER D 167 37.59 -6.82 -49.22
N LYS D 168 38.17 -8.00 -49.28
CA LYS D 168 38.88 -8.60 -48.14
C LYS D 168 39.97 -7.69 -47.63
N ALA D 169 40.69 -7.09 -48.56
CA ALA D 169 41.80 -6.18 -48.23
C ALA D 169 41.34 -4.95 -47.46
N ASP D 170 40.06 -4.63 -47.56
CA ASP D 170 39.44 -3.48 -46.88
C ASP D 170 38.63 -3.83 -45.62
N TYR D 171 38.58 -5.10 -45.21
CA TYR D 171 37.81 -5.48 -44.02
C TYR D 171 38.21 -4.69 -42.79
N TRP D 172 39.46 -4.40 -42.66
CA TRP D 172 39.98 -3.67 -41.50
C TRP D 172 39.39 -2.26 -41.29
N GLU D 173 39.02 -1.55 -42.33
CA GLU D 173 38.60 -0.15 -42.19
C GLU D 173 37.30 0.05 -41.41
N PRO D 174 36.22 -0.61 -41.83
CA PRO D 174 34.96 -0.58 -41.08
C PRO D 174 35.15 -1.22 -39.68
N THR D 175 36.03 -2.22 -39.57
CA THR D 175 36.33 -2.82 -38.29
C THR D 175 36.96 -1.79 -37.38
N PHE D 176 37.89 -1.01 -37.91
CA PHE D 176 38.49 0.05 -37.16
C PHE D 176 37.44 1.07 -36.75
N ASP D 177 36.59 1.50 -37.69
CA ASP D 177 35.58 2.53 -37.37
C ASP D 177 34.66 2.06 -36.27
N ASP D 178 34.18 0.81 -36.37
CA ASP D 178 33.37 0.22 -35.31
C ASP D 178 34.09 0.09 -33.97
N SER D 179 35.36 -0.25 -33.98
CA SER D 179 36.14 -0.33 -32.76
C SER D 179 36.26 1.03 -32.06
N ILE D 180 36.51 2.08 -32.80
CA ILE D 180 36.60 3.42 -32.21
C ILE D 180 35.25 3.82 -31.66
N SER D 181 34.20 3.49 -32.40
CA SER D 181 32.85 3.80 -31.99
C SER D 181 32.52 3.09 -30.70
N LEU D 182 32.89 1.83 -30.60
CA LEU D 182 32.65 1.07 -29.39
C LEU D 182 33.40 1.62 -28.23
N LEU D 183 34.67 1.93 -28.45
CA LEU D 183 35.52 2.50 -27.41
C LEU D 183 34.94 3.80 -26.89
N ALA D 184 34.47 4.69 -27.78
CA ALA D 184 33.93 5.94 -27.37
C ALA D 184 32.69 5.83 -26.52
N LYS D 185 31.86 4.82 -26.86
CA LYS D 185 30.58 4.60 -26.22
C LYS D 185 30.61 3.81 -24.93
N ILE D 186 31.56 2.90 -24.80
CA ILE D 186 31.52 1.98 -23.71
C ILE D 186 31.57 2.55 -22.31
N PRO D 187 32.32 3.65 -22.07
CA PRO D 187 32.26 4.22 -20.74
C PRO D 187 30.90 4.75 -20.37
N ARG D 188 30.21 5.32 -21.36
CA ARG D 188 28.87 5.81 -21.11
C ARG D 188 27.91 4.67 -20.85
N VAL D 189 28.02 3.55 -21.59
CA VAL D 189 27.20 2.37 -21.31
C VAL D 189 27.48 1.86 -19.88
N ALA D 190 28.73 1.76 -19.51
CA ALA D 190 29.11 1.33 -18.17
C ALA D 190 28.52 2.26 -17.07
N ALA D 191 28.53 3.55 -17.34
CA ALA D 191 27.97 4.50 -16.38
C ALA D 191 26.45 4.35 -16.25
N LEU D 192 25.76 4.04 -17.35
CA LEU D 192 24.35 3.76 -17.30
C LEU D 192 24.01 2.49 -16.50
N VAL D 193 24.90 1.49 -16.56
CA VAL D 193 24.80 0.35 -15.71
C VAL D 193 24.93 0.73 -14.23
N PHE D 194 25.87 1.63 -13.93
CA PHE D 194 26.11 2.14 -12.59
C PHE D 194 24.94 2.99 -12.08
N ARG D 195 24.29 3.73 -12.97
CA ARG D 195 23.28 4.75 -12.56
C ARG D 195 21.95 4.63 -13.27
N PRO D 196 21.20 3.58 -12.94
CA PRO D 196 19.98 3.23 -13.65
C PRO D 196 18.87 4.30 -13.54
N ASP D 197 18.91 5.11 -12.48
CA ASP D 197 17.93 6.17 -12.28
C ASP D 197 18.22 7.49 -12.99
N GLU D 198 19.33 7.55 -13.71
CA GLU D 198 19.74 8.75 -14.41
C GLU D 198 20.00 8.54 -15.88
N VAL D 199 19.27 7.59 -16.47
CA VAL D 199 19.56 7.19 -17.81
C VAL D 199 19.41 8.34 -18.79
N ASP D 200 18.33 9.14 -18.68
CA ASP D 200 18.13 10.24 -19.58
C ASP D 200 19.26 11.27 -19.58
N GLN D 201 19.72 11.64 -18.40
CA GLN D 201 20.79 12.63 -18.25
C GLN D 201 22.19 12.08 -18.63
N VAL D 202 22.62 10.99 -17.98
CA VAL D 202 23.93 10.38 -18.24
C VAL D 202 23.99 9.86 -19.66
N GLY D 203 22.86 9.37 -20.17
CA GLY D 203 22.81 8.80 -21.47
C GLY D 203 22.98 9.79 -22.59
N THR D 204 22.70 11.05 -22.37
CA THR D 204 22.77 12.04 -23.45
C THR D 204 23.76 13.16 -23.18
N GLN D 205 24.31 13.26 -21.96
CA GLN D 205 25.12 14.44 -21.67
C GLN D 205 26.35 14.53 -22.53
N ALA D 206 26.66 15.71 -23.06
CA ALA D 206 27.88 15.93 -23.83
C ALA D 206 29.12 15.80 -22.97
N LEU D 207 30.16 15.18 -23.53
CA LEU D 207 31.43 15.06 -22.85
C LEU D 207 32.33 16.20 -23.24
N ASP D 208 33.22 16.57 -22.34
CA ASP D 208 34.20 17.63 -22.60
C ASP D 208 35.20 17.12 -23.61
N ALA D 209 35.16 17.66 -24.82
CA ALA D 209 36.02 17.15 -25.89
C ALA D 209 37.46 17.50 -25.76
N SER D 210 37.81 18.37 -24.81
CA SER D 210 39.23 18.69 -24.56
C SER D 210 39.83 17.75 -23.48
N GLN D 211 39.03 16.89 -22.88
CA GLN D 211 39.50 16.04 -21.82
C GLN D 211 39.60 14.63 -22.34
N ASP D 212 40.30 13.82 -21.58
CA ASP D 212 40.61 12.47 -21.95
C ASP D 212 39.48 11.48 -21.63
N TRP D 213 39.63 10.29 -22.19
CA TRP D 213 38.61 9.21 -22.05
C TRP D 213 38.29 8.84 -20.60
N SER D 214 39.31 8.72 -19.79
CA SER D 214 39.15 8.33 -18.38
C SER D 214 38.47 9.48 -17.59
N TYR D 215 38.88 10.71 -17.86
CA TYR D 215 38.29 11.84 -17.18
C TYR D 215 36.77 11.87 -17.44
N ASN D 216 36.42 11.67 -18.69
CA ASN D 216 35.03 11.72 -19.09
C ASN D 216 34.23 10.53 -18.55
N PHE D 217 34.86 9.37 -18.47
CA PHE D 217 34.29 8.23 -17.79
C PHE D 217 33.99 8.57 -16.33
N ALA D 218 34.97 9.15 -15.63
CA ALA D 218 34.79 9.54 -14.25
C ALA D 218 33.62 10.51 -14.07
N GLU D 219 33.54 11.50 -14.97
CA GLU D 219 32.44 12.42 -14.98
C GLU D 219 31.08 11.71 -15.14
N LEU D 220 30.96 10.78 -16.07
CA LEU D 220 29.75 10.02 -16.24
C LEU D 220 29.40 9.15 -15.01
N LEU D 221 30.43 8.71 -14.27
CA LEU D 221 30.20 7.98 -13.05
C LEU D 221 29.80 8.87 -11.86
N GLY D 222 29.81 10.18 -12.01
CA GLY D 222 29.53 11.10 -10.90
C GLY D 222 30.77 11.46 -10.10
N LYS D 223 31.96 11.26 -10.68
CA LYS D 223 33.21 11.60 -10.01
C LYS D 223 34.09 12.53 -10.83
N GLY D 224 33.46 13.55 -11.40
CA GLY D 224 34.16 14.56 -12.19
C GLY D 224 34.67 15.69 -11.36
N GLY D 225 35.34 16.64 -12.05
CA GLY D 225 35.75 17.90 -11.41
C GLY D 225 37.09 17.82 -10.71
N LYS D 226 37.64 18.95 -10.33
CA LYS D 226 38.97 19.02 -9.76
C LYS D 226 39.16 18.32 -8.43
N GLU D 227 38.10 18.23 -7.63
CA GLU D 227 38.17 17.50 -6.38
C GLU D 227 38.45 15.96 -6.56
N ASN D 228 38.22 15.43 -7.76
CA ASN D 228 38.49 14.01 -8.02
C ASN D 228 39.71 13.80 -8.90
N GLN D 229 40.62 14.76 -8.95
CA GLN D 229 41.72 14.64 -9.92
C GLN D 229 42.65 13.47 -9.67
N ASP D 230 42.84 13.10 -8.42
CA ASP D 230 43.65 11.93 -8.11
C ASP D 230 42.95 10.67 -8.60
N PHE D 231 41.65 10.57 -8.41
CA PHE D 231 40.90 9.43 -8.94
C PHE D 231 41.02 9.35 -10.47
N HIS D 232 41.05 10.49 -11.15
CA HIS D 232 41.21 10.51 -12.60
C HIS D 232 42.49 9.87 -13.01
N ASP D 233 43.56 10.17 -12.30
CA ASP D 233 44.86 9.55 -12.59
C ASP D 233 44.88 8.05 -12.29
N LEU D 234 44.25 7.65 -11.18
CA LEU D 234 44.12 6.24 -10.88
C LEU D 234 43.38 5.53 -12.01
N LEU D 235 42.28 6.10 -12.43
CA LEU D 235 41.44 5.46 -13.43
C LEU D 235 42.17 5.38 -14.78
N ARG D 236 42.91 6.43 -15.11
CA ARG D 236 43.72 6.38 -16.32
C ARG D 236 44.69 5.21 -16.29
N LEU D 237 45.38 5.08 -15.17
CA LEU D 237 46.37 4.04 -15.01
C LEU D 237 45.74 2.68 -15.03
N TYR D 238 44.67 2.54 -14.26
CA TYR D 238 43.93 1.29 -14.23
C TYR D 238 43.51 0.84 -15.64
N LEU D 239 42.91 1.75 -16.39
CA LEU D 239 42.36 1.43 -17.70
C LEU D 239 43.50 1.11 -18.68
N ALA D 240 44.62 1.82 -18.57
CA ALA D 240 45.78 1.54 -19.43
C ALA D 240 46.42 0.19 -19.07
N LEU D 241 46.52 -0.10 -17.78
CA LEU D 241 47.16 -1.34 -17.37
C LEU D 241 46.40 -2.59 -17.72
N HIS D 242 45.07 -2.54 -17.73
CA HIS D 242 44.26 -3.74 -17.91
C HIS D 242 43.85 -3.96 -19.36
N GLY D 243 44.31 -3.11 -20.27
CA GLY D 243 43.86 -3.09 -21.64
C GLY D 243 44.08 -4.37 -22.43
N ASP D 244 45.20 -5.01 -22.19
CA ASP D 244 45.57 -6.18 -22.94
C ASP D 244 46.51 -7.07 -22.13
N HIS D 245 46.31 -8.36 -22.24
CA HIS D 245 47.18 -9.34 -21.60
C HIS D 245 47.20 -10.68 -22.36
N GLU D 246 47.75 -10.64 -23.57
CA GLU D 246 47.81 -11.77 -24.50
C GLU D 246 46.41 -12.20 -24.91
N GLY D 247 46.34 -13.25 -25.72
CA GLY D 247 45.12 -13.65 -26.35
C GLY D 247 44.40 -14.78 -25.64
N GLY D 248 45.06 -15.43 -24.68
CA GLY D 248 44.55 -16.62 -24.07
C GLY D 248 43.41 -16.46 -23.07
N ASN D 249 43.36 -15.33 -22.40
CA ASN D 249 42.35 -15.10 -21.39
C ASN D 249 40.97 -15.11 -22.07
N VAL D 250 39.91 -15.42 -21.33
CA VAL D 250 38.61 -15.72 -21.95
C VAL D 250 38.02 -14.49 -22.67
N SER D 251 38.17 -13.28 -22.14
CA SER D 251 37.60 -12.11 -22.79
C SER D 251 38.26 -11.82 -24.14
N ALA D 252 39.58 -11.90 -24.20
CA ALA D 252 40.30 -11.68 -25.43
C ALA D 252 39.98 -12.77 -26.44
N HIS D 253 40.01 -14.00 -25.97
CA HIS D 253 39.84 -15.17 -26.84
C HIS D 253 38.42 -15.20 -27.39
N ALA D 254 37.41 -14.98 -26.54
CA ALA D 254 36.03 -15.02 -27.02
C ALA D 254 35.76 -13.94 -28.05
N THR D 255 36.35 -12.77 -27.86
CA THR D 255 36.28 -11.68 -28.84
C THR D 255 36.85 -12.09 -30.19
N HIS D 256 38.04 -12.63 -30.15
CA HIS D 256 38.69 -13.10 -31.37
C HIS D 256 37.89 -14.23 -32.05
N LEU D 257 37.39 -15.18 -31.27
CA LEU D 257 36.65 -16.33 -31.79
C LEU D 257 35.39 -15.89 -32.52
N VAL D 258 34.59 -15.09 -31.85
CA VAL D 258 33.36 -14.61 -32.47
C VAL D 258 33.65 -13.67 -33.64
N GLY D 259 34.65 -12.82 -33.46
CA GLY D 259 35.14 -11.96 -34.54
C GLY D 259 35.60 -12.72 -35.77
N SER D 260 36.10 -13.93 -35.59
CA SER D 260 36.69 -14.68 -36.67
C SER D 260 35.61 -15.23 -37.62
N ALA D 261 34.35 -15.30 -37.16
CA ALA D 261 33.23 -15.63 -38.03
C ALA D 261 32.69 -14.41 -38.79
N LEU D 262 33.36 -13.25 -38.59
CA LEU D 262 33.07 -11.94 -39.22
C LEU D 262 31.86 -11.26 -38.60
N SER D 263 31.55 -11.63 -37.36
CA SER D 263 30.70 -10.80 -36.54
C SER D 263 31.48 -9.49 -36.29
N ASP D 264 30.76 -8.38 -36.20
CA ASP D 264 31.38 -7.08 -36.11
C ASP D 264 31.93 -6.89 -34.70
N PRO D 265 32.66 -5.82 -34.45
CA PRO D 265 33.22 -5.65 -33.11
C PRO D 265 32.26 -5.54 -31.95
N PHE D 266 31.04 -5.04 -32.20
CA PHE D 266 30.06 -4.91 -31.12
C PHE D 266 29.63 -6.31 -30.66
N LEU D 267 29.25 -7.18 -31.58
CA LEU D 267 28.91 -8.50 -31.22
C LEU D 267 30.11 -9.28 -30.65
N SER D 268 31.31 -9.05 -31.18
CA SER D 268 32.45 -9.79 -30.77
C SER D 268 32.90 -9.42 -29.35
N TYR D 269 32.96 -8.14 -29.03
CA TYR D 269 33.34 -7.77 -27.68
C TYR D 269 32.24 -8.07 -26.68
N SER D 270 30.97 -8.09 -27.12
CA SER D 270 29.91 -8.57 -26.24
C SER D 270 30.21 -9.98 -25.77
N ALA D 271 30.64 -10.85 -26.70
CA ALA D 271 31.01 -12.20 -26.31
C ALA D 271 32.16 -12.21 -25.33
N GLY D 272 33.15 -11.36 -25.59
CA GLY D 272 34.21 -11.13 -24.62
C GLY D 272 33.76 -10.76 -23.22
N LEU D 273 32.79 -9.86 -23.13
CA LEU D 273 32.21 -9.47 -21.87
C LEU D 273 31.41 -10.57 -21.19
N LEU D 274 30.72 -11.40 -21.98
CA LEU D 274 30.06 -12.58 -21.43
C LEU D 274 31.05 -13.53 -20.79
N GLY D 275 32.22 -13.66 -21.39
CA GLY D 275 33.28 -14.47 -20.80
C GLY D 275 33.87 -13.78 -19.59
N LEU D 276 34.04 -12.47 -19.66
CA LEU D 276 34.50 -11.70 -18.52
C LEU D 276 33.56 -11.80 -17.33
N ALA D 277 32.27 -11.98 -17.59
CA ALA D 277 31.28 -12.13 -16.54
C ALA D 277 31.45 -13.44 -15.77
N GLY D 278 32.18 -14.42 -16.32
CA GLY D 278 32.39 -15.69 -15.65
C GLY D 278 33.10 -15.50 -14.36
N PRO D 279 32.56 -16.04 -13.27
CA PRO D 279 33.12 -15.88 -11.94
C PRO D 279 34.50 -16.44 -11.74
N LEU D 280 34.89 -17.39 -12.56
CA LEU D 280 36.18 -18.04 -12.38
C LEU D 280 37.16 -17.05 -12.95
N HIS D 281 37.97 -16.50 -12.05
CA HIS D 281 39.08 -15.56 -12.31
C HIS D 281 38.70 -14.12 -12.59
N ALA D 282 37.41 -13.78 -12.52
CA ALA D 282 36.96 -12.39 -12.74
C ALA D 282 36.62 -11.62 -11.50
N LEU D 283 36.48 -12.29 -10.38
CA LEU D 283 36.12 -11.64 -9.07
C LEU D 283 37.32 -11.43 -8.18
N ALA D 284 38.52 -11.65 -8.71
CA ALA D 284 39.73 -11.51 -7.99
C ALA D 284 39.87 -10.14 -7.26
N ALA D 285 39.63 -9.04 -7.95
CA ALA D 285 39.77 -7.70 -7.35
C ALA D 285 38.80 -7.54 -6.17
N GLN D 286 37.59 -8.05 -6.35
CA GLN D 286 36.57 -8.08 -5.31
C GLN D 286 36.99 -8.95 -4.13
N GLU D 287 37.49 -10.15 -4.41
CA GLU D 287 37.93 -11.05 -3.33
C GLU D 287 39.04 -10.42 -2.49
N VAL D 288 40.01 -9.80 -3.16
CA VAL D 288 41.10 -9.15 -2.45
C VAL D 288 40.57 -8.07 -1.52
N LEU D 289 39.68 -7.24 -2.02
CA LEU D 289 39.12 -6.18 -1.18
C LEU D 289 38.44 -6.77 0.05
N ARG D 290 37.56 -7.77 -0.12
CA ARG D 290 36.90 -8.40 1.02
C ARG D 290 37.93 -8.96 2.03
N TRP D 291 38.97 -9.59 1.53
CA TRP D 291 40.00 -10.22 2.36
C TRP D 291 40.77 -9.17 3.18
N ILE D 292 41.17 -8.08 2.53
CA ILE D 292 41.87 -6.98 3.19
C ILE D 292 40.99 -6.36 4.25
N LEU D 293 39.74 -6.09 3.93
CA LEU D 293 38.82 -5.51 4.91
C LEU D 293 38.57 -6.44 6.09
N ALA D 294 38.43 -7.75 5.83
CA ALA D 294 38.29 -8.73 6.93
C ALA D 294 39.55 -8.76 7.82
N MET D 295 40.73 -8.71 7.18
CA MET D 295 41.98 -8.66 7.91
C MET D 295 42.07 -7.44 8.79
N GLN D 296 41.69 -6.28 8.25
CA GLN D 296 41.70 -5.03 9.02
C GLN D 296 40.79 -5.16 10.24
N ASP D 297 39.61 -5.75 10.03
CA ASP D 297 38.71 -6.02 11.15
C ASP D 297 39.37 -6.82 12.29
N LYS D 298 40.07 -7.87 11.91
CA LYS D 298 40.69 -8.78 12.86
C LYS D 298 41.93 -8.21 13.55
N ILE D 299 42.83 -7.53 12.82
CA ILE D 299 44.06 -7.07 13.44
C ILE D 299 44.00 -5.65 14.01
N GLY D 300 42.87 -4.98 13.83
CA GLY D 300 42.64 -3.77 14.57
C GLY D 300 43.29 -2.57 13.90
N THR D 301 43.22 -1.46 14.60
CA THR D 301 43.73 -0.21 14.08
C THR D 301 45.28 -0.15 14.06
N LYS D 302 45.88 -0.67 15.12
CA LYS D 302 47.33 -0.57 15.34
C LYS D 302 47.90 -1.96 15.24
N PHE D 303 48.69 -2.21 14.17
CA PHE D 303 49.26 -3.53 13.90
C PHE D 303 50.73 -3.46 13.53
N THR D 304 51.43 -4.56 13.73
CA THR D 304 52.86 -4.70 13.48
C THR D 304 53.08 -5.66 12.30
N ASP D 305 54.34 -5.74 11.83
CA ASP D 305 54.73 -6.66 10.78
C ASP D 305 54.40 -8.08 11.18
N ASP D 306 54.71 -8.41 12.44
CA ASP D 306 54.37 -9.73 12.98
C ASP D 306 52.89 -10.04 12.95
N ASP D 307 52.04 -9.06 13.26
CA ASP D 307 50.59 -9.27 13.27
C ASP D 307 50.10 -9.68 11.90
N VAL D 308 50.60 -8.99 10.87
CA VAL D 308 50.28 -9.30 9.49
C VAL D 308 50.76 -10.72 9.15
N ARG D 309 52.02 -11.03 9.52
CA ARG D 309 52.58 -12.33 9.25
C ARG D 309 51.79 -13.43 9.95
N ASN D 310 51.44 -13.21 11.21
CA ASN D 310 50.65 -14.17 11.96
C ASN D 310 49.30 -14.42 11.32
N TYR D 311 48.69 -13.34 10.85
CA TYR D 311 47.41 -13.44 10.18
C TYR D 311 47.52 -14.27 8.89
N LEU D 312 48.59 -14.06 8.12
CA LEU D 312 48.81 -14.80 6.89
C LEU D 312 49.00 -16.30 7.14
N TRP D 313 49.81 -16.63 8.14
CA TRP D 313 50.03 -18.03 8.50
C TRP D 313 48.70 -18.73 8.88
N ASP D 314 47.88 -18.06 9.69
CA ASP D 314 46.59 -18.60 10.10
C ASP D 314 45.69 -18.86 8.89
N THR D 315 45.66 -17.94 7.94
CA THR D 315 44.88 -18.11 6.73
C THR D 315 45.30 -19.42 6.04
N LEU D 316 46.60 -19.56 5.84
CA LEU D 316 47.15 -20.70 5.13
C LEU D 316 46.94 -22.02 5.88
N LYS D 317 47.16 -22.03 7.19
CA LYS D 317 46.94 -23.24 7.99
C LYS D 317 45.48 -23.67 7.96
N SER D 318 44.57 -22.70 7.88
CA SER D 318 43.16 -23.00 7.65
C SER D 318 42.78 -23.60 6.29
N GLY D 319 43.73 -23.71 5.36
CA GLY D 319 43.46 -24.24 4.03
C GLY D 319 42.92 -23.20 3.04
N ARG D 320 42.96 -21.91 3.42
CA ARG D 320 42.47 -20.84 2.56
C ARG D 320 43.62 -20.16 1.81
N VAL D 321 43.28 -19.46 0.73
CA VAL D 321 44.26 -18.77 -0.13
C VAL D 321 44.43 -17.31 0.27
N VAL D 322 45.60 -16.76 -0.06
CA VAL D 322 45.82 -15.34 0.04
C VAL D 322 45.51 -14.77 -1.35
N PRO D 323 44.38 -14.06 -1.49
CA PRO D 323 43.95 -13.65 -2.81
C PRO D 323 44.88 -12.58 -3.36
N GLY D 324 45.02 -12.58 -4.68
CA GLY D 324 45.84 -11.63 -5.37
C GLY D 324 47.31 -12.02 -5.43
N TYR D 325 47.64 -13.23 -4.98
CA TYR D 325 49.02 -13.71 -4.99
C TYR D 325 49.13 -15.02 -5.74
N GLY D 326 50.17 -15.13 -6.56
CA GLY D 326 50.41 -16.35 -7.31
C GLY D 326 50.03 -16.38 -8.76
N HIS D 327 51.02 -16.31 -9.63
CA HIS D 327 50.82 -16.51 -11.05
C HIS D 327 51.76 -17.58 -11.48
N GLY D 328 51.30 -18.47 -12.36
CA GLY D 328 52.16 -19.62 -12.73
C GLY D 328 53.44 -19.20 -13.45
N VAL D 329 53.28 -18.28 -14.39
CA VAL D 329 54.42 -17.86 -15.21
C VAL D 329 55.39 -16.88 -14.55
N LEU D 330 54.88 -15.82 -13.93
CA LEU D 330 55.75 -14.70 -13.49
C LEU D 330 56.57 -15.09 -12.29
N ARG D 331 57.87 -14.77 -12.33
CA ARG D 331 58.79 -15.01 -11.23
C ARG D 331 58.98 -13.78 -10.35
N LYS D 332 58.24 -12.71 -10.60
CA LYS D 332 58.36 -11.45 -9.86
C LYS D 332 57.00 -10.79 -9.72
N PRO D 333 56.92 -9.75 -8.89
CA PRO D 333 55.63 -9.06 -8.79
C PRO D 333 55.15 -8.57 -10.16
N ASP D 334 53.85 -8.64 -10.38
CA ASP D 334 53.25 -8.16 -11.60
C ASP D 334 53.63 -6.70 -11.76
N PRO D 335 54.23 -6.34 -12.91
CA PRO D 335 54.57 -4.90 -13.11
C PRO D 335 53.35 -3.96 -13.12
N ARG D 336 52.16 -4.48 -13.39
CA ARG D 336 50.91 -3.74 -13.23
C ARG D 336 50.66 -3.42 -11.77
N PHE D 337 50.93 -4.39 -10.91
CA PHE D 337 50.82 -4.19 -9.48
C PHE D 337 51.83 -3.08 -9.07
N GLN D 338 53.04 -3.18 -9.55
CA GLN D 338 54.08 -2.23 -9.12
C GLN D 338 53.70 -0.82 -9.57
N ALA D 339 53.11 -0.71 -10.74
CA ALA D 339 52.72 0.61 -11.28
C ALA D 339 51.66 1.22 -10.41
N LEU D 340 50.73 0.42 -9.88
CA LEU D 340 49.74 0.94 -8.91
C LEU D 340 50.41 1.37 -7.59
N MET D 341 51.41 0.61 -7.13
CA MET D 341 52.18 1.01 -5.95
C MET D 341 52.96 2.28 -6.19
N ASP D 342 53.52 2.49 -7.38
CA ASP D 342 54.24 3.73 -7.71
C ASP D 342 53.28 4.91 -7.73
N PHE D 343 52.05 4.68 -8.22
CA PHE D 343 51.02 5.72 -8.23
C PHE D 343 50.75 6.14 -6.79
N ALA D 344 50.59 5.15 -5.91
CA ALA D 344 50.25 5.39 -4.51
C ALA D 344 51.35 6.13 -3.81
N ALA D 345 52.60 5.84 -4.16
CA ALA D 345 53.77 6.37 -3.43
C ALA D 345 53.87 7.90 -3.52
N THR D 346 53.27 8.53 -4.53
CA THR D 346 53.29 9.98 -4.62
C THR D 346 52.04 10.64 -4.06
N ARG D 347 51.11 9.88 -3.46
CA ARG D 347 49.86 10.42 -2.92
C ARG D 347 49.84 10.20 -1.41
N PRO D 348 50.23 11.24 -0.63
CA PRO D 348 50.27 10.99 0.81
C PRO D 348 48.92 10.51 1.41
N ASP D 349 47.79 10.94 0.88
CA ASP D 349 46.49 10.52 1.44
C ASP D 349 46.25 9.00 1.25
N VAL D 350 46.75 8.43 0.14
CA VAL D 350 46.66 6.99 -0.08
C VAL D 350 47.55 6.26 0.92
N LEU D 351 48.79 6.72 1.05
CA LEU D 351 49.74 6.07 1.97
C LEU D 351 49.26 6.15 3.43
N ALA D 352 48.54 7.23 3.78
CA ALA D 352 47.92 7.37 5.11
C ALA D 352 46.70 6.48 5.34
N ASN D 353 46.09 5.93 4.29
CA ASN D 353 44.90 5.07 4.47
C ASN D 353 45.29 3.70 5.03
N PRO D 354 44.82 3.32 6.23
CA PRO D 354 45.16 1.99 6.80
C PRO D 354 44.89 0.81 5.90
N VAL D 355 43.84 0.91 5.08
CA VAL D 355 43.51 -0.20 4.15
C VAL D 355 44.61 -0.37 3.12
N PHE D 356 45.12 0.76 2.61
CA PHE D 356 46.26 0.70 1.70
C PHE D 356 47.53 0.25 2.39
N GLN D 357 47.78 0.75 3.59
CA GLN D 357 48.95 0.30 4.38
C GLN D 357 48.97 -1.24 4.53
N LEU D 358 47.80 -1.81 4.72
CA LEU D 358 47.68 -3.26 4.79
C LEU D 358 48.05 -3.97 3.48
N VAL D 359 47.62 -3.42 2.36
CA VAL D 359 48.04 -3.94 1.06
C VAL D 359 49.57 -3.84 0.91
N LYS D 360 50.12 -2.70 1.29
CA LYS D 360 51.55 -2.49 1.18
C LYS D 360 52.31 -3.47 2.08
N LYS D 361 51.89 -3.60 3.34
CA LYS D 361 52.57 -4.49 4.29
C LYS D 361 52.52 -5.93 3.81
N ASN D 362 51.34 -6.35 3.38
CA ASN D 362 51.15 -7.68 2.86
C ASN D 362 52.10 -7.97 1.69
N SER D 363 52.26 -7.01 0.78
CA SER D 363 53.18 -7.18 -0.34
C SER D 363 54.64 -7.34 0.09
N GLU D 364 55.01 -6.78 1.24
CA GLU D 364 56.37 -6.90 1.81
C GLU D 364 56.61 -8.23 2.58
N ILE D 365 55.54 -8.87 3.06
CA ILE D 365 55.60 -10.00 3.99
C ILE D 365 55.04 -11.30 3.39
N ALA D 366 53.92 -11.21 2.66
CA ALA D 366 53.26 -12.40 2.14
C ALA D 366 54.10 -13.29 1.20
N PRO D 367 54.93 -12.70 0.31
CA PRO D 367 55.75 -13.55 -0.57
C PRO D 367 56.66 -14.53 0.16
N ALA D 368 57.35 -14.05 1.20
CA ALA D 368 58.24 -14.95 2.02
C ALA D 368 57.42 -16.02 2.74
N VAL D 369 56.31 -15.61 3.36
CA VAL D 369 55.39 -16.55 4.01
C VAL D 369 54.86 -17.63 3.05
N LEU D 370 54.42 -17.21 1.87
CA LEU D 370 53.87 -18.16 0.91
C LEU D 370 54.91 -19.12 0.34
N THR D 371 56.14 -18.64 0.16
CA THR D 371 57.25 -19.49 -0.29
C THR D 371 57.53 -20.57 0.76
N GLU D 372 57.76 -20.15 2.00
CA GLU D 372 57.95 -21.07 3.11
C GLU D 372 56.80 -22.09 3.23
N HIS D 373 55.55 -21.64 3.10
CA HIS D 373 54.40 -22.55 3.11
C HIS D 373 54.46 -23.56 1.95
N GLY D 374 54.94 -23.10 0.81
CA GLY D 374 55.29 -23.99 -0.28
C GLY D 374 54.19 -24.46 -1.23
N LYS D 375 52.95 -24.04 -1.03
CA LYS D 375 51.83 -24.50 -1.86
C LYS D 375 51.57 -23.66 -3.11
N THR D 376 51.97 -22.41 -3.12
CA THR D 376 51.69 -21.45 -4.19
C THR D 376 52.77 -21.37 -5.29
N LYS D 377 52.31 -21.35 -6.54
CA LYS D 377 53.17 -21.43 -7.69
C LYS D 377 54.33 -20.41 -7.79
N ASN D 378 54.08 -19.12 -7.55
CA ASN D 378 55.08 -18.09 -7.56
C ASN D 378 54.35 -16.98 -6.81
N PRO D 379 54.54 -16.90 -5.49
CA PRO D 379 53.84 -16.11 -4.52
C PRO D 379 54.08 -14.60 -4.55
N HIS D 380 53.91 -14.01 -5.71
CA HIS D 380 54.09 -12.56 -5.85
C HIS D 380 52.75 -11.94 -6.11
N PRO D 381 52.64 -10.65 -5.76
CA PRO D 381 51.35 -10.02 -5.96
C PRO D 381 51.08 -9.82 -7.43
N ASN D 382 49.82 -10.00 -7.83
CA ASN D 382 49.38 -9.53 -9.14
C ASN D 382 48.58 -8.23 -8.97
N VAL D 383 48.17 -7.66 -10.09
CA VAL D 383 47.54 -6.36 -10.10
C VAL D 383 46.29 -6.28 -9.21
N ASP D 384 45.54 -7.38 -9.13
CA ASP D 384 44.35 -7.51 -8.27
C ASP D 384 44.63 -7.32 -6.79
N ALA D 385 45.88 -7.50 -6.36
CA ALA D 385 46.21 -7.23 -4.96
C ALA D 385 45.99 -5.78 -4.56
N ALA D 386 46.09 -4.85 -5.50
CA ALA D 386 46.03 -3.40 -5.19
C ALA D 386 44.86 -2.64 -5.79
N SER D 387 44.29 -3.10 -6.92
CA SER D 387 43.36 -2.27 -7.67
C SER D 387 42.08 -1.97 -6.89
N GLY D 388 41.48 -2.98 -6.24
CA GLY D 388 40.26 -2.79 -5.50
C GLY D 388 40.40 -1.80 -4.34
N VAL D 389 41.47 -1.96 -3.57
CA VAL D 389 41.70 -1.04 -2.44
C VAL D 389 41.89 0.38 -2.92
N LEU D 390 42.62 0.58 -4.02
CA LEU D 390 42.80 1.93 -4.54
C LEU D 390 41.47 2.53 -4.97
N PHE D 391 40.63 1.78 -5.69
CA PHE D 391 39.29 2.31 -6.00
C PHE D 391 38.48 2.62 -4.74
N TYR D 392 38.53 1.70 -3.78
CA TYR D 392 37.84 1.87 -2.52
C TYR D 392 38.28 3.17 -1.82
N HIS D 393 39.56 3.45 -1.82
CA HIS D 393 40.08 4.66 -1.20
C HIS D 393 39.45 5.90 -1.79
N TYR D 394 39.21 5.91 -3.10
CA TYR D 394 38.65 7.08 -3.76
C TYR D 394 37.12 7.13 -3.76
N GLY D 395 36.47 6.30 -2.96
CA GLY D 395 35.02 6.35 -2.87
C GLY D 395 34.26 5.48 -3.85
N PHE D 396 34.97 4.71 -4.69
CA PHE D 396 34.34 3.75 -5.58
C PHE D 396 34.24 2.46 -4.79
N GLN D 397 33.21 2.36 -3.99
CA GLN D 397 33.15 1.34 -2.95
C GLN D 397 32.19 0.22 -3.16
N GLN D 398 31.65 0.09 -4.39
CA GLN D 398 30.82 -1.04 -4.70
C GLN D 398 31.62 -2.00 -5.58
N PRO D 399 32.20 -3.06 -4.96
CA PRO D 399 33.12 -4.00 -5.60
C PRO D 399 32.51 -4.72 -6.79
N LEU D 400 31.19 -4.88 -6.76
CA LEU D 400 30.47 -5.51 -7.83
C LEU D 400 30.76 -4.85 -9.18
N TYR D 401 30.94 -3.55 -9.17
CA TYR D 401 31.26 -2.80 -10.38
C TYR D 401 32.70 -2.78 -10.74
N TYR D 402 33.59 -3.40 -9.98
CA TYR D 402 35.00 -3.49 -10.38
C TYR D 402 35.17 -4.28 -11.64
N THR D 403 34.32 -5.27 -11.89
CA THR D 403 34.38 -6.00 -13.13
C THR D 403 33.93 -5.15 -14.30
N VAL D 404 33.00 -4.23 -14.05
CA VAL D 404 32.52 -3.38 -15.11
C VAL D 404 33.66 -2.46 -15.60
N THR D 405 34.38 -1.86 -14.68
CA THR D 405 35.50 -1.02 -15.03
C THR D 405 36.58 -1.85 -15.78
N PHE D 406 36.77 -3.10 -15.38
CA PHE D 406 37.69 -3.98 -16.09
C PHE D 406 37.19 -4.24 -17.50
N GLY D 407 35.88 -4.41 -17.67
CA GLY D 407 35.29 -4.56 -18.99
C GLY D 407 35.50 -3.37 -19.90
N VAL D 408 35.48 -2.16 -19.34
CA VAL D 408 35.80 -0.98 -20.11
C VAL D 408 37.26 -1.06 -20.59
N SER D 409 38.17 -1.33 -19.67
CA SER D 409 39.60 -1.41 -19.99
C SER D 409 39.86 -2.46 -21.03
N ARG D 410 39.25 -3.62 -20.87
CA ARG D 410 39.59 -4.77 -21.69
C ARG D 410 38.97 -4.72 -23.09
N ALA D 411 38.24 -3.66 -23.41
CA ALA D 411 37.92 -3.39 -24.80
C ALA D 411 39.17 -3.08 -25.62
N LEU D 412 40.16 -2.44 -25.01
CA LEU D 412 41.30 -1.90 -25.75
C LEU D 412 42.06 -2.94 -26.55
N GLY D 413 42.61 -3.94 -25.88
CA GLY D 413 43.46 -4.91 -26.57
C GLY D 413 42.74 -5.84 -27.55
N PRO D 414 41.60 -6.39 -27.17
CA PRO D 414 40.90 -7.26 -28.09
C PRO D 414 40.41 -6.55 -29.35
N LEU D 415 40.00 -5.28 -29.21
CA LEU D 415 39.62 -4.54 -30.39
C LEU D 415 40.80 -4.29 -31.32
N VAL D 416 41.96 -3.98 -30.77
CA VAL D 416 43.17 -3.90 -31.56
C VAL D 416 43.41 -5.19 -32.34
N GLN D 417 43.35 -6.31 -31.65
CA GLN D 417 43.56 -7.59 -32.33
C GLN D 417 42.50 -7.91 -33.36
N LEU D 418 41.27 -7.51 -33.13
CA LEU D 418 40.25 -7.70 -34.12
C LEU D 418 40.55 -6.93 -35.42
N ILE D 419 41.05 -5.71 -35.25
CA ILE D 419 41.46 -4.91 -36.38
C ILE D 419 42.58 -5.60 -37.17
N TRP D 420 43.58 -6.11 -36.44
CA TRP D 420 44.68 -6.85 -37.06
C TRP D 420 44.23 -8.16 -37.67
N ASP D 421 43.29 -8.86 -37.05
CA ASP D 421 42.78 -10.10 -37.62
C ASP D 421 42.21 -9.80 -39.00
N ARG D 422 41.43 -8.75 -39.11
CA ARG D 422 40.84 -8.36 -40.38
C ARG D 422 41.88 -7.81 -41.37
N ALA D 423 42.84 -7.02 -40.89
CA ALA D 423 43.91 -6.54 -41.76
C ALA D 423 44.70 -7.71 -42.39
N LEU D 424 45.00 -8.73 -41.60
CA LEU D 424 45.76 -9.87 -42.07
C LEU D 424 44.94 -10.91 -42.80
N GLY D 425 43.61 -10.87 -42.66
CA GLY D 425 42.76 -11.86 -43.31
C GLY D 425 42.76 -13.21 -42.60
N LEU D 426 42.88 -13.20 -41.27
CA LEU D 426 42.88 -14.44 -40.51
C LEU D 426 41.54 -15.18 -40.66
N PRO D 427 41.58 -16.50 -40.70
CA PRO D 427 40.37 -17.27 -40.98
C PRO D 427 39.54 -17.51 -39.72
N ILE D 428 38.43 -18.20 -39.89
CA ILE D 428 37.57 -18.57 -38.76
C ILE D 428 38.36 -19.43 -37.80
N GLU D 429 38.19 -19.24 -36.49
CA GLU D 429 38.82 -20.12 -35.52
C GLU D 429 37.95 -21.35 -35.41
N ARG D 430 38.56 -22.51 -35.67
CA ARG D 430 37.84 -23.77 -35.78
C ARG D 430 38.76 -24.94 -35.44
N PRO D 431 38.95 -25.21 -34.15
CA PRO D 431 39.70 -26.39 -33.81
C PRO D 431 38.88 -27.62 -34.07
N LYS D 432 39.46 -28.77 -33.79
CA LYS D 432 38.81 -30.09 -33.99
C LYS D 432 38.57 -30.68 -32.62
N SER D 433 37.36 -31.17 -32.36
CA SER D 433 37.07 -31.83 -31.09
C SER D 433 37.22 -33.33 -31.17
N ILE D 434 37.27 -33.96 -29.99
CA ILE D 434 37.25 -35.41 -29.87
C ILE D 434 36.50 -35.75 -28.61
N ASN D 435 35.92 -36.95 -28.55
CA ASN D 435 35.25 -37.45 -27.34
C ASN D 435 36.23 -38.24 -26.46
N LEU D 436 35.88 -38.44 -25.20
CA LEU D 436 36.77 -39.19 -24.28
C LEU D 436 37.00 -40.59 -24.78
N LEU D 437 35.98 -41.25 -25.32
CA LEU D 437 36.18 -42.59 -25.91
C LEU D 437 37.25 -42.61 -26.98
N GLY D 438 37.37 -41.52 -27.74
CA GLY D 438 38.43 -41.36 -28.73
C GLY D 438 39.82 -41.21 -28.14
N LEU D 439 39.92 -40.79 -26.88
CA LEU D 439 41.24 -40.67 -26.21
C LEU D 439 41.59 -41.90 -25.36
N LYS D 440 40.60 -42.76 -25.07
CA LYS D 440 40.77 -43.92 -24.22
C LYS D 440 41.83 -44.96 -24.65
N LYS D 441 42.62 -45.40 -23.65
CA LYS D 441 43.36 -46.68 -23.67
C LYS D 441 44.45 -46.75 -24.75
N ALA E 7 -18.97 11.66 38.58
CA ALA E 7 -19.57 11.67 37.19
C ALA E 7 -21.08 11.97 37.23
N GLU E 8 -21.46 13.07 36.62
CA GLU E 8 -22.85 13.56 36.68
C GLU E 8 -23.67 12.79 35.65
N PRO E 9 -24.99 12.78 35.78
CA PRO E 9 -25.82 12.05 34.82
C PRO E 9 -25.60 12.50 33.36
N ASP E 10 -25.61 11.54 32.44
CA ASP E 10 -25.56 11.87 31.00
C ASP E 10 -26.96 12.28 30.55
N LEU E 11 -27.09 12.70 29.30
CA LEU E 11 -28.34 13.25 28.83
C LEU E 11 -29.50 12.25 28.88
N LYS E 12 -29.23 11.02 28.50
CA LYS E 12 -30.25 9.97 28.53
C LYS E 12 -30.78 9.68 29.95
N THR E 13 -29.89 9.65 30.93
CA THR E 13 -30.24 9.49 32.35
C THR E 13 -31.03 10.71 32.84
N ALA E 14 -30.60 11.91 32.50
CA ALA E 14 -31.33 13.11 32.91
C ALA E 14 -32.72 13.14 32.28
N LEU E 15 -32.84 12.70 31.02
CA LEU E 15 -34.16 12.57 30.41
C LEU E 15 -34.97 11.55 31.13
N LYS E 16 -34.42 10.38 31.38
CA LYS E 16 -35.20 9.32 32.05
C LYS E 16 -35.77 9.78 33.38
N ALA E 17 -34.99 10.58 34.13
CA ALA E 17 -35.45 11.12 35.41
C ALA E 17 -36.65 12.04 35.31
N VAL E 18 -36.84 12.73 34.18
CA VAL E 18 -37.98 13.65 34.06
C VAL E 18 -39.18 13.07 33.29
N ILE E 19 -39.04 11.89 32.71
CA ILE E 19 -40.15 11.25 32.02
C ILE E 19 -41.36 11.01 32.98
N PRO E 20 -41.14 10.44 34.19
CA PRO E 20 -42.33 10.16 35.01
C PRO E 20 -43.18 11.39 35.31
N ALA E 21 -42.55 12.53 35.64
CA ALA E 21 -43.34 13.73 35.92
C ALA E 21 -44.13 14.20 34.71
N LYS E 22 -43.54 14.10 33.51
CA LYS E 22 -44.29 14.49 32.31
C LYS E 22 -45.45 13.56 32.04
N ARG E 23 -45.26 12.26 32.26
CA ARG E 23 -46.36 11.32 32.05
C ARG E 23 -47.49 11.58 33.04
N GLU E 24 -47.14 12.00 34.26
CA GLU E 24 -48.15 12.32 35.28
C GLU E 24 -48.92 13.59 34.87
N LEU E 25 -48.20 14.64 34.47
CA LEU E 25 -48.84 15.84 33.94
C LEU E 25 -49.75 15.51 32.73
N PHE E 26 -49.27 14.65 31.85
CA PHE E 26 -50.09 14.22 30.71
C PHE E 26 -51.40 13.53 31.17
N LYS E 27 -51.28 12.69 32.17
CA LYS E 27 -52.43 12.00 32.72
C LYS E 27 -53.48 13.01 33.28
N GLN E 28 -53.01 14.01 33.99
CA GLN E 28 -53.89 15.06 34.50
C GLN E 28 -54.58 15.83 33.36
N VAL E 29 -53.82 16.16 32.32
CA VAL E 29 -54.42 16.85 31.17
C VAL E 29 -55.49 15.98 30.49
N LYS E 30 -55.23 14.69 30.40
CA LYS E 30 -56.17 13.78 29.79
C LYS E 30 -57.53 13.70 30.51
N GLU E 31 -57.54 13.94 31.82
CA GLU E 31 -58.81 14.00 32.57
C GLU E 31 -59.70 15.16 32.13
N ARG E 32 -59.05 16.23 31.65
CA ARG E 32 -59.77 17.41 31.17
C ARG E 32 -60.01 17.36 29.66
N SER E 33 -59.89 16.17 29.06
CA SER E 33 -59.93 16.05 27.59
C SER E 33 -61.18 16.59 26.95
N ASP E 34 -62.31 16.45 27.64
CA ASP E 34 -63.58 16.89 27.11
C ASP E 34 -63.83 18.41 27.18
N GLU E 35 -63.00 19.11 27.93
CA GLU E 35 -63.15 20.56 28.04
C GLU E 35 -62.90 21.27 26.72
N VAL E 36 -63.76 22.23 26.41
CA VAL E 36 -63.65 23.04 25.21
C VAL E 36 -62.66 24.18 25.41
N ILE E 37 -61.72 24.37 24.49
CA ILE E 37 -60.71 25.43 24.59
C ILE E 37 -60.75 26.45 23.44
N GLY E 38 -61.59 26.23 22.43
CA GLY E 38 -61.78 27.23 21.39
C GLY E 38 -62.85 26.81 20.41
N GLU E 39 -62.94 27.60 19.34
CA GLU E 39 -63.79 27.36 18.22
C GLU E 39 -63.03 27.14 16.91
N VAL E 40 -63.64 26.38 16.03
CA VAL E 40 -63.20 26.23 14.65
C VAL E 40 -64.15 27.05 13.82
N LYS E 41 -63.58 27.89 12.97
CA LYS E 41 -64.31 28.70 11.99
C LYS E 41 -63.94 28.28 10.56
N VAL E 42 -64.79 28.67 9.60
CA VAL E 42 -64.50 28.47 8.20
C VAL E 42 -63.09 29.01 7.88
N ALA E 43 -62.74 30.19 8.43
CA ALA E 43 -61.40 30.81 8.25
C ALA E 43 -60.24 29.85 8.52
N ASN E 44 -60.38 29.06 9.58
CA ASN E 44 -59.36 28.10 9.96
C ASN E 44 -59.21 26.98 8.94
N VAL E 45 -60.32 26.54 8.34
CA VAL E 45 -60.27 25.43 7.40
C VAL E 45 -59.63 25.87 6.09
N ILE E 46 -60.06 27.01 5.59
CA ILE E 46 -59.54 27.49 4.29
C ILE E 46 -58.23 28.22 4.45
N GLY E 47 -57.87 28.62 5.67
CA GLY E 47 -56.68 29.42 5.94
C GLY E 47 -55.52 28.64 6.53
N GLY E 48 -55.36 27.35 6.20
CA GLY E 48 -54.19 26.58 6.66
C GLY E 48 -54.10 26.45 8.19
N MET E 49 -55.26 26.32 8.84
CA MET E 49 -55.32 26.15 10.27
C MET E 49 -54.79 27.36 11.07
N ARG E 50 -54.68 28.52 10.44
CA ARG E 50 -54.11 29.67 11.11
C ARG E 50 -54.89 29.98 12.40
N GLY E 51 -54.16 30.15 13.48
CA GLY E 51 -54.76 30.42 14.80
C GLY E 51 -55.49 29.28 15.47
N LEU E 52 -55.44 28.08 14.89
CA LEU E 52 -56.17 26.95 15.47
C LEU E 52 -55.22 26.25 16.41
N LYS E 53 -55.54 26.28 17.69
CA LYS E 53 -54.67 25.73 18.73
C LYS E 53 -54.94 24.25 18.80
N SER E 54 -54.10 23.45 18.12
CA SER E 54 -54.45 22.05 17.83
C SER E 54 -53.29 21.06 17.79
N MET E 55 -52.13 21.44 18.27
CA MET E 55 -51.07 20.46 18.49
C MET E 55 -50.25 20.80 19.72
N LEU E 56 -49.55 19.80 20.21
CA LEU E 56 -48.75 19.86 21.40
C LEU E 56 -47.33 20.11 21.04
N TRP E 57 -46.67 20.99 21.79
CA TRP E 57 -45.25 21.24 21.63
C TRP E 57 -44.73 21.71 22.95
N GLU E 58 -43.76 20.97 23.52
CA GLU E 58 -43.36 21.14 24.92
C GLU E 58 -42.31 22.22 25.16
N GLY E 59 -41.33 22.28 24.30
CA GLY E 59 -40.10 22.98 24.67
C GLY E 59 -40.03 24.46 24.47
N SER E 60 -40.91 25.02 23.66
CA SER E 60 -40.89 26.43 23.32
C SER E 60 -42.31 26.95 23.16
N VAL E 61 -42.52 28.14 23.67
CA VAL E 61 -43.83 28.82 23.69
C VAL E 61 -43.53 30.27 23.40
N LEU E 62 -44.31 30.82 22.47
CA LEU E 62 -44.15 32.21 22.05
C LEU E 62 -44.89 33.12 23.02
N ASP E 63 -44.15 33.99 23.66
CA ASP E 63 -44.71 34.98 24.57
C ASP E 63 -44.94 36.25 23.76
N PRO E 64 -46.19 36.74 23.70
CA PRO E 64 -46.45 37.97 22.92
C PRO E 64 -45.61 39.21 23.30
N GLU E 65 -45.09 39.27 24.53
CA GLU E 65 -44.26 40.38 24.97
C GLU E 65 -42.76 40.07 24.88
N GLU E 66 -42.32 38.89 25.28
CA GLU E 66 -40.89 38.60 25.41
C GLU E 66 -40.37 37.81 24.17
N GLY E 67 -41.27 37.39 23.26
CA GLY E 67 -40.86 36.52 22.15
C GLY E 67 -40.75 35.03 22.58
N ILE E 68 -40.00 34.24 21.81
CA ILE E 68 -39.97 32.83 22.05
C ILE E 68 -39.24 32.54 23.37
N ARG E 69 -39.81 31.65 24.18
CA ARG E 69 -39.19 31.22 25.43
C ARG E 69 -39.06 29.72 25.46
N PHE E 70 -37.99 29.23 26.07
CA PHE E 70 -37.69 27.80 26.18
C PHE E 70 -37.82 27.39 27.63
N HIS E 71 -38.85 26.58 27.93
CA HIS E 71 -39.22 26.25 29.29
C HIS E 71 -39.32 27.51 30.17
N GLY E 72 -39.93 28.53 29.63
CA GLY E 72 -40.11 29.80 30.38
C GLY E 72 -38.91 30.75 30.32
N LYS E 73 -37.76 30.29 29.79
CA LYS E 73 -36.58 31.16 29.76
C LYS E 73 -36.49 31.97 28.48
N THR E 74 -36.20 33.25 28.61
CA THR E 74 -36.01 34.12 27.45
C THR E 74 -34.66 33.81 26.81
N ILE E 75 -34.47 34.33 25.61
CA ILE E 75 -33.19 34.30 24.94
C ILE E 75 -32.07 34.88 25.83
N LYS E 76 -32.31 36.02 26.46
CA LYS E 76 -31.34 36.61 27.36
C LYS E 76 -31.02 35.72 28.55
N ASP E 77 -32.04 35.08 29.14
CA ASP E 77 -31.80 34.11 30.24
C ASP E 77 -30.92 32.97 29.75
N CYS E 78 -31.20 32.46 28.54
CA CYS E 78 -30.41 31.37 28.00
C CYS E 78 -28.96 31.77 27.77
N GLN E 79 -28.75 32.99 27.23
CA GLN E 79 -27.40 33.46 26.98
C GLN E 79 -26.60 33.58 28.29
N LYS E 80 -27.25 33.99 29.35
CA LYS E 80 -26.58 34.04 30.63
C LYS E 80 -26.33 32.65 31.26
N GLU E 81 -27.37 31.82 31.26
CA GLU E 81 -27.36 30.53 32.00
C GLU E 81 -26.72 29.32 31.30
N LEU E 82 -26.83 29.20 29.98
CA LEU E 82 -26.28 28.04 29.31
C LEU E 82 -24.76 28.06 29.26
N PRO E 83 -24.13 26.91 29.43
CA PRO E 83 -22.71 26.72 29.23
C PRO E 83 -22.21 27.12 27.87
N LYS E 84 -20.97 27.61 27.84
CA LYS E 84 -20.31 28.04 26.63
C LYS E 84 -19.28 26.99 26.24
N GLY E 85 -18.64 27.22 25.10
CA GLY E 85 -17.52 26.38 24.65
C GLY E 85 -16.29 26.61 25.50
N THR E 86 -15.22 25.87 25.27
CA THR E 86 -13.96 26.03 26.00
C THR E 86 -13.28 27.37 25.66
N SER E 87 -13.50 27.84 24.43
CA SER E 87 -13.31 29.23 24.01
C SER E 87 -14.63 29.84 23.61
N GLY E 88 -14.72 31.14 23.63
CA GLY E 88 -15.88 31.85 23.16
C GLY E 88 -16.86 32.29 24.20
N THR E 89 -17.68 33.24 23.81
CA THR E 89 -18.62 33.93 24.65
C THR E 89 -20.06 33.51 24.43
N GLU E 90 -20.38 32.64 23.47
CA GLU E 90 -21.80 32.39 23.16
C GLU E 90 -22.25 31.02 23.67
N MET E 91 -23.50 30.96 24.08
CA MET E 91 -24.14 29.72 24.50
C MET E 91 -24.08 28.64 23.43
N LEU E 92 -23.98 27.40 23.87
CA LEU E 92 -23.85 26.26 22.96
C LEU E 92 -25.20 25.67 22.56
N PRO E 93 -25.37 25.38 21.28
CA PRO E 93 -26.57 24.70 20.84
C PRO E 93 -26.77 23.35 21.51
N GLU E 94 -25.69 22.63 21.85
CA GLU E 94 -25.80 21.38 22.60
C GLU E 94 -26.45 21.60 23.96
N ALA E 95 -26.09 22.71 24.61
CA ALA E 95 -26.69 23.07 25.86
C ALA E 95 -28.16 23.43 25.73
N MET E 96 -28.50 24.16 24.67
CA MET E 96 -29.92 24.44 24.31
C MET E 96 -30.68 23.17 24.09
N PHE E 97 -30.09 22.18 23.40
CA PHE E 97 -30.76 20.88 23.22
C PHE E 97 -31.03 20.21 24.57
N TRP E 98 -30.04 20.23 25.48
CA TRP E 98 -30.19 19.67 26.83
C TRP E 98 -31.38 20.32 27.52
N LEU E 99 -31.43 21.64 27.51
CA LEU E 99 -32.53 22.41 28.11
C LEU E 99 -33.87 22.08 27.48
N LEU E 100 -33.95 22.10 26.15
CA LEU E 100 -35.21 21.79 25.50
C LEU E 100 -35.72 20.40 25.91
N LEU E 101 -34.80 19.43 25.99
CA LEU E 101 -35.18 18.06 26.22
C LEU E 101 -35.59 17.80 27.65
N THR E 102 -34.79 18.27 28.59
CA THR E 102 -34.95 17.92 29.99
C THR E 102 -35.69 18.96 30.82
N GLY E 103 -35.82 20.19 30.31
CA GLY E 103 -36.36 21.30 31.09
C GLY E 103 -35.33 21.87 32.05
N GLN E 104 -34.07 21.42 32.01
CA GLN E 104 -33.04 21.78 33.01
C GLN E 104 -31.80 22.32 32.33
N VAL E 105 -31.11 23.24 33.00
CA VAL E 105 -29.84 23.78 32.54
C VAL E 105 -28.75 22.78 32.91
N PRO E 106 -27.98 22.29 31.93
CA PRO E 106 -26.90 21.37 32.26
C PRO E 106 -25.71 22.07 32.89
N SER E 107 -24.88 21.34 33.62
CA SER E 107 -23.59 21.86 34.10
C SER E 107 -22.64 21.88 32.91
N THR E 108 -21.58 22.66 33.03
CA THR E 108 -20.56 22.73 31.97
C THR E 108 -20.00 21.30 31.72
N ASN E 109 -19.75 20.56 32.80
CA ASN E 109 -19.25 19.20 32.64
C ASN E 109 -20.18 18.28 31.89
N GLN E 110 -21.49 18.38 32.12
CA GLN E 110 -22.45 17.57 31.37
C GLN E 110 -22.44 17.89 29.86
N VAL E 111 -22.34 19.18 29.56
CA VAL E 111 -22.26 19.64 28.18
C VAL E 111 -20.98 19.13 27.51
N ARG E 112 -19.85 19.19 28.22
CA ARG E 112 -18.58 18.68 27.64
C ARG E 112 -18.68 17.20 27.29
N ALA E 113 -19.31 16.42 28.16
CA ALA E 113 -19.49 15.00 27.89
C ALA E 113 -20.45 14.79 26.75
N PHE E 114 -21.51 15.57 26.65
CA PHE E 114 -22.42 15.47 25.51
C PHE E 114 -21.74 15.87 24.19
N SER E 115 -20.97 16.94 24.17
CA SER E 115 -20.23 17.33 22.97
C SER E 115 -19.31 16.18 22.49
N ARG E 116 -18.66 15.50 23.42
CA ARG E 116 -17.78 14.37 23.07
C ARG E 116 -18.62 13.26 22.44
N GLU E 117 -19.79 12.98 22.97
CA GLU E 117 -20.68 11.97 22.36
C GLU E 117 -21.04 12.36 20.92
N LEU E 118 -21.34 13.64 20.71
CA LEU E 118 -21.68 14.08 19.39
C LEU E 118 -20.51 13.93 18.43
N ALA E 119 -19.31 14.29 18.87
CA ALA E 119 -18.14 14.18 18.02
C ALA E 119 -17.84 12.72 17.66
N GLU E 120 -18.00 11.81 18.60
CA GLU E 120 -17.75 10.39 18.39
C GLU E 120 -18.73 9.74 17.38
N GLN E 121 -19.92 10.28 17.23
CA GLN E 121 -20.92 9.74 16.31
C GLN E 121 -21.02 10.48 15.01
N SER E 122 -20.06 11.32 14.72
CA SER E 122 -20.11 12.23 13.57
C SER E 122 -19.94 11.55 12.18
N HIS E 123 -19.29 10.39 12.16
CA HIS E 123 -18.95 9.76 10.89
C HIS E 123 -20.10 9.14 10.18
N LEU E 124 -19.94 9.07 8.85
CA LEU E 124 -20.97 8.55 7.96
C LEU E 124 -20.60 7.25 7.34
N PRO E 125 -21.56 6.36 7.13
CA PRO E 125 -21.33 5.15 6.32
C PRO E 125 -20.94 5.49 4.93
N GLN E 126 -20.19 4.60 4.30
CA GLN E 126 -19.72 4.84 2.93
C GLN E 126 -20.84 5.05 1.96
N HIS E 127 -21.98 4.36 2.12
CA HIS E 127 -23.05 4.53 1.16
C HIS E 127 -23.63 5.95 1.15
N ILE E 128 -23.53 6.65 2.27
CA ILE E 128 -23.97 8.04 2.30
C ILE E 128 -23.03 8.92 1.50
N LEU E 129 -21.73 8.67 1.57
CA LEU E 129 -20.77 9.41 0.77
C LEU E 129 -20.97 9.16 -0.71
N ASP E 130 -21.20 7.91 -1.08
CA ASP E 130 -21.51 7.56 -2.46
C ASP E 130 -22.81 8.19 -2.94
N LEU E 131 -23.80 8.23 -2.08
CA LEU E 131 -25.07 8.85 -2.43
C LEU E 131 -24.84 10.32 -2.76
N ILE E 132 -24.12 11.01 -1.90
CA ILE E 132 -23.88 12.42 -2.07
C ILE E 132 -23.09 12.71 -3.36
N LYS E 133 -22.16 11.83 -3.69
CA LYS E 133 -21.39 11.97 -4.93
C LYS E 133 -22.21 11.74 -6.19
N SER E 134 -23.34 11.07 -6.08
CA SER E 134 -24.27 10.93 -7.21
C SER E 134 -25.08 12.19 -7.51
N PHE E 135 -25.18 13.12 -6.56
CA PHE E 135 -25.99 14.33 -6.78
C PHE E 135 -25.42 15.23 -7.86
N PRO E 136 -26.26 15.68 -8.82
CA PRO E 136 -25.70 16.62 -9.81
C PRO E 136 -25.35 17.90 -9.09
N ARG E 137 -24.39 18.62 -9.62
CA ARG E 137 -23.98 19.90 -9.11
C ARG E 137 -25.11 20.92 -8.98
N SER E 138 -26.04 20.88 -9.93
CA SER E 138 -27.19 21.72 -9.90
C SER E 138 -28.31 21.27 -8.94
N MET E 139 -28.23 20.09 -8.28
CA MET E 139 -29.34 19.71 -7.37
C MET E 139 -29.40 20.74 -6.25
N HIS E 140 -30.59 21.20 -5.91
CA HIS E 140 -30.73 22.23 -4.90
C HIS E 140 -30.18 21.73 -3.54
N PRO E 141 -29.41 22.58 -2.84
CA PRO E 141 -28.78 22.14 -1.59
C PRO E 141 -29.73 21.56 -0.53
N MET E 142 -30.94 22.12 -0.39
CA MET E 142 -31.92 21.57 0.52
C MET E 142 -32.48 20.21 0.07
N THR E 143 -32.55 19.97 -1.23
CA THR E 143 -32.93 18.64 -1.70
C THR E 143 -31.84 17.65 -1.30
N GLN E 144 -30.57 18.05 -1.49
CA GLN E 144 -29.44 17.21 -1.10
C GLN E 144 -29.52 16.86 0.36
N LEU E 145 -29.71 17.87 1.20
CA LEU E 145 -29.69 17.66 2.64
C LEU E 145 -30.85 16.76 3.08
N SER E 146 -32.06 16.99 2.55
CA SER E 146 -33.19 16.15 2.91
C SER E 146 -32.97 14.69 2.57
N ILE E 147 -32.48 14.45 1.38
CA ILE E 147 -32.24 13.09 0.89
C ILE E 147 -31.20 12.38 1.70
N ALA E 148 -30.07 13.04 1.96
CA ALA E 148 -29.02 12.41 2.74
C ALA E 148 -29.48 12.05 4.15
N VAL E 149 -30.29 12.91 4.76
CA VAL E 149 -30.79 12.65 6.09
C VAL E 149 -31.73 11.44 6.04
N ALA E 150 -32.61 11.37 5.04
CA ALA E 150 -33.49 10.21 4.92
C ALA E 150 -32.68 8.94 4.72
N ALA E 151 -31.62 9.03 3.93
CA ALA E 151 -30.81 7.83 3.63
C ALA E 151 -30.11 7.28 4.86
N LEU E 152 -29.88 8.10 5.87
CA LEU E 152 -29.33 7.64 7.15
C LEU E 152 -30.27 6.77 7.95
N ASN E 153 -31.52 6.64 7.51
CA ASN E 153 -32.43 5.65 8.13
C ASN E 153 -31.95 4.21 8.08
N THR E 154 -30.99 3.88 7.23
CA THR E 154 -30.30 2.59 7.28
C THR E 154 -29.66 2.35 8.64
N GLU E 155 -29.31 3.43 9.34
CA GLU E 155 -28.72 3.37 10.68
C GLU E 155 -29.73 3.48 11.80
N SER E 156 -31.03 3.39 11.50
CA SER E 156 -32.03 3.65 12.55
C SER E 156 -32.14 2.53 13.53
N LYS E 157 -31.88 2.82 14.79
CA LYS E 157 -32.21 1.87 15.85
C LYS E 157 -33.71 1.74 16.11
N PHE E 158 -34.46 2.82 15.97
CA PHE E 158 -35.88 2.74 16.20
C PHE E 158 -36.53 1.82 15.18
N ALA E 159 -36.21 2.00 13.90
CA ALA E 159 -36.88 1.20 12.87
C ALA E 159 -36.63 -0.27 13.13
N LYS E 160 -35.39 -0.63 13.43
CA LYS E 160 -35.06 -2.04 13.69
C LYS E 160 -35.68 -2.55 14.98
N ALA E 161 -35.64 -1.77 16.04
CA ALA E 161 -36.25 -2.20 17.32
C ALA E 161 -37.78 -2.35 17.21
N TYR E 162 -38.42 -1.41 16.52
CA TYR E 162 -39.88 -1.49 16.33
C TYR E 162 -40.27 -2.73 15.55
N GLU E 163 -39.52 -3.04 14.53
CA GLU E 163 -39.80 -4.21 13.70
C GLU E 163 -39.64 -5.50 14.51
N LYS E 164 -38.62 -5.53 15.35
CA LYS E 164 -38.30 -6.67 16.22
C LYS E 164 -39.37 -6.89 17.28
N GLY E 165 -39.97 -5.80 17.77
CA GLY E 165 -40.98 -5.86 18.78
C GLY E 165 -40.42 -5.10 19.97
N LEU E 166 -41.15 -4.10 20.41
CA LEU E 166 -40.66 -3.21 21.43
C LEU E 166 -41.87 -2.71 22.20
N SER E 167 -41.75 -2.60 23.52
CA SER E 167 -42.84 -2.05 24.35
C SER E 167 -43.09 -0.58 24.03
N LYS E 168 -44.34 -0.17 24.06
CA LYS E 168 -44.71 1.23 23.85
C LYS E 168 -44.00 2.16 24.83
N ALA E 169 -43.90 1.72 26.07
CA ALA E 169 -43.23 2.49 27.12
C ALA E 169 -41.75 2.75 26.82
N ASP E 170 -41.16 1.92 25.97
CA ASP E 170 -39.77 2.00 25.56
C ASP E 170 -39.51 2.66 24.18
N TYR E 171 -40.55 3.11 23.49
CA TYR E 171 -40.35 3.75 22.17
C TYR E 171 -39.38 4.90 22.22
N TRP E 172 -39.40 5.67 23.31
CA TRP E 172 -38.53 6.83 23.42
C TRP E 172 -37.01 6.52 23.36
N GLU E 173 -36.56 5.36 23.83
CA GLU E 173 -35.13 5.11 23.90
C GLU E 173 -34.39 5.03 22.57
N PRO E 174 -34.86 4.16 21.65
CA PRO E 174 -34.30 4.12 20.30
C PRO E 174 -34.53 5.47 19.57
N THR E 175 -35.64 6.16 19.86
CA THR E 175 -35.90 7.45 19.28
C THR E 175 -34.85 8.45 19.74
N PHE E 176 -34.51 8.42 21.01
CA PHE E 176 -33.46 9.25 21.55
C PHE E 176 -32.12 8.89 20.88
N ASP E 177 -31.79 7.60 20.81
CA ASP E 177 -30.49 7.20 20.24
C ASP E 177 -30.37 7.66 18.79
N ASP E 178 -31.43 7.46 18.00
CA ASP E 178 -31.44 7.95 16.63
C ASP E 178 -31.36 9.46 16.53
N SER E 179 -32.02 10.19 17.40
CA SER E 179 -31.93 11.64 17.39
C SER E 179 -30.50 12.15 17.68
N ILE E 180 -29.81 11.56 18.63
CA ILE E 180 -28.44 11.96 18.90
C ILE E 180 -27.54 11.61 17.70
N SER E 181 -27.79 10.46 17.11
CA SER E 181 -27.04 10.03 15.96
C SER E 181 -27.26 11.02 14.79
N LEU E 182 -28.48 11.42 14.58
CA LEU E 182 -28.78 12.37 13.54
C LEU E 182 -28.16 13.71 13.81
N LEU E 183 -28.27 14.18 15.03
CA LEU E 183 -27.64 15.44 15.42
C LEU E 183 -26.13 15.43 15.20
N ALA E 184 -25.48 14.37 15.57
CA ALA E 184 -24.01 14.24 15.41
C ALA E 184 -23.57 14.30 13.97
N LYS E 185 -24.40 13.73 13.08
CA LYS E 185 -24.09 13.54 11.69
C LYS E 185 -24.47 14.71 10.81
N ILE E 186 -25.53 15.43 11.16
CA ILE E 186 -26.06 16.41 10.28
C ILE E 186 -25.11 17.56 9.88
N PRO E 187 -24.23 18.03 10.76
CA PRO E 187 -23.29 19.03 10.33
C PRO E 187 -22.32 18.50 9.27
N ARG E 188 -21.91 17.26 9.38
CA ARG E 188 -21.07 16.69 8.37
C ARG E 188 -21.79 16.56 7.03
N VAL E 189 -23.08 16.13 7.04
CA VAL E 189 -23.85 16.07 5.82
C VAL E 189 -23.97 17.49 5.20
N ALA E 190 -24.28 18.48 6.03
CA ALA E 190 -24.36 19.84 5.56
C ALA E 190 -23.08 20.35 4.96
N ALA E 191 -21.95 19.99 5.55
CA ALA E 191 -20.66 20.40 5.00
C ALA E 191 -20.39 19.78 3.64
N LEU E 192 -20.83 18.53 3.48
CA LEU E 192 -20.74 17.89 2.16
C LEU E 192 -21.58 18.54 1.09
N VAL E 193 -22.76 19.03 1.49
CA VAL E 193 -23.61 19.83 0.63
C VAL E 193 -22.88 21.13 0.22
N PHE E 194 -22.20 21.76 1.19
CA PHE E 194 -21.48 23.01 0.97
C PHE E 194 -20.25 22.80 0.11
N ARG E 195 -19.63 21.61 0.16
CA ARG E 195 -18.38 21.37 -0.55
C ARG E 195 -18.42 20.13 -1.43
N PRO E 196 -19.19 20.18 -2.51
CA PRO E 196 -19.44 19.01 -3.36
C PRO E 196 -18.20 18.43 -4.02
N ASP E 197 -17.18 19.26 -4.21
CA ASP E 197 -15.93 18.82 -4.84
C ASP E 197 -14.94 18.17 -3.84
N GLU E 198 -15.27 18.11 -2.56
CA GLU E 198 -14.35 17.62 -1.55
C GLU E 198 -14.93 16.52 -0.67
N VAL E 199 -15.84 15.74 -1.24
CA VAL E 199 -16.59 14.79 -0.46
C VAL E 199 -15.72 13.76 0.24
N ASP E 200 -14.77 13.22 -0.45
CA ASP E 200 -13.91 12.15 0.11
C ASP E 200 -13.13 12.64 1.36
N GLN E 201 -12.57 13.86 1.24
CA GLN E 201 -11.83 14.44 2.32
C GLN E 201 -12.72 14.94 3.51
N VAL E 202 -13.67 15.81 3.24
CA VAL E 202 -14.57 16.36 4.29
C VAL E 202 -15.40 15.22 4.91
N GLY E 203 -15.75 14.26 4.07
CA GLY E 203 -16.58 13.16 4.46
C GLY E 203 -15.97 12.22 5.46
N THR E 204 -14.64 12.18 5.54
CA THR E 204 -13.92 11.34 6.47
C THR E 204 -13.06 12.14 7.44
N GLN E 205 -12.99 13.44 7.34
CA GLN E 205 -12.14 14.27 8.18
C GLN E 205 -12.47 14.07 9.69
N ALA E 206 -11.44 13.86 10.48
CA ALA E 206 -11.51 13.63 11.88
C ALA E 206 -11.86 14.90 12.64
N LEU E 207 -12.69 14.80 13.65
CA LEU E 207 -13.05 15.94 14.48
C LEU E 207 -12.17 15.96 15.71
N ASP E 208 -11.95 17.13 16.29
CA ASP E 208 -11.38 17.21 17.66
C ASP E 208 -12.53 16.81 18.60
N ALA E 209 -12.37 15.68 19.26
CA ALA E 209 -13.45 15.17 20.13
C ALA E 209 -13.71 15.99 21.40
N SER E 210 -12.80 16.92 21.73
CA SER E 210 -13.00 17.77 22.89
C SER E 210 -13.61 19.12 22.52
N GLN E 211 -13.93 19.34 21.25
CA GLN E 211 -14.54 20.60 20.84
C GLN E 211 -16.06 20.44 20.72
N ASP E 212 -16.72 21.58 20.65
CA ASP E 212 -18.16 21.61 20.62
C ASP E 212 -18.71 21.42 19.20
N TRP E 213 -19.99 21.15 19.13
CA TRP E 213 -20.70 20.79 17.87
C TRP E 213 -20.56 21.88 16.78
N SER E 214 -20.70 23.13 17.16
CA SER E 214 -20.58 24.23 16.23
C SER E 214 -19.14 24.39 15.72
N TYR E 215 -18.18 24.28 16.62
CA TYR E 215 -16.79 24.39 16.24
C TYR E 215 -16.47 23.30 15.21
N ASN E 216 -16.91 22.10 15.47
CA ASN E 216 -16.64 20.97 14.57
C ASN E 216 -17.37 21.11 13.22
N PHE E 217 -18.56 21.68 13.24
CA PHE E 217 -19.25 22.04 12.03
C PHE E 217 -18.43 23.06 11.21
N ALA E 218 -17.93 24.10 11.89
CA ALA E 218 -17.07 25.10 11.24
C ALA E 218 -15.82 24.50 10.64
N GLU E 219 -15.22 23.58 11.35
CA GLU E 219 -14.05 22.85 10.89
C GLU E 219 -14.39 22.10 9.60
N LEU E 220 -15.51 21.39 9.55
CA LEU E 220 -15.92 20.68 8.34
C LEU E 220 -16.23 21.63 7.16
N LEU E 221 -16.67 22.85 7.49
CA LEU E 221 -16.90 23.88 6.49
C LEU E 221 -15.61 24.56 6.00
N GLY E 222 -14.46 24.24 6.59
CA GLY E 222 -13.18 24.85 6.20
C GLY E 222 -12.90 26.12 6.97
N LYS E 223 -13.59 26.34 8.09
CA LYS E 223 -13.47 27.53 8.88
C LYS E 223 -13.10 27.25 10.33
N GLY E 224 -12.20 26.31 10.53
CA GLY E 224 -11.71 25.94 11.85
C GLY E 224 -10.52 26.85 12.26
N GLY E 225 -10.03 26.62 13.47
CA GLY E 225 -8.78 27.26 13.93
C GLY E 225 -9.06 28.60 14.61
N LYS E 226 -8.02 29.12 15.28
CA LYS E 226 -8.20 30.32 16.11
C LYS E 226 -8.51 31.58 15.34
N GLU E 227 -8.06 31.67 14.10
CA GLU E 227 -8.37 32.81 13.25
C GLU E 227 -9.91 32.97 12.95
N ASN E 228 -10.69 31.91 13.11
CA ASN E 228 -12.13 31.97 12.87
C ASN E 228 -12.94 31.95 14.15
N GLN E 229 -12.34 32.33 15.27
CA GLN E 229 -13.05 32.23 16.54
C GLN E 229 -14.33 33.08 16.63
N ASP E 230 -14.37 34.22 15.97
CA ASP E 230 -15.58 35.02 15.98
C ASP E 230 -16.68 34.31 15.20
N PHE E 231 -16.32 33.71 14.05
CA PHE E 231 -17.30 32.95 13.33
C PHE E 231 -17.86 31.77 14.16
N HIS E 232 -17.00 31.14 14.96
CA HIS E 232 -17.44 30.04 15.82
C HIS E 232 -18.51 30.49 16.78
N ASP E 233 -18.33 31.66 17.35
CA ASP E 233 -19.31 32.20 18.27
C ASP E 233 -20.62 32.61 17.57
N LEU E 234 -20.52 33.17 16.36
CA LEU E 234 -21.70 33.46 15.55
C LEU E 234 -22.45 32.20 15.30
N LEU E 235 -21.73 31.14 14.88
CA LEU E 235 -22.39 29.92 14.50
C LEU E 235 -23.04 29.26 15.70
N ARG E 236 -22.37 29.29 16.84
CA ARG E 236 -22.98 28.75 18.06
C ARG E 236 -24.29 29.45 18.37
N LEU E 237 -24.26 30.79 18.30
CA LEU E 237 -25.44 31.58 18.64
C LEU E 237 -26.53 31.34 17.64
N TYR E 238 -26.18 31.38 16.37
CA TYR E 238 -27.15 31.12 15.32
C TYR E 238 -27.84 29.78 15.49
N LEU E 239 -27.06 28.73 15.71
CA LEU E 239 -27.60 27.39 15.81
C LEU E 239 -28.47 27.26 17.06
N ALA E 240 -28.08 27.90 18.16
CA ALA E 240 -28.88 27.86 19.39
C ALA E 240 -30.17 28.65 19.23
N LEU E 241 -30.11 29.80 18.58
CA LEU E 241 -31.28 30.66 18.43
C LEU E 241 -32.36 30.07 17.53
N HIS E 242 -31.98 29.30 16.52
CA HIS E 242 -32.93 28.83 15.53
C HIS E 242 -33.42 27.43 15.82
N GLY E 243 -33.00 26.84 16.95
CA GLY E 243 -33.25 25.44 17.22
C GLY E 243 -34.70 25.04 17.32
N ASP E 244 -35.52 25.93 17.87
CA ASP E 244 -36.94 25.62 18.06
C ASP E 244 -37.74 26.91 18.10
N HIS E 245 -38.93 26.84 17.55
CA HIS E 245 -39.88 27.97 17.60
C HIS E 245 -41.32 27.47 17.48
N GLU E 246 -41.77 26.76 18.51
CA GLU E 246 -43.12 26.18 18.60
C GLU E 246 -43.29 25.11 17.52
N GLY E 247 -44.47 24.52 17.46
CA GLY E 247 -44.70 23.35 16.63
C GLY E 247 -45.37 23.65 15.32
N GLY E 248 -45.88 24.88 15.16
CA GLY E 248 -46.68 25.23 14.02
C GLY E 248 -45.96 25.44 12.70
N ASN E 249 -44.68 25.85 12.76
CA ASN E 249 -43.93 26.11 11.56
C ASN E 249 -43.78 24.78 10.76
N VAL E 250 -43.61 24.87 9.45
CA VAL E 250 -43.69 23.66 8.60
C VAL E 250 -42.63 22.61 8.92
N SER E 251 -41.41 23.01 9.23
CA SER E 251 -40.35 22.01 9.50
C SER E 251 -40.63 21.22 10.80
N ALA E 252 -41.06 21.92 11.84
CA ALA E 252 -41.38 21.28 13.12
C ALA E 252 -42.59 20.39 12.94
N HIS E 253 -43.61 20.91 12.29
CA HIS E 253 -44.88 20.22 12.16
C HIS E 253 -44.71 18.96 11.28
N ALA E 254 -44.03 19.11 10.15
CA ALA E 254 -43.85 17.95 9.26
C ALA E 254 -43.08 16.83 9.94
N THR E 255 -42.09 17.18 10.75
CA THR E 255 -41.33 16.21 11.55
C THR E 255 -42.24 15.44 12.50
N HIS E 256 -43.04 16.18 13.25
CA HIS E 256 -44.00 15.57 14.14
C HIS E 256 -45.02 14.70 13.41
N LEU E 257 -45.55 15.19 12.28
CA LEU E 257 -46.58 14.47 11.54
C LEU E 257 -46.06 13.13 11.04
N VAL E 258 -44.93 13.16 10.36
CA VAL E 258 -44.35 11.92 9.84
C VAL E 258 -43.89 11.00 10.98
N GLY E 259 -43.30 11.59 12.00
CA GLY E 259 -42.96 10.86 13.22
C GLY E 259 -44.14 10.17 13.89
N SER E 260 -45.34 10.74 13.75
CA SER E 260 -46.50 10.24 14.46
C SER E 260 -47.01 8.93 13.83
N ALA E 261 -46.62 8.66 12.58
CA ALA E 261 -46.89 7.35 11.97
C ALA E 261 -45.83 6.29 12.35
N LEU E 262 -44.89 6.68 13.22
CA LEU E 262 -43.78 5.87 13.76
C LEU E 262 -42.66 5.64 12.76
N SER E 263 -42.56 6.53 11.80
CA SER E 263 -41.31 6.62 11.01
C SER E 263 -40.25 7.14 11.98
N ASP E 264 -39.02 6.69 11.77
CA ASP E 264 -37.94 6.96 12.74
C ASP E 264 -37.50 8.42 12.58
N PRO E 265 -36.62 8.91 13.43
CA PRO E 265 -36.23 10.31 13.34
C PRO E 265 -35.54 10.74 12.05
N PHE E 266 -34.84 9.82 11.38
CA PHE E 266 -34.20 10.17 10.12
C PHE E 266 -35.22 10.48 9.05
N LEU E 267 -36.18 9.60 8.87
CA LEU E 267 -37.26 9.86 7.92
C LEU E 267 -38.09 11.07 8.34
N SER E 268 -38.32 11.26 9.62
CA SER E 268 -39.20 12.32 10.09
C SER E 268 -38.55 13.69 9.92
N TYR E 269 -37.28 13.84 10.27
CA TYR E 269 -36.65 15.13 10.07
C TYR E 269 -36.35 15.39 8.59
N SER E 270 -36.18 14.34 7.80
CA SER E 270 -36.12 14.51 6.35
C SER E 270 -37.37 15.23 5.85
N ALA E 271 -38.52 14.80 6.33
CA ALA E 271 -39.76 15.46 5.95
C ALA E 271 -39.78 16.91 6.39
N GLY E 272 -39.31 17.16 7.61
CA GLY E 272 -39.08 18.50 8.09
C GLY E 272 -38.25 19.38 7.19
N LEU E 273 -37.16 18.82 6.69
CA LEU E 273 -36.30 19.51 5.77
C LEU E 273 -36.91 19.76 4.41
N LEU E 274 -37.72 18.83 3.92
CA LEU E 274 -38.49 19.05 2.69
C LEU E 274 -39.44 20.22 2.84
N GLY E 275 -40.03 20.37 4.01
CA GLY E 275 -40.88 21.51 4.28
C GLY E 275 -40.05 22.77 4.44
N LEU E 276 -38.90 22.66 5.09
CA LEU E 276 -37.97 23.78 5.22
C LEU E 276 -37.47 24.27 3.88
N ALA E 277 -37.42 23.38 2.89
CA ALA E 277 -37.04 23.73 1.53
C ALA E 277 -38.05 24.66 0.84
N GLY E 278 -39.29 24.70 1.32
CA GLY E 278 -40.34 25.50 0.68
C GLY E 278 -39.96 26.97 0.73
N PRO E 279 -39.99 27.67 -0.37
CA PRO E 279 -39.66 29.10 -0.49
C PRO E 279 -40.37 30.00 0.48
N LEU E 280 -41.63 29.65 0.83
CA LEU E 280 -42.29 30.43 1.91
C LEU E 280 -41.60 30.30 3.22
N HIS E 281 -41.16 29.10 3.58
CA HIS E 281 -40.40 28.85 4.83
C HIS E 281 -38.88 29.24 4.75
N ALA E 282 -38.28 28.81 3.64
CA ALA E 282 -36.82 28.84 3.46
C ALA E 282 -36.09 30.14 3.14
N LEU E 283 -36.69 31.06 2.37
CA LEU E 283 -35.88 32.10 1.70
C LEU E 283 -35.78 33.43 2.35
N ALA E 284 -36.33 33.61 3.54
CA ALA E 284 -36.34 34.97 4.12
C ALA E 284 -34.90 35.49 4.34
N ALA E 285 -34.01 34.68 4.90
CA ALA E 285 -32.63 35.15 5.16
C ALA E 285 -31.92 35.51 3.86
N GLN E 286 -32.14 34.68 2.84
CA GLN E 286 -31.59 34.92 1.50
C GLN E 286 -32.18 36.17 0.86
N GLU E 287 -33.48 36.34 0.96
CA GLU E 287 -34.16 37.52 0.41
C GLU E 287 -33.68 38.78 1.04
N VAL E 288 -33.50 38.79 2.34
CA VAL E 288 -33.00 39.99 3.03
C VAL E 288 -31.64 40.36 2.50
N LEU E 289 -30.75 39.38 2.40
CA LEU E 289 -29.44 39.67 1.89
C LEU E 289 -29.49 40.25 0.48
N ARG E 290 -30.22 39.64 -0.44
CA ARG E 290 -30.36 40.13 -1.82
C ARG E 290 -30.88 41.57 -1.82
N TRP E 291 -31.86 41.82 -0.99
CA TRP E 291 -32.53 43.12 -0.92
C TRP E 291 -31.60 44.20 -0.40
N ILE E 292 -30.84 43.91 0.65
CA ILE E 292 -29.86 44.81 1.21
C ILE E 292 -28.78 45.12 0.19
N LEU E 293 -28.27 44.08 -0.49
CA LEU E 293 -27.24 44.29 -1.49
C LEU E 293 -27.77 45.12 -2.66
N ALA E 294 -29.00 44.86 -3.10
CA ALA E 294 -29.61 45.69 -4.17
C ALA E 294 -29.78 47.12 -3.74
N MET E 295 -30.22 47.34 -2.50
CA MET E 295 -30.34 48.70 -1.96
C MET E 295 -28.99 49.41 -1.96
N GLN E 296 -27.94 48.72 -1.47
CA GLN E 296 -26.59 49.31 -1.45
C GLN E 296 -26.16 49.71 -2.88
N ASP E 297 -26.44 48.81 -3.84
CA ASP E 297 -26.14 49.07 -5.23
C ASP E 297 -26.80 50.34 -5.75
N LYS E 298 -28.08 50.51 -5.44
CA LYS E 298 -28.84 51.67 -5.93
C LYS E 298 -28.48 52.95 -5.23
N ILE E 299 -28.37 52.95 -3.92
CA ILE E 299 -28.03 54.18 -3.19
C ILE E 299 -26.55 54.61 -3.21
N GLY E 300 -25.63 53.67 -3.49
CA GLY E 300 -24.26 54.06 -3.61
C GLY E 300 -23.54 54.12 -2.29
N THR E 301 -22.26 54.46 -2.37
CA THR E 301 -21.39 54.44 -1.19
C THR E 301 -21.70 55.56 -0.17
N LYS E 302 -21.98 56.74 -0.69
CA LYS E 302 -22.35 57.90 0.13
C LYS E 302 -23.83 58.06 -0.16
N PHE E 303 -24.64 57.77 0.87
CA PHE E 303 -26.10 57.80 0.78
C PHE E 303 -26.68 58.58 1.96
N THR E 304 -27.88 59.06 1.77
CA THR E 304 -28.57 59.85 2.79
C THR E 304 -29.68 59.00 3.44
N ASP E 305 -30.15 59.42 4.63
CA ASP E 305 -31.35 58.80 5.22
C ASP E 305 -32.50 58.80 4.25
N ASP E 306 -32.64 59.88 3.54
CA ASP E 306 -33.66 59.96 2.48
C ASP E 306 -33.53 58.85 1.40
N ASP E 307 -32.31 58.50 0.98
CA ASP E 307 -32.11 57.45 0.00
C ASP E 307 -32.68 56.11 0.49
N VAL E 308 -32.38 55.80 1.77
CA VAL E 308 -32.89 54.57 2.36
C VAL E 308 -34.43 54.61 2.46
N ARG E 309 -34.95 55.74 2.92
CA ARG E 309 -36.41 55.86 3.04
C ARG E 309 -37.10 55.74 1.68
N ASN E 310 -36.53 56.40 0.68
CA ASN E 310 -37.06 56.31 -0.69
C ASN E 310 -37.03 54.91 -1.21
N TYR E 311 -35.97 54.17 -0.92
CA TYR E 311 -35.90 52.80 -1.35
C TYR E 311 -37.01 51.93 -0.74
N LEU E 312 -37.23 52.12 0.56
CA LEU E 312 -38.28 51.39 1.27
C LEU E 312 -39.67 51.72 0.72
N TRP E 313 -39.95 53.00 0.56
CA TRP E 313 -41.24 53.44 0.00
C TRP E 313 -41.46 52.89 -1.40
N ASP E 314 -40.45 52.93 -2.26
CA ASP E 314 -40.54 52.35 -3.61
C ASP E 314 -40.84 50.88 -3.56
N THR E 315 -40.19 50.13 -2.67
CA THR E 315 -40.46 48.71 -2.53
C THR E 315 -41.96 48.51 -2.25
N LEU E 316 -42.43 49.24 -1.23
CA LEU E 316 -43.80 49.10 -0.78
C LEU E 316 -44.82 49.53 -1.84
N LYS E 317 -44.57 50.66 -2.49
CA LYS E 317 -45.49 51.17 -3.55
C LYS E 317 -45.56 50.19 -4.71
N SER E 318 -44.46 49.51 -5.00
CA SER E 318 -44.47 48.42 -5.97
C SER E 318 -45.27 47.17 -5.62
N GLY E 319 -45.80 47.08 -4.39
CA GLY E 319 -46.55 45.91 -3.95
C GLY E 319 -45.67 44.76 -3.45
N ARG E 320 -44.37 45.06 -3.20
CA ARG E 320 -43.45 44.07 -2.64
C ARG E 320 -43.35 44.29 -1.11
N VAL E 321 -42.75 43.32 -0.43
CA VAL E 321 -42.48 43.39 1.02
C VAL E 321 -41.05 43.89 1.28
N VAL E 322 -40.83 44.42 2.49
CA VAL E 322 -39.54 44.67 3.02
C VAL E 322 -39.20 43.39 3.82
N PRO E 323 -38.24 42.59 3.27
CA PRO E 323 -38.09 41.26 3.84
C PRO E 323 -37.41 41.35 5.19
N GLY E 324 -37.72 40.40 6.07
CA GLY E 324 -37.16 40.36 7.40
C GLY E 324 -37.88 41.19 8.41
N TYR E 325 -38.97 41.80 8.02
CA TYR E 325 -39.84 42.61 8.88
C TYR E 325 -41.23 42.05 8.58
N GLY E 326 -41.95 41.64 9.60
CA GLY E 326 -43.03 40.66 9.31
C GLY E 326 -43.98 40.55 10.43
N HIS E 327 -45.23 40.36 10.07
CA HIS E 327 -46.35 40.31 10.96
C HIS E 327 -46.26 39.13 11.94
N GLY E 328 -46.94 39.29 13.05
CA GLY E 328 -47.04 38.26 14.06
C GLY E 328 -47.84 38.82 15.21
N VAL E 329 -47.49 38.38 16.42
CA VAL E 329 -48.11 38.90 17.63
C VAL E 329 -47.14 39.83 18.38
N LEU E 330 -46.05 40.24 17.72
CA LEU E 330 -44.95 40.90 18.44
C LEU E 330 -44.90 42.40 18.25
N ARG E 331 -44.91 43.10 19.37
CA ARG E 331 -44.85 44.58 19.40
C ARG E 331 -43.42 45.14 19.29
N LYS E 332 -42.42 44.27 19.58
CA LYS E 332 -41.03 44.67 19.56
C LYS E 332 -40.18 43.74 18.72
N PRO E 333 -38.94 44.17 18.41
CA PRO E 333 -38.04 43.30 17.71
C PRO E 333 -38.00 41.87 18.26
N ASP E 334 -37.89 40.91 17.36
CA ASP E 334 -37.65 39.52 17.70
C ASP E 334 -36.40 39.50 18.63
N PRO E 335 -36.53 38.91 19.82
CA PRO E 335 -35.33 38.84 20.70
C PRO E 335 -34.13 38.03 20.09
N ARG E 336 -34.42 37.17 19.11
CA ARG E 336 -33.37 36.50 18.34
C ARG E 336 -32.61 37.50 17.49
N PHE E 337 -33.35 38.45 16.90
CA PHE E 337 -32.73 39.52 16.14
C PHE E 337 -31.83 40.32 17.07
N GLN E 338 -32.35 40.66 18.25
CA GLN E 338 -31.60 41.53 19.14
C GLN E 338 -30.30 40.84 19.57
N ALA E 339 -30.37 39.54 19.79
CA ALA E 339 -29.20 38.80 20.25
C ALA E 339 -28.10 38.81 19.17
N LEU E 340 -28.51 38.74 17.90
CA LEU E 340 -27.54 38.89 16.80
C LEU E 340 -26.94 40.30 16.71
N MET E 341 -27.77 41.31 16.95
CA MET E 341 -27.26 42.70 17.03
C MET E 341 -26.32 42.89 18.18
N ASP E 342 -26.60 42.28 19.33
CA ASP E 342 -25.67 42.37 20.48
C ASP E 342 -24.35 41.71 20.16
N PHE E 343 -24.39 40.59 19.43
CA PHE E 343 -23.19 39.90 19.02
C PHE E 343 -22.33 40.84 18.17
N ALA E 344 -22.99 41.48 17.21
CA ALA E 344 -22.30 42.36 16.25
C ALA E 344 -21.67 43.55 16.95
N ALA E 345 -22.36 44.06 17.98
CA ALA E 345 -21.95 45.31 18.65
C ALA E 345 -20.59 45.22 19.32
N THR E 346 -20.12 44.02 19.65
CA THR E 346 -18.80 43.89 20.26
C THR E 346 -17.69 43.53 19.24
N ARG E 347 -18.00 43.48 17.94
CA ARG E 347 -17.02 43.09 16.92
C ARG E 347 -16.76 44.25 15.99
N PRO E 348 -15.66 45.00 16.21
CA PRO E 348 -15.47 46.20 15.42
C PRO E 348 -15.46 45.96 13.89
N ASP E 349 -14.91 44.83 13.44
CA ASP E 349 -14.85 44.57 12.00
C ASP E 349 -16.27 44.37 11.38
N VAL E 350 -17.21 43.81 12.16
CA VAL E 350 -18.58 43.68 11.70
C VAL E 350 -19.21 45.06 11.59
N LEU E 351 -19.05 45.88 12.62
CA LEU E 351 -19.63 47.22 12.61
C LEU E 351 -19.05 48.10 11.51
N ALA E 352 -17.78 47.88 11.15
CA ALA E 352 -17.15 48.55 10.01
C ALA E 352 -17.63 48.06 8.63
N ASN E 353 -18.30 46.91 8.54
CA ASN E 353 -18.77 46.40 7.25
C ASN E 353 -20.00 47.20 6.74
N PRO E 354 -19.87 47.88 5.60
CA PRO E 354 -21.00 48.68 5.07
C PRO E 354 -22.30 47.93 4.92
N VAL E 355 -22.22 46.63 4.62
CA VAL E 355 -23.43 45.80 4.44
C VAL E 355 -24.16 45.67 5.78
N PHE E 356 -23.42 45.48 6.83
CA PHE E 356 -23.99 45.46 8.18
C PHE E 356 -24.53 46.80 8.61
N GLN E 357 -23.77 47.86 8.32
CA GLN E 357 -24.25 49.23 8.62
C GLN E 357 -25.63 49.50 7.99
N LEU E 358 -25.79 49.01 6.78
CA LEU E 358 -27.06 49.12 6.07
C LEU E 358 -28.19 48.34 6.76
N VAL E 359 -27.91 47.16 7.26
CA VAL E 359 -28.89 46.43 8.06
C VAL E 359 -29.26 47.22 9.31
N LYS E 360 -28.25 47.77 9.98
CA LYS E 360 -28.51 48.54 11.17
C LYS E 360 -29.35 49.79 10.86
N LYS E 361 -29.01 50.53 9.82
CA LYS E 361 -29.77 51.75 9.48
C LYS E 361 -31.23 51.42 9.09
N ASN E 362 -31.39 50.39 8.30
CA ASN E 362 -32.71 49.91 7.93
C ASN E 362 -33.57 49.58 9.20
N SER E 363 -32.95 48.92 10.17
CA SER E 363 -33.66 48.62 11.41
C SER E 363 -34.07 49.87 12.21
N GLU E 364 -33.36 50.98 12.04
CA GLU E 364 -33.70 52.28 12.65
C GLU E 364 -34.78 53.09 11.88
N ILE E 365 -34.99 52.80 10.60
CA ILE E 365 -35.84 53.58 9.69
C ILE E 365 -37.09 52.79 9.20
N ALA E 366 -36.89 51.52 8.85
CA ALA E 366 -37.96 50.72 8.26
C ALA E 366 -39.25 50.55 9.12
N PRO E 367 -39.11 50.38 10.45
CA PRO E 367 -40.32 50.22 11.27
C PRO E 367 -41.29 51.40 11.17
N ALA E 368 -40.77 52.63 11.22
CA ALA E 368 -41.63 53.85 11.08
C ALA E 368 -42.28 53.91 9.69
N VAL E 369 -41.48 53.67 8.65
CA VAL E 369 -42.00 53.60 7.28
C VAL E 369 -43.11 52.54 7.12
N LEU E 370 -42.88 51.35 7.63
CA LEU E 370 -43.88 50.27 7.52
C LEU E 370 -45.16 50.53 8.28
N THR E 371 -45.04 51.17 9.44
CA THR E 371 -46.20 51.57 10.24
C THR E 371 -47.05 52.58 9.46
N GLU E 372 -46.42 53.67 9.01
CA GLU E 372 -47.08 54.65 8.17
C GLU E 372 -47.74 54.02 6.93
N HIS E 373 -47.05 53.09 6.26
CA HIS E 373 -47.64 52.39 5.12
C HIS E 373 -48.86 51.58 5.52
N GLY E 374 -48.82 50.98 6.71
CA GLY E 374 -49.97 50.31 7.26
C GLY E 374 -50.41 48.93 6.78
N LYS E 375 -49.74 48.33 5.79
CA LYS E 375 -50.18 47.01 5.27
C LYS E 375 -49.68 45.82 6.10
N THR E 376 -48.47 45.93 6.65
CA THR E 376 -47.87 44.90 7.48
C THR E 376 -48.32 44.99 8.94
N LYS E 377 -48.77 43.86 9.49
CA LYS E 377 -49.38 43.87 10.81
C LYS E 377 -48.45 44.34 11.94
N ASN E 378 -47.21 43.86 11.98
CA ASN E 378 -46.22 44.35 12.94
C ASN E 378 -44.89 44.50 12.22
N PRO E 379 -44.33 45.71 12.20
CA PRO E 379 -43.19 46.07 11.38
C PRO E 379 -41.84 45.99 12.07
N HIS E 380 -41.63 45.04 12.99
CA HIS E 380 -40.35 44.97 13.63
C HIS E 380 -39.48 43.96 12.96
N PRO E 381 -38.16 44.10 13.14
CA PRO E 381 -37.30 43.11 12.52
C PRO E 381 -37.46 41.76 13.18
N ASN E 382 -37.40 40.71 12.38
CA ASN E 382 -37.22 39.38 12.93
C ASN E 382 -35.75 38.94 12.70
N VAL E 383 -35.43 37.76 13.19
CA VAL E 383 -34.06 37.27 13.16
C VAL E 383 -33.44 37.25 11.75
N ASP E 384 -34.26 36.95 10.74
CA ASP E 384 -33.83 36.93 9.34
C ASP E 384 -33.31 38.29 8.84
N ALA E 385 -33.68 39.39 9.49
CA ALA E 385 -33.13 40.67 9.08
C ALA E 385 -31.60 40.75 9.22
N ALA E 386 -31.02 39.99 10.17
CA ALA E 386 -29.60 40.11 10.47
C ALA E 386 -28.73 38.89 10.20
N SER E 387 -29.31 37.68 10.22
CA SER E 387 -28.51 36.47 10.17
C SER E 387 -27.70 36.33 8.89
N GLY E 388 -28.32 36.60 7.73
CA GLY E 388 -27.62 36.47 6.47
C GLY E 388 -26.43 37.39 6.33
N VAL E 389 -26.63 38.64 6.69
CA VAL E 389 -25.54 39.62 6.63
C VAL E 389 -24.37 39.24 7.52
N LEU E 390 -24.64 38.73 8.71
CA LEU E 390 -23.57 38.26 9.59
C LEU E 390 -22.80 37.10 8.97
N PHE E 391 -23.49 36.10 8.41
CA PHE E 391 -22.79 35.04 7.71
C PHE E 391 -21.99 35.57 6.52
N TYR E 392 -22.59 36.48 5.77
CA TYR E 392 -21.96 37.10 4.62
C TYR E 392 -20.65 37.75 5.03
N HIS E 393 -20.67 38.47 6.15
CA HIS E 393 -19.46 39.07 6.62
C HIS E 393 -18.32 38.11 6.84
N TYR E 394 -18.63 36.91 7.33
CA TYR E 394 -17.57 35.91 7.62
C TYR E 394 -17.29 35.00 6.42
N GLY E 395 -17.64 35.43 5.22
CA GLY E 395 -17.24 34.72 4.01
C GLY E 395 -18.26 33.77 3.44
N PHE E 396 -19.41 33.63 4.06
CA PHE E 396 -20.47 32.78 3.53
C PHE E 396 -21.30 33.59 2.62
N GLN E 397 -20.89 33.66 1.35
CA GLN E 397 -21.52 34.62 0.44
C GLN E 397 -22.40 34.02 -0.61
N GLN E 398 -22.73 32.74 -0.48
CA GLN E 398 -23.75 32.13 -1.30
C GLN E 398 -24.94 31.87 -0.36
N PRO E 399 -25.92 32.79 -0.39
CA PRO E 399 -27.13 32.74 0.44
C PRO E 399 -28.00 31.54 0.18
N LEU E 400 -27.86 30.95 -0.98
CA LEU E 400 -28.53 29.69 -1.30
C LEU E 400 -28.30 28.62 -0.22
N TYR E 401 -27.11 28.61 0.36
CA TYR E 401 -26.80 27.67 1.41
C TYR E 401 -27.24 28.08 2.81
N TYR E 402 -27.82 29.27 2.96
CA TYR E 402 -28.25 29.73 4.31
C TYR E 402 -29.34 28.90 4.86
N THR E 403 -30.18 28.33 4.00
CA THR E 403 -31.21 27.42 4.50
C THR E 403 -30.61 26.13 5.04
N VAL E 404 -29.47 25.71 4.46
CA VAL E 404 -28.84 24.49 4.92
C VAL E 404 -28.38 24.66 6.39
N THR E 405 -27.75 25.76 6.70
CA THR E 405 -27.33 26.02 8.06
C THR E 405 -28.56 26.10 9.00
N PHE E 406 -29.66 26.65 8.53
CA PHE E 406 -30.90 26.66 9.30
C PHE E 406 -31.41 25.24 9.54
N GLY E 407 -31.28 24.39 8.51
CA GLY E 407 -31.63 22.98 8.65
C GLY E 407 -30.84 22.23 9.69
N VAL E 408 -29.57 22.57 9.86
CA VAL E 408 -28.78 21.97 10.90
C VAL E 408 -29.35 22.40 12.28
N SER E 409 -29.57 23.71 12.43
CA SER E 409 -30.10 24.25 13.67
C SER E 409 -31.45 23.65 14.01
N ARG E 410 -32.31 23.55 13.02
CA ARG E 410 -33.71 23.21 13.28
C ARG E 410 -33.92 21.71 13.49
N ALA E 411 -32.84 20.92 13.46
CA ALA E 411 -32.90 19.57 13.96
C ALA E 411 -33.17 19.54 15.46
N LEU E 412 -32.66 20.53 16.19
CA LEU E 412 -32.67 20.47 17.65
C LEU E 412 -34.06 20.35 18.25
N GLY E 413 -34.92 21.32 17.98
CA GLY E 413 -36.25 21.34 18.64
C GLY E 413 -37.20 20.23 18.21
N PRO E 414 -37.32 19.98 16.91
CA PRO E 414 -38.22 18.93 16.48
C PRO E 414 -37.80 17.53 16.94
N LEU E 415 -36.50 17.28 17.01
CA LEU E 415 -36.04 15.99 17.52
C LEU E 415 -36.37 15.85 19.01
N VAL E 416 -36.21 16.90 19.79
CA VAL E 416 -36.68 16.88 21.17
C VAL E 416 -38.14 16.52 21.26
N GLN E 417 -38.98 17.19 20.48
CA GLN E 417 -40.41 16.92 20.51
C GLN E 417 -40.73 15.51 20.06
N LEU E 418 -40.02 14.99 19.08
CA LEU E 418 -40.23 13.61 18.67
C LEU E 418 -39.94 12.62 19.80
N ILE E 419 -38.89 12.88 20.56
CA ILE E 419 -38.55 12.06 21.71
C ILE E 419 -39.71 12.11 22.74
N TRP E 420 -40.20 13.31 23.02
CA TRP E 420 -41.36 13.46 23.92
C TRP E 420 -42.65 12.86 23.36
N ASP E 421 -42.86 12.95 22.05
CA ASP E 421 -44.05 12.35 21.46
C ASP E 421 -44.04 10.85 21.75
N ARG E 422 -42.87 10.22 21.55
CA ARG E 422 -42.75 8.79 21.81
C ARG E 422 -42.79 8.45 23.32
N ALA E 423 -42.15 9.27 24.16
CA ALA E 423 -42.23 9.05 25.61
C ALA E 423 -43.67 9.08 26.12
N LEU E 424 -44.48 10.03 25.62
CA LEU E 424 -45.85 10.16 26.03
C LEU E 424 -46.80 9.23 25.35
N GLY E 425 -46.42 8.65 24.21
CA GLY E 425 -47.30 7.77 23.46
C GLY E 425 -48.35 8.53 22.67
N LEU E 426 -48.01 9.74 22.18
CA LEU E 426 -48.93 10.50 21.36
C LEU E 426 -49.29 9.74 20.08
N PRO E 427 -50.53 9.86 19.64
CA PRO E 427 -51.01 9.02 18.54
C PRO E 427 -50.66 9.61 17.17
N ILE E 428 -51.09 8.92 16.12
CA ILE E 428 -50.91 9.44 14.77
C ILE E 428 -51.64 10.77 14.60
N GLU E 429 -51.04 11.73 13.91
CA GLU E 429 -51.72 13.01 13.69
C GLU E 429 -52.65 12.76 12.48
N ARG E 430 -53.93 13.03 12.68
CA ARG E 430 -54.95 12.71 11.69
C ARG E 430 -56.14 13.64 11.82
N PRO E 431 -56.06 14.84 11.27
CA PRO E 431 -57.21 15.70 11.28
C PRO E 431 -58.24 15.19 10.30
N LYS E 432 -59.36 15.89 10.24
CA LYS E 432 -60.48 15.57 9.38
C LYS E 432 -60.54 16.63 8.27
N SER E 433 -60.71 16.20 7.04
CA SER E 433 -60.86 17.16 5.93
C SER E 433 -62.31 17.37 5.56
N ILE E 434 -62.58 18.41 4.78
CA ILE E 434 -63.89 18.65 4.20
C ILE E 434 -63.68 19.35 2.88
N ASN E 435 -64.63 19.22 1.95
CA ASN E 435 -64.58 19.93 0.65
C ASN E 435 -65.32 21.27 0.74
N LEU E 436 -65.09 22.16 -0.23
CA LEU E 436 -65.73 23.48 -0.20
C LEU E 436 -67.25 23.37 -0.21
N LEU E 437 -67.77 22.47 -1.03
CA LEU E 437 -69.23 22.23 -1.08
C LEU E 437 -69.78 21.85 0.29
N GLY E 438 -69.00 21.15 1.10
CA GLY E 438 -69.39 20.81 2.46
C GLY E 438 -69.37 21.98 3.41
N LEU E 439 -68.68 23.07 3.08
CA LEU E 439 -68.72 24.30 3.88
C LEU E 439 -69.85 25.27 3.43
N LYS E 440 -70.51 24.99 2.31
CA LYS E 440 -71.69 25.73 1.87
C LYS E 440 -72.90 25.39 2.75
N ALA F 7 -59.29 16.83 -32.01
CA ALA F 7 -58.89 16.48 -30.62
C ALA F 7 -59.94 17.03 -29.64
N GLU F 8 -60.31 16.23 -28.66
CA GLU F 8 -61.08 16.69 -27.51
C GLU F 8 -60.12 17.39 -26.55
N PRO F 9 -60.62 18.22 -25.63
CA PRO F 9 -59.70 18.89 -24.69
C PRO F 9 -58.78 17.91 -23.95
N ASP F 10 -57.51 18.29 -23.78
CA ASP F 10 -56.56 17.52 -22.96
C ASP F 10 -56.82 17.86 -21.50
N LEU F 11 -56.13 17.19 -20.61
CA LEU F 11 -56.43 17.32 -19.20
C LEU F 11 -56.21 18.74 -18.66
N LYS F 12 -55.13 19.38 -19.11
CA LYS F 12 -54.83 20.73 -18.67
C LYS F 12 -55.91 21.74 -19.10
N THR F 13 -56.42 21.60 -20.32
CA THR F 13 -57.52 22.42 -20.82
C THR F 13 -58.80 22.13 -20.03
N ALA F 14 -59.10 20.86 -19.77
CA ALA F 14 -60.30 20.52 -19.00
C ALA F 14 -60.21 21.09 -17.58
N LEU F 15 -59.00 21.05 -16.98
CA LEU F 15 -58.81 21.67 -15.68
C LEU F 15 -59.01 23.17 -15.78
N LYS F 16 -58.40 23.80 -16.77
CA LYS F 16 -58.52 25.25 -16.88
C LYS F 16 -59.98 25.71 -16.96
N ALA F 17 -60.81 24.94 -17.67
CA ALA F 17 -62.25 25.23 -17.79
C ALA F 17 -62.98 25.20 -16.46
N VAL F 18 -62.55 24.41 -15.49
CA VAL F 18 -63.28 24.34 -14.20
C VAL F 18 -62.64 25.17 -13.09
N ILE F 19 -61.48 25.76 -13.32
CA ILE F 19 -60.85 26.64 -12.33
C ILE F 19 -61.78 27.84 -11.98
N PRO F 20 -62.35 28.55 -12.97
CA PRO F 20 -63.16 29.72 -12.56
C PRO F 20 -64.30 29.39 -11.62
N ALA F 21 -65.04 28.32 -11.86
CA ALA F 21 -66.14 27.97 -10.94
C ALA F 21 -65.65 27.64 -9.54
N LYS F 22 -64.50 26.97 -9.42
CA LYS F 22 -63.96 26.67 -8.10
C LYS F 22 -63.52 27.93 -7.38
N ARG F 23 -62.91 28.86 -8.11
CA ARG F 23 -62.48 30.11 -7.48
C ARG F 23 -63.68 30.92 -7.03
N GLU F 24 -64.80 30.84 -7.76
CA GLU F 24 -66.03 31.54 -7.38
C GLU F 24 -66.63 30.91 -6.12
N LEU F 25 -66.72 29.58 -6.09
CA LEU F 25 -67.18 28.89 -4.88
C LEU F 25 -66.29 29.21 -3.70
N PHE F 26 -64.97 29.27 -3.92
CA PHE F 26 -64.06 29.65 -2.85
C PHE F 26 -64.34 31.05 -2.32
N LYS F 27 -64.59 31.98 -3.24
CA LYS F 27 -64.91 33.35 -2.86
C LYS F 27 -66.17 33.42 -2.01
N GLN F 28 -67.20 32.67 -2.38
CA GLN F 28 -68.43 32.62 -1.57
C GLN F 28 -68.15 32.06 -0.17
N VAL F 29 -67.37 30.99 -0.10
CA VAL F 29 -67.01 30.42 1.20
C VAL F 29 -66.21 31.39 2.05
N LYS F 30 -65.33 32.16 1.44
CA LYS F 30 -64.52 33.15 2.13
C LYS F 30 -65.37 34.25 2.79
N GLU F 31 -66.52 34.59 2.21
CA GLU F 31 -67.44 35.53 2.82
C GLU F 31 -67.99 35.06 4.16
N ARG F 32 -68.06 33.74 4.33
CA ARG F 32 -68.54 33.10 5.53
C ARG F 32 -67.40 32.72 6.46
N SER F 33 -66.23 33.36 6.30
CA SER F 33 -65.02 32.98 7.09
C SER F 33 -65.24 33.00 8.58
N ASP F 34 -66.07 33.94 9.04
CA ASP F 34 -66.30 34.08 10.47
C ASP F 34 -67.25 33.06 11.10
N GLU F 35 -67.98 32.33 10.24
CA GLU F 35 -68.93 31.34 10.71
C GLU F 35 -68.29 30.18 11.46
N VAL F 36 -68.88 29.84 12.59
CA VAL F 36 -68.34 28.82 13.48
C VAL F 36 -68.88 27.47 13.06
N ILE F 37 -68.00 26.47 12.91
CA ILE F 37 -68.41 25.12 12.50
C ILE F 37 -68.07 24.01 13.51
N GLY F 38 -67.37 24.35 14.59
CA GLY F 38 -66.84 23.31 15.47
C GLY F 38 -66.32 23.90 16.77
N GLU F 39 -65.99 22.94 17.64
CA GLU F 39 -65.30 23.21 18.89
C GLU F 39 -63.95 22.47 18.91
N VAL F 40 -62.97 23.07 19.57
CA VAL F 40 -61.72 22.42 19.86
C VAL F 40 -61.72 22.05 21.32
N LYS F 41 -61.41 20.79 21.60
CA LYS F 41 -61.27 20.27 22.96
C LYS F 41 -59.83 19.83 23.25
N VAL F 42 -59.50 19.73 24.52
CA VAL F 42 -58.22 19.17 24.96
C VAL F 42 -57.96 17.85 24.23
N ALA F 43 -58.98 16.98 24.11
CA ALA F 43 -58.89 15.68 23.35
C ALA F 43 -58.25 15.82 21.97
N ASN F 44 -58.64 16.86 21.25
CA ASN F 44 -58.14 17.12 19.92
C ASN F 44 -56.66 17.50 19.94
N VAL F 45 -56.21 18.23 20.95
CA VAL F 45 -54.82 18.66 21.00
C VAL F 45 -53.91 17.50 21.36
N ILE F 46 -54.29 16.72 22.34
CA ILE F 46 -53.44 15.59 22.76
C ILE F 46 -53.65 14.36 21.90
N GLY F 47 -54.74 14.32 21.14
CA GLY F 47 -55.12 13.16 20.33
C GLY F 47 -54.84 13.31 18.85
N GLY F 48 -53.80 14.04 18.45
CA GLY F 48 -53.40 14.15 17.04
C GLY F 48 -54.49 14.71 16.13
N MET F 49 -55.22 15.71 16.65
CA MET F 49 -56.27 16.36 15.91
C MET F 49 -57.43 15.45 15.48
N ARG F 50 -57.57 14.31 16.14
CA ARG F 50 -58.62 13.36 15.74
C ARG F 50 -59.97 14.03 15.83
N GLY F 51 -60.75 13.87 14.77
CA GLY F 51 -62.09 14.48 14.67
C GLY F 51 -62.12 15.97 14.44
N LEU F 52 -60.97 16.64 14.32
CA LEU F 52 -60.98 18.09 14.18
C LEU F 52 -61.05 18.42 12.71
N LYS F 53 -62.16 18.99 12.29
CA LYS F 53 -62.45 19.31 10.92
C LYS F 53 -61.74 20.61 10.59
N SER F 54 -60.56 20.51 9.99
CA SER F 54 -59.63 21.65 9.92
C SER F 54 -58.76 21.76 8.68
N MET F 55 -59.06 20.99 7.64
CA MET F 55 -58.39 21.18 6.37
C MET F 55 -59.34 20.93 5.21
N LEU F 56 -58.97 21.47 4.07
CA LEU F 56 -59.70 21.37 2.83
C LEU F 56 -59.17 20.22 2.02
N TRP F 57 -60.08 19.45 1.41
CA TRP F 57 -59.70 18.40 0.48
C TRP F 57 -60.88 18.23 -0.45
N GLU F 58 -60.64 18.44 -1.75
CA GLU F 58 -61.72 18.59 -2.72
C GLU F 58 -62.24 17.30 -3.31
N GLY F 59 -61.34 16.40 -3.61
CA GLY F 59 -61.68 15.32 -4.50
C GLY F 59 -62.37 14.10 -3.91
N SER F 60 -62.30 13.91 -2.60
CA SER F 60 -62.85 12.73 -1.96
C SER F 60 -63.39 13.10 -0.59
N VAL F 61 -64.55 12.53 -0.29
CA VAL F 61 -65.25 12.74 0.98
C VAL F 61 -65.79 11.41 1.41
N LEU F 62 -65.56 11.08 2.66
CA LEU F 62 -66.01 9.83 3.26
C LEU F 62 -67.47 9.97 3.68
N ASP F 63 -68.31 9.15 3.07
CA ASP F 63 -69.73 9.09 3.39
C ASP F 63 -69.90 7.99 4.43
N PRO F 64 -70.44 8.33 5.62
CA PRO F 64 -70.60 7.32 6.67
C PRO F 64 -71.37 6.05 6.27
N GLU F 65 -72.27 6.13 5.28
CA GLU F 65 -72.98 4.97 4.78
C GLU F 65 -72.38 4.31 3.58
N GLU F 66 -71.99 5.09 2.59
CA GLU F 66 -71.56 4.54 1.30
C GLU F 66 -70.03 4.41 1.17
N GLY F 67 -69.29 4.90 2.17
CA GLY F 67 -67.83 4.91 2.12
C GLY F 67 -67.26 6.06 1.29
N ILE F 68 -66.02 5.91 0.83
CA ILE F 68 -65.37 7.02 0.18
C ILE F 68 -66.04 7.31 -1.17
N ARG F 69 -66.30 8.58 -1.43
CA ARG F 69 -66.87 9.03 -2.70
C ARG F 69 -65.96 10.07 -3.35
N PHE F 70 -65.90 10.01 -4.67
CA PHE F 70 -65.09 10.91 -5.48
C PHE F 70 -66.01 11.84 -6.27
N HIS F 71 -66.03 13.11 -5.90
CA HIS F 71 -67.00 14.08 -6.42
C HIS F 71 -68.42 13.55 -6.34
N GLY F 72 -68.75 12.97 -5.21
CA GLY F 72 -70.09 12.40 -4.98
C GLY F 72 -70.31 11.00 -5.58
N LYS F 73 -69.36 10.49 -6.36
CA LYS F 73 -69.50 9.18 -6.98
C LYS F 73 -69.01 8.05 -6.11
N THR F 74 -69.81 7.00 -5.98
CA THR F 74 -69.38 5.82 -5.23
C THR F 74 -68.37 5.03 -6.06
N ILE F 75 -67.72 4.10 -5.39
CA ILE F 75 -66.85 3.15 -6.08
C ILE F 75 -67.56 2.45 -7.23
N LYS F 76 -68.77 1.97 -6.97
CA LYS F 76 -69.58 1.32 -8.01
C LYS F 76 -69.88 2.23 -9.16
N ASP F 77 -70.24 3.49 -8.90
CA ASP F 77 -70.43 4.49 -9.99
C ASP F 77 -69.16 4.65 -10.81
N CYS F 78 -68.01 4.73 -10.15
CA CYS F 78 -66.74 4.84 -10.87
C CYS F 78 -66.47 3.62 -11.74
N GLN F 79 -66.72 2.43 -11.21
CA GLN F 79 -66.50 1.21 -11.97
C GLN F 79 -67.40 1.14 -13.21
N LYS F 80 -68.62 1.65 -13.10
CA LYS F 80 -69.49 1.70 -14.25
C LYS F 80 -69.07 2.78 -15.26
N GLU F 81 -68.82 3.99 -14.77
CA GLU F 81 -68.59 5.17 -15.62
C GLU F 81 -67.19 5.41 -16.18
N LEU F 82 -66.13 5.08 -15.44
CA LEU F 82 -64.78 5.38 -15.91
C LEU F 82 -64.35 4.45 -17.06
N PRO F 83 -63.69 5.00 -18.05
CA PRO F 83 -63.10 4.25 -19.15
C PRO F 83 -62.11 3.19 -18.69
N LYS F 84 -62.06 2.10 -19.44
CA LYS F 84 -61.22 0.97 -19.16
C LYS F 84 -60.03 0.98 -20.11
N GLY F 85 -59.14 0.02 -19.93
CA GLY F 85 -58.03 -0.18 -20.87
C GLY F 85 -58.52 -0.72 -22.20
N THR F 86 -57.62 -0.88 -23.15
CA THR F 86 -57.91 -1.42 -24.47
C THR F 86 -58.32 -2.89 -24.39
N SER F 87 -57.78 -3.61 -23.41
CA SER F 87 -58.23 -4.90 -22.93
C SER F 87 -58.58 -4.74 -21.46
N GLY F 88 -59.39 -5.65 -20.95
CA GLY F 88 -59.64 -5.68 -19.52
C GLY F 88 -60.96 -5.05 -19.12
N THR F 89 -61.38 -5.40 -17.91
CA THR F 89 -62.63 -5.04 -17.35
C THR F 89 -62.56 -3.95 -16.28
N GLU F 90 -61.36 -3.47 -15.88
CA GLU F 90 -61.30 -2.58 -14.74
C GLU F 90 -61.02 -1.14 -15.13
N MET F 91 -61.62 -0.24 -14.37
CA MET F 91 -61.40 1.18 -14.50
C MET F 91 -59.92 1.56 -14.39
N LEU F 92 -59.53 2.57 -15.15
CA LEU F 92 -58.16 3.03 -15.20
C LEU F 92 -57.83 4.08 -14.16
N PRO F 93 -56.68 3.93 -13.50
CA PRO F 93 -56.25 4.93 -12.54
C PRO F 93 -56.09 6.31 -13.21
N GLU F 94 -55.68 6.37 -14.48
CA GLU F 94 -55.63 7.62 -15.23
C GLU F 94 -56.96 8.29 -15.32
N ALA F 95 -58.01 7.51 -15.53
CA ALA F 95 -59.37 8.02 -15.57
C ALA F 95 -59.80 8.55 -14.21
N MET F 96 -59.47 7.81 -13.15
CA MET F 96 -59.70 8.28 -11.76
C MET F 96 -58.98 9.59 -11.50
N PHE F 97 -57.74 9.74 -11.96
CA PHE F 97 -57.01 11.00 -11.81
C PHE F 97 -57.75 12.16 -12.51
N TRP F 98 -58.21 11.90 -13.74
CA TRP F 98 -58.99 12.89 -14.51
C TRP F 98 -60.20 13.34 -13.69
N LEU F 99 -60.97 12.38 -13.19
CA LEU F 99 -62.14 12.64 -12.37
C LEU F 99 -61.81 13.42 -11.11
N LEU F 100 -60.81 12.99 -10.36
CA LEU F 100 -60.43 13.70 -9.14
C LEU F 100 -60.09 15.15 -9.45
N LEU F 101 -59.37 15.39 -10.54
CA LEU F 101 -58.86 16.72 -10.85
C LEU F 101 -59.93 17.65 -11.36
N THR F 102 -60.73 17.18 -12.29
CA THR F 102 -61.68 18.03 -13.00
C THR F 102 -63.10 17.96 -12.49
N GLY F 103 -63.43 16.94 -11.70
CA GLY F 103 -64.81 16.70 -11.29
C GLY F 103 -65.64 16.02 -12.39
N GLN F 104 -65.02 15.64 -13.51
CA GLN F 104 -65.74 15.15 -14.70
C GLN F 104 -65.18 13.81 -15.15
N VAL F 105 -66.05 12.98 -15.72
CA VAL F 105 -65.67 11.70 -16.29
C VAL F 105 -65.11 11.96 -17.69
N PRO F 106 -63.88 11.53 -17.96
CA PRO F 106 -63.33 11.72 -19.29
C PRO F 106 -63.92 10.74 -20.30
N SER F 107 -63.84 11.08 -21.59
CA SER F 107 -64.18 10.12 -22.66
C SER F 107 -63.02 9.14 -22.77
N THR F 108 -63.30 7.99 -23.38
CA THR F 108 -62.30 6.99 -23.61
C THR F 108 -61.10 7.60 -24.38
N ASN F 109 -61.42 8.38 -25.39
CA ASN F 109 -60.39 9.01 -26.21
C ASN F 109 -59.51 9.98 -25.42
N GLN F 110 -60.09 10.75 -24.50
CA GLN F 110 -59.28 11.65 -23.65
C GLN F 110 -58.31 10.85 -22.75
N VAL F 111 -58.79 9.74 -22.20
CA VAL F 111 -57.97 8.86 -21.41
C VAL F 111 -56.83 8.27 -22.23
N ARG F 112 -57.12 7.83 -23.46
CA ARG F 112 -56.06 7.27 -24.33
C ARG F 112 -54.96 8.27 -24.60
N ALA F 113 -55.35 9.53 -24.84
CA ALA F 113 -54.36 10.58 -25.06
C ALA F 113 -53.58 10.88 -23.81
N PHE F 114 -54.24 10.89 -22.65
CA PHE F 114 -53.50 11.08 -21.38
C PHE F 114 -52.52 9.93 -21.07
N SER F 115 -52.95 8.69 -21.29
CA SER F 115 -52.05 7.52 -21.12
C SER F 115 -50.78 7.66 -21.99
N ARG F 116 -50.95 8.13 -23.22
CA ARG F 116 -49.81 8.33 -24.11
C ARG F 116 -48.86 9.40 -23.53
N GLU F 117 -49.42 10.47 -22.98
CA GLU F 117 -48.57 11.49 -22.32
C GLU F 117 -47.79 10.90 -21.17
N LEU F 118 -48.44 10.04 -20.38
CA LEU F 118 -47.75 9.44 -19.27
C LEU F 118 -46.59 8.55 -19.75
N ALA F 119 -46.85 7.76 -20.77
CA ALA F 119 -45.81 6.89 -21.28
C ALA F 119 -44.59 7.69 -21.83
N GLU F 120 -44.88 8.77 -22.55
CA GLU F 120 -43.85 9.59 -23.16
C GLU F 120 -42.99 10.36 -22.14
N GLN F 121 -43.51 10.64 -20.96
CA GLN F 121 -42.78 11.43 -19.95
C GLN F 121 -42.09 10.54 -18.90
N SER F 122 -42.05 9.22 -19.14
CA SER F 122 -41.60 8.31 -18.12
C SER F 122 -40.07 8.20 -17.99
N HIS F 123 -39.27 8.77 -18.88
CA HIS F 123 -37.83 8.58 -18.82
C HIS F 123 -37.11 9.33 -17.74
N LEU F 124 -35.99 8.79 -17.31
CA LEU F 124 -35.26 9.30 -16.14
C LEU F 124 -33.90 9.83 -16.47
N PRO F 125 -33.45 10.84 -15.77
CA PRO F 125 -32.04 11.25 -15.91
C PRO F 125 -31.10 10.18 -15.37
N GLN F 126 -29.90 10.15 -15.89
CA GLN F 126 -28.88 9.23 -15.46
C GLN F 126 -28.55 9.40 -14.00
N HIS F 127 -28.58 10.63 -13.43
CA HIS F 127 -28.21 10.77 -12.04
C HIS F 127 -29.20 10.02 -11.10
N ILE F 128 -30.46 9.84 -11.54
CA ILE F 128 -31.39 9.09 -10.75
C ILE F 128 -31.01 7.63 -10.71
N LEU F 129 -30.55 7.08 -11.84
CA LEU F 129 -30.11 5.70 -11.87
C LEU F 129 -28.88 5.48 -11.00
N ASP F 130 -27.93 6.41 -11.06
CA ASP F 130 -26.75 6.36 -10.23
C ASP F 130 -27.10 6.47 -8.74
N LEU F 131 -28.05 7.32 -8.42
CA LEU F 131 -28.45 7.48 -7.04
C LEU F 131 -28.99 6.19 -6.52
N ILE F 132 -29.88 5.56 -7.29
CA ILE F 132 -30.52 4.32 -6.88
C ILE F 132 -29.50 3.20 -6.70
N LYS F 133 -28.50 3.17 -7.56
CA LYS F 133 -27.43 2.16 -7.44
C LYS F 133 -26.54 2.34 -6.25
N SER F 134 -26.51 3.54 -5.66
CA SER F 134 -25.79 3.75 -4.41
C SER F 134 -26.51 3.16 -3.17
N PHE F 135 -27.81 2.92 -3.25
CA PHE F 135 -28.55 2.41 -2.08
C PHE F 135 -28.11 1.00 -1.67
N PRO F 136 -27.85 0.77 -0.37
CA PRO F 136 -27.51 -0.59 0.03
C PRO F 136 -28.73 -1.48 -0.21
N ARG F 137 -28.49 -2.75 -0.46
CA ARG F 137 -29.54 -3.71 -0.74
C ARG F 137 -30.58 -3.79 0.38
N SER F 138 -30.13 -3.65 1.62
CA SER F 138 -30.99 -3.68 2.76
C SER F 138 -31.66 -2.33 3.07
N MET F 139 -31.44 -1.24 2.31
CA MET F 139 -32.18 0.01 2.60
C MET F 139 -33.68 -0.27 2.40
N HIS F 140 -34.50 0.18 3.31
CA HIS F 140 -35.92 -0.11 3.25
C HIS F 140 -36.54 0.43 1.93
N PRO F 141 -37.39 -0.36 1.27
CA PRO F 141 -37.91 0.08 -0.05
C PRO F 141 -38.64 1.41 -0.05
N MET F 142 -39.38 1.74 0.98
CA MET F 142 -40.01 3.06 1.10
C MET F 142 -39.03 4.18 1.34
N THR F 143 -37.90 3.94 1.96
CA THR F 143 -36.87 4.97 2.04
C THR F 143 -36.31 5.21 0.62
N GLN F 144 -36.09 4.14 -0.11
CA GLN F 144 -35.58 4.23 -1.49
C GLN F 144 -36.54 5.05 -2.34
N LEU F 145 -37.83 4.73 -2.26
CA LEU F 145 -38.81 5.40 -3.08
C LEU F 145 -38.93 6.86 -2.73
N SER F 146 -38.97 7.19 -1.44
CA SER F 146 -39.06 8.61 -1.01
C SER F 146 -37.90 9.42 -1.54
N ILE F 147 -36.70 8.88 -1.42
CA ILE F 147 -35.50 9.56 -1.82
C ILE F 147 -35.46 9.80 -3.31
N ALA F 148 -35.74 8.76 -4.08
CA ALA F 148 -35.72 8.90 -5.52
C ALA F 148 -36.74 9.92 -6.01
N VAL F 149 -37.92 9.96 -5.41
CA VAL F 149 -38.93 10.91 -5.81
C VAL F 149 -38.46 12.33 -5.48
N ALA F 150 -37.88 12.53 -4.30
CA ALA F 150 -37.35 13.86 -3.98
C ALA F 150 -36.27 14.26 -4.94
N ALA F 151 -35.42 13.31 -5.33
CA ALA F 151 -34.31 13.63 -6.23
C ALA F 151 -34.75 14.09 -7.60
N LEU F 152 -35.96 13.71 -8.02
CA LEU F 152 -36.55 14.20 -9.29
C LEU F 152 -36.91 15.69 -9.26
N ASN F 153 -36.81 16.33 -8.10
CA ASN F 153 -36.96 17.80 -8.04
C ASN F 153 -35.92 18.56 -8.87
N THR F 154 -34.82 17.93 -9.28
CA THR F 154 -33.92 18.52 -10.25
C THR F 154 -34.66 18.86 -11.56
N GLU F 155 -35.75 18.15 -11.85
CA GLU F 155 -36.55 18.36 -13.06
C GLU F 155 -37.78 19.25 -12.79
N SER F 156 -37.85 19.94 -11.66
CA SER F 156 -39.11 20.64 -11.32
C SER F 156 -39.29 21.92 -12.15
N LYS F 157 -40.36 21.99 -12.90
CA LYS F 157 -40.75 23.25 -13.51
C LYS F 157 -41.27 24.29 -12.53
N PHE F 158 -41.95 23.87 -11.47
CA PHE F 158 -42.41 24.82 -10.51
C PHE F 158 -41.26 25.52 -9.81
N ALA F 159 -40.29 24.75 -9.35
CA ALA F 159 -39.17 25.36 -8.61
C ALA F 159 -38.46 26.36 -9.50
N LYS F 160 -38.22 26.02 -10.74
CA LYS F 160 -37.54 26.92 -11.66
C LYS F 160 -38.39 28.18 -11.98
N ALA F 161 -39.68 27.97 -12.24
CA ALA F 161 -40.54 29.11 -12.53
C ALA F 161 -40.70 30.05 -11.31
N TYR F 162 -40.82 29.49 -10.12
CA TYR F 162 -40.93 30.30 -8.91
C TYR F 162 -39.70 31.17 -8.69
N GLU F 163 -38.52 30.60 -8.93
CA GLU F 163 -37.28 31.34 -8.76
C GLU F 163 -37.21 32.51 -9.77
N LYS F 164 -37.65 32.26 -10.99
CA LYS F 164 -37.68 33.23 -12.07
C LYS F 164 -38.64 34.39 -11.79
N GLY F 165 -39.75 34.07 -11.13
CA GLY F 165 -40.78 35.04 -10.84
C GLY F 165 -42.02 34.56 -11.56
N LEU F 166 -43.09 34.36 -10.81
CA LEU F 166 -44.29 33.77 -11.38
C LEU F 166 -45.47 34.35 -10.63
N SER F 167 -46.54 34.69 -11.34
CA SER F 167 -47.76 35.21 -10.67
C SER F 167 -48.41 34.13 -9.83
N LYS F 168 -48.99 34.53 -8.69
CA LYS F 168 -49.73 33.61 -7.83
C LYS F 168 -50.84 32.90 -8.59
N ALA F 169 -51.54 33.64 -9.44
CA ALA F 169 -52.65 33.08 -10.22
C ALA F 169 -52.21 31.97 -11.18
N ASP F 170 -50.92 31.98 -11.52
CA ASP F 170 -50.33 31.00 -12.42
C ASP F 170 -49.56 29.84 -11.74
N TYR F 171 -49.46 29.84 -10.39
CA TYR F 171 -48.76 28.77 -9.71
C TYR F 171 -49.26 27.38 -10.08
N TRP F 172 -50.56 27.26 -10.40
CA TRP F 172 -51.11 25.98 -10.73
C TRP F 172 -50.53 25.29 -11.98
N GLU F 173 -50.13 26.03 -13.01
CA GLU F 173 -49.70 25.40 -14.27
C GLU F 173 -48.42 24.58 -14.15
N PRO F 174 -47.33 25.16 -13.64
CA PRO F 174 -46.11 24.41 -13.38
C PRO F 174 -46.36 23.29 -12.34
N THR F 175 -47.25 23.50 -11.39
CA THR F 175 -47.60 22.47 -10.44
C THR F 175 -48.24 21.30 -11.14
N PHE F 176 -49.15 21.59 -12.08
CA PHE F 176 -49.76 20.56 -12.87
C PHE F 176 -48.69 19.83 -13.70
N ASP F 177 -47.82 20.58 -14.37
CA ASP F 177 -46.81 19.94 -15.23
C ASP F 177 -45.90 19.03 -14.43
N ASP F 178 -45.44 19.50 -13.26
CA ASP F 178 -44.65 18.63 -12.39
C ASP F 178 -45.42 17.41 -11.87
N SER F 179 -46.70 17.56 -11.57
CA SER F 179 -47.50 16.43 -11.15
C SER F 179 -47.60 15.34 -12.24
N ILE F 180 -47.83 15.74 -13.47
CA ILE F 180 -47.91 14.78 -14.55
C ILE F 180 -46.54 14.10 -14.76
N SER F 181 -45.47 14.89 -14.64
CA SER F 181 -44.15 14.37 -14.78
C SER F 181 -43.87 13.33 -13.70
N LEU F 182 -44.26 13.64 -12.47
CA LEU F 182 -44.07 12.72 -11.37
C LEU F 182 -44.87 11.46 -11.57
N LEU F 183 -46.12 11.60 -11.97
CA LEU F 183 -46.95 10.44 -12.24
C LEU F 183 -46.36 9.52 -13.30
N ALA F 184 -45.85 10.10 -14.37
CA ALA F 184 -45.29 9.31 -15.46
C ALA F 184 -44.07 8.51 -15.05
N LYS F 185 -43.26 9.13 -14.16
CA LYS F 185 -42.02 8.57 -13.71
C LYS F 185 -42.11 7.61 -12.55
N ILE F 186 -43.08 7.79 -11.67
CA ILE F 186 -43.10 7.06 -10.43
C ILE F 186 -43.23 5.54 -10.57
N PRO F 187 -43.95 5.01 -11.55
CA PRO F 187 -43.95 3.56 -11.69
C PRO F 187 -42.59 3.01 -12.06
N ARG F 188 -41.85 3.75 -12.89
CA ARG F 188 -40.51 3.32 -13.23
C ARG F 188 -39.58 3.37 -12.02
N VAL F 189 -39.68 4.42 -11.20
CA VAL F 189 -38.89 4.50 -9.97
C VAL F 189 -39.23 3.35 -9.04
N ALA F 190 -40.52 3.07 -8.87
CA ALA F 190 -40.96 1.96 -8.04
C ALA F 190 -40.43 0.63 -8.53
N ALA F 191 -40.41 0.45 -9.83
CA ALA F 191 -39.87 -0.81 -10.41
C ALA F 191 -38.38 -0.91 -10.17
N LEU F 192 -37.66 0.19 -10.18
CA LEU F 192 -36.25 0.18 -9.83
C LEU F 192 -35.98 -0.21 -8.37
N VAL F 193 -36.88 0.20 -7.48
CA VAL F 193 -36.86 -0.22 -6.10
C VAL F 193 -37.09 -1.73 -6.02
N PHE F 194 -38.04 -2.26 -6.81
CA PHE F 194 -38.35 -3.68 -6.85
C PHE F 194 -37.26 -4.51 -7.45
N ARG F 195 -36.50 -3.94 -8.39
CA ARG F 195 -35.47 -4.71 -9.14
C ARG F 195 -34.11 -4.07 -9.10
N PRO F 196 -33.46 -4.08 -7.96
CA PRO F 196 -32.18 -3.36 -7.77
C PRO F 196 -31.05 -3.91 -8.60
N ASP F 197 -31.14 -5.17 -9.06
CA ASP F 197 -30.10 -5.70 -9.95
C ASP F 197 -30.28 -5.40 -11.43
N GLU F 198 -31.32 -4.68 -11.79
CA GLU F 198 -31.66 -4.42 -13.20
C GLU F 198 -31.91 -2.95 -13.45
N VAL F 199 -31.20 -2.11 -12.72
CA VAL F 199 -31.41 -0.68 -12.79
C VAL F 199 -31.15 -0.15 -14.18
N ASP F 200 -30.05 -0.61 -14.82
CA ASP F 200 -29.71 -0.11 -16.14
C ASP F 200 -30.81 -0.42 -17.17
N GLN F 201 -31.33 -1.62 -17.15
CA GLN F 201 -32.35 -2.07 -18.09
C GLN F 201 -33.75 -1.46 -17.78
N VAL F 202 -34.27 -1.65 -16.59
CA VAL F 202 -35.59 -1.12 -16.18
C VAL F 202 -35.60 0.38 -16.25
N GLY F 203 -34.45 0.99 -15.91
CA GLY F 203 -34.34 2.40 -15.86
C GLY F 203 -34.43 3.10 -17.19
N THR F 204 -34.10 2.40 -18.28
CA THR F 204 -34.08 2.99 -19.59
C THR F 204 -35.03 2.34 -20.58
N GLN F 205 -35.69 1.27 -20.19
CA GLN F 205 -36.56 0.51 -21.08
C GLN F 205 -37.66 1.41 -21.65
N ALA F 206 -37.91 1.28 -22.96
CA ALA F 206 -39.01 2.00 -23.61
C ALA F 206 -40.36 1.42 -23.18
N LEU F 207 -41.33 2.30 -22.93
CA LEU F 207 -42.68 1.85 -22.62
C LEU F 207 -43.50 1.84 -23.89
N ASP F 208 -44.49 0.96 -23.94
CA ASP F 208 -45.44 0.93 -25.05
C ASP F 208 -46.34 2.18 -24.92
N ALA F 209 -46.19 3.11 -25.84
CA ALA F 209 -46.92 4.37 -25.74
C ALA F 209 -48.43 4.26 -25.96
N SER F 210 -48.91 3.11 -26.44
CA SER F 210 -50.34 2.91 -26.62
C SER F 210 -50.98 2.21 -25.42
N GLN F 211 -50.20 1.84 -24.40
CA GLN F 211 -50.73 1.11 -23.28
C GLN F 211 -50.95 2.02 -22.11
N ASP F 212 -51.73 1.54 -21.15
CA ASP F 212 -52.14 2.35 -20.01
C ASP F 212 -51.08 2.33 -18.92
N TRP F 213 -51.22 3.24 -17.98
CA TRP F 213 -50.21 3.44 -16.90
C TRP F 213 -49.94 2.17 -16.08
N SER F 214 -51.00 1.46 -15.73
CA SER F 214 -50.88 0.24 -14.95
C SER F 214 -50.20 -0.89 -15.74
N TYR F 215 -50.58 -1.03 -17.00
CA TYR F 215 -49.99 -2.05 -17.87
C TYR F 215 -48.49 -1.80 -17.92
N ASN F 216 -48.10 -0.56 -18.15
CA ASN F 216 -46.68 -0.24 -18.27
C ASN F 216 -45.93 -0.41 -16.96
N PHE F 217 -46.57 -0.10 -15.84
CA PHE F 217 -46.02 -0.43 -14.53
C PHE F 217 -45.79 -1.94 -14.39
N ALA F 218 -46.77 -2.74 -14.76
CA ALA F 218 -46.65 -4.21 -14.70
C ALA F 218 -45.47 -4.71 -15.56
N GLU F 219 -45.36 -4.15 -16.75
CA GLU F 219 -44.26 -4.44 -17.65
C GLU F 219 -42.91 -4.11 -17.00
N LEU F 220 -42.77 -2.94 -16.39
CA LEU F 220 -41.54 -2.60 -15.66
C LEU F 220 -41.26 -3.51 -14.48
N LEU F 221 -42.30 -4.05 -13.88
CA LEU F 221 -42.15 -5.02 -12.79
C LEU F 221 -41.80 -6.42 -13.29
N GLY F 222 -41.77 -6.67 -14.59
CA GLY F 222 -41.49 -7.99 -15.14
C GLY F 222 -42.76 -8.83 -15.31
N LYS F 223 -43.92 -8.20 -15.30
CA LYS F 223 -45.20 -8.90 -15.41
C LYS F 223 -46.08 -8.39 -16.54
N GLY F 224 -45.44 -8.15 -17.67
CA GLY F 224 -46.12 -7.69 -18.88
C GLY F 224 -46.64 -8.87 -19.71
N GLY F 225 -47.30 -8.55 -20.82
CA GLY F 225 -47.72 -9.55 -21.80
C GLY F 225 -49.08 -10.15 -21.49
N LYS F 226 -49.65 -10.85 -22.46
CA LYS F 226 -51.01 -11.37 -22.30
C LYS F 226 -51.22 -12.41 -21.25
N GLU F 227 -50.19 -13.16 -20.92
CA GLU F 227 -50.27 -14.11 -19.80
C GLU F 227 -50.54 -13.46 -18.42
N ASN F 228 -50.29 -12.17 -18.28
CA ASN F 228 -50.53 -11.46 -17.02
C ASN F 228 -51.73 -10.53 -17.10
N GLN F 229 -52.64 -10.77 -18.03
CA GLN F 229 -53.73 -9.80 -18.24
C GLN F 229 -54.67 -9.64 -17.03
N ASP F 230 -54.87 -10.71 -16.29
CA ASP F 230 -55.67 -10.59 -15.08
C ASP F 230 -54.95 -9.76 -14.04
N PHE F 231 -53.66 -9.95 -13.89
CA PHE F 231 -52.89 -9.09 -12.99
C PHE F 231 -52.97 -7.61 -13.39
N HIS F 232 -52.99 -7.34 -14.71
CA HIS F 232 -53.12 -5.96 -15.18
C HIS F 232 -54.39 -5.33 -14.70
N ASP F 233 -55.47 -6.08 -14.77
CA ASP F 233 -56.76 -5.59 -14.29
C ASP F 233 -56.78 -5.38 -12.76
N LEU F 234 -56.17 -6.31 -12.02
CA LEU F 234 -56.06 -6.14 -10.57
C LEU F 234 -55.29 -4.88 -10.27
N LEU F 235 -54.17 -4.67 -10.95
CA LEU F 235 -53.32 -3.53 -10.67
C LEU F 235 -54.03 -2.23 -11.02
N ARG F 236 -54.75 -2.21 -12.13
CA ARG F 236 -55.53 -1.05 -12.48
C ARG F 236 -56.52 -0.70 -11.37
N LEU F 237 -57.24 -1.70 -10.91
CA LEU F 237 -58.27 -1.50 -9.89
C LEU F 237 -57.64 -1.06 -8.59
N TYR F 238 -56.60 -1.77 -8.18
CA TYR F 238 -55.88 -1.43 -6.98
C TYR F 238 -55.40 0.04 -6.99
N LEU F 239 -54.78 0.45 -8.08
CA LEU F 239 -54.20 1.78 -8.19
C LEU F 239 -55.32 2.83 -8.20
N ALA F 240 -56.45 2.54 -8.87
CA ALA F 240 -57.57 3.46 -8.88
C ALA F 240 -58.23 3.57 -7.50
N LEU F 241 -58.38 2.45 -6.82
CA LEU F 241 -59.06 2.44 -5.54
C LEU F 241 -58.29 3.14 -4.43
N HIS F 242 -56.97 3.12 -4.47
CA HIS F 242 -56.16 3.62 -3.37
C HIS F 242 -55.67 5.02 -3.62
N GLY F 243 -56.10 5.65 -4.73
CA GLY F 243 -55.62 6.93 -5.17
C GLY F 243 -55.83 8.07 -4.21
N ASP F 244 -56.99 8.06 -3.52
CA ASP F 244 -57.32 9.13 -2.64
C ASP F 244 -58.31 8.66 -1.57
N HIS F 245 -58.13 9.18 -0.37
CA HIS F 245 -59.05 8.90 0.72
C HIS F 245 -59.05 10.05 1.76
N GLU F 246 -59.54 11.20 1.32
CA GLU F 246 -59.61 12.42 2.10
C GLU F 246 -58.21 12.94 2.42
N GLY F 247 -58.15 14.06 3.16
CA GLY F 247 -56.89 14.74 3.37
C GLY F 247 -56.21 14.40 4.67
N GLY F 248 -56.93 13.75 5.58
CA GLY F 248 -56.45 13.48 6.91
C GLY F 248 -55.35 12.45 7.09
N ASN F 249 -55.30 11.46 6.20
CA ASN F 249 -54.33 10.39 6.33
C ASN F 249 -52.92 11.00 6.17
N VAL F 250 -51.89 10.36 6.72
CA VAL F 250 -50.58 10.99 6.81
C VAL F 250 -49.95 11.29 5.45
N SER F 251 -50.10 10.40 4.47
CA SER F 251 -49.46 10.63 3.18
C SER F 251 -50.08 11.85 2.46
N ALA F 252 -51.41 11.95 2.48
CA ALA F 252 -52.10 13.07 1.88
C ALA F 252 -51.76 14.37 2.60
N HIS F 253 -51.83 14.32 3.91
CA HIS F 253 -51.63 15.50 4.73
C HIS F 253 -50.20 16.00 4.62
N ALA F 254 -49.23 15.10 4.72
CA ALA F 254 -47.81 15.54 4.66
C ALA F 254 -47.50 16.18 3.30
N THR F 255 -48.08 15.64 2.23
CA THR F 255 -47.96 16.22 0.90
C THR F 255 -48.49 17.66 0.86
N HIS F 256 -49.69 17.83 1.35
CA HIS F 256 -50.29 19.13 1.42
C HIS F 256 -49.51 20.11 2.30
N LEU F 257 -49.04 19.65 3.45
CA LEU F 257 -48.30 20.49 4.40
C LEU F 257 -47.01 21.03 3.77
N VAL F 258 -46.22 20.11 3.24
CA VAL F 258 -44.96 20.52 2.62
C VAL F 258 -45.22 21.35 1.35
N GLY F 259 -46.19 20.94 0.56
CA GLY F 259 -46.63 21.71 -0.59
C GLY F 259 -47.10 23.13 -0.24
N SER F 260 -47.62 23.34 0.95
CA SER F 260 -48.20 24.62 1.32
C SER F 260 -47.10 25.66 1.56
N ALA F 261 -45.87 25.22 1.81
CA ALA F 261 -44.73 26.14 1.88
C ALA F 261 -44.12 26.42 0.48
N LEU F 262 -44.79 25.91 -0.56
CA LEU F 262 -44.46 26.08 -1.99
C LEU F 262 -43.27 25.26 -2.45
N SER F 263 -42.99 24.20 -1.72
CA SER F 263 -42.13 23.14 -2.22
C SER F 263 -42.88 22.50 -3.41
N ASP F 264 -42.11 22.05 -4.40
CA ASP F 264 -42.71 21.56 -5.64
C ASP F 264 -43.31 20.20 -5.39
N PRO F 265 -44.03 19.63 -6.36
CA PRO F 265 -44.66 18.32 -6.12
C PRO F 265 -43.74 17.15 -5.84
N PHE F 266 -42.51 17.21 -6.35
CA PHE F 266 -41.55 16.11 -6.10
C PHE F 266 -41.18 16.11 -4.62
N LEU F 267 -40.78 17.25 -4.08
CA LEU F 267 -40.48 17.34 -2.70
C LEU F 267 -41.68 17.07 -1.81
N SER F 268 -42.86 17.52 -2.24
CA SER F 268 -44.04 17.37 -1.41
C SER F 268 -44.50 15.94 -1.33
N TYR F 269 -44.55 15.24 -2.44
CA TYR F 269 -44.96 13.85 -2.38
C TYR F 269 -43.89 12.96 -1.76
N SER F 270 -42.63 13.35 -1.86
CA SER F 270 -41.58 12.67 -1.10
C SER F 270 -41.92 12.66 0.39
N ALA F 271 -42.35 13.81 0.91
CA ALA F 271 -42.77 13.89 2.30
C ALA F 271 -43.94 12.97 2.58
N GLY F 272 -44.90 12.97 1.68
CA GLY F 272 -46.01 12.01 1.73
C GLY F 272 -45.57 10.55 1.84
N LEU F 273 -44.58 10.18 1.04
CA LEU F 273 -44.02 8.85 1.08
C LEU F 273 -43.27 8.53 2.35
N LEU F 274 -42.57 9.51 2.91
CA LEU F 274 -41.92 9.37 4.20
C LEU F 274 -42.95 9.07 5.31
N GLY F 275 -44.12 9.71 5.20
CA GLY F 275 -45.18 9.43 6.12
C GLY F 275 -45.81 8.06 5.85
N LEU F 276 -45.95 7.73 4.58
CA LEU F 276 -46.45 6.40 4.20
C LEU F 276 -45.53 5.28 4.69
N ALA F 277 -44.24 5.57 4.80
CA ALA F 277 -43.27 4.62 5.33
C ALA F 277 -43.49 4.28 6.79
N GLY F 278 -44.22 5.12 7.52
CA GLY F 278 -44.40 4.93 8.97
C GLY F 278 -45.19 3.63 9.17
N PRO F 279 -44.67 2.72 10.00
CA PRO F 279 -45.22 1.38 10.15
C PRO F 279 -46.56 1.31 10.81
N LEU F 280 -47.04 2.39 11.41
CA LEU F 280 -48.26 2.32 12.17
C LEU F 280 -49.46 1.86 11.39
N HIS F 281 -49.66 2.40 10.21
CA HIS F 281 -50.74 1.89 9.32
C HIS F 281 -50.25 1.40 7.98
N ALA F 282 -48.96 1.52 7.68
CA ALA F 282 -48.39 1.10 6.39
C ALA F 282 -48.37 -0.41 6.14
N LEU F 283 -48.31 -1.21 7.22
CA LEU F 283 -48.20 -2.65 7.13
C LEU F 283 -49.50 -3.40 7.24
N ALA F 284 -50.64 -2.73 7.18
CA ALA F 284 -51.91 -3.41 7.31
C ALA F 284 -52.10 -4.57 6.29
N ALA F 285 -51.84 -4.28 5.02
CA ALA F 285 -52.00 -5.28 3.95
C ALA F 285 -51.08 -6.48 4.18
N GLN F 286 -49.85 -6.19 4.62
CA GLN F 286 -48.86 -7.20 4.99
C GLN F 286 -49.31 -8.04 6.17
N GLU F 287 -49.80 -7.39 7.22
CA GLU F 287 -50.26 -8.12 8.43
C GLU F 287 -51.41 -9.05 8.09
N VAL F 288 -52.36 -8.58 7.27
CA VAL F 288 -53.47 -9.43 6.87
C VAL F 288 -52.98 -10.68 6.16
N LEU F 289 -52.06 -10.48 5.22
CA LEU F 289 -51.54 -11.62 4.50
C LEU F 289 -50.89 -12.63 5.44
N ARG F 290 -50.00 -12.17 6.33
CA ARG F 290 -49.36 -13.07 7.30
C ARG F 290 -50.41 -13.84 8.14
N TRP F 291 -51.45 -13.13 8.57
CA TRP F 291 -52.46 -13.70 9.45
C TRP F 291 -53.28 -14.80 8.71
N ILE F 292 -53.67 -14.51 7.47
CA ILE F 292 -54.37 -15.46 6.64
C ILE F 292 -53.52 -16.70 6.36
N LEU F 293 -52.26 -16.49 6.02
CA LEU F 293 -51.36 -17.62 5.78
C LEU F 293 -51.13 -18.43 7.04
N ALA F 294 -51.00 -17.80 8.20
CA ALA F 294 -50.90 -18.53 9.49
C ALA F 294 -52.17 -19.34 9.78
N MET F 295 -53.34 -18.75 9.50
CA MET F 295 -54.59 -19.46 9.66
C MET F 295 -54.64 -20.71 8.76
N GLN F 296 -54.26 -20.53 7.50
CA GLN F 296 -54.22 -21.67 6.55
C GLN F 296 -53.28 -22.78 7.08
N ASP F 297 -52.13 -22.36 7.60
CA ASP F 297 -51.15 -23.27 8.23
C ASP F 297 -51.81 -24.11 9.34
N LYS F 298 -52.59 -23.47 10.21
CA LYS F 298 -53.21 -24.17 11.31
C LYS F 298 -54.40 -25.05 10.90
N ILE F 299 -55.30 -24.53 10.10
CA ILE F 299 -56.56 -25.25 9.84
C ILE F 299 -56.55 -26.02 8.53
N GLY F 300 -55.47 -25.90 7.76
CA GLY F 300 -55.32 -26.69 6.57
C GLY F 300 -56.10 -26.09 5.41
N THR F 301 -56.28 -26.91 4.41
CA THR F 301 -56.86 -26.52 3.17
C THR F 301 -58.24 -27.17 2.93
N LYS F 302 -58.61 -28.22 3.68
CA LYS F 302 -59.98 -28.68 3.81
C LYS F 302 -60.37 -28.33 5.24
N PHE F 303 -61.11 -27.22 5.40
CA PHE F 303 -61.47 -26.65 6.70
C PHE F 303 -62.97 -26.35 6.74
N THR F 304 -63.54 -26.47 7.91
CA THR F 304 -64.97 -26.22 8.11
C THR F 304 -65.20 -24.78 8.56
N ASP F 305 -66.46 -24.33 8.51
CA ASP F 305 -66.85 -23.05 9.12
C ASP F 305 -66.42 -23.00 10.57
N ASP F 306 -66.61 -24.12 11.27
CA ASP F 306 -66.17 -24.28 12.65
C ASP F 306 -64.67 -24.07 12.85
N ASP F 307 -63.84 -24.63 11.96
CA ASP F 307 -62.40 -24.47 12.07
C ASP F 307 -61.99 -23.00 12.01
N VAL F 308 -62.62 -22.28 11.07
CA VAL F 308 -62.41 -20.84 10.92
C VAL F 308 -62.86 -20.09 12.18
N ARG F 309 -64.03 -20.45 12.67
CA ARG F 309 -64.57 -19.80 13.86
C ARG F 309 -63.68 -20.04 15.07
N ASN F 310 -63.18 -21.25 15.22
CA ASN F 310 -62.25 -21.58 16.30
C ASN F 310 -60.99 -20.74 16.23
N TYR F 311 -60.48 -20.54 15.03
CA TYR F 311 -59.31 -19.68 14.87
C TYR F 311 -59.58 -18.22 15.30
N LEU F 312 -60.73 -17.67 14.90
CA LEU F 312 -61.04 -16.29 15.23
C LEU F 312 -61.21 -16.07 16.73
N TRP F 313 -62.00 -16.95 17.36
CA TRP F 313 -62.20 -16.81 18.81
C TRP F 313 -60.88 -16.94 19.59
N ASP F 314 -60.05 -17.91 19.19
CA ASP F 314 -58.74 -18.06 19.83
C ASP F 314 -57.87 -16.82 19.68
N THR F 315 -57.87 -16.22 18.49
CA THR F 315 -57.10 -15.00 18.27
C THR F 315 -57.55 -13.95 19.28
N LEU F 316 -58.87 -13.74 19.33
CA LEU F 316 -59.43 -12.69 20.15
C LEU F 316 -59.21 -12.95 21.66
N LYS F 317 -59.40 -14.19 22.10
CA LYS F 317 -59.20 -14.54 23.51
C LYS F 317 -57.77 -14.36 23.93
N SER F 318 -56.84 -14.60 23.01
CA SER F 318 -55.42 -14.26 23.21
C SER F 318 -55.06 -12.79 23.32
N GLY F 319 -56.01 -11.89 23.12
CA GLY F 319 -55.76 -10.44 23.18
C GLY F 319 -55.22 -9.86 21.87
N ARG F 320 -55.25 -10.63 20.79
CA ARG F 320 -54.78 -10.17 19.48
C ARG F 320 -55.96 -9.70 18.61
N VAL F 321 -55.66 -8.89 17.61
CA VAL F 321 -56.67 -8.34 16.68
C VAL F 321 -56.82 -9.21 15.41
N VAL F 322 -57.97 -9.08 14.76
CA VAL F 322 -58.18 -9.62 13.45
C VAL F 322 -57.85 -8.50 12.48
N PRO F 323 -56.72 -8.62 11.77
CA PRO F 323 -56.28 -7.50 10.95
C PRO F 323 -57.18 -7.33 9.75
N GLY F 324 -57.31 -6.09 9.30
CA GLY F 324 -58.13 -5.78 8.14
C GLY F 324 -59.60 -5.59 8.46
N TYR F 325 -59.94 -5.57 9.75
CA TYR F 325 -61.32 -5.46 10.16
C TYR F 325 -61.59 -4.30 11.07
N GLY F 326 -62.72 -3.66 10.77
CA GLY F 326 -63.20 -2.55 11.57
C GLY F 326 -62.36 -1.35 11.34
N HIS F 327 -62.00 -0.71 12.45
CA HIS F 327 -61.16 0.49 12.44
C HIS F 327 -61.66 1.62 11.53
N GLY F 328 -62.98 1.83 11.49
CA GLY F 328 -63.54 2.81 10.60
C GLY F 328 -64.77 3.51 11.12
N VAL F 329 -65.01 4.69 10.58
CA VAL F 329 -66.25 5.43 10.84
C VAL F 329 -67.47 4.77 10.17
N LEU F 330 -67.25 4.20 9.01
CA LEU F 330 -68.23 3.47 8.23
C LEU F 330 -68.83 2.27 8.92
N ARG F 331 -70.15 2.13 8.82
CA ARG F 331 -70.89 1.02 9.41
C ARG F 331 -71.07 -0.19 8.46
N LYS F 332 -70.53 -0.08 7.22
CA LYS F 332 -70.60 -1.15 6.28
C LYS F 332 -69.20 -1.51 5.76
N PRO F 333 -69.15 -2.67 5.05
CA PRO F 333 -67.85 -3.04 4.49
C PRO F 333 -67.31 -1.97 3.57
N ASP F 334 -66.01 -1.75 3.61
CA ASP F 334 -65.35 -0.73 2.78
C ASP F 334 -65.74 -1.05 1.32
N PRO F 335 -66.31 -0.08 0.60
CA PRO F 335 -66.65 -0.37 -0.82
C PRO F 335 -65.43 -0.68 -1.71
N ARG F 336 -64.23 -0.27 -1.26
CA ARG F 336 -62.97 -0.69 -1.92
C ARG F 336 -62.75 -2.18 -1.75
N PHE F 337 -63.07 -2.69 -0.54
CA PHE F 337 -62.99 -4.11 -0.30
C PHE F 337 -63.96 -4.83 -1.23
N GLN F 338 -65.18 -4.32 -1.33
CA GLN F 338 -66.21 -5.00 -2.10
C GLN F 338 -65.79 -5.03 -3.58
N ALA F 339 -65.17 -3.96 -4.05
CA ALA F 339 -64.75 -3.89 -5.45
C ALA F 339 -63.69 -4.93 -5.75
N LEU F 340 -62.79 -5.19 -4.80
CA LEU F 340 -61.81 -6.28 -4.94
C LEU F 340 -62.48 -7.66 -4.96
N MET F 341 -63.50 -7.85 -4.11
CA MET F 341 -64.29 -9.10 -4.12
C MET F 341 -65.03 -9.26 -5.44
N ASP F 342 -65.57 -8.18 -6.01
CA ASP F 342 -66.26 -8.26 -7.32
C ASP F 342 -65.28 -8.61 -8.43
N PHE F 343 -64.06 -8.10 -8.33
CA PHE F 343 -63.01 -8.44 -9.29
C PHE F 343 -62.76 -9.94 -9.24
N ALA F 344 -62.61 -10.47 -8.03
CA ALA F 344 -62.31 -11.88 -7.81
C ALA F 344 -63.42 -12.76 -8.32
N ALA F 345 -64.66 -12.33 -8.18
CA ALA F 345 -65.84 -13.15 -8.49
C ALA F 345 -65.91 -13.56 -9.97
N THR F 346 -65.27 -12.82 -10.87
CA THR F 346 -65.27 -13.20 -12.27
C THR F 346 -64.02 -13.98 -12.70
N ARG F 347 -63.11 -14.33 -11.76
CA ARG F 347 -61.87 -15.03 -12.08
C ARG F 347 -61.87 -16.40 -11.41
N PRO F 348 -62.24 -17.46 -12.15
CA PRO F 348 -62.37 -18.74 -11.48
C PRO F 348 -61.08 -19.20 -10.75
N ASP F 349 -59.90 -18.90 -11.30
CA ASP F 349 -58.65 -19.33 -10.64
C ASP F 349 -58.44 -18.63 -9.27
N VAL F 350 -58.92 -17.40 -9.12
CA VAL F 350 -58.84 -16.71 -7.82
C VAL F 350 -59.79 -17.39 -6.85
N LEU F 351 -61.03 -17.64 -7.28
CA LEU F 351 -62.02 -18.28 -6.41
C LEU F 351 -61.58 -19.71 -6.00
N ALA F 352 -60.84 -20.39 -6.87
CA ALA F 352 -60.26 -21.70 -6.54
C ALA F 352 -59.05 -21.64 -5.57
N ASN F 353 -58.45 -20.48 -5.36
CA ASN F 353 -57.29 -20.36 -4.47
C ASN F 353 -57.71 -20.45 -2.99
N PRO F 354 -57.25 -21.47 -2.25
CA PRO F 354 -57.62 -21.59 -0.83
C PRO F 354 -57.35 -20.34 0.02
N VAL F 355 -56.30 -19.59 -0.31
CA VAL F 355 -55.96 -18.38 0.44
C VAL F 355 -57.07 -17.34 0.24
N PHE F 356 -57.55 -17.19 -0.99
CA PHE F 356 -58.66 -16.31 -1.26
C PHE F 356 -59.97 -16.79 -0.61
N GLN F 357 -60.22 -18.09 -0.68
CA GLN F 357 -61.40 -18.67 -0.04
C GLN F 357 -61.45 -18.34 1.44
N LEU F 358 -60.29 -18.37 2.09
CA LEU F 358 -60.19 -18.03 3.49
C LEU F 358 -60.52 -16.57 3.76
N VAL F 359 -60.07 -15.68 2.90
CA VAL F 359 -60.46 -14.27 2.99
C VAL F 359 -61.96 -14.11 2.83
N LYS F 360 -62.53 -14.81 1.85
CA LYS F 360 -63.97 -14.74 1.62
C LYS F 360 -64.73 -15.29 2.83
N LYS F 361 -64.34 -16.44 3.34
CA LYS F 361 -65.03 -17.04 4.50
C LYS F 361 -64.95 -16.15 5.72
N ASN F 362 -63.76 -15.64 5.99
CA ASN F 362 -63.55 -14.72 7.08
C ASN F 362 -64.48 -13.50 6.97
N SER F 363 -64.63 -12.95 5.77
CA SER F 363 -65.55 -11.82 5.58
C SER F 363 -67.02 -12.17 5.86
N GLU F 364 -67.39 -13.42 5.70
CA GLU F 364 -68.75 -13.92 6.01
C GLU F 364 -68.98 -14.25 7.50
N ILE F 365 -67.92 -14.52 8.26
CA ILE F 365 -67.97 -15.05 9.62
C ILE F 365 -67.41 -14.07 10.67
N ALA F 366 -66.29 -13.41 10.35
CA ALA F 366 -65.63 -12.52 11.31
C ALA F 366 -66.48 -11.35 11.84
N PRO F 367 -67.31 -10.70 11.01
CA PRO F 367 -68.12 -9.60 11.54
C PRO F 367 -69.02 -9.98 12.70
N ALA F 368 -69.70 -11.12 12.61
CA ALA F 368 -70.58 -11.62 13.71
C ALA F 368 -69.76 -11.96 14.95
N VAL F 369 -68.65 -12.68 14.75
CA VAL F 369 -67.71 -12.99 15.85
C VAL F 369 -67.17 -11.73 16.54
N LEU F 370 -66.74 -10.75 15.77
CA LEU F 370 -66.21 -9.51 16.34
C LEU F 370 -67.23 -8.69 17.09
N THR F 371 -68.46 -8.67 16.59
CA THR F 371 -69.59 -8.00 17.27
C THR F 371 -69.85 -8.65 18.63
N GLU F 372 -70.07 -9.96 18.62
CA GLU F 372 -70.23 -10.72 19.86
C GLU F 372 -69.06 -10.50 20.84
N HIS F 373 -67.83 -10.50 20.36
CA HIS F 373 -66.67 -10.22 21.21
C HIS F 373 -66.72 -8.80 21.79
N GLY F 374 -67.23 -7.86 21.01
CA GLY F 374 -67.60 -6.55 21.50
C GLY F 374 -66.53 -5.48 21.59
N LYS F 375 -65.27 -5.83 21.29
CA LYS F 375 -64.15 -4.90 21.44
C LYS F 375 -63.91 -3.95 20.25
N THR F 376 -64.28 -4.34 19.05
CA THR F 376 -63.97 -3.53 17.84
C THR F 376 -65.12 -2.63 17.41
N LYS F 377 -64.84 -1.34 17.21
CA LYS F 377 -65.85 -0.35 16.91
C LYS F 377 -66.71 -0.66 15.67
N ASN F 378 -66.13 -1.06 14.56
CA ASN F 378 -66.89 -1.57 13.44
C ASN F 378 -66.25 -2.85 13.01
N PRO F 379 -67.06 -3.90 12.84
CA PRO F 379 -66.58 -5.23 12.46
C PRO F 379 -66.53 -5.52 10.99
N HIS F 380 -66.52 -4.51 10.09
CA HIS F 380 -66.57 -4.85 8.69
C HIS F 380 -65.16 -4.80 8.08
N PRO F 381 -64.97 -5.57 7.02
CA PRO F 381 -63.66 -5.57 6.41
C PRO F 381 -63.33 -4.32 5.70
N ASN F 382 -62.08 -3.92 5.74
CA ASN F 382 -61.61 -2.80 4.88
C ASN F 382 -60.80 -3.36 3.70
N VAL F 383 -60.35 -2.47 2.84
CA VAL F 383 -59.70 -2.88 1.59
C VAL F 383 -58.46 -3.76 1.85
N ASP F 384 -57.74 -3.49 2.93
CA ASP F 384 -56.55 -4.28 3.33
C ASP F 384 -56.84 -5.75 3.60
N ALA F 385 -58.09 -6.08 3.89
CA ALA F 385 -58.46 -7.49 4.07
C ALA F 385 -58.24 -8.33 2.82
N ALA F 386 -58.33 -7.71 1.64
CA ALA F 386 -58.26 -8.46 0.38
C ALA F 386 -57.07 -8.16 -0.52
N SER F 387 -56.49 -6.96 -0.44
CA SER F 387 -55.52 -6.53 -1.45
C SER F 387 -54.26 -7.41 -1.48
N GLY F 388 -53.69 -7.71 -0.32
CA GLY F 388 -52.47 -8.51 -0.24
C GLY F 388 -52.66 -9.91 -0.78
N VAL F 389 -53.76 -10.56 -0.40
CA VAL F 389 -54.02 -11.91 -0.89
C VAL F 389 -54.19 -11.94 -2.40
N LEU F 390 -54.86 -10.94 -2.96
CA LEU F 390 -55.00 -10.88 -4.41
C LEU F 390 -53.66 -10.69 -5.10
N PHE F 391 -52.81 -9.80 -4.60
CA PHE F 391 -51.45 -9.71 -5.16
C PHE F 391 -50.68 -11.02 -5.03
N TYR F 392 -50.78 -11.64 -3.86
CA TYR F 392 -50.12 -12.89 -3.59
C TYR F 392 -50.55 -13.96 -4.60
N HIS F 393 -51.85 -14.01 -4.91
CA HIS F 393 -52.32 -14.96 -5.89
C HIS F 393 -51.65 -14.80 -7.24
N TYR F 394 -51.37 -13.57 -7.64
CA TYR F 394 -50.75 -13.33 -8.96
C TYR F 394 -49.24 -13.37 -8.96
N GLY F 395 -48.65 -13.90 -7.90
CA GLY F 395 -47.20 -14.10 -7.88
C GLY F 395 -46.41 -12.92 -7.32
N PHE F 396 -47.11 -11.86 -6.90
CA PHE F 396 -46.47 -10.71 -6.28
C PHE F 396 -46.44 -11.07 -4.79
N GLN F 397 -45.44 -11.81 -4.41
CA GLN F 397 -45.43 -12.48 -3.12
C GLN F 397 -44.42 -11.91 -2.13
N GLN F 398 -43.87 -10.73 -2.39
CA GLN F 398 -43.04 -10.07 -1.40
C GLN F 398 -43.86 -8.92 -0.78
N PRO F 399 -44.48 -9.17 0.38
CA PRO F 399 -45.37 -8.26 1.08
C PRO F 399 -44.70 -6.94 1.47
N LEU F 400 -43.38 -7.00 1.69
CA LEU F 400 -42.61 -5.83 2.00
C LEU F 400 -42.80 -4.72 0.93
N TYR F 401 -42.93 -5.14 -0.31
CA TYR F 401 -43.11 -4.24 -1.41
C TYR F 401 -44.55 -3.80 -1.63
N TYR F 402 -45.51 -4.28 -0.84
CA TYR F 402 -46.88 -3.85 -1.00
C TYR F 402 -47.07 -2.40 -0.71
N THR F 403 -46.25 -1.83 0.19
CA THR F 403 -46.36 -0.40 0.43
C THR F 403 -45.87 0.41 -0.76
N VAL F 404 -44.93 -0.14 -1.52
CA VAL F 404 -44.42 0.58 -2.67
C VAL F 404 -45.53 0.76 -3.73
N THR F 405 -46.28 -0.28 -4.00
CA THR F 405 -47.40 -0.20 -4.91
C THR F 405 -48.46 0.79 -4.38
N PHE F 406 -48.66 0.81 -3.07
CA PHE F 406 -49.58 1.78 -2.48
C PHE F 406 -49.04 3.21 -2.69
N GLY F 407 -47.74 3.40 -2.56
CA GLY F 407 -47.12 4.67 -2.84
C GLY F 407 -47.29 5.16 -4.24
N VAL F 408 -47.29 4.24 -5.22
CA VAL F 408 -47.58 4.63 -6.58
C VAL F 408 -49.02 5.14 -6.69
N SER F 409 -49.95 4.36 -6.14
CA SER F 409 -51.38 4.72 -6.20
C SER F 409 -51.62 6.07 -5.54
N ARG F 410 -51.02 6.26 -4.39
CA ARG F 410 -51.35 7.40 -3.55
C ARG F 410 -50.70 8.71 -4.01
N ALA F 411 -49.94 8.65 -5.10
CA ALA F 411 -49.59 9.89 -5.78
C ALA F 411 -50.81 10.60 -6.36
N LEU F 412 -51.83 9.85 -6.77
CA LEU F 412 -52.93 10.40 -7.55
C LEU F 412 -53.69 11.50 -6.81
N GLY F 413 -54.26 11.17 -5.68
CA GLY F 413 -55.12 12.15 -4.98
C GLY F 413 -54.39 13.37 -4.38
N PRO F 414 -53.25 13.14 -3.72
CA PRO F 414 -52.55 14.29 -3.15
C PRO F 414 -52.02 15.24 -4.19
N LEU F 415 -51.59 14.72 -5.35
CA LEU F 415 -51.15 15.61 -6.43
C LEU F 415 -52.30 16.43 -6.96
N VAL F 416 -53.49 15.84 -7.11
CA VAL F 416 -54.66 16.60 -7.47
C VAL F 416 -54.88 17.74 -6.49
N GLN F 417 -54.87 17.43 -5.21
CA GLN F 417 -55.09 18.47 -4.20
C GLN F 417 -54.03 19.53 -4.22
N LEU F 418 -52.78 19.16 -4.47
CA LEU F 418 -51.72 20.15 -4.58
C LEU F 418 -51.97 21.13 -5.72
N ILE F 419 -52.43 20.61 -6.84
CA ILE F 419 -52.80 21.46 -7.97
C ILE F 419 -53.90 22.45 -7.59
N TRP F 420 -54.95 21.93 -6.93
CA TRP F 420 -56.02 22.80 -6.44
C TRP F 420 -55.59 23.76 -5.34
N ASP F 421 -54.67 23.34 -4.48
CA ASP F 421 -54.19 24.25 -3.43
C ASP F 421 -53.57 25.47 -4.12
N ARG F 422 -52.74 25.22 -5.14
CA ARG F 422 -52.12 26.31 -5.86
C ARG F 422 -53.10 27.11 -6.73
N ALA F 423 -54.05 26.44 -7.39
CA ALA F 423 -55.09 27.16 -8.14
C ALA F 423 -55.88 28.11 -7.27
N LEU F 424 -56.24 27.68 -6.06
CA LEU F 424 -57.01 28.50 -5.15
C LEU F 424 -56.20 29.49 -4.36
N GLY F 425 -54.89 29.32 -4.27
CA GLY F 425 -54.03 30.23 -3.52
C GLY F 425 -54.11 29.98 -2.02
N LEU F 426 -54.26 28.70 -1.62
CA LEU F 426 -54.32 28.38 -0.19
C LEU F 426 -53.00 28.70 0.47
N PRO F 427 -53.05 29.17 1.71
CA PRO F 427 -51.80 29.61 2.37
C PRO F 427 -51.04 28.43 3.00
N ILE F 428 -49.91 28.77 3.61
CA ILE F 428 -49.11 27.83 4.33
C ILE F 428 -49.92 27.19 5.45
N GLU F 429 -49.76 25.90 5.67
CA GLU F 429 -50.46 25.26 6.79
C GLU F 429 -49.61 25.54 8.03
N ARG F 430 -50.24 26.16 9.02
CA ARG F 430 -49.56 26.62 10.22
C ARG F 430 -50.53 26.67 11.40
N PRO F 431 -50.78 25.52 12.03
CA PRO F 431 -51.57 25.55 13.23
C PRO F 431 -50.77 26.15 14.36
N LYS F 432 -51.42 26.27 15.52
CA LYS F 432 -50.81 26.87 16.70
C LYS F 432 -50.60 25.76 17.73
N SER F 433 -49.42 25.67 18.30
CA SER F 433 -49.15 24.66 19.32
C SER F 433 -49.29 25.24 20.73
N ILE F 434 -49.37 24.33 21.69
CA ILE F 434 -49.42 24.65 23.10
C ILE F 434 -48.72 23.54 23.85
N ASN F 435 -48.18 23.85 25.03
CA ASN F 435 -47.56 22.85 25.90
C ASN F 435 -48.57 22.27 26.89
N LEU F 436 -48.24 21.13 27.51
CA LEU F 436 -49.16 20.49 28.46
C LEU F 436 -49.53 21.41 29.62
N LEU F 437 -48.54 22.13 30.13
CA LEU F 437 -48.77 23.10 31.20
C LEU F 437 -49.83 24.13 30.80
N GLY F 438 -49.87 24.52 29.53
CA GLY F 438 -50.88 25.42 29.02
C GLY F 438 -52.26 24.80 28.90
N LEU F 439 -52.39 23.48 28.91
CA LEU F 439 -53.69 22.82 28.90
C LEU F 439 -54.29 22.53 30.28
N LYS F 440 -53.65 22.87 31.40
CA LYS F 440 -54.28 22.66 32.72
C LYS F 440 -55.69 23.29 32.88
C TRS G . 13.97 0.99 -13.89
C1 TRS G . 14.95 -0.08 -14.44
C2 TRS G . 12.94 0.69 -12.78
C3 TRS G . 14.15 2.46 -14.40
N TRS G . 12.89 0.59 -14.93
O1 TRS G . 14.45 -1.37 -14.16
O2 TRS G . 11.84 1.62 -12.66
O3 TRS G . 14.44 2.72 -15.78
#